data_4GUN
#
_entry.id   4GUN
#
_cell.length_a   129.330
_cell.length_b   73.800
_cell.length_c   134.290
_cell.angle_alpha   90.000
_cell.angle_beta   109.300
_cell.angle_gamma   90.000
#
_symmetry.space_group_name_H-M   'P 1'
#
loop_
_entity.id
_entity.type
_entity.pdbx_description
1 polymer 'Superoxide dismutase'
2 non-polymer 'MANGANESE (II) ION'
3 non-polymer 'SULFATE ION'
4 water water
#
_entity_poly.entity_id   1
_entity_poly.type   'polypeptide(L)'
_entity_poly.pdbx_seq_one_letter_code
;MITENEKISLPKIDWALDALEPYISKEINDLHINKHHVAYVNGYNAAIDALEKAVGKRDLKSVVEIQQNIKFHGGGHTNH
SLFWKNLAPVSKGGGKHPDTSSALGKQIVAQYGSVSNLIDITNSKLAGIQGSGWAFIVKNKQNGGALDVVTTANQDTISA
PHLVPIIAIDAWEHAYYLQYQNVRPDYFKAIWNVINWAEAESRYSA
;
_entity_poly.pdbx_strand_id   A,B,C,D,E,F,G,H,I,J,K,L,M,N,O,P
#
# COMPACT_ATOMS: atom_id res chain seq x y z
N ILE A 2 32.22 -5.18 -58.36
CA ILE A 2 31.96 -3.79 -57.98
C ILE A 2 33.24 -2.95 -57.93
N THR A 3 33.24 -1.82 -58.63
CA THR A 3 34.39 -0.91 -58.66
C THR A 3 34.28 0.12 -57.53
N GLU A 4 35.38 0.83 -57.29
CA GLU A 4 35.51 1.87 -56.27
C GLU A 4 34.64 3.10 -56.56
N ASN A 5 34.51 3.48 -57.85
CA ASN A 5 33.70 4.64 -58.29
C ASN A 5 32.17 4.42 -58.16
N GLU A 6 31.72 3.16 -58.10
CA GLU A 6 30.30 2.81 -57.99
C GLU A 6 29.86 2.66 -56.54
N LYS A 7 30.81 2.52 -55.60
CA LYS A 7 30.56 2.33 -54.17
C LYS A 7 30.07 3.60 -53.52
N ILE A 8 29.01 3.48 -52.70
CA ILE A 8 28.48 4.62 -51.92
C ILE A 8 29.08 4.57 -50.51
N SER A 9 29.07 5.70 -49.81
CA SER A 9 29.60 5.76 -48.45
C SER A 9 28.70 6.57 -47.55
N LEU A 10 28.87 6.39 -46.24
CA LEU A 10 28.07 7.12 -45.27
C LEU A 10 28.43 8.61 -45.35
N PRO A 11 27.46 9.54 -45.55
CA PRO A 11 27.82 10.96 -45.63
C PRO A 11 28.23 11.52 -44.26
N LYS A 12 28.98 12.63 -44.29
CA LYS A 12 29.43 13.34 -43.08
C LYS A 12 28.23 14.16 -42.61
N ILE A 13 27.94 14.17 -41.30
CA ILE A 13 26.79 14.89 -40.72
C ILE A 13 27.21 16.28 -40.19
N ASP A 14 26.53 17.36 -40.65
CA ASP A 14 26.83 18.76 -40.32
C ASP A 14 26.38 19.22 -38.91
N TRP A 15 26.08 18.28 -38.01
CA TRP A 15 25.68 18.58 -36.64
C TRP A 15 26.08 17.45 -35.71
N ALA A 16 26.24 17.79 -34.41
CA ALA A 16 26.59 16.82 -33.36
C ALA A 16 25.39 15.92 -33.08
N LEU A 17 25.62 14.66 -32.64
CA LEU A 17 24.53 13.72 -32.41
C LEU A 17 23.46 14.17 -31.39
N ASP A 18 23.89 14.95 -30.41
CA ASP A 18 22.99 15.44 -29.36
C ASP A 18 22.42 16.85 -29.63
N ALA A 19 22.77 17.44 -30.78
CA ALA A 19 22.40 18.82 -31.16
C ALA A 19 20.93 19.03 -31.52
N LEU A 20 20.15 17.95 -31.76
CA LEU A 20 18.71 18.02 -32.09
C LEU A 20 17.82 17.89 -30.84
N GLU A 21 18.44 17.66 -29.66
CA GLU A 21 17.73 17.57 -28.36
C GLU A 21 17.07 18.91 -28.03
N PRO A 22 15.85 18.96 -27.43
CA PRO A 22 15.03 17.85 -26.92
C PRO A 22 14.09 17.19 -27.92
N TYR A 23 14.19 17.55 -29.20
CA TYR A 23 13.30 17.09 -30.27
C TYR A 23 13.61 15.66 -30.74
N ILE A 24 14.87 15.37 -31.05
CA ILE A 24 15.38 14.04 -31.44
C ILE A 24 16.61 13.75 -30.54
N SER A 25 16.58 12.63 -29.81
CA SER A 25 17.67 12.33 -28.88
C SER A 25 18.96 11.86 -29.55
N LYS A 26 20.10 11.99 -28.84
CA LYS A 26 21.41 11.49 -29.30
C LYS A 26 21.30 9.98 -29.53
N GLU A 27 20.57 9.28 -28.62
CA GLU A 27 20.41 7.82 -28.62
C GLU A 27 19.77 7.33 -29.92
N ILE A 28 18.69 8.01 -30.38
CA ILE A 28 18.06 7.73 -31.70
C ILE A 28 19.06 8.08 -32.81
N ASN A 29 19.60 9.32 -32.84
CA ASN A 29 20.56 9.76 -33.87
C ASN A 29 21.77 8.83 -34.04
N ASP A 30 22.36 8.37 -32.93
CA ASP A 30 23.52 7.47 -33.01
C ASP A 30 23.18 6.13 -33.70
N LEU A 31 22.02 5.55 -33.35
CA LEU A 31 21.58 4.29 -33.97
C LEU A 31 21.14 4.55 -35.40
N HIS A 32 20.41 5.65 -35.58
CA HIS A 32 19.84 6.03 -36.88
C HIS A 32 20.88 6.17 -37.97
N ILE A 33 21.97 6.90 -37.68
CA ILE A 33 23.05 7.13 -38.63
C ILE A 33 24.02 5.95 -38.72
N ASN A 34 24.59 5.52 -37.56
CA ASN A 34 25.63 4.50 -37.45
C ASN A 34 25.22 3.03 -37.53
N LYS A 35 23.92 2.76 -37.41
CA LYS A 35 23.45 1.38 -37.60
C LYS A 35 22.52 1.32 -38.82
N HIS A 36 21.39 2.11 -38.82
CA HIS A 36 20.41 2.11 -39.91
C HIS A 36 20.91 2.60 -41.26
N HIS A 37 21.47 3.81 -41.33
CA HIS A 37 21.99 4.33 -42.60
C HIS A 37 23.17 3.46 -43.06
N VAL A 38 24.05 3.05 -42.14
CA VAL A 38 25.19 2.16 -42.43
C VAL A 38 24.72 0.84 -43.10
N ALA A 39 23.57 0.27 -42.63
CA ALA A 39 23.01 -0.97 -43.18
C ALA A 39 22.54 -0.77 -44.64
N TYR A 40 22.01 0.40 -44.98
CA TYR A 40 21.64 0.70 -46.37
C TYR A 40 22.89 0.93 -47.25
N VAL A 41 23.96 1.56 -46.70
CA VAL A 41 25.22 1.78 -47.45
C VAL A 41 25.81 0.41 -47.87
N ASN A 42 25.85 -0.53 -46.90
CA ASN A 42 26.37 -1.87 -47.10
C ASN A 42 25.49 -2.70 -48.04
N GLY A 43 24.17 -2.62 -47.83
CA GLY A 43 23.18 -3.32 -48.61
C GLY A 43 23.22 -2.92 -50.07
N TYR A 44 23.36 -1.62 -50.35
CA TYR A 44 23.47 -1.17 -51.75
C TYR A 44 24.76 -1.67 -52.39
N ASN A 45 25.91 -1.49 -51.73
CA ASN A 45 27.19 -1.94 -52.35
C ASN A 45 27.24 -3.45 -52.62
N ALA A 46 26.63 -4.26 -51.73
CA ALA A 46 26.55 -5.71 -51.90
C ALA A 46 25.58 -6.06 -53.02
N ALA A 47 24.40 -5.38 -53.09
CA ALA A 47 23.39 -5.60 -54.14
C ALA A 47 23.94 -5.29 -55.52
N ILE A 48 24.74 -4.22 -55.62
CA ILE A 48 25.36 -3.85 -56.90
C ILE A 48 26.36 -4.91 -57.36
N ASP A 49 27.15 -5.45 -56.41
CA ASP A 49 28.14 -6.49 -56.71
C ASP A 49 27.41 -7.76 -57.19
N ALA A 50 26.28 -8.11 -56.51
CA ALA A 50 25.47 -9.27 -56.87
C ALA A 50 24.84 -9.12 -58.27
N LEU A 51 24.41 -7.88 -58.59
CA LEU A 51 23.76 -7.51 -59.84
C LEU A 51 24.68 -7.66 -61.06
N GLU A 52 25.92 -7.16 -60.98
CA GLU A 52 26.91 -7.26 -62.08
C GLU A 52 27.27 -8.71 -62.41
N LYS A 53 27.40 -9.54 -61.36
CA LYS A 53 27.65 -10.97 -61.46
C LYS A 53 26.50 -11.66 -62.22
N ALA A 54 25.24 -11.45 -61.77
CA ALA A 54 24.05 -12.05 -62.38
C ALA A 54 23.71 -11.54 -63.80
N VAL A 55 23.86 -10.21 -64.06
CA VAL A 55 23.63 -9.56 -65.36
C VAL A 55 24.61 -10.13 -66.38
N GLY A 56 25.86 -10.29 -65.95
CA GLY A 56 26.94 -10.84 -66.77
C GLY A 56 26.69 -12.27 -67.21
N LYS A 57 26.08 -13.08 -66.31
CA LYS A 57 25.74 -14.50 -66.55
C LYS A 57 24.39 -14.59 -67.26
N ARG A 58 23.69 -13.44 -67.40
CA ARG A 58 22.37 -13.33 -68.00
C ARG A 58 21.37 -14.21 -67.24
N ASP A 59 21.49 -14.20 -65.89
CA ASP A 59 20.66 -14.98 -64.97
C ASP A 59 19.46 -14.10 -64.59
N LEU A 60 18.47 -14.03 -65.48
CA LEU A 60 17.30 -13.14 -65.30
C LEU A 60 16.54 -13.35 -64.02
N LYS A 61 16.50 -14.60 -63.52
CA LYS A 61 15.90 -14.95 -62.24
C LYS A 61 16.60 -14.21 -61.07
N SER A 62 17.96 -14.24 -61.02
CA SER A 62 18.71 -13.53 -59.95
C SER A 62 18.60 -12.00 -60.14
N VAL A 63 18.76 -11.52 -61.40
CA VAL A 63 18.67 -10.10 -61.76
C VAL A 63 17.31 -9.54 -61.22
N VAL A 64 16.21 -10.24 -61.50
CA VAL A 64 14.87 -9.86 -61.04
C VAL A 64 14.76 -9.81 -59.53
N GLU A 65 15.32 -10.82 -58.82
CA GLU A 65 15.33 -10.90 -57.36
C GLU A 65 16.12 -9.74 -56.70
N ILE A 66 17.33 -9.41 -57.24
CA ILE A 66 18.27 -8.39 -56.75
C ILE A 66 17.71 -6.96 -56.88
N GLN A 67 16.91 -6.68 -57.92
CA GLN A 67 16.30 -5.35 -58.13
C GLN A 67 15.64 -4.78 -56.88
N GLN A 68 14.91 -5.62 -56.12
CA GLN A 68 14.23 -5.21 -54.88
C GLN A 68 15.24 -4.67 -53.86
N ASN A 69 16.42 -5.29 -53.76
CA ASN A 69 17.48 -4.87 -52.82
C ASN A 69 18.15 -3.59 -53.26
N ILE A 70 18.17 -3.34 -54.59
CA ILE A 70 18.71 -2.12 -55.16
C ILE A 70 17.79 -0.95 -54.79
N LYS A 71 16.49 -1.08 -55.05
CA LYS A 71 15.43 -0.13 -54.72
C LYS A 71 15.46 0.22 -53.23
N PHE A 72 15.52 -0.81 -52.37
CA PHE A 72 15.47 -0.67 -50.91
C PHE A 72 16.69 0.02 -50.31
N HIS A 73 17.88 -0.52 -50.56
CA HIS A 73 19.08 0.05 -49.98
C HIS A 73 19.50 1.34 -50.66
N GLY A 74 19.25 1.45 -51.96
CA GLY A 74 19.52 2.68 -52.71
C GLY A 74 18.60 3.80 -52.28
N GLY A 75 17.34 3.44 -52.03
CA GLY A 75 16.32 4.36 -51.53
C GLY A 75 16.61 4.80 -50.11
N GLY A 76 16.98 3.84 -49.26
CA GLY A 76 17.33 4.12 -47.86
C GLY A 76 18.48 5.10 -47.73
N HIS A 77 19.51 4.95 -48.58
CA HIS A 77 20.67 5.85 -48.59
C HIS A 77 20.26 7.26 -49.02
N THR A 78 19.47 7.35 -50.12
CA THR A 78 18.98 8.60 -50.69
C THR A 78 18.09 9.34 -49.68
N ASN A 79 17.13 8.60 -49.08
CA ASN A 79 16.19 9.17 -48.10
C ASN A 79 16.89 9.70 -46.84
N HIS A 80 17.78 8.88 -46.24
CA HIS A 80 18.52 9.28 -45.05
C HIS A 80 19.46 10.47 -45.31
N SER A 81 20.17 10.49 -46.46
CA SER A 81 21.05 11.60 -46.88
C SER A 81 20.27 12.92 -46.98
N LEU A 82 19.05 12.86 -47.55
CA LEU A 82 18.14 14.03 -47.64
C LEU A 82 17.73 14.44 -46.23
N PHE A 83 17.41 13.45 -45.39
CA PHE A 83 16.95 13.68 -44.02
C PHE A 83 17.99 14.44 -43.18
N TRP A 84 19.24 13.96 -43.12
CA TRP A 84 20.27 14.64 -42.33
C TRP A 84 20.53 16.08 -42.79
N LYS A 85 20.43 16.31 -44.12
CA LYS A 85 20.62 17.63 -44.74
C LYS A 85 19.48 18.58 -44.47
N ASN A 86 18.25 18.07 -44.21
CA ASN A 86 17.13 18.95 -43.86
C ASN A 86 16.83 19.01 -42.36
N LEU A 87 17.83 18.66 -41.55
CA LEU A 87 17.76 18.75 -40.09
C LEU A 87 18.90 19.66 -39.68
N ALA A 88 18.68 20.49 -38.67
CA ALA A 88 19.70 21.43 -38.18
C ALA A 88 19.42 21.80 -36.74
N PRO A 89 20.47 21.97 -35.90
CA PRO A 89 20.22 22.45 -34.53
C PRO A 89 19.53 23.81 -34.54
N VAL A 90 18.81 24.15 -33.46
CA VAL A 90 18.12 25.44 -33.33
C VAL A 90 19.14 26.60 -33.55
N SER A 91 20.33 26.46 -32.93
CA SER A 91 21.46 27.41 -33.02
C SER A 91 22.03 27.59 -34.45
N LYS A 92 21.71 26.65 -35.37
CA LYS A 92 22.17 26.68 -36.76
C LYS A 92 21.04 26.94 -37.79
N GLY A 93 19.94 27.54 -37.34
CA GLY A 93 18.80 27.85 -38.19
C GLY A 93 17.67 26.84 -38.20
N GLY A 94 17.77 25.78 -37.38
CA GLY A 94 16.74 24.76 -37.27
C GLY A 94 15.43 25.35 -36.76
N GLY A 95 14.35 25.04 -37.47
CA GLY A 95 13.02 25.56 -37.16
C GLY A 95 12.73 26.95 -37.73
N LYS A 96 13.75 27.63 -38.30
CA LYS A 96 13.52 28.97 -38.87
C LYS A 96 12.80 28.84 -40.20
N HIS A 97 11.59 29.41 -40.29
CA HIS A 97 10.76 29.33 -41.49
C HIS A 97 11.47 29.91 -42.73
N PRO A 98 11.18 29.43 -43.95
CA PRO A 98 11.94 29.96 -45.11
C PRO A 98 11.61 31.42 -45.43
N ASP A 99 12.60 32.14 -46.00
CA ASP A 99 12.46 33.54 -46.37
C ASP A 99 11.36 33.63 -47.44
N THR A 100 10.30 34.44 -47.17
CA THR A 100 9.13 34.60 -48.05
C THR A 100 9.42 35.19 -49.42
N SER A 101 10.61 35.83 -49.59
CA SER A 101 11.05 36.42 -50.87
C SER A 101 11.84 35.40 -51.70
N SER A 102 12.28 34.26 -51.08
CA SER A 102 13.00 33.20 -51.81
C SER A 102 11.99 32.49 -52.72
N ALA A 103 12.48 31.84 -53.80
CA ALA A 103 11.59 31.11 -54.75
C ALA A 103 10.68 30.11 -54.04
N LEU A 104 11.23 29.34 -53.07
CA LEU A 104 10.44 28.38 -52.29
C LEU A 104 9.41 29.10 -51.41
N GLY A 105 9.85 30.13 -50.68
CA GLY A 105 9.02 30.93 -49.78
C GLY A 105 7.86 31.59 -50.50
N LYS A 106 8.12 32.09 -51.71
CA LYS A 106 7.13 32.70 -52.59
C LYS A 106 6.12 31.63 -53.03
N GLN A 107 6.59 30.42 -53.36
CA GLN A 107 5.70 29.32 -53.77
C GLN A 107 4.78 28.84 -52.63
N ILE A 108 5.32 28.72 -51.39
CA ILE A 108 4.57 28.33 -50.19
C ILE A 108 3.43 29.32 -49.95
N VAL A 109 3.74 30.63 -50.03
CA VAL A 109 2.78 31.71 -49.82
C VAL A 109 1.69 31.68 -50.89
N ALA A 110 2.08 31.54 -52.16
CA ALA A 110 1.12 31.47 -53.26
C ALA A 110 0.16 30.30 -53.13
N GLN A 111 0.68 29.08 -52.84
CA GLN A 111 -0.11 27.85 -52.75
C GLN A 111 -0.80 27.51 -51.45
N TYR A 112 -0.16 27.77 -50.29
CA TYR A 112 -0.67 27.39 -48.95
C TYR A 112 -1.00 28.55 -48.02
N GLY A 113 -0.60 29.76 -48.39
CA GLY A 113 -0.83 30.95 -47.58
C GLY A 113 0.25 31.16 -46.55
N SER A 114 0.69 30.06 -45.88
CA SER A 114 1.71 30.06 -44.82
C SER A 114 2.42 28.73 -44.69
N VAL A 115 3.62 28.77 -44.06
CA VAL A 115 4.45 27.61 -43.70
C VAL A 115 3.65 26.75 -42.71
N SER A 116 2.99 27.40 -41.72
CA SER A 116 2.18 26.70 -40.74
C SER A 116 1.11 25.81 -41.37
N ASN A 117 0.45 26.31 -42.45
CA ASN A 117 -0.59 25.54 -43.16
C ASN A 117 0.03 24.36 -43.89
N LEU A 118 1.19 24.56 -44.51
CA LEU A 118 1.93 23.51 -45.20
C LEU A 118 2.39 22.44 -44.18
N ILE A 119 2.87 22.87 -42.99
CA ILE A 119 3.30 21.94 -41.91
C ILE A 119 2.08 21.10 -41.45
N ASP A 120 0.89 21.75 -41.32
CA ASP A 120 -0.36 21.06 -40.92
C ASP A 120 -0.74 19.97 -41.91
N ILE A 121 -0.66 20.28 -43.21
CA ILE A 121 -0.95 19.34 -44.30
C ILE A 121 0.05 18.16 -44.27
N THR A 122 1.35 18.46 -44.10
CA THR A 122 2.38 17.42 -44.00
C THR A 122 2.16 16.52 -42.77
N ASN A 123 1.80 17.12 -41.62
CA ASN A 123 1.56 16.35 -40.40
C ASN A 123 0.37 15.43 -40.57
N SER A 124 -0.66 15.86 -41.37
CA SER A 124 -1.85 15.07 -41.70
C SER A 124 -1.46 13.87 -42.59
N LYS A 125 -0.57 14.09 -43.58
CA LYS A 125 -0.05 13.03 -44.44
C LYS A 125 0.78 12.03 -43.63
N LEU A 126 1.65 12.53 -42.74
CA LEU A 126 2.50 11.69 -41.87
C LEU A 126 1.63 10.81 -40.97
N ALA A 127 0.54 11.37 -40.39
CA ALA A 127 -0.41 10.65 -39.52
C ALA A 127 -1.07 9.44 -40.24
N GLY A 128 -1.37 9.59 -41.53
CA GLY A 128 -1.99 8.56 -42.35
C GLY A 128 -1.07 7.49 -42.91
N ILE A 129 0.25 7.57 -42.67
CA ILE A 129 1.17 6.50 -43.13
C ILE A 129 0.93 5.25 -42.25
N GLN A 130 0.67 4.09 -42.88
CA GLN A 130 0.48 2.79 -42.24
C GLN A 130 1.72 1.96 -42.45
N GLY A 131 2.41 1.59 -41.38
CA GLY A 131 3.68 0.88 -41.47
C GLY A 131 4.88 1.81 -41.60
N SER A 132 5.89 1.40 -42.36
CA SER A 132 7.11 2.19 -42.55
C SER A 132 6.99 3.07 -43.78
N GLY A 133 7.48 4.30 -43.67
CA GLY A 133 7.43 5.24 -44.79
C GLY A 133 7.96 6.62 -44.50
N TRP A 134 7.77 7.50 -45.48
CA TRP A 134 8.26 8.89 -45.47
C TRP A 134 7.21 9.80 -45.99
N ALA A 135 7.30 11.09 -45.64
CA ALA A 135 6.52 12.18 -46.25
C ALA A 135 7.51 13.13 -46.88
N PHE A 136 7.17 13.66 -48.06
CA PHE A 136 8.04 14.61 -48.75
C PHE A 136 7.23 15.81 -49.21
N ILE A 137 7.84 16.99 -49.09
CA ILE A 137 7.37 18.22 -49.71
C ILE A 137 8.15 18.15 -51.03
N VAL A 138 7.43 18.16 -52.18
CA VAL A 138 8.08 18.00 -53.49
C VAL A 138 7.78 19.17 -54.41
N LYS A 139 8.70 19.45 -55.36
CA LYS A 139 8.49 20.47 -56.40
C LYS A 139 8.33 19.72 -57.72
N ASN A 140 7.32 20.09 -58.51
CA ASN A 140 7.10 19.46 -59.81
C ASN A 140 7.61 20.42 -60.87
N LYS A 141 8.64 20.03 -61.61
CA LYS A 141 9.26 20.86 -62.64
C LYS A 141 8.41 21.07 -63.90
N GLN A 142 7.40 20.22 -64.13
CA GLN A 142 6.54 20.23 -65.31
C GLN A 142 5.29 21.12 -65.25
N ASN A 143 4.68 21.25 -64.06
CA ASN A 143 3.43 21.99 -63.90
C ASN A 143 3.60 23.42 -63.28
N GLY A 144 4.73 24.04 -63.55
CA GLY A 144 5.05 25.40 -63.08
C GLY A 144 5.78 25.49 -61.76
N GLY A 145 6.50 24.44 -61.40
CA GLY A 145 7.24 24.38 -60.13
C GLY A 145 6.33 24.27 -58.93
N ALA A 146 5.15 23.63 -59.09
CA ALA A 146 4.16 23.48 -58.01
C ALA A 146 4.60 22.50 -56.95
N LEU A 147 4.30 22.86 -55.70
CA LEU A 147 4.60 22.06 -54.54
C LEU A 147 3.45 21.11 -54.27
N ASP A 148 3.77 19.98 -53.63
CA ASP A 148 2.78 19.00 -53.21
C ASP A 148 3.38 18.22 -52.06
N VAL A 149 2.53 17.59 -51.23
CA VAL A 149 3.00 16.75 -50.14
C VAL A 149 2.64 15.32 -50.55
N VAL A 150 3.63 14.41 -50.59
CA VAL A 150 3.47 13.00 -50.99
C VAL A 150 4.06 12.06 -49.90
N THR A 151 3.60 10.81 -49.87
CA THR A 151 4.16 9.81 -48.96
C THR A 151 4.70 8.64 -49.77
N THR A 152 5.70 7.94 -49.23
CA THR A 152 6.24 6.74 -49.86
C THR A 152 6.26 5.67 -48.79
N ALA A 153 6.20 4.39 -49.18
CA ALA A 153 6.23 3.29 -48.22
C ALA A 153 7.66 2.81 -48.12
N ASN A 154 8.09 2.34 -46.93
CA ASN A 154 9.40 1.75 -46.72
C ASN A 154 10.55 2.66 -47.14
N GLN A 155 11.40 2.22 -48.08
CA GLN A 155 12.50 3.06 -48.58
C GLN A 155 12.27 3.57 -49.99
N ASP A 156 10.99 3.59 -50.44
CA ASP A 156 10.65 4.17 -51.73
C ASP A 156 10.96 5.69 -51.64
N THR A 157 11.38 6.29 -52.76
CA THR A 157 11.82 7.69 -52.76
C THR A 157 11.18 8.53 -53.87
N ILE A 158 11.57 9.80 -53.97
CA ILE A 158 11.15 10.69 -55.05
C ILE A 158 12.15 10.44 -56.18
N SER A 159 11.81 9.53 -57.10
CA SER A 159 12.76 9.16 -58.15
C SER A 159 12.38 9.61 -59.55
N ALA A 160 11.13 10.12 -59.71
CA ALA A 160 10.67 10.61 -61.00
C ALA A 160 11.56 11.80 -61.42
N PRO A 161 12.16 11.79 -62.64
CA PRO A 161 13.04 12.90 -63.05
C PRO A 161 12.43 14.30 -62.92
N HIS A 162 11.13 14.47 -63.22
CA HIS A 162 10.45 15.77 -63.14
C HIS A 162 10.11 16.23 -61.71
N LEU A 163 10.46 15.41 -60.70
CA LEU A 163 10.14 15.75 -59.30
C LEU A 163 11.38 15.96 -58.46
N VAL A 164 11.34 16.94 -57.54
CA VAL A 164 12.47 17.28 -56.67
C VAL A 164 12.07 17.15 -55.20
N PRO A 165 12.76 16.31 -54.39
CA PRO A 165 12.45 16.26 -52.95
C PRO A 165 12.96 17.56 -52.28
N ILE A 166 12.09 18.27 -51.55
CA ILE A 166 12.43 19.56 -50.90
C ILE A 166 12.69 19.35 -49.40
N ILE A 167 11.80 18.58 -48.76
CA ILE A 167 11.86 18.19 -47.36
C ILE A 167 11.56 16.70 -47.27
N ALA A 168 12.40 15.94 -46.53
CA ALA A 168 12.16 14.52 -46.30
C ALA A 168 11.96 14.33 -44.79
N ILE A 169 10.84 13.69 -44.42
CA ILE A 169 10.47 13.34 -43.04
C ILE A 169 10.35 11.82 -42.87
N ASP A 170 11.24 11.23 -42.09
CA ASP A 170 11.26 9.81 -41.78
C ASP A 170 10.14 9.46 -40.77
N ALA A 171 9.22 8.56 -41.18
CA ALA A 171 8.13 8.09 -40.32
C ALA A 171 8.33 6.62 -39.86
N TRP A 172 9.51 5.97 -40.18
CA TRP A 172 9.79 4.60 -39.67
C TRP A 172 9.82 4.64 -38.14
N GLU A 173 9.34 3.58 -37.46
CA GLU A 173 9.27 3.53 -35.99
C GLU A 173 10.64 3.76 -35.33
N HIS A 174 11.74 3.30 -35.94
CA HIS A 174 13.10 3.51 -35.44
C HIS A 174 13.48 4.97 -35.35
N ALA A 175 12.82 5.84 -36.14
CA ALA A 175 13.11 7.28 -36.15
C ALA A 175 12.65 8.02 -34.86
N TYR A 176 11.72 7.43 -34.11
CA TYR A 176 11.18 8.09 -32.92
C TYR A 176 10.97 7.21 -31.70
N TYR A 177 10.79 5.89 -31.91
CA TYR A 177 10.44 4.94 -30.84
C TYR A 177 11.14 5.03 -29.50
N LEU A 178 12.48 5.18 -29.47
CA LEU A 178 13.18 5.24 -28.18
C LEU A 178 12.74 6.44 -27.31
N GLN A 179 12.37 7.58 -27.94
CA GLN A 179 11.94 8.77 -27.23
C GLN A 179 10.45 8.86 -27.05
N TYR A 180 9.69 8.65 -28.14
CA TYR A 180 8.25 8.85 -28.16
C TYR A 180 7.39 7.61 -27.98
N GLN A 181 7.97 6.40 -28.06
CA GLN A 181 7.23 5.14 -27.98
C GLN A 181 6.14 5.11 -29.07
N ASN A 182 4.90 4.71 -28.74
CA ASN A 182 3.78 4.64 -29.70
C ASN A 182 3.28 6.04 -30.12
N VAL A 183 3.61 7.09 -29.33
CA VAL A 183 3.10 8.45 -29.55
C VAL A 183 3.73 9.17 -30.76
N ARG A 184 3.54 8.56 -31.96
CA ARG A 184 4.01 9.05 -33.27
C ARG A 184 3.60 10.52 -33.55
N PRO A 185 2.35 11.00 -33.25
CA PRO A 185 2.02 12.42 -33.52
C PRO A 185 2.91 13.43 -32.78
N ASP A 186 3.45 13.06 -31.60
CA ASP A 186 4.29 13.99 -30.82
C ASP A 186 5.62 14.24 -31.52
N TYR A 187 6.16 13.21 -32.15
CA TYR A 187 7.38 13.30 -32.92
C TYR A 187 7.12 14.17 -34.16
N PHE A 188 6.01 13.92 -34.89
CA PHE A 188 5.66 14.73 -36.06
C PHE A 188 5.58 16.24 -35.72
N LYS A 189 4.89 16.56 -34.62
CA LYS A 189 4.77 17.93 -34.11
C LYS A 189 6.18 18.50 -33.77
N ALA A 190 6.96 17.76 -32.99
CA ALA A 190 8.30 18.14 -32.53
C ALA A 190 9.39 18.36 -33.58
N ILE A 191 9.43 17.55 -34.66
CA ILE A 191 10.50 17.61 -35.67
C ILE A 191 10.64 18.96 -36.39
N TRP A 192 9.53 19.68 -36.59
CA TRP A 192 9.54 20.97 -37.29
C TRP A 192 10.44 22.03 -36.64
N ASN A 193 10.68 21.90 -35.32
CA ASN A 193 11.59 22.75 -34.53
C ASN A 193 13.08 22.57 -34.97
N VAL A 194 13.41 21.47 -35.66
CA VAL A 194 14.78 21.23 -36.15
C VAL A 194 14.87 21.06 -37.66
N ILE A 195 13.81 21.45 -38.38
CA ILE A 195 13.81 21.36 -39.84
C ILE A 195 14.65 22.49 -40.43
N ASN A 196 15.58 22.13 -41.31
CA ASN A 196 16.46 23.09 -41.98
C ASN A 196 15.81 23.60 -43.28
N TRP A 197 15.05 24.71 -43.17
CA TRP A 197 14.39 25.34 -44.31
C TRP A 197 15.36 26.04 -45.28
N ALA A 198 16.60 26.37 -44.86
CA ALA A 198 17.59 26.97 -45.77
C ALA A 198 18.02 25.93 -46.81
N GLU A 199 18.08 24.64 -46.39
CA GLU A 199 18.38 23.53 -47.30
C GLU A 199 17.22 23.36 -48.28
N ALA A 200 15.97 23.46 -47.78
CA ALA A 200 14.76 23.36 -48.58
C ALA A 200 14.75 24.44 -49.70
N GLU A 201 15.10 25.69 -49.35
CA GLU A 201 15.21 26.82 -50.28
C GLU A 201 16.24 26.51 -51.40
N SER A 202 17.42 26.03 -51.02
CA SER A 202 18.48 25.69 -51.97
C SER A 202 18.02 24.58 -52.92
N ARG A 203 17.31 23.55 -52.39
CA ARG A 203 16.80 22.44 -53.19
C ARG A 203 15.80 22.89 -54.24
N TYR A 204 14.89 23.79 -53.87
CA TYR A 204 13.89 24.36 -54.77
C TYR A 204 14.54 25.15 -55.94
N SER A 205 15.54 25.99 -55.62
CA SER A 205 16.23 26.88 -56.57
C SER A 205 17.30 26.20 -57.42
N ALA A 206 17.83 25.05 -56.96
CA ALA A 206 18.91 24.26 -57.61
C ALA A 206 18.80 24.13 -59.12
N ILE B 2 -23.02 1.87 -36.62
CA ILE B 2 -22.43 0.61 -36.18
C ILE B 2 -23.24 -0.02 -35.04
N THR B 3 -23.50 -1.34 -35.11
CA THR B 3 -24.24 -2.09 -34.07
C THR B 3 -23.27 -2.86 -33.15
N GLU B 4 -23.73 -3.22 -31.94
CA GLU B 4 -22.95 -3.92 -30.90
C GLU B 4 -22.18 -5.12 -31.38
N ASN B 5 -22.89 -6.05 -32.04
CA ASN B 5 -22.40 -7.33 -32.54
C ASN B 5 -21.25 -7.21 -33.51
N GLU B 6 -21.11 -6.04 -34.16
CA GLU B 6 -20.07 -5.75 -35.16
C GLU B 6 -18.77 -5.29 -34.52
N LYS B 7 -18.86 -4.68 -33.33
CA LYS B 7 -17.70 -4.13 -32.62
C LYS B 7 -16.74 -5.18 -32.07
N ILE B 8 -15.42 -5.01 -32.33
CA ILE B 8 -14.38 -5.89 -31.80
C ILE B 8 -13.83 -5.36 -30.46
N SER B 9 -13.15 -6.21 -29.69
CA SER B 9 -12.58 -5.86 -28.38
C SER B 9 -11.17 -6.38 -28.26
N LEU B 10 -10.43 -5.78 -27.34
CA LEU B 10 -9.08 -6.23 -27.02
C LEU B 10 -9.24 -7.60 -26.35
N PRO B 11 -8.46 -8.64 -26.73
CA PRO B 11 -8.64 -9.94 -26.10
C PRO B 11 -7.97 -10.03 -24.74
N LYS B 12 -8.35 -11.05 -23.95
CA LYS B 12 -7.67 -11.34 -22.68
C LYS B 12 -6.37 -12.04 -23.09
N ILE B 13 -5.26 -11.68 -22.45
CA ILE B 13 -4.00 -12.35 -22.76
C ILE B 13 -3.73 -13.36 -21.63
N ASP B 14 -3.47 -14.63 -22.00
CA ASP B 14 -3.32 -15.79 -21.09
C ASP B 14 -1.99 -15.88 -20.31
N TRP B 15 -1.24 -14.77 -20.24
CA TRP B 15 0.05 -14.65 -19.55
C TRP B 15 0.26 -13.22 -19.07
N ALA B 16 1.00 -13.02 -17.95
CA ALA B 16 1.29 -11.68 -17.40
C ALA B 16 2.22 -10.87 -18.32
N LEU B 17 2.24 -9.54 -18.16
CA LEU B 17 3.08 -8.66 -18.99
C LEU B 17 4.57 -9.01 -18.96
N ASP B 18 5.08 -9.45 -17.79
CA ASP B 18 6.48 -9.82 -17.57
C ASP B 18 6.80 -11.33 -17.75
N ALA B 19 5.78 -12.14 -18.13
CA ALA B 19 5.89 -13.60 -18.24
C ALA B 19 6.77 -14.15 -19.34
N LEU B 20 7.08 -13.35 -20.36
CA LEU B 20 7.92 -13.79 -21.49
C LEU B 20 9.35 -13.32 -21.36
N GLU B 21 9.68 -12.67 -20.23
CA GLU B 21 11.03 -12.19 -19.96
C GLU B 21 11.96 -13.40 -19.74
N PRO B 22 13.23 -13.34 -20.15
CA PRO B 22 13.97 -12.20 -20.70
C PRO B 22 13.89 -12.10 -22.24
N TYR B 23 13.01 -12.90 -22.86
CA TYR B 23 12.89 -12.91 -24.32
C TYR B 23 12.15 -11.72 -24.90
N ILE B 24 11.05 -11.31 -24.25
CA ILE B 24 10.26 -10.13 -24.60
C ILE B 24 9.97 -9.42 -23.30
N SER B 25 10.49 -8.17 -23.13
CA SER B 25 10.32 -7.39 -21.90
C SER B 25 8.88 -7.02 -21.58
N LYS B 26 8.61 -6.71 -20.29
CA LYS B 26 7.30 -6.25 -19.88
C LYS B 26 6.99 -4.86 -20.46
N GLU B 27 8.03 -4.04 -20.77
CA GLU B 27 7.81 -2.69 -21.34
C GLU B 27 7.26 -2.77 -22.75
N ILE B 28 7.79 -3.73 -23.55
CA ILE B 28 7.32 -3.98 -24.90
C ILE B 28 5.89 -4.49 -24.88
N ASN B 29 5.61 -5.57 -24.12
CA ASN B 29 4.27 -6.16 -23.98
C ASN B 29 3.22 -5.15 -23.56
N ASP B 30 3.56 -4.30 -22.58
CA ASP B 30 2.63 -3.27 -22.09
C ASP B 30 2.20 -2.34 -23.22
N LEU B 31 3.16 -1.79 -23.98
CA LEU B 31 2.86 -0.91 -25.11
C LEU B 31 2.18 -1.66 -26.26
N HIS B 32 2.68 -2.86 -26.58
CA HIS B 32 2.20 -3.71 -27.70
C HIS B 32 0.73 -4.06 -27.57
N ILE B 33 0.31 -4.43 -26.34
CA ILE B 33 -1.08 -4.82 -26.07
C ILE B 33 -1.99 -3.58 -25.87
N ASN B 34 -1.64 -2.74 -24.88
CA ASN B 34 -2.42 -1.60 -24.40
C ASN B 34 -2.38 -0.32 -25.21
N LYS B 35 -1.37 -0.16 -26.11
CA LYS B 35 -1.33 1.01 -26.98
C LYS B 35 -1.52 0.55 -28.45
N HIS B 36 -0.60 -0.30 -28.96
CA HIS B 36 -0.64 -0.76 -30.35
C HIS B 36 -1.89 -1.54 -30.75
N HIS B 37 -2.22 -2.65 -30.05
CA HIS B 37 -3.39 -3.47 -30.35
C HIS B 37 -4.70 -2.68 -30.06
N VAL B 38 -4.70 -1.85 -29.01
CA VAL B 38 -5.86 -0.99 -28.70
C VAL B 38 -6.18 -0.05 -29.90
N ALA B 39 -5.12 0.53 -30.54
CA ALA B 39 -5.23 1.38 -31.74
C ALA B 39 -5.89 0.64 -32.92
N TYR B 40 -5.64 -0.67 -33.08
CA TYR B 40 -6.28 -1.50 -34.14
C TYR B 40 -7.73 -1.75 -33.82
N VAL B 41 -8.03 -2.11 -32.57
CA VAL B 41 -9.42 -2.31 -32.10
C VAL B 41 -10.27 -1.04 -32.41
N ASN B 42 -9.79 0.13 -31.93
CA ASN B 42 -10.48 1.41 -32.11
C ASN B 42 -10.60 1.83 -33.56
N GLY B 43 -9.52 1.66 -34.33
CA GLY B 43 -9.47 1.99 -35.76
C GLY B 43 -10.46 1.18 -36.58
N TYR B 44 -10.56 -0.14 -36.33
CA TYR B 44 -11.50 -1.02 -37.04
C TYR B 44 -12.95 -0.62 -36.77
N ASN B 45 -13.30 -0.39 -35.48
CA ASN B 45 -14.66 0.00 -35.10
C ASN B 45 -15.06 1.33 -35.73
N ALA B 46 -14.10 2.29 -35.79
CA ALA B 46 -14.29 3.59 -36.43
C ALA B 46 -14.48 3.41 -37.97
N ALA B 47 -13.69 2.52 -38.63
CA ALA B 47 -13.78 2.28 -40.07
C ALA B 47 -15.10 1.60 -40.48
N ILE B 48 -15.56 0.61 -39.70
CA ILE B 48 -16.84 -0.08 -39.95
C ILE B 48 -17.99 0.93 -39.89
N ASP B 49 -17.93 1.86 -38.91
CA ASP B 49 -18.93 2.92 -38.76
C ASP B 49 -18.90 3.89 -39.93
N ALA B 50 -17.69 4.34 -40.35
CA ALA B 50 -17.57 5.23 -41.51
C ALA B 50 -18.01 4.51 -42.81
N LEU B 51 -17.70 3.20 -42.93
CA LEU B 51 -18.04 2.38 -44.10
C LEU B 51 -19.53 2.27 -44.32
N GLU B 52 -20.29 1.93 -43.27
CA GLU B 52 -21.73 1.74 -43.31
C GLU B 52 -22.46 3.01 -43.73
N LYS B 53 -22.00 4.18 -43.23
CA LYS B 53 -22.53 5.50 -43.59
C LYS B 53 -22.29 5.78 -45.08
N ALA B 54 -21.03 5.57 -45.58
CA ALA B 54 -20.67 5.78 -46.97
C ALA B 54 -21.39 4.82 -47.92
N VAL B 55 -21.47 3.51 -47.56
CA VAL B 55 -22.18 2.48 -48.35
C VAL B 55 -23.68 2.82 -48.45
N GLY B 56 -24.25 3.29 -47.34
CA GLY B 56 -25.65 3.69 -47.25
C GLY B 56 -26.02 4.83 -48.19
N LYS B 57 -25.08 5.75 -48.44
CA LYS B 57 -25.33 6.90 -49.32
C LYS B 57 -24.67 6.79 -50.72
N ARG B 58 -24.23 5.55 -51.08
CA ARG B 58 -23.52 5.19 -52.33
C ARG B 58 -22.43 6.19 -52.67
N ASP B 59 -21.64 6.53 -51.66
CA ASP B 59 -20.54 7.47 -51.83
C ASP B 59 -19.32 6.61 -52.03
N LEU B 60 -19.18 6.06 -53.24
CA LEU B 60 -18.11 5.14 -53.61
C LEU B 60 -16.70 5.68 -53.45
N LYS B 61 -16.51 7.01 -53.62
CA LYS B 61 -15.19 7.62 -53.41
C LYS B 61 -14.72 7.39 -51.97
N SER B 62 -15.61 7.64 -50.99
CA SER B 62 -15.33 7.44 -49.57
C SER B 62 -15.19 5.95 -49.29
N VAL B 63 -16.15 5.13 -49.78
CA VAL B 63 -16.15 3.67 -49.63
C VAL B 63 -14.77 3.09 -50.00
N VAL B 64 -14.28 3.43 -51.21
CA VAL B 64 -12.99 2.97 -51.72
C VAL B 64 -11.81 3.41 -50.84
N GLU B 65 -11.89 4.65 -50.28
CA GLU B 65 -10.90 5.20 -49.37
C GLU B 65 -10.92 4.46 -48.02
N ILE B 66 -12.13 4.18 -47.45
CA ILE B 66 -12.32 3.51 -46.14
C ILE B 66 -11.79 2.05 -46.13
N GLN B 67 -11.91 1.32 -47.26
CA GLN B 67 -11.46 -0.06 -47.42
C GLN B 67 -10.05 -0.30 -46.87
N GLN B 68 -9.11 0.63 -47.12
CA GLN B 68 -7.73 0.51 -46.62
C GLN B 68 -7.68 0.47 -45.09
N ASN B 69 -8.45 1.32 -44.41
CA ASN B 69 -8.51 1.34 -42.94
C ASN B 69 -9.14 0.09 -42.38
N ILE B 70 -10.10 -0.52 -43.11
CA ILE B 70 -10.71 -1.78 -42.66
C ILE B 70 -9.66 -2.88 -42.71
N LYS B 71 -8.92 -2.94 -43.83
CA LYS B 71 -7.88 -3.92 -44.10
C LYS B 71 -6.77 -3.77 -43.06
N PHE B 72 -6.25 -2.54 -42.89
CA PHE B 72 -5.16 -2.29 -41.92
C PHE B 72 -5.55 -2.61 -40.49
N HIS B 73 -6.63 -2.02 -39.99
CA HIS B 73 -7.08 -2.25 -38.62
C HIS B 73 -7.61 -3.63 -38.35
N GLY B 74 -8.43 -4.17 -39.27
CA GLY B 74 -8.95 -5.53 -39.17
C GLY B 74 -7.83 -6.55 -39.16
N GLY B 75 -6.84 -6.33 -40.04
CA GLY B 75 -5.66 -7.18 -40.13
C GLY B 75 -4.79 -7.05 -38.88
N GLY B 76 -4.66 -5.81 -38.37
CA GLY B 76 -3.91 -5.49 -37.15
C GLY B 76 -4.48 -6.21 -35.94
N HIS B 77 -5.82 -6.25 -35.83
CA HIS B 77 -6.45 -6.98 -34.72
C HIS B 77 -6.26 -8.51 -34.89
N THR B 78 -6.49 -9.05 -36.12
CA THR B 78 -6.35 -10.50 -36.37
C THR B 78 -4.93 -11.00 -36.06
N ASN B 79 -3.94 -10.29 -36.59
CA ASN B 79 -2.52 -10.60 -36.43
C ASN B 79 -2.03 -10.59 -35.00
N HIS B 80 -2.34 -9.54 -34.23
CA HIS B 80 -1.90 -9.45 -32.83
C HIS B 80 -2.60 -10.52 -31.97
N SER B 81 -3.90 -10.81 -32.26
CA SER B 81 -4.64 -11.83 -31.51
C SER B 81 -4.05 -13.21 -31.70
N LEU B 82 -3.69 -13.56 -32.98
CA LEU B 82 -2.97 -14.80 -33.29
C LEU B 82 -1.65 -14.85 -32.51
N PHE B 83 -0.93 -13.70 -32.48
CA PHE B 83 0.40 -13.53 -31.87
C PHE B 83 0.42 -13.85 -30.36
N TRP B 84 -0.47 -13.22 -29.57
CA TRP B 84 -0.55 -13.47 -28.11
C TRP B 84 -0.83 -14.91 -27.81
N LYS B 85 -1.73 -15.53 -28.60
CA LYS B 85 -2.14 -16.93 -28.46
C LYS B 85 -1.03 -17.92 -28.80
N ASN B 86 -0.11 -17.52 -29.70
CA ASN B 86 1.04 -18.37 -30.01
C ASN B 86 2.35 -17.98 -29.27
N LEU B 87 2.18 -17.25 -28.17
CA LEU B 87 3.23 -16.89 -27.23
C LEU B 87 2.86 -17.51 -25.88
N ALA B 88 3.85 -18.08 -25.18
CA ALA B 88 3.63 -18.70 -23.88
C ALA B 88 4.85 -18.62 -23.01
N PRO B 89 4.65 -18.44 -21.69
CA PRO B 89 5.81 -18.46 -20.79
C PRO B 89 6.40 -19.86 -20.79
N VAL B 90 7.70 -19.98 -20.51
CA VAL B 90 8.40 -21.25 -20.47
C VAL B 90 7.69 -22.22 -19.52
N SER B 91 7.32 -21.74 -18.30
CA SER B 91 6.61 -22.55 -17.30
C SER B 91 5.24 -23.07 -17.78
N LYS B 92 4.70 -22.48 -18.87
CA LYS B 92 3.42 -22.89 -19.47
C LYS B 92 3.61 -23.62 -20.82
N GLY B 93 4.83 -24.08 -21.08
CA GLY B 93 5.16 -24.82 -22.30
C GLY B 93 5.66 -23.99 -23.46
N GLY B 94 6.03 -22.74 -23.24
CA GLY B 94 6.58 -21.90 -24.28
C GLY B 94 7.96 -22.40 -24.66
N GLY B 95 8.25 -22.45 -25.97
CA GLY B 95 9.50 -22.97 -26.48
C GLY B 95 9.56 -24.50 -26.62
N LYS B 96 8.58 -25.19 -26.05
CA LYS B 96 8.53 -26.65 -26.14
C LYS B 96 8.05 -27.04 -27.54
N HIS B 97 8.86 -27.84 -28.23
CA HIS B 97 8.61 -28.29 -29.59
C HIS B 97 7.33 -29.09 -29.73
N PRO B 98 6.63 -29.04 -30.90
CA PRO B 98 5.35 -29.77 -30.98
C PRO B 98 5.55 -31.28 -30.92
N ASP B 99 4.54 -31.99 -30.40
CA ASP B 99 4.56 -33.46 -30.32
C ASP B 99 4.64 -34.00 -31.75
N THR B 100 5.70 -34.79 -32.07
CA THR B 100 5.91 -35.35 -33.41
C THR B 100 4.84 -36.32 -33.85
N SER B 101 3.97 -36.76 -32.89
CA SER B 101 2.85 -37.67 -33.14
C SER B 101 1.59 -36.90 -33.54
N SER B 102 1.54 -35.57 -33.26
CA SER B 102 0.41 -34.74 -33.63
C SER B 102 0.34 -34.57 -35.12
N ALA B 103 -0.82 -34.13 -35.63
CA ALA B 103 -1.01 -33.85 -37.05
C ALA B 103 0.02 -32.82 -37.54
N LEU B 104 0.22 -31.72 -36.77
CA LEU B 104 1.21 -30.70 -37.11
C LEU B 104 2.65 -31.28 -37.06
N GLY B 105 2.97 -31.96 -35.96
CA GLY B 105 4.28 -32.55 -35.74
C GLY B 105 4.71 -33.50 -36.83
N LYS B 106 3.77 -34.37 -37.28
CA LYS B 106 3.99 -35.36 -38.32
C LYS B 106 4.28 -34.64 -39.62
N GLN B 107 3.54 -33.53 -39.87
CA GLN B 107 3.66 -32.72 -41.07
C GLN B 107 5.01 -32.00 -41.14
N ILE B 108 5.49 -31.50 -39.98
CA ILE B 108 6.79 -30.83 -39.92
C ILE B 108 7.91 -31.84 -40.25
N VAL B 109 7.87 -33.02 -39.61
CA VAL B 109 8.85 -34.08 -39.81
C VAL B 109 8.89 -34.49 -41.30
N ALA B 110 7.72 -34.73 -41.90
CA ALA B 110 7.60 -35.16 -43.29
C ALA B 110 8.14 -34.14 -44.31
N GLN B 111 7.90 -32.83 -44.07
CA GLN B 111 8.30 -31.77 -44.99
C GLN B 111 9.68 -31.14 -44.74
N TYR B 112 10.03 -30.90 -43.46
CA TYR B 112 11.24 -30.20 -43.04
C TYR B 112 12.28 -31.03 -42.30
N GLY B 113 11.89 -32.23 -41.89
CA GLY B 113 12.77 -33.13 -41.13
C GLY B 113 12.74 -32.86 -39.63
N SER B 114 12.79 -31.56 -39.25
CA SER B 114 12.80 -31.14 -37.86
C SER B 114 12.21 -29.74 -37.75
N VAL B 115 11.71 -29.41 -36.54
CA VAL B 115 11.20 -28.08 -36.16
C VAL B 115 12.34 -27.04 -36.33
N SER B 116 13.59 -27.38 -35.92
CA SER B 116 14.76 -26.50 -36.03
C SER B 116 15.04 -26.05 -37.47
N ASN B 117 14.86 -26.96 -38.46
CA ASN B 117 15.06 -26.58 -39.87
C ASN B 117 13.93 -25.61 -40.30
N LEU B 118 12.69 -25.85 -39.83
CA LEU B 118 11.55 -24.97 -40.13
C LEU B 118 11.78 -23.57 -39.50
N ILE B 119 12.28 -23.54 -38.27
CA ILE B 119 12.59 -22.29 -37.57
C ILE B 119 13.64 -21.50 -38.38
N ASP B 120 14.70 -22.19 -38.84
CA ASP B 120 15.78 -21.60 -39.68
C ASP B 120 15.19 -20.95 -40.91
N ILE B 121 14.27 -21.66 -41.59
CA ILE B 121 13.56 -21.17 -42.78
C ILE B 121 12.72 -19.93 -42.44
N THR B 122 12.00 -19.99 -41.32
CA THR B 122 11.15 -18.87 -40.87
C THR B 122 12.00 -17.64 -40.52
N ASN B 123 13.13 -17.85 -39.82
CA ASN B 123 14.07 -16.78 -39.43
C ASN B 123 14.70 -16.05 -40.61
N SER B 124 14.94 -16.79 -41.71
CA SER B 124 15.48 -16.28 -42.97
C SER B 124 14.41 -15.45 -43.68
N LYS B 125 13.16 -15.94 -43.67
CA LYS B 125 12.03 -15.19 -44.25
C LYS B 125 11.79 -13.89 -43.46
N LEU B 126 11.99 -13.95 -42.11
CA LEU B 126 11.83 -12.80 -41.22
C LEU B 126 12.90 -11.75 -41.48
N ALA B 127 14.16 -12.19 -41.60
CA ALA B 127 15.33 -11.33 -41.89
C ALA B 127 15.14 -10.57 -43.20
N GLY B 128 14.56 -11.25 -44.20
CA GLY B 128 14.26 -10.68 -45.51
C GLY B 128 13.14 -9.66 -45.57
N ILE B 129 12.31 -9.51 -44.46
CA ILE B 129 11.21 -8.52 -44.44
C ILE B 129 11.79 -7.12 -44.54
N GLN B 130 11.34 -6.36 -45.57
CA GLN B 130 11.71 -4.97 -45.76
C GLN B 130 10.57 -4.11 -45.20
N GLY B 131 10.87 -3.31 -44.19
CA GLY B 131 9.88 -2.45 -43.55
C GLY B 131 9.02 -3.18 -42.54
N SER B 132 7.76 -2.76 -42.37
CA SER B 132 6.87 -3.41 -41.40
C SER B 132 6.17 -4.65 -42.00
N GLY B 133 6.12 -5.73 -41.24
CA GLY B 133 5.44 -6.93 -41.72
C GLY B 133 5.38 -8.07 -40.73
N TRP B 134 4.90 -9.23 -41.21
CA TRP B 134 4.77 -10.46 -40.43
C TRP B 134 5.29 -11.65 -41.19
N ALA B 135 5.73 -12.69 -40.45
CA ALA B 135 5.98 -14.00 -41.07
C ALA B 135 4.92 -14.98 -40.48
N PHE B 136 4.43 -15.88 -41.31
CA PHE B 136 3.47 -16.87 -40.91
C PHE B 136 3.86 -18.23 -41.40
N ILE B 137 3.69 -19.25 -40.55
CA ILE B 137 3.78 -20.67 -40.89
C ILE B 137 2.30 -20.98 -41.19
N VAL B 138 2.02 -21.45 -42.40
CA VAL B 138 0.66 -21.66 -42.87
C VAL B 138 0.39 -23.08 -43.27
N LYS B 139 -0.88 -23.49 -43.17
CA LYS B 139 -1.36 -24.80 -43.61
C LYS B 139 -2.29 -24.52 -44.82
N ASN B 140 -2.06 -25.21 -45.93
CA ASN B 140 -2.88 -25.10 -47.14
C ASN B 140 -3.81 -26.34 -47.18
N LYS B 141 -5.12 -26.10 -47.06
CA LYS B 141 -6.15 -27.14 -46.99
C LYS B 141 -6.48 -27.83 -48.31
N GLN B 142 -5.96 -27.31 -49.45
CA GLN B 142 -6.25 -27.83 -50.77
C GLN B 142 -5.13 -28.69 -51.40
N ASN B 143 -3.91 -28.63 -50.85
CA ASN B 143 -2.77 -29.38 -51.40
C ASN B 143 -2.24 -30.48 -50.44
N GLY B 144 -3.12 -31.00 -49.59
CA GLY B 144 -2.78 -32.06 -48.65
C GLY B 144 -2.41 -31.60 -47.27
N GLY B 145 -2.77 -30.35 -46.93
CA GLY B 145 -2.48 -29.75 -45.65
C GLY B 145 -1.01 -29.41 -45.55
N ALA B 146 -0.39 -29.08 -46.70
CA ALA B 146 1.03 -28.79 -46.78
C ALA B 146 1.36 -27.49 -46.10
N LEU B 147 2.49 -27.48 -45.38
CA LEU B 147 2.95 -26.27 -44.70
C LEU B 147 3.83 -25.47 -45.59
N ASP B 148 3.84 -24.14 -45.36
CA ASP B 148 4.73 -23.21 -46.01
C ASP B 148 4.91 -21.98 -45.12
N VAL B 149 5.95 -21.20 -45.43
CA VAL B 149 6.29 -19.96 -44.72
C VAL B 149 6.12 -18.81 -45.69
N VAL B 150 5.31 -17.84 -45.31
CA VAL B 150 5.05 -16.65 -46.13
C VAL B 150 5.15 -15.40 -45.26
N THR B 151 5.35 -14.25 -45.90
CA THR B 151 5.41 -12.97 -45.20
C THR B 151 4.32 -12.09 -45.75
N THR B 152 3.85 -11.13 -44.93
CA THR B 152 2.91 -10.12 -45.36
C THR B 152 3.51 -8.75 -45.00
N ALA B 153 3.09 -7.70 -45.69
CA ALA B 153 3.50 -6.33 -45.41
C ALA B 153 2.49 -5.71 -44.43
N ASN B 154 2.97 -4.77 -43.58
CA ASN B 154 2.21 -4.00 -42.60
C ASN B 154 1.22 -4.86 -41.81
N GLN B 155 -0.09 -4.67 -41.99
CA GLN B 155 -1.08 -5.45 -41.27
C GLN B 155 -1.84 -6.41 -42.16
N ASP B 156 -1.21 -6.79 -43.29
CA ASP B 156 -1.80 -7.78 -44.21
C ASP B 156 -1.73 -9.13 -43.47
N THR B 157 -2.74 -9.99 -43.66
CA THR B 157 -2.85 -11.23 -42.89
C THR B 157 -3.13 -12.39 -43.81
N ILE B 158 -3.23 -13.60 -43.25
CA ILE B 158 -3.59 -14.80 -43.99
C ILE B 158 -5.11 -14.80 -44.06
N SER B 159 -5.65 -14.25 -45.14
CA SER B 159 -7.11 -14.10 -45.27
C SER B 159 -7.76 -15.06 -46.28
N ALA B 160 -6.95 -15.73 -47.13
CA ALA B 160 -7.47 -16.68 -48.11
C ALA B 160 -8.16 -17.83 -47.37
N PRO B 161 -9.42 -18.19 -47.77
CA PRO B 161 -10.16 -19.22 -47.04
C PRO B 161 -9.45 -20.57 -46.94
N HIS B 162 -8.70 -20.96 -47.99
CA HIS B 162 -7.98 -22.24 -48.05
C HIS B 162 -6.67 -22.29 -47.23
N LEU B 163 -6.23 -21.15 -46.66
CA LEU B 163 -5.02 -21.10 -45.85
C LEU B 163 -5.31 -20.89 -44.36
N VAL B 164 -4.55 -21.57 -43.48
CA VAL B 164 -4.70 -21.46 -42.04
C VAL B 164 -3.39 -21.00 -41.40
N PRO B 165 -3.36 -19.82 -40.71
CA PRO B 165 -2.14 -19.42 -40.01
C PRO B 165 -1.92 -20.33 -38.80
N ILE B 166 -0.71 -20.88 -38.67
CA ILE B 166 -0.34 -21.82 -37.62
C ILE B 166 0.49 -21.11 -36.58
N ILE B 167 1.48 -20.31 -37.05
CA ILE B 167 2.33 -19.44 -36.23
C ILE B 167 2.37 -18.07 -36.95
N ALA B 168 2.15 -16.98 -36.19
CA ALA B 168 2.31 -15.58 -36.64
C ALA B 168 3.46 -14.98 -35.80
N ILE B 169 4.42 -14.30 -36.45
CA ILE B 169 5.56 -13.63 -35.80
C ILE B 169 5.56 -12.17 -36.25
N ASP B 170 5.45 -11.23 -35.28
CA ASP B 170 5.45 -9.80 -35.57
C ASP B 170 6.84 -9.28 -35.82
N ALA B 171 7.04 -8.66 -37.00
CA ALA B 171 8.35 -8.12 -37.39
C ALA B 171 8.38 -6.60 -37.46
N TRP B 172 7.31 -5.93 -36.97
CA TRP B 172 7.24 -4.45 -36.90
C TRP B 172 8.28 -4.02 -35.89
N GLU B 173 8.92 -2.86 -36.09
CA GLU B 173 9.97 -2.40 -35.15
C GLU B 173 9.46 -2.27 -33.70
N HIS B 174 8.18 -1.89 -33.50
CA HIS B 174 7.61 -1.80 -32.15
C HIS B 174 7.61 -3.14 -31.41
N ALA B 175 7.74 -4.25 -32.12
CA ALA B 175 7.73 -5.58 -31.49
C ALA B 175 9.05 -5.88 -30.74
N TYR B 176 10.16 -5.17 -31.08
CA TYR B 176 11.47 -5.43 -30.46
C TYR B 176 12.37 -4.25 -30.12
N TYR B 177 12.12 -3.05 -30.69
CA TYR B 177 13.05 -1.91 -30.59
C TYR B 177 13.57 -1.51 -29.23
N LEU B 178 12.70 -1.41 -28.23
CA LEU B 178 13.04 -0.99 -26.88
C LEU B 178 14.07 -1.91 -26.23
N GLN B 179 14.03 -3.18 -26.60
CA GLN B 179 14.90 -4.22 -26.06
C GLN B 179 16.08 -4.62 -26.98
N TYR B 180 15.83 -4.89 -28.28
CA TYR B 180 16.85 -5.31 -29.25
C TYR B 180 17.40 -4.21 -30.14
N GLN B 181 16.81 -3.00 -30.06
CA GLN B 181 17.15 -1.85 -30.89
C GLN B 181 17.18 -2.26 -32.38
N ASN B 182 18.24 -1.94 -33.15
CA ASN B 182 18.35 -2.25 -34.58
C ASN B 182 18.66 -3.73 -34.90
N VAL B 183 19.09 -4.51 -33.87
CA VAL B 183 19.49 -5.89 -34.09
C VAL B 183 18.29 -6.82 -34.16
N ARG B 184 17.51 -6.68 -35.24
CA ARG B 184 16.33 -7.50 -35.49
C ARG B 184 16.59 -9.01 -35.52
N PRO B 185 17.75 -9.54 -36.03
CA PRO B 185 17.97 -11.01 -35.96
C PRO B 185 18.07 -11.58 -34.54
N ASP B 186 18.49 -10.76 -33.56
CA ASP B 186 18.57 -11.19 -32.16
C ASP B 186 17.18 -11.46 -31.60
N TYR B 187 16.21 -10.61 -32.02
CA TYR B 187 14.81 -10.76 -31.67
C TYR B 187 14.23 -12.03 -32.31
N PHE B 188 14.37 -12.19 -33.65
CA PHE B 188 13.86 -13.40 -34.32
C PHE B 188 14.39 -14.71 -33.73
N LYS B 189 15.65 -14.72 -33.28
CA LYS B 189 16.23 -15.91 -32.65
C LYS B 189 15.61 -16.16 -31.26
N ALA B 190 15.48 -15.09 -30.47
CA ALA B 190 14.96 -15.12 -29.09
C ALA B 190 13.53 -15.55 -28.95
N ILE B 191 12.67 -15.14 -29.89
CA ILE B 191 11.23 -15.42 -29.83
C ILE B 191 10.85 -16.91 -29.75
N TRP B 192 11.56 -17.79 -30.48
CA TRP B 192 11.23 -19.21 -30.47
C TRP B 192 11.25 -19.85 -29.09
N ASN B 193 11.98 -19.24 -28.13
CA ASN B 193 12.06 -19.71 -26.75
C ASN B 193 10.73 -19.55 -25.98
N VAL B 194 9.79 -18.73 -26.50
CA VAL B 194 8.47 -18.46 -25.91
C VAL B 194 7.28 -18.71 -26.87
N ILE B 195 7.52 -19.42 -27.98
CA ILE B 195 6.49 -19.76 -28.96
C ILE B 195 5.66 -20.90 -28.38
N ASN B 196 4.33 -20.78 -28.49
CA ASN B 196 3.37 -21.78 -28.01
C ASN B 196 2.99 -22.77 -29.13
N TRP B 197 3.69 -23.92 -29.19
CA TRP B 197 3.45 -24.94 -30.22
C TRP B 197 2.18 -25.75 -29.97
N ALA B 198 1.69 -25.77 -28.72
CA ALA B 198 0.45 -26.45 -28.37
C ALA B 198 -0.69 -25.80 -29.17
N GLU B 199 -0.74 -24.45 -29.17
CA GLU B 199 -1.70 -23.64 -29.92
C GLU B 199 -1.59 -23.90 -31.45
N ALA B 200 -0.36 -23.99 -31.96
CA ALA B 200 -0.04 -24.26 -33.36
C ALA B 200 -0.60 -25.63 -33.76
N GLU B 201 -0.39 -26.67 -32.91
CA GLU B 201 -0.94 -28.03 -33.12
C GLU B 201 -2.48 -27.97 -33.17
N SER B 202 -3.08 -27.21 -32.26
CA SER B 202 -4.54 -27.04 -32.19
C SER B 202 -5.06 -26.32 -33.46
N ARG B 203 -4.35 -25.29 -33.93
CA ARG B 203 -4.71 -24.58 -35.18
C ARG B 203 -4.68 -25.50 -36.41
N TYR B 204 -3.66 -26.36 -36.51
CA TYR B 204 -3.50 -27.29 -37.61
C TYR B 204 -4.67 -28.29 -37.68
N SER B 205 -5.06 -28.83 -36.52
CA SER B 205 -6.10 -29.85 -36.35
C SER B 205 -7.51 -29.35 -36.47
N ALA B 206 -7.76 -28.05 -36.19
CA ALA B 206 -9.10 -27.45 -36.20
C ALA B 206 -9.87 -27.62 -37.51
N ILE C 2 26.98 -1.59 -72.37
CA ILE C 2 26.40 -2.93 -72.32
C ILE C 2 27.17 -3.93 -73.20
N THR C 3 27.70 -5.00 -72.59
CA THR C 3 28.45 -6.06 -73.30
C THR C 3 27.49 -7.04 -73.98
N GLU C 4 27.93 -7.69 -75.07
CA GLU C 4 27.10 -8.62 -75.82
C GLU C 4 26.56 -9.82 -75.06
N ASN C 5 27.35 -10.38 -74.13
CA ASN C 5 26.94 -11.55 -73.36
C ASN C 5 25.84 -11.26 -72.32
N GLU C 6 25.56 -9.96 -72.09
CA GLU C 6 24.53 -9.46 -71.17
C GLU C 6 23.20 -9.34 -71.89
N LYS C 7 23.22 -9.15 -73.22
CA LYS C 7 22.03 -8.94 -74.04
C LYS C 7 21.18 -10.21 -74.21
N ILE C 8 19.85 -10.11 -73.97
CA ILE C 8 18.91 -11.23 -74.15
C ILE C 8 18.35 -11.24 -75.57
N SER C 9 17.75 -12.36 -75.99
CA SER C 9 17.16 -12.52 -77.30
C SER C 9 15.82 -13.19 -77.23
N LEU C 10 15.02 -13.00 -78.28
CA LEU C 10 13.73 -13.66 -78.40
C LEU C 10 14.02 -15.14 -78.61
N PRO C 11 13.37 -16.08 -77.88
CA PRO C 11 13.67 -17.49 -78.10
C PRO C 11 12.98 -18.08 -79.33
N LYS C 12 13.49 -19.25 -79.79
CA LYS C 12 12.88 -20.03 -80.86
C LYS C 12 11.65 -20.72 -80.24
N ILE C 13 10.52 -20.67 -80.92
CA ILE C 13 9.34 -21.33 -80.39
C ILE C 13 9.23 -22.67 -81.14
N ASP C 14 9.04 -23.77 -80.40
CA ASP C 14 9.05 -25.16 -80.91
C ASP C 14 7.77 -25.62 -81.59
N TRP C 15 6.93 -24.68 -82.04
CA TRP C 15 5.65 -24.94 -82.71
C TRP C 15 5.33 -23.77 -83.62
N ALA C 16 4.58 -24.04 -84.71
CA ALA C 16 4.16 -22.99 -85.67
C ALA C 16 3.11 -22.03 -85.04
N LEU C 17 2.96 -20.81 -85.61
CA LEU C 17 2.02 -19.81 -85.09
C LEU C 17 0.58 -20.29 -84.95
N ASP C 18 0.11 -21.12 -85.91
CA ASP C 18 -1.24 -21.70 -85.98
C ASP C 18 -1.39 -23.09 -85.32
N ALA C 19 -0.31 -23.63 -84.73
CA ALA C 19 -0.29 -25.00 -84.16
C ALA C 19 -1.07 -25.23 -82.89
N LEU C 20 -1.49 -24.16 -82.20
CA LEU C 20 -2.26 -24.26 -80.97
C LEU C 20 -3.74 -24.02 -81.19
N GLU C 21 -4.13 -23.84 -82.46
CA GLU C 21 -5.50 -23.65 -82.87
C GLU C 21 -6.29 -24.96 -82.68
N PRO C 22 -7.58 -24.93 -82.31
CA PRO C 22 -8.48 -23.78 -82.15
C PRO C 22 -8.47 -23.13 -80.77
N TYR C 23 -7.62 -23.60 -79.87
CA TYR C 23 -7.54 -23.10 -78.50
C TYR C 23 -6.86 -21.72 -78.38
N ILE C 24 -5.79 -21.45 -79.15
CA ILE C 24 -5.11 -20.15 -79.21
C ILE C 24 -4.87 -19.85 -80.68
N SER C 25 -5.51 -18.79 -81.19
CA SER C 25 -5.41 -18.37 -82.59
C SER C 25 -3.98 -18.01 -83.03
N LYS C 26 -3.73 -18.10 -84.34
CA LYS C 26 -2.43 -17.71 -84.90
C LYS C 26 -2.25 -16.18 -84.79
N GLU C 27 -3.37 -15.42 -84.85
CA GLU C 27 -3.42 -13.96 -84.75
C GLU C 27 -2.87 -13.51 -83.40
N ILE C 28 -3.31 -14.20 -82.31
CA ILE C 28 -2.81 -13.93 -80.96
C ILE C 28 -1.32 -14.26 -80.84
N ASN C 29 -0.90 -15.48 -81.22
CA ASN C 29 0.49 -15.93 -81.13
C ASN C 29 1.46 -15.03 -81.90
N ASP C 30 1.05 -14.56 -83.08
CA ASP C 30 1.88 -13.68 -83.91
C ASP C 30 2.19 -12.40 -83.15
N LEU C 31 1.16 -11.73 -82.62
CA LEU C 31 1.32 -10.51 -81.84
C LEU C 31 2.03 -10.79 -80.52
N HIS C 32 1.65 -11.86 -79.83
CA HIS C 32 2.19 -12.24 -78.52
C HIS C 32 3.68 -12.46 -78.55
N ILE C 33 4.17 -13.18 -79.56
CA ILE C 33 5.60 -13.49 -79.70
C ILE C 33 6.39 -12.30 -80.32
N ASN C 34 5.95 -11.87 -81.50
CA ASN C 34 6.64 -10.87 -82.32
C ASN C 34 6.46 -9.40 -81.99
N LYS C 35 5.43 -9.06 -81.20
CA LYS C 35 5.24 -7.69 -80.76
C LYS C 35 5.46 -7.61 -79.23
N HIS C 36 4.61 -8.31 -78.44
CA HIS C 36 4.67 -8.28 -76.98
C HIS C 36 6.00 -8.74 -76.38
N HIS C 37 6.42 -9.99 -76.65
CA HIS C 37 7.67 -10.54 -76.11
C HIS C 37 8.89 -9.75 -76.68
N VAL C 38 8.84 -9.35 -77.95
CA VAL C 38 9.93 -8.55 -78.54
C VAL C 38 10.16 -7.23 -77.73
N ALA C 39 9.05 -6.56 -77.30
CA ALA C 39 9.09 -5.34 -76.47
C ALA C 39 9.78 -5.58 -75.11
N TYR C 40 9.61 -6.78 -74.52
CA TYR C 40 10.29 -7.13 -73.26
C TYR C 40 11.78 -7.35 -73.51
N VAL C 41 12.12 -8.04 -74.61
CA VAL C 41 13.53 -8.25 -75.02
C VAL C 41 14.24 -6.87 -75.15
N ASN C 42 13.67 -5.95 -75.95
CA ASN C 42 14.25 -4.60 -76.15
C ASN C 42 14.29 -3.74 -74.88
N GLY C 43 13.22 -3.77 -74.09
CA GLY C 43 13.13 -3.02 -72.84
C GLY C 43 14.18 -3.43 -71.83
N TYR C 44 14.40 -4.74 -71.63
CA TYR C 44 15.44 -5.25 -70.73
C TYR C 44 16.82 -4.78 -71.16
N ASN C 45 17.16 -4.97 -72.46
CA ASN C 45 18.48 -4.56 -72.97
C ASN C 45 18.72 -3.06 -72.82
N ALA C 46 17.69 -2.24 -73.06
CA ALA C 46 17.73 -0.78 -72.87
C ALA C 46 17.89 -0.41 -71.38
N ALA C 47 17.23 -1.16 -70.45
CA ALA C 47 17.30 -0.88 -69.00
C ALA C 47 18.67 -1.24 -68.42
N ILE C 48 19.24 -2.38 -68.85
CA ILE C 48 20.57 -2.82 -68.42
C ILE C 48 21.61 -1.78 -68.83
N ASP C 49 21.48 -1.23 -70.05
CA ASP C 49 22.37 -0.18 -70.56
C ASP C 49 22.22 1.11 -69.75
N ALA C 50 20.97 1.57 -69.51
CA ALA C 50 20.74 2.76 -68.69
C ALA C 50 21.21 2.55 -67.25
N LEU C 51 21.01 1.34 -66.69
CA LEU C 51 21.41 0.98 -65.33
C LEU C 51 22.92 1.12 -65.10
N GLU C 52 23.73 0.52 -66.01
CA GLU C 52 25.19 0.52 -65.93
C GLU C 52 25.78 1.92 -65.92
N LYS C 53 25.25 2.82 -66.78
CA LYS C 53 25.63 4.24 -66.86
C LYS C 53 25.35 4.95 -65.53
N ALA C 54 24.11 4.81 -64.98
CA ALA C 54 23.66 5.40 -63.73
C ALA C 54 24.45 4.86 -62.53
N VAL C 55 24.68 3.52 -62.48
CA VAL C 55 25.48 2.86 -61.41
C VAL C 55 26.92 3.40 -61.43
N GLY C 56 27.48 3.55 -62.64
CA GLY C 56 28.81 4.10 -62.85
C GLY C 56 28.99 5.53 -62.39
N LYS C 57 27.90 6.32 -62.43
CA LYS C 57 27.90 7.74 -62.04
C LYS C 57 27.44 7.97 -60.61
N ARG C 58 27.06 6.88 -59.89
CA ARG C 58 26.47 6.89 -58.54
C ARG C 58 25.28 7.81 -58.52
N ASP C 59 24.45 7.70 -59.57
CA ASP C 59 23.26 8.51 -59.74
C ASP C 59 22.12 7.63 -59.23
N LEU C 60 22.04 7.53 -57.89
CA LEU C 60 21.08 6.68 -57.23
C LEU C 60 19.62 6.97 -57.50
N LYS C 61 19.30 8.25 -57.78
CA LYS C 61 17.93 8.62 -58.14
C LYS C 61 17.54 7.89 -59.44
N SER C 62 18.43 7.88 -60.43
CA SER C 62 18.18 7.18 -61.70
C SER C 62 18.18 5.68 -61.50
N VAL C 63 19.19 5.16 -60.76
CA VAL C 63 19.36 3.73 -60.45
C VAL C 63 18.04 3.15 -59.90
N VAL C 64 17.45 3.84 -58.92
CA VAL C 64 16.20 3.46 -58.24
C VAL C 64 15.02 3.48 -59.21
N GLU C 65 14.98 4.46 -60.14
CA GLU C 65 13.93 4.55 -61.15
C GLU C 65 14.06 3.39 -62.16
N ILE C 66 15.31 3.11 -62.67
CA ILE C 66 15.59 2.06 -63.68
C ILE C 66 15.24 0.65 -63.19
N GLN C 67 15.51 0.34 -61.91
CA GLN C 67 15.23 -0.99 -61.38
C GLN C 67 13.82 -1.51 -61.65
N GLN C 68 12.82 -0.61 -61.75
CA GLN C 68 11.45 -0.99 -62.09
C GLN C 68 11.36 -1.55 -63.52
N ASN C 69 12.07 -0.94 -64.47
CA ASN C 69 12.11 -1.40 -65.87
C ASN C 69 12.88 -2.68 -66.02
N ILE C 70 13.90 -2.91 -65.15
CA ILE C 70 14.64 -4.18 -65.13
C ILE C 70 13.70 -5.30 -64.71
N LYS C 71 12.97 -5.08 -63.60
CA LYS C 71 12.00 -6.02 -63.04
C LYS C 71 10.91 -6.33 -64.06
N PHE C 72 10.27 -5.29 -64.64
CA PHE C 72 9.17 -5.46 -65.61
C PHE C 72 9.59 -6.22 -66.88
N HIS C 73 10.62 -5.70 -67.56
CA HIS C 73 11.12 -6.32 -68.80
C HIS C 73 11.80 -7.65 -68.63
N GLY C 74 12.61 -7.77 -67.56
CA GLY C 74 13.26 -9.03 -67.23
C GLY C 74 12.26 -10.11 -66.90
N GLY C 75 11.21 -9.73 -66.16
CA GLY C 75 10.13 -10.62 -65.77
C GLY C 75 9.31 -11.01 -66.97
N GLY C 76 9.06 -10.03 -67.87
CA GLY C 76 8.33 -10.21 -69.12
C GLY C 76 9.02 -11.22 -70.02
N HIS C 77 10.37 -11.16 -70.08
CA HIS C 77 11.11 -12.11 -70.89
C HIS C 77 11.03 -13.51 -70.25
N THR C 78 11.30 -13.62 -68.92
CA THR C 78 11.28 -14.89 -68.20
C THR C 78 9.92 -15.58 -68.31
N ASN C 79 8.85 -14.83 -68.03
CA ASN C 79 7.49 -15.36 -68.06
C ASN C 79 7.04 -15.85 -69.43
N HIS C 80 7.23 -15.08 -70.50
CA HIS C 80 6.81 -15.49 -71.84
C HIS C 80 7.64 -16.68 -72.33
N SER C 81 8.97 -16.74 -71.98
CA SER C 81 9.84 -17.86 -72.37
C SER C 81 9.37 -19.14 -71.71
N LEU C 82 9.02 -19.09 -70.40
CA LEU C 82 8.43 -20.23 -69.67
C LEU C 82 7.14 -20.69 -70.35
N PHE C 83 6.29 -19.71 -70.77
CA PHE C 83 4.98 -19.90 -71.38
C PHE C 83 5.04 -20.67 -72.69
N TRP C 84 5.89 -20.25 -73.65
CA TRP C 84 6.02 -20.94 -74.95
C TRP C 84 6.45 -22.40 -74.77
N LYS C 85 7.37 -22.63 -73.83
CA LYS C 85 7.91 -23.96 -73.51
C LYS C 85 6.89 -24.90 -72.83
N ASN C 86 5.91 -24.35 -72.11
CA ASN C 86 4.84 -25.17 -71.53
C ASN C 86 3.51 -25.14 -72.34
N LEU C 87 3.64 -24.79 -73.62
CA LEU C 87 2.57 -24.84 -74.61
C LEU C 87 3.01 -25.83 -75.69
N ALA C 88 2.11 -26.71 -76.15
CA ALA C 88 2.44 -27.68 -77.19
C ALA C 88 1.24 -28.03 -78.03
N PRO C 89 1.44 -28.28 -79.34
CA PRO C 89 0.31 -28.70 -80.18
C PRO C 89 -0.16 -30.07 -79.69
N VAL C 90 -1.44 -30.37 -79.89
CA VAL C 90 -2.02 -31.66 -79.50
C VAL C 90 -1.22 -32.82 -80.08
N SER C 91 -0.88 -32.75 -81.39
CA SER C 91 -0.12 -33.80 -82.09
C SER C 91 1.30 -33.99 -81.51
N LYS C 92 1.79 -33.02 -80.71
CA LYS C 92 3.08 -33.07 -80.04
C LYS C 92 2.96 -33.28 -78.50
N GLY C 93 1.82 -33.81 -78.06
CA GLY C 93 1.60 -34.09 -76.65
C GLY C 93 0.95 -33.00 -75.81
N GLY C 94 0.49 -31.93 -76.45
CA GLY C 94 -0.19 -30.85 -75.73
C GLY C 94 -1.48 -31.36 -75.16
N GLY C 95 -1.76 -31.00 -73.91
CA GLY C 95 -2.95 -31.44 -73.18
C GLY C 95 -2.84 -32.82 -72.55
N LYS C 96 -1.77 -33.56 -72.86
CA LYS C 96 -1.60 -34.91 -72.33
C LYS C 96 -1.11 -34.79 -70.89
N HIS C 97 -1.86 -35.40 -69.97
CA HIS C 97 -1.57 -35.37 -68.53
C HIS C 97 -0.23 -35.96 -68.16
N PRO C 98 0.45 -35.44 -67.12
CA PRO C 98 1.78 -35.98 -66.81
C PRO C 98 1.75 -37.44 -66.37
N ASP C 99 2.82 -38.17 -66.67
CA ASP C 99 2.97 -39.58 -66.28
C ASP C 99 2.86 -39.64 -64.76
N THR C 100 1.89 -40.40 -64.20
CA THR C 100 1.70 -40.49 -62.73
C THR C 100 2.88 -41.13 -62.03
N SER C 101 3.75 -41.85 -62.81
CA SER C 101 4.97 -42.47 -62.31
C SER C 101 6.14 -41.45 -62.19
N SER C 102 6.06 -40.31 -62.89
CA SER C 102 7.09 -39.28 -62.82
C SER C 102 7.13 -38.61 -61.46
N ALA C 103 8.25 -37.93 -61.15
CA ALA C 103 8.40 -37.18 -59.89
C ALA C 103 7.26 -36.14 -59.74
N LEU C 104 6.96 -35.39 -60.83
CA LEU C 104 5.85 -34.44 -60.84
C LEU C 104 4.50 -35.14 -60.67
N GLY C 105 4.29 -36.20 -61.47
CA GLY C 105 3.06 -36.97 -61.45
C GLY C 105 2.70 -37.52 -60.08
N LYS C 106 3.70 -38.11 -59.41
CA LYS C 106 3.56 -38.71 -58.07
C LYS C 106 3.19 -37.61 -57.07
N GLN C 107 3.81 -36.42 -57.22
CA GLN C 107 3.57 -35.28 -56.34
C GLN C 107 2.16 -34.72 -56.50
N ILE C 108 1.66 -34.66 -57.76
CA ILE C 108 0.29 -34.21 -58.02
C ILE C 108 -0.73 -35.15 -57.34
N VAL C 109 -0.57 -36.48 -57.54
CA VAL C 109 -1.44 -37.52 -56.99
C VAL C 109 -1.51 -37.44 -55.45
N ALA C 110 -0.34 -37.35 -54.81
CA ALA C 110 -0.22 -37.30 -53.37
C ALA C 110 -0.86 -36.05 -52.75
N GLN C 111 -0.71 -34.89 -53.40
CA GLN C 111 -1.23 -33.62 -52.90
C GLN C 111 -2.66 -33.27 -53.32
N TYR C 112 -2.99 -33.47 -54.60
CA TYR C 112 -4.28 -33.08 -55.17
C TYR C 112 -5.21 -34.21 -55.58
N GLY C 113 -4.69 -35.44 -55.57
CA GLY C 113 -5.45 -36.62 -56.00
C GLY C 113 -5.43 -36.84 -57.49
N SER C 114 -5.61 -35.75 -58.27
CA SER C 114 -5.63 -35.79 -59.73
C SER C 114 -5.21 -34.47 -60.31
N VAL C 115 -4.74 -34.49 -61.58
CA VAL C 115 -4.38 -33.31 -62.38
C VAL C 115 -5.62 -32.40 -62.55
N SER C 116 -6.82 -33.00 -62.80
CA SER C 116 -8.09 -32.27 -62.97
C SER C 116 -8.40 -31.40 -61.75
N ASN C 117 -8.14 -31.89 -60.53
CA ASN C 117 -8.35 -31.10 -59.30
C ASN C 117 -7.35 -29.94 -59.21
N LEU C 118 -6.09 -30.17 -59.62
CA LEU C 118 -5.05 -29.13 -59.66
C LEU C 118 -5.42 -28.03 -60.67
N ILE C 119 -5.93 -28.45 -61.84
CA ILE C 119 -6.38 -27.54 -62.91
C ILE C 119 -7.55 -26.69 -62.39
N ASP C 120 -8.49 -27.32 -61.69
CA ASP C 120 -9.65 -26.65 -61.06
C ASP C 120 -9.19 -25.56 -60.11
N ILE C 121 -8.19 -25.88 -59.25
CA ILE C 121 -7.58 -24.93 -58.30
C ILE C 121 -6.88 -23.80 -59.05
N THR C 122 -6.10 -24.14 -60.08
CA THR C 122 -5.37 -23.16 -60.88
C THR C 122 -6.30 -22.20 -61.60
N ASN C 123 -7.40 -22.73 -62.17
CA ASN C 123 -8.42 -21.94 -62.90
C ASN C 123 -9.15 -20.96 -61.98
N SER C 124 -9.32 -21.35 -60.71
CA SER C 124 -9.93 -20.52 -59.68
C SER C 124 -8.98 -19.37 -59.33
N LYS C 125 -7.68 -19.67 -59.17
CA LYS C 125 -6.64 -18.65 -58.93
C LYS C 125 -6.57 -17.68 -60.13
N LEU C 126 -6.67 -18.21 -61.37
CA LEU C 126 -6.66 -17.38 -62.59
C LEU C 126 -7.85 -16.44 -62.63
N ALA C 127 -9.05 -16.96 -62.36
CA ALA C 127 -10.31 -16.19 -62.28
C ALA C 127 -10.22 -15.02 -61.31
N GLY C 128 -9.54 -15.23 -60.19
CA GLY C 128 -9.31 -14.24 -59.14
C GLY C 128 -8.32 -13.14 -59.46
N ILE C 129 -7.45 -13.30 -60.52
CA ILE C 129 -6.49 -12.25 -60.91
C ILE C 129 -7.22 -10.94 -61.26
N GLN C 130 -6.83 -9.83 -60.57
CA GLN C 130 -7.34 -8.49 -60.82
C GLN C 130 -6.32 -7.71 -61.64
N GLY C 131 -6.70 -7.32 -62.86
CA GLY C 131 -5.80 -6.59 -63.76
C GLY C 131 -4.89 -7.55 -64.49
N SER C 132 -3.68 -7.09 -64.84
CA SER C 132 -2.70 -7.93 -65.56
C SER C 132 -1.90 -8.83 -64.61
N GLY C 133 -1.70 -10.09 -65.00
CA GLY C 133 -0.94 -11.01 -64.17
C GLY C 133 -0.75 -12.40 -64.72
N TRP C 134 -0.17 -13.29 -63.89
CA TRP C 134 0.13 -14.68 -64.21
C TRP C 134 -0.26 -15.61 -63.08
N ALA C 135 -0.57 -16.87 -63.41
CA ALA C 135 -0.67 -17.93 -62.39
C ALA C 135 0.49 -18.91 -62.65
N PHE C 136 1.06 -19.42 -61.57
CA PHE C 136 2.12 -20.40 -61.65
C PHE C 136 1.84 -21.55 -60.74
N ILE C 137 2.14 -22.77 -61.21
CA ILE C 137 2.19 -24.01 -60.42
C ILE C 137 3.68 -24.05 -60.09
N VAL C 138 4.00 -24.10 -58.80
CA VAL C 138 5.38 -24.00 -58.34
C VAL C 138 5.79 -25.16 -57.49
N LYS C 139 7.10 -25.46 -57.51
CA LYS C 139 7.69 -26.49 -56.65
C LYS C 139 8.53 -25.74 -55.61
N ASN C 140 8.33 -26.05 -54.32
CA ASN C 140 9.11 -25.44 -53.24
C ASN C 140 10.20 -26.47 -52.82
N LYS C 141 11.49 -26.11 -53.00
CA LYS C 141 12.63 -27.01 -52.75
C LYS C 141 12.99 -27.25 -51.29
N GLN C 142 12.46 -26.44 -50.37
CA GLN C 142 12.77 -26.51 -48.94
C GLN C 142 11.71 -27.23 -48.07
N ASN C 143 10.50 -27.47 -48.61
CA ASN C 143 9.45 -28.13 -47.82
C ASN C 143 9.07 -29.52 -48.35
N GLY C 144 10.02 -30.19 -49.00
CA GLY C 144 9.82 -31.54 -49.53
C GLY C 144 9.36 -31.60 -50.97
N GLY C 145 9.63 -30.52 -51.73
CA GLY C 145 9.25 -30.40 -53.13
C GLY C 145 7.76 -30.25 -53.31
N ALA C 146 7.08 -29.66 -52.30
CA ALA C 146 5.64 -29.49 -52.31
C ALA C 146 5.19 -28.51 -53.38
N LEU C 147 4.07 -28.84 -54.04
CA LEU C 147 3.50 -27.97 -55.06
C LEU C 147 2.52 -27.03 -54.46
N ASP C 148 2.39 -25.85 -55.08
CA ASP C 148 1.39 -24.86 -54.73
C ASP C 148 1.08 -24.04 -55.99
N VAL C 149 -0.02 -23.30 -55.94
CA VAL C 149 -0.48 -22.41 -57.00
C VAL C 149 -0.39 -20.97 -56.47
N VAL C 150 0.37 -20.13 -57.18
CA VAL C 150 0.54 -18.72 -56.81
C VAL C 150 0.23 -17.82 -58.01
N THR C 151 -0.04 -16.54 -57.77
CA THR C 151 -0.28 -15.60 -58.86
C THR C 151 0.64 -14.46 -58.68
N THR C 152 1.06 -13.81 -59.78
CA THR C 152 1.86 -12.59 -59.73
C THR C 152 1.11 -11.49 -60.48
N ALA C 153 1.44 -10.24 -60.18
CA ALA C 153 0.88 -9.07 -60.87
C ALA C 153 1.84 -8.65 -62.01
N ASN C 154 1.28 -8.13 -63.11
CA ASN C 154 2.01 -7.63 -64.29
C ASN C 154 3.07 -8.60 -64.80
N GLN C 155 4.35 -8.24 -64.74
CA GLN C 155 5.42 -9.13 -65.17
C GLN C 155 6.26 -9.62 -64.00
N ASP C 156 5.63 -9.68 -62.80
CA ASP C 156 6.33 -10.22 -61.63
C ASP C 156 6.43 -11.73 -61.90
N THR C 157 7.52 -12.37 -61.45
CA THR C 157 7.80 -13.77 -61.76
C THR C 157 8.16 -14.55 -60.51
N ILE C 158 8.35 -15.88 -60.66
CA ILE C 158 8.82 -16.74 -59.55
C ILE C 158 10.34 -16.55 -59.52
N SER C 159 10.78 -15.62 -58.69
CA SER C 159 12.20 -15.30 -58.65
C SER C 159 12.93 -15.80 -57.40
N ALA C 160 12.18 -16.24 -56.36
CA ALA C 160 12.80 -16.72 -55.13
C ALA C 160 13.64 -17.98 -55.44
N PRO C 161 14.91 -18.04 -54.96
CA PRO C 161 15.77 -19.19 -55.29
C PRO C 161 15.22 -20.57 -54.92
N HIS C 162 14.44 -20.68 -53.83
CA HIS C 162 13.87 -21.97 -53.37
C HIS C 162 12.63 -22.42 -54.16
N LEU C 163 12.08 -21.54 -55.00
CA LEU C 163 10.89 -21.85 -55.78
C LEU C 163 11.20 -22.12 -57.26
N VAL C 164 10.54 -23.15 -57.84
CA VAL C 164 10.70 -23.51 -59.25
C VAL C 164 9.36 -23.41 -60.00
N PRO C 165 9.25 -22.54 -61.04
CA PRO C 165 8.01 -22.51 -61.82
C PRO C 165 7.87 -23.79 -62.67
N ILE C 166 6.73 -24.47 -62.53
CA ILE C 166 6.46 -25.75 -63.20
C ILE C 166 5.58 -25.48 -64.41
N ILE C 167 4.49 -24.71 -64.22
CA ILE C 167 3.59 -24.24 -65.28
C ILE C 167 3.40 -22.72 -65.10
N ALA C 168 3.51 -21.93 -66.19
CA ALA C 168 3.19 -20.50 -66.21
C ALA C 168 1.97 -20.29 -67.16
N ILE C 169 0.95 -19.60 -66.69
CA ILE C 169 -0.27 -19.27 -67.49
C ILE C 169 -0.39 -17.75 -67.53
N ASP C 170 -0.38 -17.17 -68.75
CA ASP C 170 -0.50 -15.73 -68.96
C ASP C 170 -1.95 -15.30 -68.83
N ALA C 171 -2.24 -14.35 -67.93
CA ALA C 171 -3.61 -13.88 -67.75
C ALA C 171 -3.80 -12.43 -68.21
N TRP C 172 -2.77 -11.85 -68.85
CA TRP C 172 -2.87 -10.48 -69.42
C TRP C 172 -3.95 -10.52 -70.49
N GLU C 173 -4.68 -9.40 -70.68
CA GLU C 173 -5.74 -9.36 -71.70
C GLU C 173 -5.23 -9.66 -73.11
N HIS C 174 -4.01 -9.22 -73.47
CA HIS C 174 -3.43 -9.51 -74.80
C HIS C 174 -3.28 -11.01 -75.11
N ALA C 175 -3.27 -11.86 -74.07
CA ALA C 175 -3.12 -13.31 -74.23
C ALA C 175 -4.39 -13.97 -74.80
N TYR C 176 -5.57 -13.29 -74.66
CA TYR C 176 -6.82 -13.90 -75.11
C TYR C 176 -7.85 -13.02 -75.82
N TYR C 177 -7.75 -11.69 -75.69
CA TYR C 177 -8.79 -10.76 -76.11
C TYR C 177 -9.33 -10.84 -77.53
N LEU C 178 -8.45 -10.99 -78.53
CA LEU C 178 -8.84 -11.06 -79.94
C LEU C 178 -9.75 -12.26 -80.22
N GLN C 179 -9.53 -13.36 -79.49
CA GLN C 179 -10.30 -14.60 -79.63
C GLN C 179 -11.50 -14.75 -78.64
N TYR C 180 -11.26 -14.59 -77.33
CA TYR C 180 -12.29 -14.77 -76.28
C TYR C 180 -12.92 -13.48 -75.78
N GLN C 181 -12.42 -12.31 -76.23
CA GLN C 181 -12.84 -10.97 -75.78
C GLN C 181 -12.86 -10.90 -74.24
N ASN C 182 -13.97 -10.43 -73.60
CA ASN C 182 -14.08 -10.29 -72.14
C ASN C 182 -14.18 -11.62 -71.38
N VAL C 183 -14.50 -12.72 -72.09
CA VAL C 183 -14.73 -14.02 -71.47
C VAL C 183 -13.46 -14.80 -71.13
N ARG C 184 -12.72 -14.24 -70.16
CA ARG C 184 -11.48 -14.82 -69.62
C ARG C 184 -11.63 -16.22 -69.05
N PRO C 185 -12.76 -16.65 -68.39
CA PRO C 185 -12.87 -18.07 -67.97
C PRO C 185 -12.84 -19.08 -69.12
N ASP C 186 -13.29 -18.70 -70.33
CA ASP C 186 -13.29 -19.57 -71.52
C ASP C 186 -11.88 -19.84 -72.00
N TYR C 187 -11.03 -18.82 -71.92
CA TYR C 187 -9.60 -18.92 -72.23
C TYR C 187 -8.89 -19.81 -71.21
N PHE C 188 -9.06 -19.53 -69.88
CA PHE C 188 -8.42 -20.40 -68.85
C PHE C 188 -8.84 -21.87 -68.98
N LYS C 189 -10.10 -22.13 -69.36
CA LYS C 189 -10.56 -23.51 -69.57
C LYS C 189 -9.91 -24.13 -70.81
N ALA C 190 -9.79 -23.33 -71.88
CA ALA C 190 -9.27 -23.77 -73.18
C ALA C 190 -7.80 -24.12 -73.19
N ILE C 191 -7.00 -23.33 -72.47
CA ILE C 191 -5.54 -23.48 -72.43
C ILE C 191 -5.00 -24.86 -72.07
N TRP C 192 -5.63 -25.54 -71.12
CA TRP C 192 -5.17 -26.86 -70.67
C TRP C 192 -5.09 -27.90 -71.76
N ASN C 193 -5.85 -27.71 -72.84
CA ASN C 193 -5.86 -28.61 -74.01
C ASN C 193 -4.53 -28.56 -74.80
N VAL C 194 -3.72 -27.47 -74.62
CA VAL C 194 -2.43 -27.26 -75.29
C VAL C 194 -1.25 -27.07 -74.31
N ILE C 195 -1.42 -27.46 -73.04
CA ILE C 195 -0.38 -27.37 -72.01
C ILE C 195 0.59 -28.53 -72.17
N ASN C 196 1.88 -28.23 -72.18
CA ASN C 196 2.94 -29.22 -72.31
C ASN C 196 3.40 -29.74 -70.94
N TRP C 197 2.81 -30.85 -70.49
CA TRP C 197 3.11 -31.45 -69.18
C TRP C 197 4.45 -32.16 -69.14
N ALA C 198 4.98 -32.54 -70.32
CA ALA C 198 6.28 -33.18 -70.48
C ALA C 198 7.33 -32.16 -70.00
N GLU C 199 7.21 -30.87 -70.39
CA GLU C 199 8.08 -29.78 -69.93
C GLU C 199 7.99 -29.55 -68.40
N ALA C 200 6.78 -29.61 -67.84
CA ALA C 200 6.52 -29.43 -66.41
C ALA C 200 7.20 -30.56 -65.61
N GLU C 201 7.10 -31.82 -66.10
CA GLU C 201 7.75 -32.99 -65.51
C GLU C 201 9.27 -32.77 -65.52
N SER C 202 9.80 -32.27 -66.64
CA SER C 202 11.22 -31.98 -66.79
C SER C 202 11.67 -30.83 -65.83
N ARG C 203 10.82 -29.81 -65.66
CA ARG C 203 11.13 -28.71 -64.73
C ARG C 203 11.16 -29.17 -63.26
N TYR C 204 10.23 -30.07 -62.90
CA TYR C 204 10.16 -30.61 -61.54
C TYR C 204 11.42 -31.42 -61.16
N SER C 205 11.91 -32.24 -62.09
CA SER C 205 13.07 -33.14 -61.96
C SER C 205 14.43 -32.46 -61.97
N ALA C 206 14.56 -31.30 -62.67
CA ALA C 206 15.84 -30.58 -62.82
C ALA C 206 16.54 -30.17 -61.53
N ILE D 2 -27.96 -6.82 -48.52
CA ILE D 2 -27.83 -5.61 -49.33
C ILE D 2 -29.19 -4.93 -49.59
N THR D 3 -29.27 -3.64 -49.24
CA THR D 3 -30.50 -2.86 -49.46
C THR D 3 -30.48 -2.20 -50.85
N GLU D 4 -31.67 -1.86 -51.34
CA GLU D 4 -31.98 -1.21 -52.61
C GLU D 4 -31.27 0.14 -52.78
N ASN D 5 -31.17 0.93 -51.69
CA ASN D 5 -30.51 2.25 -51.69
C ASN D 5 -28.98 2.17 -51.79
N GLU D 6 -28.39 1.02 -51.45
CA GLU D 6 -26.94 0.79 -51.45
C GLU D 6 -26.42 0.26 -52.77
N LYS D 7 -27.30 -0.35 -53.60
CA LYS D 7 -26.86 -0.92 -54.86
C LYS D 7 -26.63 0.06 -55.96
N ILE D 8 -25.55 -0.17 -56.72
CA ILE D 8 -25.16 0.69 -57.83
C ILE D 8 -25.74 0.16 -59.14
N SER D 9 -25.80 1.01 -60.17
CA SER D 9 -26.32 0.59 -61.47
C SER D 9 -25.50 1.14 -62.61
N LEU D 10 -25.61 0.50 -63.78
CA LEU D 10 -24.90 0.94 -64.96
C LEU D 10 -25.42 2.33 -65.38
N PRO D 11 -24.55 3.36 -65.50
CA PRO D 11 -25.06 4.70 -65.87
C PRO D 11 -25.51 4.76 -67.34
N LYS D 12 -26.40 5.71 -67.65
CA LYS D 12 -26.85 5.96 -69.01
C LYS D 12 -25.73 6.75 -69.69
N ILE D 13 -25.39 6.39 -70.93
CA ILE D 13 -24.31 7.05 -71.69
C ILE D 13 -24.88 8.02 -72.72
N ASP D 14 -24.42 9.29 -72.69
CA ASP D 14 -24.89 10.44 -73.50
C ASP D 14 -24.58 10.41 -75.01
N TRP D 15 -23.89 9.38 -75.48
CA TRP D 15 -23.53 9.22 -76.89
C TRP D 15 -23.80 7.80 -77.37
N ALA D 16 -23.95 7.64 -78.71
CA ALA D 16 -24.20 6.33 -79.33
C ALA D 16 -22.89 5.51 -79.34
N LEU D 17 -23.00 4.18 -79.34
CA LEU D 17 -21.81 3.31 -79.30
C LEU D 17 -20.80 3.52 -80.45
N ASP D 18 -21.31 3.86 -81.63
CA ASP D 18 -20.47 4.08 -82.81
C ASP D 18 -20.05 5.57 -83.01
N ALA D 19 -20.47 6.46 -82.10
CA ALA D 19 -20.22 7.91 -82.18
C ALA D 19 -18.77 8.40 -81.94
N LEU D 20 -17.90 7.56 -81.34
CA LEU D 20 -16.48 7.91 -81.09
C LEU D 20 -15.56 7.48 -82.24
N GLU D 21 -16.14 6.83 -83.27
CA GLU D 21 -15.41 6.37 -84.46
C GLU D 21 -14.90 7.59 -85.23
N PRO D 22 -13.70 7.58 -85.87
CA PRO D 22 -12.77 6.45 -86.03
C PRO D 22 -11.76 6.25 -84.89
N TYR D 23 -11.92 7.00 -83.78
CA TYR D 23 -11.00 6.98 -82.64
C TYR D 23 -11.18 5.76 -81.72
N ILE D 24 -12.45 5.44 -81.35
CA ILE D 24 -12.78 4.26 -80.53
C ILE D 24 -13.97 3.57 -81.23
N SER D 25 -13.82 2.28 -81.58
CA SER D 25 -14.87 1.59 -82.32
C SER D 25 -16.10 1.27 -81.50
N LYS D 26 -17.23 1.02 -82.20
CA LYS D 26 -18.48 0.57 -81.60
C LYS D 26 -18.23 -0.77 -80.92
N GLU D 27 -17.38 -1.61 -81.55
CA GLU D 27 -17.08 -2.96 -81.06
C GLU D 27 -16.47 -2.95 -79.67
N ILE D 28 -15.47 -2.06 -79.46
CA ILE D 28 -14.82 -1.83 -78.15
C ILE D 28 -15.86 -1.25 -77.17
N ASN D 29 -16.55 -0.14 -77.54
CA ASN D 29 -17.55 0.51 -76.68
C ASN D 29 -18.67 -0.44 -76.19
N ASP D 30 -19.22 -1.26 -77.08
CA ASP D 30 -20.29 -2.21 -76.69
C ASP D 30 -19.81 -3.22 -75.60
N LEU D 31 -18.58 -3.73 -75.74
CA LEU D 31 -18.01 -4.68 -74.77
C LEU D 31 -17.59 -3.94 -73.51
N HIS D 32 -16.96 -2.77 -73.71
CA HIS D 32 -16.45 -1.95 -72.62
C HIS D 32 -17.54 -1.55 -71.63
N ILE D 33 -18.67 -1.10 -72.15
CA ILE D 33 -19.81 -0.69 -71.33
C ILE D 33 -20.66 -1.89 -70.84
N ASN D 34 -21.17 -2.70 -71.80
CA ASN D 34 -22.11 -3.80 -71.57
C ASN D 34 -21.55 -5.11 -71.01
N LYS D 35 -20.25 -5.30 -71.09
CA LYS D 35 -19.65 -6.49 -70.47
C LYS D 35 -18.68 -6.05 -69.33
N HIS D 36 -17.68 -5.19 -69.61
CA HIS D 36 -16.73 -4.74 -68.59
C HIS D 36 -17.30 -3.92 -67.44
N HIS D 37 -17.98 -2.82 -67.74
CA HIS D 37 -18.60 -1.98 -66.68
C HIS D 37 -19.69 -2.76 -65.95
N VAL D 38 -20.52 -3.54 -66.66
CA VAL D 38 -21.58 -4.38 -66.05
C VAL D 38 -20.96 -5.37 -65.00
N ALA D 39 -19.73 -5.87 -65.25
CA ALA D 39 -19.03 -6.80 -64.33
C ALA D 39 -18.63 -6.11 -63.01
N TYR D 40 -18.19 -4.85 -63.08
CA TYR D 40 -17.86 -4.09 -61.87
C TYR D 40 -19.14 -3.71 -61.10
N VAL D 41 -20.25 -3.42 -61.81
CA VAL D 41 -21.55 -3.08 -61.18
C VAL D 41 -22.01 -4.29 -60.33
N ASN D 42 -21.96 -5.48 -60.95
CA ASN D 42 -22.34 -6.74 -60.33
C ASN D 42 -21.39 -7.14 -59.20
N GLY D 43 -20.08 -6.99 -59.44
CA GLY D 43 -19.05 -7.30 -58.47
C GLY D 43 -19.14 -6.43 -57.24
N TYR D 44 -19.46 -5.13 -57.41
CA TYR D 44 -19.61 -4.27 -56.23
C TYR D 44 -20.83 -4.67 -55.42
N ASN D 45 -21.98 -4.85 -56.08
CA ASN D 45 -23.23 -5.20 -55.35
C ASN D 45 -23.13 -6.53 -54.59
N ALA D 46 -22.37 -7.51 -55.13
CA ALA D 46 -22.15 -8.80 -54.49
C ALA D 46 -21.16 -8.64 -53.34
N ALA D 47 -20.08 -7.86 -53.52
CA ALA D 47 -19.06 -7.61 -52.48
C ALA D 47 -19.66 -6.91 -51.25
N ILE D 48 -20.61 -5.99 -51.47
CA ILE D 48 -21.31 -5.29 -50.36
C ILE D 48 -22.21 -6.25 -49.58
N ASP D 49 -22.89 -7.16 -50.31
CA ASP D 49 -23.77 -8.16 -49.71
C ASP D 49 -22.93 -9.12 -48.86
N ALA D 50 -21.76 -9.55 -49.41
CA ALA D 50 -20.82 -10.44 -48.75
C ALA D 50 -20.22 -9.79 -47.48
N LEU D 51 -19.91 -8.48 -47.56
CA LEU D 51 -19.32 -7.68 -46.49
C LEU D 51 -20.25 -7.51 -45.28
N GLU D 52 -21.54 -7.17 -45.51
CA GLU D 52 -22.52 -6.97 -44.42
C GLU D 52 -22.73 -8.25 -43.60
N LYS D 53 -22.76 -9.40 -44.29
CA LYS D 53 -22.90 -10.73 -43.70
C LYS D 53 -21.66 -11.04 -42.83
N ALA D 54 -20.43 -10.82 -43.36
CA ALA D 54 -19.19 -11.04 -42.62
C ALA D 54 -18.97 -10.06 -41.42
N VAL D 55 -19.28 -8.76 -41.61
CA VAL D 55 -19.15 -7.69 -40.59
C VAL D 55 -20.05 -8.02 -39.39
N GLY D 56 -21.29 -8.40 -39.70
CA GLY D 56 -22.30 -8.76 -38.71
C GLY D 56 -21.87 -9.89 -37.81
N LYS D 57 -21.11 -10.87 -38.36
CA LYS D 57 -20.62 -12.05 -37.65
C LYS D 57 -19.24 -11.83 -37.03
N ARG D 58 -18.65 -10.63 -37.21
CA ARG D 58 -17.31 -10.27 -36.76
C ARG D 58 -16.29 -11.26 -37.34
N ASP D 59 -16.49 -11.69 -38.61
CA ASP D 59 -15.61 -12.64 -39.26
C ASP D 59 -14.51 -11.81 -39.92
N LEU D 60 -13.53 -11.36 -39.11
CA LEU D 60 -12.48 -10.46 -39.59
C LEU D 60 -11.63 -10.98 -40.72
N LYS D 61 -11.49 -12.32 -40.81
CA LYS D 61 -10.77 -12.96 -41.92
C LYS D 61 -11.55 -12.74 -43.26
N SER D 62 -12.91 -12.92 -43.25
CA SER D 62 -13.72 -12.69 -44.47
C SER D 62 -13.79 -11.17 -44.79
N VAL D 63 -14.02 -10.35 -43.76
CA VAL D 63 -14.09 -8.89 -43.86
C VAL D 63 -12.84 -8.37 -44.62
N VAL D 64 -11.65 -8.79 -44.15
CA VAL D 64 -10.36 -8.42 -44.75
C VAL D 64 -10.22 -8.83 -46.21
N GLU D 65 -10.62 -10.08 -46.54
CA GLU D 65 -10.59 -10.62 -47.89
C GLU D 65 -11.48 -9.85 -48.86
N ILE D 66 -12.74 -9.53 -48.43
CA ILE D 66 -13.79 -8.84 -49.20
C ILE D 66 -13.38 -7.40 -49.55
N GLN D 67 -12.60 -6.72 -48.69
CA GLN D 67 -12.13 -5.34 -48.91
C GLN D 67 -11.54 -5.11 -50.29
N GLN D 68 -10.72 -6.06 -50.77
CA GLN D 68 -10.08 -5.98 -52.09
C GLN D 68 -11.13 -5.96 -53.21
N ASN D 69 -12.22 -6.75 -53.07
CA ASN D 69 -13.26 -6.76 -54.10
C ASN D 69 -14.06 -5.48 -54.09
N ILE D 70 -14.20 -4.88 -52.91
CA ILE D 70 -14.89 -3.61 -52.79
C ILE D 70 -14.08 -2.52 -53.49
N LYS D 71 -12.80 -2.42 -53.18
CA LYS D 71 -11.86 -1.48 -53.79
C LYS D 71 -11.86 -1.62 -55.32
N PHE D 72 -11.77 -2.87 -55.81
CA PHE D 72 -11.69 -3.18 -57.24
C PHE D 72 -12.96 -2.90 -58.03
N HIS D 73 -14.08 -3.44 -57.59
CA HIS D 73 -15.34 -3.25 -58.31
C HIS D 73 -15.89 -1.85 -58.08
N GLY D 74 -15.70 -1.31 -56.87
CA GLY D 74 -16.08 0.06 -56.55
C GLY D 74 -15.31 1.07 -57.37
N GLY D 75 -14.02 0.81 -57.53
CA GLY D 75 -13.12 1.64 -58.32
C GLY D 75 -13.39 1.56 -59.81
N GLY D 76 -13.71 0.36 -60.29
CA GLY D 76 -14.04 0.10 -61.69
C GLY D 76 -15.28 0.87 -62.12
N HIS D 77 -16.30 0.89 -61.26
CA HIS D 77 -17.54 1.63 -61.53
C HIS D 77 -17.26 3.12 -61.57
N THR D 78 -16.48 3.62 -60.57
CA THR D 78 -16.09 5.04 -60.42
C THR D 78 -15.27 5.50 -61.62
N ASN D 79 -14.22 4.74 -61.97
CA ASN D 79 -13.36 5.08 -63.14
C ASN D 79 -14.10 5.09 -64.47
N HIS D 80 -14.85 4.01 -64.78
CA HIS D 80 -15.61 3.92 -66.02
C HIS D 80 -16.69 5.00 -66.17
N SER D 81 -17.39 5.36 -65.07
CA SER D 81 -18.40 6.43 -65.06
C SER D 81 -17.77 7.78 -65.39
N LEU D 82 -16.55 8.05 -64.84
CA LEU D 82 -15.81 9.28 -65.13
C LEU D 82 -15.41 9.24 -66.59
N PHE D 83 -14.95 8.07 -67.07
CA PHE D 83 -14.50 7.88 -68.46
C PHE D 83 -15.61 8.21 -69.48
N TRP D 84 -16.78 7.58 -69.37
CA TRP D 84 -17.89 7.85 -70.30
C TRP D 84 -18.31 9.34 -70.36
N LYS D 85 -18.29 10.01 -69.19
CA LYS D 85 -18.63 11.43 -69.04
C LYS D 85 -17.56 12.36 -69.57
N ASN D 86 -16.29 11.90 -69.69
CA ASN D 86 -15.26 12.74 -70.32
C ASN D 86 -14.90 12.32 -71.75
N LEU D 87 -15.86 11.67 -72.40
CA LEU D 87 -15.79 11.28 -73.80
C LEU D 87 -17.01 11.89 -74.45
N ALA D 88 -16.85 12.35 -75.70
CA ALA D 88 -17.94 12.96 -76.45
C ALA D 88 -17.65 12.88 -77.94
N PRO D 89 -18.68 12.64 -78.78
CA PRO D 89 -18.44 12.68 -80.24
C PRO D 89 -17.97 14.05 -80.71
N VAL D 90 -17.27 14.11 -81.85
CA VAL D 90 -16.76 15.37 -82.40
C VAL D 90 -17.90 16.40 -82.56
N SER D 91 -19.05 15.95 -83.07
CA SER D 91 -20.28 16.74 -83.25
C SER D 91 -20.82 17.37 -81.94
N LYS D 92 -20.50 16.76 -80.78
CA LYS D 92 -20.97 17.20 -79.47
C LYS D 92 -19.88 17.84 -78.58
N GLY D 93 -18.85 18.41 -79.20
CA GLY D 93 -17.76 19.09 -78.50
C GLY D 93 -16.53 18.26 -78.19
N GLY D 94 -16.52 16.99 -78.61
CA GLY D 94 -15.39 16.10 -78.41
C GLY D 94 -14.16 16.62 -79.11
N GLY D 95 -13.06 16.72 -78.36
CA GLY D 95 -11.80 17.23 -78.87
C GLY D 95 -11.63 18.75 -78.80
N LYS D 96 -12.70 19.49 -78.45
CA LYS D 96 -12.61 20.96 -78.37
C LYS D 96 -11.94 21.35 -77.07
N HIS D 97 -10.82 22.08 -77.17
CA HIS D 97 -10.04 22.50 -76.02
C HIS D 97 -10.84 23.32 -75.02
N PRO D 98 -10.53 23.26 -73.69
CA PRO D 98 -11.33 24.04 -72.73
C PRO D 98 -11.13 25.55 -72.93
N ASP D 99 -12.18 26.31 -72.60
CA ASP D 99 -12.19 27.77 -72.72
C ASP D 99 -11.10 28.33 -71.78
N THR D 100 -10.10 29.05 -72.35
CA THR D 100 -8.96 29.62 -71.61
C THR D 100 -9.32 30.61 -70.52
N SER D 101 -10.60 31.10 -70.50
CA SER D 101 -11.12 32.02 -69.49
C SER D 101 -11.85 31.28 -68.37
N SER D 102 -12.10 29.95 -68.53
CA SER D 102 -12.73 29.14 -67.48
C SER D 102 -11.69 28.91 -66.37
N ALA D 103 -12.14 28.54 -65.15
CA ALA D 103 -11.23 28.29 -64.02
C ALA D 103 -10.18 27.22 -64.40
N LEU D 104 -10.59 26.12 -65.07
CA LEU D 104 -9.72 25.06 -65.55
C LEU D 104 -8.78 25.58 -66.63
N GLY D 105 -9.34 26.27 -67.63
CA GLY D 105 -8.60 26.84 -68.75
C GLY D 105 -7.52 27.80 -68.29
N LYS D 106 -7.85 28.62 -67.31
CA LYS D 106 -6.91 29.57 -66.69
C LYS D 106 -5.80 28.81 -65.96
N GLN D 107 -6.16 27.72 -65.26
CA GLN D 107 -5.16 26.92 -64.52
C GLN D 107 -4.18 26.19 -65.45
N ILE D 108 -4.67 25.62 -66.57
CA ILE D 108 -3.85 24.92 -67.58
C ILE D 108 -2.83 25.91 -68.13
N VAL D 109 -3.31 27.11 -68.51
CA VAL D 109 -2.48 28.18 -69.08
C VAL D 109 -1.38 28.60 -68.09
N ALA D 110 -1.75 28.85 -66.84
CA ALA D 110 -0.76 29.25 -65.80
C ALA D 110 0.35 28.22 -65.53
N GLN D 111 -0.01 26.94 -65.34
CA GLN D 111 0.91 25.86 -65.00
C GLN D 111 1.61 25.18 -66.17
N TYR D 112 0.93 24.98 -67.32
CA TYR D 112 1.46 24.24 -68.49
C TYR D 112 1.72 25.05 -69.75
N GLY D 113 1.25 26.30 -69.79
CA GLY D 113 1.37 27.13 -70.98
C GLY D 113 0.26 26.88 -71.97
N SER D 114 -0.05 25.58 -72.25
CA SER D 114 -1.10 25.16 -73.20
C SER D 114 -1.63 23.77 -72.91
N VAL D 115 -2.85 23.49 -73.45
CA VAL D 115 -3.52 22.19 -73.40
C VAL D 115 -2.65 21.15 -74.12
N SER D 116 -2.03 21.57 -75.24
CA SER D 116 -1.11 20.79 -76.02
C SER D 116 -0.02 20.18 -75.13
N ASN D 117 0.67 21.02 -74.31
CA ASN D 117 1.73 20.57 -73.42
CA ASN D 117 1.73 20.59 -73.41
C ASN D 117 1.22 19.64 -72.34
N LEU D 118 0.02 19.92 -71.79
CA LEU D 118 -0.62 19.08 -70.78
C LEU D 118 -0.92 17.69 -71.38
N ILE D 119 -1.47 17.64 -72.61
CA ILE D 119 -1.76 16.38 -73.33
C ILE D 119 -0.45 15.59 -73.56
N ASP D 120 0.65 16.30 -73.91
CA ASP D 120 1.96 15.65 -74.11
C ASP D 120 2.43 15.00 -72.80
N ILE D 121 2.36 15.74 -71.68
CA ILE D 121 2.70 15.25 -70.34
C ILE D 121 1.82 14.04 -69.96
N THR D 122 0.51 14.10 -70.23
CA THR D 122 -0.40 12.99 -69.94
C THR D 122 -0.08 11.74 -70.80
N ASN D 123 0.17 11.94 -72.12
CA ASN D 123 0.49 10.83 -73.01
C ASN D 123 1.74 10.12 -72.55
N SER D 124 2.67 10.90 -71.96
CA SER D 124 3.94 10.48 -71.39
C SER D 124 3.70 9.57 -70.17
N LYS D 125 2.77 9.96 -69.26
CA LYS D 125 2.40 9.15 -68.11
C LYS D 125 1.69 7.88 -68.55
N LEU D 126 0.81 7.98 -69.57
CA LEU D 126 0.06 6.82 -70.07
C LEU D 126 1.00 5.78 -70.67
N ALA D 127 2.05 6.21 -71.40
CA ALA D 127 3.07 5.35 -72.01
C ALA D 127 3.85 4.55 -70.95
N GLY D 128 4.11 5.18 -69.80
CA GLY D 128 4.85 4.58 -68.68
C GLY D 128 4.09 3.60 -67.82
N ILE D 129 2.75 3.46 -68.02
CA ILE D 129 1.94 2.50 -67.26
C ILE D 129 2.33 1.07 -67.69
N GLN D 130 2.73 0.23 -66.72
CA GLN D 130 3.07 -1.19 -66.87
C GLN D 130 1.89 -2.01 -66.36
N GLY D 131 1.28 -2.82 -67.23
CA GLY D 131 0.09 -3.59 -66.88
C GLY D 131 -1.19 -2.80 -67.08
N SER D 132 -2.18 -3.03 -66.22
CA SER D 132 -3.49 -2.36 -66.29
C SER D 132 -3.49 -1.12 -65.41
N GLY D 133 -4.12 -0.05 -65.92
CA GLY D 133 -4.22 1.19 -65.15
C GLY D 133 -4.87 2.35 -65.86
N TRP D 134 -4.82 3.50 -65.19
CA TRP D 134 -5.45 4.75 -65.65
C TRP D 134 -4.51 5.90 -65.48
N ALA D 135 -4.70 6.99 -66.26
CA ALA D 135 -4.04 8.29 -66.04
C ALA D 135 -5.15 9.27 -65.77
N PHE D 136 -4.89 10.17 -64.82
CA PHE D 136 -5.85 11.20 -64.45
C PHE D 136 -5.18 12.56 -64.43
N ILE D 137 -5.93 13.57 -64.90
CA ILE D 137 -5.60 14.97 -64.73
C ILE D 137 -6.37 15.27 -63.45
N VAL D 138 -5.68 15.74 -62.41
CA VAL D 138 -6.32 15.95 -61.10
C VAL D 138 -6.20 17.38 -60.61
N LYS D 139 -7.16 17.84 -59.79
CA LYS D 139 -7.10 19.16 -59.13
C LYS D 139 -6.85 18.90 -57.63
N ASN D 140 -5.90 19.62 -57.03
CA ASN D 140 -5.62 19.48 -55.59
C ASN D 140 -6.23 20.68 -54.89
N LYS D 141 -7.23 20.46 -54.05
CA LYS D 141 -7.96 21.51 -53.34
C LYS D 141 -7.21 22.18 -52.19
N GLN D 142 -6.08 21.59 -51.75
CA GLN D 142 -5.27 22.07 -50.62
C GLN D 142 -4.10 23.01 -50.96
N ASN D 143 -3.52 22.88 -52.17
CA ASN D 143 -2.35 23.65 -52.59
C ASN D 143 -2.64 24.73 -53.66
N GLY D 144 -3.84 25.29 -53.59
CA GLY D 144 -4.29 26.36 -54.49
C GLY D 144 -4.96 25.92 -55.78
N GLY D 145 -5.60 24.76 -55.75
CA GLY D 145 -6.28 24.19 -56.91
C GLY D 145 -5.32 23.76 -58.00
N ALA D 146 -4.09 23.38 -57.64
CA ALA D 146 -3.06 23.00 -58.61
C ALA D 146 -3.41 21.69 -59.32
N LEU D 147 -3.12 21.66 -60.63
CA LEU D 147 -3.31 20.52 -61.48
C LEU D 147 -2.06 19.65 -61.45
N ASP D 148 -2.25 18.34 -61.63
CA ASP D 148 -1.16 17.39 -61.75
C ASP D 148 -1.67 16.20 -62.52
N VAL D 149 -0.76 15.45 -63.14
CA VAL D 149 -1.09 14.22 -63.85
C VAL D 149 -0.59 13.06 -63.00
N VAL D 150 -1.47 12.08 -62.71
CA VAL D 150 -1.15 10.90 -61.87
C VAL D 150 -1.61 9.62 -62.60
N THR D 151 -1.06 8.48 -62.23
CA THR D 151 -1.53 7.19 -62.77
C THR D 151 -1.97 6.30 -61.61
N THR D 152 -2.86 5.34 -61.87
CA THR D 152 -3.25 4.38 -60.85
C THR D 152 -3.11 3.02 -61.51
N ALA D 153 -2.95 1.93 -60.71
CA ALA D 153 -2.85 0.58 -61.26
C ALA D 153 -4.21 -0.01 -61.17
N ASN D 154 -4.55 -0.91 -62.12
CA ASN D 154 -5.82 -1.66 -62.11
C ASN D 154 -7.05 -0.77 -62.02
N GLN D 155 -7.88 -0.96 -60.98
CA GLN D 155 -9.08 -0.14 -60.76
C GLN D 155 -8.95 0.83 -59.60
N ASP D 156 -7.70 1.10 -59.17
CA ASP D 156 -7.43 2.09 -58.14
C ASP D 156 -7.87 3.47 -58.72
N THR D 157 -8.37 4.36 -57.88
CA THR D 157 -8.92 5.64 -58.33
C THR D 157 -8.41 6.82 -57.52
N ILE D 158 -8.92 8.03 -57.81
CA ILE D 158 -8.60 9.24 -57.06
C ILE D 158 -9.59 9.23 -55.90
N SER D 159 -9.17 8.71 -54.74
CA SER D 159 -10.10 8.61 -53.62
C SER D 159 -9.76 9.55 -52.47
N ALA D 160 -8.61 10.25 -52.59
CA ALA D 160 -8.20 11.24 -51.59
C ALA D 160 -9.24 12.37 -51.55
N PRO D 161 -9.87 12.63 -50.37
CA PRO D 161 -10.87 13.72 -50.26
C PRO D 161 -10.44 15.06 -50.86
N HIS D 162 -9.15 15.45 -50.70
CA HIS D 162 -8.58 16.72 -51.19
C HIS D 162 -8.25 16.72 -52.70
N LEU D 163 -8.46 15.58 -53.39
CA LEU D 163 -8.17 15.48 -54.83
C LEU D 163 -9.42 15.30 -55.64
N VAL D 164 -9.48 15.95 -56.82
CA VAL D 164 -10.63 15.89 -57.72
C VAL D 164 -10.21 15.33 -59.07
N PRO D 165 -10.79 14.20 -59.54
CA PRO D 165 -10.47 13.73 -60.90
C PRO D 165 -11.13 14.68 -61.94
N ILE D 166 -10.33 15.18 -62.90
CA ILE D 166 -10.76 16.13 -63.94
C ILE D 166 -10.95 15.41 -65.28
N ILE D 167 -9.96 14.58 -65.67
CA ILE D 167 -9.98 13.75 -66.87
C ILE D 167 -9.51 12.35 -66.47
N ALA D 168 -10.26 11.30 -66.87
CA ALA D 168 -9.85 9.92 -66.61
C ALA D 168 -9.62 9.25 -67.97
N ILE D 169 -8.40 8.69 -68.19
CA ILE D 169 -8.02 7.93 -69.40
C ILE D 169 -7.78 6.45 -69.04
N ASP D 170 -8.58 5.56 -69.61
CA ASP D 170 -8.44 4.11 -69.44
C ASP D 170 -7.28 3.54 -70.26
N ALA D 171 -6.29 2.91 -69.61
CA ALA D 171 -5.15 2.30 -70.30
C ALA D 171 -5.15 0.75 -70.27
N TRP D 172 -6.24 0.13 -69.73
CA TRP D 172 -6.38 -1.34 -69.73
C TRP D 172 -6.36 -1.83 -71.18
N GLU D 173 -5.79 -3.02 -71.45
CA GLU D 173 -5.71 -3.52 -72.84
C GLU D 173 -7.08 -3.64 -73.53
N HIS D 174 -8.14 -3.96 -72.77
CA HIS D 174 -9.51 -4.03 -73.30
C HIS D 174 -10.03 -2.71 -73.88
N ALA D 175 -9.47 -1.56 -73.42
CA ALA D 175 -9.89 -0.24 -73.89
C ALA D 175 -9.50 0.07 -75.36
N TYR D 176 -8.52 -0.66 -75.94
CA TYR D 176 -8.01 -0.38 -77.28
C TYR D 176 -7.64 -1.58 -78.13
N TYR D 177 -7.37 -2.75 -77.51
CA TYR D 177 -6.90 -3.94 -78.22
C TYR D 177 -7.59 -4.37 -79.51
N LEU D 178 -8.94 -4.37 -79.57
CA LEU D 178 -9.62 -4.81 -80.81
C LEU D 178 -9.29 -3.93 -82.02
N GLN D 179 -9.02 -2.60 -81.79
CA GLN D 179 -8.72 -1.68 -82.89
C GLN D 179 -7.24 -1.47 -83.10
N TYR D 180 -6.49 -1.22 -82.02
CA TYR D 180 -5.08 -0.86 -82.04
C TYR D 180 -4.09 -2.00 -81.82
N GLN D 181 -4.58 -3.15 -81.30
CA GLN D 181 -3.73 -4.30 -80.98
C GLN D 181 -2.65 -3.86 -79.99
N ASN D 182 -1.39 -4.26 -80.20
CA ASN D 182 -0.30 -3.89 -79.28
C ASN D 182 0.09 -2.39 -79.34
N VAL D 183 -0.35 -1.68 -80.41
CA VAL D 183 0.04 -0.29 -80.66
C VAL D 183 -0.66 0.75 -79.73
N ARG D 184 -0.48 0.56 -78.40
CA ARG D 184 -1.00 1.42 -77.32
C ARG D 184 -0.73 2.94 -77.53
N PRO D 185 0.47 3.40 -77.98
CA PRO D 185 0.66 4.85 -78.20
C PRO D 185 -0.31 5.45 -79.23
N ASP D 186 -0.81 4.65 -80.20
CA ASP D 186 -1.74 5.17 -81.21
C ASP D 186 -3.08 5.50 -80.60
N TYR D 187 -3.54 4.67 -79.68
CA TYR D 187 -4.79 4.91 -78.99
C TYR D 187 -4.65 6.17 -78.11
N PHE D 188 -3.56 6.27 -77.35
CA PHE D 188 -3.28 7.44 -76.51
C PHE D 188 -3.35 8.77 -77.31
N LYS D 189 -2.65 8.83 -78.45
CA LYS D 189 -2.65 9.96 -79.36
C LYS D 189 -4.09 10.25 -79.86
N ALA D 190 -4.79 9.21 -80.37
CA ALA D 190 -6.15 9.31 -80.90
C ALA D 190 -7.28 9.72 -79.95
N ILE D 191 -7.26 9.29 -78.67
CA ILE D 191 -8.36 9.55 -77.72
C ILE D 191 -8.69 11.04 -77.48
N TRP D 192 -7.67 11.90 -77.48
CA TRP D 192 -7.82 13.34 -77.25
C TRP D 192 -8.80 14.02 -78.21
N ASN D 193 -9.03 13.43 -79.38
CA ASN D 193 -9.97 13.90 -80.40
C ASN D 193 -11.42 13.73 -79.93
N VAL D 194 -11.66 12.88 -78.91
CA VAL D 194 -13.02 12.64 -78.37
C VAL D 194 -13.12 12.97 -76.90
N ILE D 195 -12.11 13.69 -76.36
CA ILE D 195 -12.12 14.10 -74.96
C ILE D 195 -13.10 15.27 -74.72
N ASN D 196 -13.98 15.11 -73.74
CA ASN D 196 -14.97 16.12 -73.40
C ASN D 196 -14.40 17.10 -72.36
N TRP D 197 -13.79 18.19 -72.85
CA TRP D 197 -13.23 19.21 -72.00
C TRP D 197 -14.32 20.07 -71.31
N ALA D 198 -15.56 20.13 -71.84
CA ALA D 198 -16.63 20.89 -71.17
C ALA D 198 -16.95 20.22 -69.83
N GLU D 199 -16.91 18.86 -69.78
CA GLU D 199 -17.10 18.09 -68.54
C GLU D 199 -15.93 18.36 -67.58
N ALA D 200 -14.70 18.41 -68.10
CA ALA D 200 -13.48 18.67 -67.34
C ALA D 200 -13.56 20.06 -66.62
N GLU D 201 -14.06 21.09 -67.33
CA GLU D 201 -14.25 22.43 -66.78
C GLU D 201 -15.27 22.39 -65.63
N SER D 202 -16.38 21.64 -65.81
CA SER D 202 -17.42 21.54 -64.81
C SER D 202 -16.89 20.86 -63.54
N ARG D 203 -16.05 19.82 -63.70
CA ARG D 203 -15.43 19.08 -62.60
C ARG D 203 -14.51 19.95 -61.79
N TYR D 204 -13.72 20.81 -62.45
CA TYR D 204 -12.79 21.75 -61.80
C TYR D 204 -13.54 22.81 -60.95
N SER D 205 -14.62 23.40 -61.50
CA SER D 205 -15.38 24.46 -60.84
C SER D 205 -16.46 23.97 -59.88
N ALA D 206 -16.74 22.65 -59.87
CA ALA D 206 -17.76 22.05 -58.99
C ALA D 206 -17.55 22.31 -57.50
N ILE E 2 54.44 3.05 -22.92
CA ILE E 2 53.97 1.68 -22.71
C ILE E 2 54.35 0.77 -23.88
N THR E 3 54.96 -0.39 -23.57
CA THR E 3 55.36 -1.35 -24.60
C THR E 3 54.19 -2.31 -24.85
N GLU E 4 54.20 -3.03 -25.99
CA GLU E 4 53.17 -4.00 -26.36
C GLU E 4 53.13 -5.19 -25.41
N ASN E 5 54.28 -5.60 -24.83
CA ASN E 5 54.31 -6.72 -23.88
C ASN E 5 53.77 -6.37 -22.48
N GLU E 6 53.50 -5.10 -22.23
CA GLU E 6 52.94 -4.58 -20.96
C GLU E 6 51.44 -4.37 -21.12
N LYS E 7 50.98 -4.28 -22.38
CA LYS E 7 49.58 -4.03 -22.75
C LYS E 7 48.70 -5.25 -22.54
N ILE E 8 47.55 -5.06 -21.88
CA ILE E 8 46.56 -6.14 -21.69
C ILE E 8 45.52 -6.06 -22.82
N SER E 9 44.84 -7.18 -23.09
CA SER E 9 43.82 -7.26 -24.14
C SER E 9 42.55 -7.85 -23.61
N LEU E 10 41.44 -7.66 -24.34
CA LEU E 10 40.18 -8.28 -23.98
C LEU E 10 40.33 -9.78 -24.28
N PRO E 11 39.98 -10.70 -23.34
CA PRO E 11 40.15 -12.13 -23.63
C PRO E 11 39.07 -12.67 -24.56
N LYS E 12 39.34 -13.82 -25.21
CA LYS E 12 38.34 -14.48 -26.05
C LYS E 12 37.38 -15.17 -25.08
N ILE E 13 36.09 -15.10 -25.37
CA ILE E 13 35.06 -15.72 -24.52
C ILE E 13 34.67 -17.10 -25.06
N ASP E 14 34.74 -18.12 -24.19
CA ASP E 14 34.51 -19.54 -24.46
C ASP E 14 33.01 -19.96 -24.60
N TRP E 15 32.12 -18.99 -24.87
CA TRP E 15 30.68 -19.21 -25.08
C TRP E 15 30.07 -18.06 -25.90
N ALA E 16 29.02 -18.35 -26.69
CA ALA E 16 28.28 -17.36 -27.50
C ALA E 16 27.62 -16.35 -26.55
N LEU E 17 27.44 -15.08 -26.99
CA LEU E 17 26.87 -14.02 -26.15
C LEU E 17 25.45 -14.32 -25.64
N ASP E 18 24.66 -15.08 -26.41
CA ASP E 18 23.30 -15.47 -26.02
C ASP E 18 23.22 -16.84 -25.30
N ALA E 19 24.35 -17.55 -25.17
CA ALA E 19 24.39 -18.90 -24.58
C ALA E 19 24.03 -19.02 -23.09
N LEU E 20 23.98 -17.89 -22.36
CA LEU E 20 23.64 -17.90 -20.91
C LEU E 20 22.17 -17.62 -20.63
N GLU E 21 21.36 -17.35 -21.69
CA GLU E 21 19.92 -17.10 -21.55
C GLU E 21 19.24 -18.39 -21.08
N PRO E 22 18.17 -18.34 -20.26
CA PRO E 22 17.42 -17.15 -19.77
C PRO E 22 17.99 -16.47 -18.51
N TYR E 23 19.17 -16.91 -18.06
CA TYR E 23 19.81 -16.44 -16.82
C TYR E 23 20.47 -15.08 -16.94
N ILE E 24 21.32 -14.88 -17.97
CA ILE E 24 21.96 -13.60 -18.30
C ILE E 24 21.67 -13.35 -19.80
N SER E 25 21.00 -12.22 -20.10
CA SER E 25 20.61 -11.88 -21.47
C SER E 25 21.83 -11.61 -22.36
N LYS E 26 21.65 -11.76 -23.70
CA LYS E 26 22.71 -11.46 -24.67
C LYS E 26 23.03 -9.95 -24.58
N GLU E 27 21.98 -9.12 -24.36
CA GLU E 27 22.04 -7.68 -24.29
C GLU E 27 22.98 -7.20 -23.17
N ILE E 28 22.89 -7.84 -21.99
CA ILE E 28 23.81 -7.57 -20.90
C ILE E 28 25.24 -8.00 -21.30
N ASN E 29 25.45 -9.27 -21.71
CA ASN E 29 26.76 -9.82 -22.08
C ASN E 29 27.49 -8.98 -23.12
N ASP E 30 26.77 -8.57 -24.18
CA ASP E 30 27.34 -7.76 -25.26
C ASP E 30 27.93 -6.45 -24.71
N LEU E 31 27.18 -5.76 -23.84
CA LEU E 31 27.65 -4.48 -23.26
C LEU E 31 28.70 -4.75 -22.19
N HIS E 32 28.48 -5.79 -21.39
CA HIS E 32 29.36 -6.17 -20.30
C HIS E 32 30.80 -6.43 -20.77
N ILE E 33 30.94 -7.21 -21.84
CA ILE E 33 32.25 -7.57 -22.40
C ILE E 33 32.80 -6.49 -23.33
N ASN E 34 31.99 -6.09 -24.32
CA ASN E 34 32.37 -5.17 -25.36
C ASN E 34 32.42 -3.71 -25.01
N LYS E 35 31.81 -3.31 -23.89
CA LYS E 35 31.89 -1.89 -23.48
C LYS E 35 32.56 -1.75 -22.12
N HIS E 36 32.03 -2.41 -21.06
CA HIS E 36 32.57 -2.33 -19.70
C HIS E 36 33.99 -2.92 -19.54
N HIS E 37 34.22 -4.16 -19.99
CA HIS E 37 35.53 -4.80 -19.87
C HIS E 37 36.54 -4.10 -20.80
N VAL E 38 36.09 -3.65 -21.98
CA VAL E 38 36.95 -2.92 -22.94
C VAL E 38 37.44 -1.63 -22.27
N ALA E 39 36.55 -0.94 -21.51
CA ALA E 39 36.90 0.30 -20.78
C ALA E 39 38.00 0.05 -19.73
N TYR E 40 38.02 -1.15 -19.09
CA TYR E 40 39.06 -1.51 -18.13
C TYR E 40 40.39 -1.84 -18.83
N VAL E 41 40.31 -2.43 -20.02
CA VAL E 41 41.48 -2.74 -20.83
C VAL E 41 42.15 -1.42 -21.24
N ASN E 42 41.34 -0.46 -21.74
CA ASN E 42 41.87 0.84 -22.17
C ASN E 42 42.37 1.70 -21.03
N GLY E 43 41.62 1.66 -19.93
CA GLY E 43 41.95 2.39 -18.73
C GLY E 43 43.26 1.95 -18.12
N TYR E 44 43.51 0.62 -18.06
CA TYR E 44 44.74 0.07 -17.51
C TYR E 44 45.94 0.47 -18.35
N ASN E 45 45.82 0.31 -19.68
CA ASN E 45 46.89 0.62 -20.62
C ASN E 45 47.25 2.11 -20.61
N ALA E 46 46.26 2.98 -20.39
CA ALA E 46 46.46 4.43 -20.34
C ALA E 46 47.08 4.84 -19.01
N ALA E 47 46.72 4.14 -17.91
CA ALA E 47 47.28 4.44 -16.58
C ALA E 47 48.74 4.02 -16.53
N ILE E 48 49.09 2.86 -17.11
CA ILE E 48 50.47 2.36 -17.15
C ILE E 48 51.39 3.31 -17.95
N ASP E 49 50.89 3.83 -19.08
CA ASP E 49 51.65 4.79 -19.89
C ASP E 49 51.91 6.11 -19.12
N ALA E 50 50.91 6.61 -18.39
CA ALA E 50 51.02 7.85 -17.62
C ALA E 50 51.92 7.63 -16.40
N LEU E 51 51.85 6.42 -15.81
CA LEU E 51 52.63 6.04 -14.63
C LEU E 51 54.13 6.03 -14.94
N GLU E 52 54.53 5.42 -16.07
CA GLU E 52 55.93 5.34 -16.47
C GLU E 52 56.53 6.72 -16.78
N LYS E 53 55.70 7.64 -17.32
CA LYS E 53 56.08 9.02 -17.64
C LYS E 53 56.36 9.77 -16.34
N ALA E 54 55.43 9.67 -15.36
CA ALA E 54 55.55 10.32 -14.06
C ALA E 54 56.68 9.73 -13.19
N VAL E 55 56.87 8.39 -13.20
CA VAL E 55 57.93 7.67 -12.46
C VAL E 55 59.31 8.15 -12.91
N GLY E 56 59.49 8.25 -14.23
CA GLY E 56 60.72 8.69 -14.88
C GLY E 56 61.16 10.09 -14.49
N LYS E 57 60.20 10.99 -14.24
CA LYS E 57 60.53 12.37 -13.84
C LYS E 57 60.39 12.63 -12.35
N ARG E 58 60.23 11.54 -11.57
CA ARG E 58 60.05 11.57 -10.11
C ARG E 58 58.92 12.53 -9.71
N ASP E 59 57.84 12.56 -10.51
CA ASP E 59 56.68 13.42 -10.26
C ASP E 59 55.74 12.62 -9.37
N LEU E 60 56.11 12.52 -8.07
CA LEU E 60 55.39 11.72 -7.08
C LEU E 60 53.96 12.08 -6.84
N LYS E 61 53.59 13.37 -7.03
CA LYS E 61 52.20 13.84 -6.95
C LYS E 61 51.34 13.10 -7.99
N SER E 62 51.83 13.03 -9.25
CA SER E 62 51.19 12.32 -10.36
C SER E 62 51.23 10.80 -10.15
N VAL E 63 52.41 10.25 -9.74
CA VAL E 63 52.60 8.82 -9.48
C VAL E 63 51.56 8.32 -8.48
N VAL E 64 51.44 9.04 -7.34
CA VAL E 64 50.51 8.74 -6.26
C VAL E 64 49.06 8.80 -6.77
N GLU E 65 48.72 9.84 -7.57
CA GLU E 65 47.42 10.03 -8.19
C GLU E 65 47.06 8.88 -9.15
N ILE E 66 48.03 8.44 -10.00
CA ILE E 66 47.81 7.39 -11.00
C ILE E 66 47.49 6.00 -10.41
N GLN E 67 48.06 5.68 -9.24
CA GLN E 67 47.88 4.40 -8.52
C GLN E 67 46.46 3.90 -8.42
N GLN E 68 45.52 4.81 -8.15
CA GLN E 68 44.10 4.47 -8.02
C GLN E 68 43.48 3.96 -9.33
N ASN E 69 43.97 4.47 -10.47
CA ASN E 69 43.49 4.09 -11.81
C ASN E 69 44.06 2.75 -12.21
N ILE E 70 45.28 2.46 -11.75
CA ILE E 70 45.95 1.19 -12.00
C ILE E 70 45.19 0.10 -11.23
N LYS E 71 44.88 0.39 -9.95
CA LYS E 71 44.13 -0.47 -9.05
C LYS E 71 42.75 -0.75 -9.64
N PHE E 72 42.03 0.30 -10.05
CA PHE E 72 40.66 0.19 -10.57
C PHE E 72 40.56 -0.56 -11.88
N HIS E 73 41.31 -0.14 -12.90
CA HIS E 73 41.27 -0.77 -14.21
C HIS E 73 41.92 -2.15 -14.23
N GLY E 74 43.05 -2.30 -13.54
CA GLY E 74 43.76 -3.56 -13.38
C GLY E 74 42.88 -4.60 -12.69
N GLY E 75 42.17 -4.16 -11.65
CA GLY E 75 41.22 -5.00 -10.93
C GLY E 75 40.00 -5.34 -11.79
N GLY E 76 39.54 -4.37 -12.60
CA GLY E 76 38.40 -4.56 -13.48
C GLY E 76 38.68 -5.63 -14.52
N HIS E 77 39.90 -5.62 -15.09
CA HIS E 77 40.32 -6.60 -16.09
C HIS E 77 40.44 -7.97 -15.44
N THR E 78 41.10 -8.04 -14.26
CA THR E 78 41.27 -9.29 -13.55
C THR E 78 39.93 -9.89 -13.18
N ASN E 79 39.03 -9.09 -12.56
CA ASN E 79 37.72 -9.60 -12.12
C ASN E 79 36.80 -10.08 -13.25
N HIS E 80 36.68 -9.29 -14.33
CA HIS E 80 35.84 -9.68 -15.47
C HIS E 80 36.39 -10.94 -16.17
N SER E 81 37.74 -11.06 -16.30
CA SER E 81 38.37 -12.25 -16.88
C SER E 81 38.08 -13.50 -16.06
N LEU E 82 38.12 -13.38 -14.74
CA LEU E 82 37.77 -14.49 -13.83
C LEU E 82 36.30 -14.88 -14.04
N PHE E 83 35.43 -13.87 -14.14
CA PHE E 83 33.98 -14.00 -14.30
C PHE E 83 33.58 -14.76 -15.59
N TRP E 84 34.14 -14.37 -16.76
CA TRP E 84 33.78 -15.07 -18.02
C TRP E 84 34.20 -16.53 -17.98
N LYS E 85 35.35 -16.83 -17.33
CA LYS E 85 35.91 -18.19 -17.18
C LYS E 85 35.12 -19.04 -16.21
N ASN E 86 34.40 -18.42 -15.25
CA ASN E 86 33.56 -19.20 -14.33
C ASN E 86 32.06 -19.11 -14.62
N LEU E 87 31.74 -18.78 -15.88
CA LEU E 87 30.40 -18.79 -16.46
C LEU E 87 30.44 -19.83 -17.60
N ALA E 88 29.41 -20.66 -17.70
CA ALA E 88 29.31 -21.64 -18.78
C ALA E 88 27.85 -21.90 -19.16
N PRO E 89 27.53 -22.02 -20.46
CA PRO E 89 26.15 -22.39 -20.83
C PRO E 89 25.76 -23.74 -20.19
N VAL E 90 24.44 -23.97 -20.01
CA VAL E 90 23.94 -25.23 -19.41
C VAL E 90 24.45 -26.46 -20.20
N SER E 91 24.50 -26.34 -21.54
CA SER E 91 25.00 -27.39 -22.45
C SER E 91 26.48 -27.73 -22.27
N LYS E 92 27.27 -26.82 -21.66
CA LYS E 92 28.69 -27.02 -21.41
C LYS E 92 29.04 -27.18 -19.91
N GLY E 93 28.10 -27.73 -19.14
CA GLY E 93 28.29 -27.98 -17.70
C GLY E 93 28.01 -26.82 -16.76
N GLY E 94 27.42 -25.72 -17.26
CA GLY E 94 27.03 -24.61 -16.41
C GLY E 94 25.97 -25.06 -15.42
N GLY E 95 26.17 -24.74 -14.14
CA GLY E 95 25.27 -25.16 -13.07
C GLY E 95 25.56 -26.55 -12.52
N LYS E 96 26.43 -27.33 -13.18
CA LYS E 96 26.73 -28.68 -12.72
C LYS E 96 27.72 -28.61 -11.58
N HIS E 97 27.25 -29.06 -10.42
CA HIS E 97 28.00 -29.04 -9.16
C HIS E 97 29.39 -29.71 -9.22
N PRO E 98 30.34 -29.28 -8.36
CA PRO E 98 31.67 -29.90 -8.45
C PRO E 98 31.66 -31.35 -7.95
N ASP E 99 32.54 -32.16 -8.54
CA ASP E 99 32.69 -33.57 -8.19
C ASP E 99 33.17 -33.60 -6.73
N THR E 100 32.43 -34.29 -5.84
CA THR E 100 32.75 -34.38 -4.41
C THR E 100 34.08 -35.08 -4.09
N SER E 101 34.64 -35.80 -5.08
CA SER E 101 35.95 -36.50 -4.97
C SER E 101 37.12 -35.58 -5.40
N SER E 102 36.85 -34.47 -6.12
CA SER E 102 37.88 -33.49 -6.49
C SER E 102 38.40 -32.76 -5.23
N ALA E 103 39.59 -32.16 -5.29
CA ALA E 103 40.15 -31.41 -4.16
C ALA E 103 39.18 -30.34 -3.64
N LEU E 104 38.55 -29.58 -4.57
CA LEU E 104 37.56 -28.55 -4.24
C LEU E 104 36.28 -29.14 -3.66
N GLY E 105 35.74 -30.18 -4.31
CA GLY E 105 34.54 -30.87 -3.86
C GLY E 105 34.70 -31.46 -2.47
N LYS E 106 35.88 -32.06 -2.20
CA LYS E 106 36.22 -32.64 -0.89
C LYS E 106 36.20 -31.52 0.18
N GLN E 107 36.81 -30.36 -0.13
CA GLN E 107 36.87 -29.19 0.77
C GLN E 107 35.49 -28.61 1.09
N ILE E 108 34.62 -28.49 0.06
CA ILE E 108 33.25 -27.97 0.22
C ILE E 108 32.49 -28.87 1.18
N VAL E 109 32.56 -30.20 0.96
CA VAL E 109 31.88 -31.14 1.84
C VAL E 109 32.43 -31.06 3.28
N ALA E 110 33.76 -31.02 3.43
CA ALA E 110 34.42 -30.92 4.74
C ALA E 110 33.98 -29.68 5.53
N GLN E 111 33.98 -28.52 4.86
CA GLN E 111 33.68 -27.22 5.47
C GLN E 111 32.22 -26.75 5.55
N TYR E 112 31.40 -26.96 4.49
CA TYR E 112 30.03 -26.48 4.40
C TYR E 112 28.98 -27.58 4.40
N GLY E 113 29.41 -28.81 4.19
CA GLY E 113 28.52 -29.98 4.12
C GLY E 113 28.04 -30.25 2.72
N SER E 114 27.71 -29.18 1.97
CA SER E 114 27.20 -29.23 0.61
C SER E 114 27.47 -27.94 -0.15
N VAL E 115 27.46 -28.02 -1.50
CA VAL E 115 27.62 -26.89 -2.43
C VAL E 115 26.41 -25.95 -2.25
N SER E 116 25.23 -26.53 -1.98
CA SER E 116 23.96 -25.88 -1.69
C SER E 116 24.08 -24.90 -0.52
N ASN E 117 24.72 -25.35 0.59
CA ASN E 117 24.93 -24.50 1.76
CA ASN E 117 24.94 -24.52 1.77
C ASN E 117 25.95 -23.41 1.45
N LEU E 118 27.00 -23.72 0.65
CA LEU E 118 27.99 -22.72 0.26
C LEU E 118 27.31 -21.61 -0.61
N ILE E 119 26.39 -22.02 -1.50
CA ILE E 119 25.61 -21.11 -2.37
C ILE E 119 24.74 -20.18 -1.50
N ASP E 120 24.10 -20.73 -0.43
CA ASP E 120 23.29 -19.93 0.49
C ASP E 120 24.13 -18.86 1.19
N ILE E 121 25.32 -19.25 1.66
CA ILE E 121 26.30 -18.36 2.31
C ILE E 121 26.75 -17.26 1.30
N THR E 122 27.09 -17.68 0.08
CA THR E 122 27.54 -16.73 -0.94
C THR E 122 26.45 -15.73 -1.29
N ASN E 123 25.20 -16.21 -1.48
CA ASN E 123 24.04 -15.38 -1.79
C ASN E 123 23.73 -14.39 -0.67
N SER E 124 24.00 -14.79 0.60
CA SER E 124 23.85 -13.92 1.77
C SER E 124 24.89 -12.78 1.73
N LYS E 125 26.14 -13.11 1.37
CA LYS E 125 27.23 -12.13 1.23
C LYS E 125 26.95 -11.18 0.07
N LEU E 126 26.43 -11.73 -1.07
CA LEU E 126 26.09 -10.94 -2.26
C LEU E 126 25.03 -9.88 -1.94
N ALA E 127 23.97 -10.29 -1.21
CA ALA E 127 22.85 -9.43 -0.78
C ALA E 127 23.32 -8.26 0.08
N GLY E 128 24.31 -8.50 0.93
CA GLY E 128 24.86 -7.47 1.81
C GLY E 128 25.78 -6.44 1.16
N ILE E 129 26.22 -6.65 -0.12
CA ILE E 129 27.07 -5.67 -0.81
C ILE E 129 26.29 -4.34 -1.02
N GLN E 130 26.89 -3.24 -0.55
CA GLN E 130 26.33 -1.89 -0.66
C GLN E 130 27.06 -1.15 -1.73
N GLY E 131 26.32 -0.71 -2.74
CA GLY E 131 26.91 -0.07 -3.91
C GLY E 131 27.42 -1.09 -4.90
N SER E 132 28.57 -0.78 -5.52
CA SER E 132 29.18 -1.66 -6.53
C SER E 132 30.19 -2.63 -5.89
N GLY E 133 30.18 -3.89 -6.32
CA GLY E 133 31.13 -4.84 -5.76
C GLY E 133 31.11 -6.23 -6.34
N TRP E 134 31.86 -7.13 -5.69
CA TRP E 134 32.00 -8.54 -6.09
C TRP E 134 31.99 -9.46 -4.87
N ALA E 135 31.58 -10.72 -5.05
CA ALA E 135 31.72 -11.76 -4.04
C ALA E 135 32.65 -12.81 -4.63
N PHE E 136 33.55 -13.36 -3.80
CA PHE E 136 34.49 -14.41 -4.18
C PHE E 136 34.47 -15.54 -3.19
N ILE E 137 34.55 -16.74 -3.71
CA ILE E 137 34.79 -17.98 -3.00
C ILE E 137 36.31 -18.06 -3.18
N VAL E 138 37.06 -18.10 -2.08
CA VAL E 138 38.51 -18.06 -2.10
C VAL E 138 39.11 -19.26 -1.40
N LYS E 139 40.33 -19.63 -1.79
CA LYS E 139 41.12 -20.68 -1.15
C LYS E 139 42.29 -19.99 -0.47
N ASN E 140 42.50 -20.28 0.82
CA ASN E 140 43.60 -19.69 1.55
C ASN E 140 44.72 -20.75 1.61
N LYS E 141 45.84 -20.51 0.91
CA LYS E 141 46.95 -21.46 0.83
C LYS E 141 47.75 -21.64 2.14
N GLN E 142 47.61 -20.73 3.12
CA GLN E 142 48.39 -20.78 4.36
C GLN E 142 47.81 -21.58 5.53
N ASN E 143 46.47 -21.60 5.66
CA ASN E 143 45.72 -22.23 6.74
C ASN E 143 45.11 -23.60 6.35
N GLY E 144 45.78 -24.33 5.46
CA GLY E 144 45.38 -25.65 5.00
C GLY E 144 44.46 -25.73 3.78
N GLY E 145 44.42 -24.66 2.98
CA GLY E 145 43.58 -24.63 1.78
C GLY E 145 42.12 -24.41 2.11
N ALA E 146 41.84 -23.75 3.24
CA ALA E 146 40.48 -23.45 3.70
C ALA E 146 39.80 -22.45 2.80
N LEU E 147 38.54 -22.74 2.52
CA LEU E 147 37.68 -21.90 1.73
C LEU E 147 37.01 -20.88 2.63
N ASP E 148 36.69 -19.73 2.03
CA ASP E 148 35.96 -18.65 2.66
C ASP E 148 35.24 -17.85 1.58
N VAL E 149 34.23 -17.09 1.96
CA VAL E 149 33.47 -16.21 1.07
C VAL E 149 33.76 -14.79 1.53
N VAL E 150 34.25 -13.95 0.59
CA VAL E 150 34.61 -12.55 0.84
C VAL E 150 33.93 -11.65 -0.22
N THR E 151 33.79 -10.37 0.07
CA THR E 151 33.28 -9.39 -0.88
C THR E 151 34.34 -8.31 -1.03
N THR E 152 34.31 -7.61 -2.17
CA THR E 152 35.20 -6.49 -2.45
C THR E 152 34.29 -5.37 -2.96
N ALA E 153 34.75 -4.10 -2.82
CA ALA E 153 33.98 -2.95 -3.30
C ALA E 153 34.55 -2.57 -4.67
N ASN E 154 33.68 -2.07 -5.58
CA ASN E 154 34.07 -1.59 -6.90
C ASN E 154 34.92 -2.62 -7.64
N GLN E 155 36.15 -2.27 -8.07
CA GLN E 155 37.06 -3.21 -8.77
C GLN E 155 38.20 -3.76 -7.92
N ASP E 156 38.04 -3.73 -6.60
CA ASP E 156 39.04 -4.35 -5.72
C ASP E 156 38.91 -5.87 -5.97
N THR E 157 40.02 -6.58 -5.84
CA THR E 157 40.09 -8.00 -6.17
C THR E 157 40.84 -8.79 -5.10
N ILE E 158 40.99 -10.09 -5.33
CA ILE E 158 41.77 -10.96 -4.47
C ILE E 158 43.22 -10.80 -4.95
N SER E 159 43.97 -9.90 -4.32
CA SER E 159 45.34 -9.62 -4.74
C SER E 159 46.39 -10.19 -3.78
N ALA E 160 45.95 -10.60 -2.57
CA ALA E 160 46.85 -11.19 -1.58
C ALA E 160 47.52 -12.45 -2.18
N PRO E 161 48.88 -12.55 -2.12
CA PRO E 161 49.57 -13.72 -2.73
C PRO E 161 49.17 -15.10 -2.17
N HIS E 162 48.83 -15.18 -0.86
CA HIS E 162 48.41 -16.43 -0.22
C HIS E 162 46.93 -16.82 -0.54
N LEU E 163 46.17 -15.94 -1.21
CA LEU E 163 44.75 -16.21 -1.52
C LEU E 163 44.49 -16.45 -3.01
N VAL E 164 43.60 -17.42 -3.32
CA VAL E 164 43.26 -17.81 -4.70
C VAL E 164 41.76 -17.61 -4.97
N PRO E 165 41.35 -16.76 -5.96
CA PRO E 165 39.92 -16.67 -6.25
C PRO E 165 39.48 -17.95 -6.98
N ILE E 166 38.41 -18.55 -6.45
CA ILE E 166 37.85 -19.81 -6.96
C ILE E 166 36.65 -19.51 -7.86
N ILE E 167 35.69 -18.72 -7.32
CA ILE E 167 34.49 -18.24 -8.02
C ILE E 167 34.41 -16.71 -7.86
N ALA E 168 34.15 -15.99 -8.99
CA ALA E 168 33.96 -14.55 -8.97
C ALA E 168 32.54 -14.26 -9.45
N ILE E 169 31.78 -13.45 -8.68
CA ILE E 169 30.40 -13.04 -9.00
C ILE E 169 30.30 -11.52 -9.00
N ASP E 170 29.97 -10.95 -10.17
CA ASP E 170 29.80 -9.51 -10.35
C ASP E 170 28.46 -9.02 -9.79
N ALA E 171 28.51 -8.08 -8.82
CA ALA E 171 27.33 -7.49 -8.21
C ALA E 171 27.10 -6.02 -8.62
N TRP E 172 27.87 -5.52 -9.59
CA TRP E 172 27.65 -4.15 -10.12
C TRP E 172 26.26 -4.12 -10.78
N GLU E 173 25.57 -2.96 -10.73
CA GLU E 173 24.23 -2.83 -11.32
C GLU E 173 24.22 -3.13 -12.83
N HIS E 174 25.28 -2.76 -13.55
CA HIS E 174 25.40 -3.04 -15.00
C HIS E 174 25.37 -4.55 -15.32
N ALA E 175 25.76 -5.43 -14.36
CA ALA E 175 25.79 -6.89 -14.54
C ALA E 175 24.39 -7.52 -14.60
N TYR E 176 23.36 -6.81 -14.12
CA TYR E 176 22.00 -7.37 -14.09
C TYR E 176 20.84 -6.42 -14.44
N TYR E 177 21.05 -5.10 -14.36
CA TYR E 177 19.98 -4.10 -14.46
C TYR E 177 19.04 -4.15 -15.68
N LEU E 178 19.58 -4.38 -16.91
CA LEU E 178 18.72 -4.42 -18.11
C LEU E 178 17.68 -5.53 -18.06
N GLN E 179 18.01 -6.69 -17.43
CA GLN E 179 17.11 -7.84 -17.33
C GLN E 179 16.31 -7.85 -16.01
N TYR E 180 16.98 -7.64 -14.88
CA TYR E 180 16.34 -7.73 -13.56
C TYR E 180 15.90 -6.42 -12.90
N GLN E 181 16.36 -5.24 -13.44
CA GLN E 181 16.11 -3.90 -12.86
C GLN E 181 16.62 -3.90 -11.41
N ASN E 182 15.85 -3.37 -10.44
CA ASN E 182 16.22 -3.28 -9.01
C ASN E 182 16.24 -4.64 -8.28
N VAL E 183 15.56 -5.67 -8.85
CA VAL E 183 15.43 -6.99 -8.22
C VAL E 183 16.74 -7.81 -8.32
N ARG E 184 17.79 -7.27 -7.66
CA ARG E 184 19.13 -7.83 -7.53
C ARG E 184 19.11 -9.25 -6.91
N PRO E 185 18.25 -9.64 -5.92
CA PRO E 185 18.27 -11.03 -5.43
C PRO E 185 17.84 -12.08 -6.47
N ASP E 186 17.00 -11.70 -7.47
CA ASP E 186 16.61 -12.62 -8.54
C ASP E 186 17.80 -12.96 -9.43
N TYR E 187 18.74 -12.02 -9.56
CA TYR E 187 19.97 -12.21 -10.35
C TYR E 187 20.91 -13.15 -9.60
N PHE E 188 21.12 -12.91 -8.29
CA PHE E 188 21.98 -13.76 -7.45
C PHE E 188 21.53 -15.22 -7.48
N LYS E 189 20.22 -15.47 -7.39
CA LYS E 189 19.66 -16.81 -7.46
C LYS E 189 19.92 -17.44 -8.84
N ALA E 190 19.60 -16.70 -9.92
CA ALA E 190 19.70 -17.17 -11.30
C ALA E 190 21.09 -17.50 -11.80
N ILE E 191 22.12 -16.75 -11.37
CA ILE E 191 23.49 -16.95 -11.84
C ILE E 191 24.08 -18.34 -11.59
N TRP E 192 23.70 -19.00 -10.50
CA TRP E 192 24.23 -20.33 -10.17
C TRP E 192 23.99 -21.37 -11.25
N ASN E 193 22.85 -21.24 -11.96
CA ASN E 193 22.44 -22.11 -13.07
C ASN E 193 23.43 -22.10 -14.23
N VAL E 194 24.32 -21.08 -14.29
CA VAL E 194 25.35 -20.96 -15.33
C VAL E 194 26.79 -20.88 -14.78
N ILE E 195 26.97 -21.18 -13.48
CA ILE E 195 28.29 -21.17 -12.88
C ILE E 195 29.08 -22.41 -13.32
N ASN E 196 30.32 -22.18 -13.77
CA ASN E 196 31.26 -23.20 -14.22
C ASN E 196 32.11 -23.72 -13.05
N TRP E 197 31.65 -24.79 -12.39
CA TRP E 197 32.37 -25.41 -11.28
C TRP E 197 33.62 -26.18 -11.72
N ALA E 198 33.69 -26.61 -12.99
CA ALA E 198 34.88 -27.29 -13.50
C ALA E 198 36.06 -26.31 -13.46
N GLU E 199 35.86 -25.03 -13.88
CA GLU E 199 36.88 -23.99 -13.75
C GLU E 199 37.25 -23.77 -12.28
N ALA E 200 36.25 -23.78 -11.38
CA ALA E 200 36.49 -23.61 -9.94
C ALA E 200 37.38 -24.76 -9.39
N GLU E 201 37.14 -26.00 -9.81
CA GLU E 201 37.92 -27.18 -9.41
C GLU E 201 39.36 -27.02 -9.86
N SER E 202 39.54 -26.57 -11.10
CA SER E 202 40.84 -26.36 -11.72
C SER E 202 41.64 -25.27 -10.95
N ARG E 203 41.00 -24.12 -10.65
CA ARG E 203 41.63 -23.02 -9.91
C ARG E 203 42.10 -23.46 -8.52
N TYR E 204 41.30 -24.30 -7.85
CA TYR E 204 41.60 -24.86 -6.53
C TYR E 204 42.86 -25.75 -6.54
N SER E 205 43.00 -26.58 -7.60
CA SER E 205 44.09 -27.55 -7.77
C SER E 205 45.34 -27.04 -8.46
N ALA E 206 45.26 -25.90 -9.17
CA ALA E 206 46.39 -25.28 -9.90
C ALA E 206 47.60 -24.97 -9.03
N ILE F 2 64.87 -0.69 -11.68
CA ILE F 2 64.81 0.72 -11.30
C ILE F 2 66.08 1.48 -11.68
N THR F 3 65.91 2.61 -12.38
CA THR F 3 67.01 3.49 -12.80
C THR F 3 67.31 4.55 -11.74
N GLU F 4 68.49 5.15 -11.87
CA GLU F 4 69.00 6.22 -11.04
C GLU F 4 68.07 7.44 -11.07
N ASN F 5 67.54 7.79 -12.24
CA ASN F 5 66.62 8.91 -12.43
C ASN F 5 65.25 8.70 -11.77
N GLU F 6 64.90 7.45 -11.43
CA GLU F 6 63.62 7.06 -10.82
C GLU F 6 63.65 7.00 -9.30
N LYS F 7 64.85 6.80 -8.71
CA LYS F 7 64.96 6.67 -7.27
C LYS F 7 64.99 7.97 -6.49
N ILE F 8 64.16 8.04 -5.44
CA ILE F 8 64.08 9.20 -4.57
C ILE F 8 65.13 9.13 -3.45
N SER F 9 65.38 10.26 -2.80
CA SER F 9 66.30 10.30 -1.68
C SER F 9 65.78 11.22 -0.58
N LEU F 10 66.26 11.02 0.65
CA LEU F 10 65.89 11.83 1.80
C LEU F 10 66.38 13.25 1.54
N PRO F 11 65.49 14.26 1.62
CA PRO F 11 65.95 15.65 1.37
C PRO F 11 66.80 16.17 2.51
N LYS F 12 67.63 17.18 2.23
CA LYS F 12 68.45 17.83 3.25
C LYS F 12 67.48 18.77 3.95
N ILE F 13 67.62 18.95 5.27
CA ILE F 13 66.71 19.86 5.98
C ILE F 13 67.47 21.13 6.39
N ASP F 14 66.81 22.30 6.22
CA ASP F 14 67.34 23.64 6.45
C ASP F 14 67.49 24.07 7.92
N TRP F 15 67.09 23.21 8.86
CA TRP F 15 67.19 23.46 10.30
C TRP F 15 67.81 22.24 11.00
N ALA F 16 68.47 22.47 12.15
CA ALA F 16 69.10 21.42 12.96
C ALA F 16 68.03 20.64 13.75
N LEU F 17 68.39 19.44 14.27
CA LEU F 17 67.43 18.59 15.02
C LEU F 17 66.79 19.24 16.25
N ASP F 18 67.56 20.02 17.00
CA ASP F 18 67.06 20.69 18.20
C ASP F 18 66.50 22.10 17.95
N ALA F 19 66.52 22.56 16.68
CA ALA F 19 66.09 23.93 16.34
C ALA F 19 64.63 24.30 16.55
N LEU F 20 63.72 23.31 16.67
CA LEU F 20 62.27 23.50 16.86
C LEU F 20 61.85 23.43 18.33
N GLU F 21 62.82 23.22 19.22
CA GLU F 21 62.57 23.12 20.65
C GLU F 21 62.15 24.49 21.21
N PRO F 22 61.25 24.58 22.21
CA PRO F 22 60.63 23.49 23.00
C PRO F 22 59.33 22.91 22.43
N TYR F 23 58.95 23.30 21.22
CA TYR F 23 57.68 22.87 20.63
C TYR F 23 57.71 21.45 20.09
N ILE F 24 58.81 21.07 19.39
CA ILE F 24 59.06 19.72 18.87
C ILE F 24 60.48 19.35 19.30
N SER F 25 60.61 18.23 20.04
CA SER F 25 61.89 17.79 20.58
C SER F 25 62.86 17.30 19.50
N LYS F 26 64.17 17.35 19.80
CA LYS F 26 65.26 16.86 18.97
C LYS F 26 65.11 15.34 18.82
N GLU F 27 64.70 14.69 19.92
CA GLU F 27 64.44 13.25 19.97
C GLU F 27 63.43 12.83 18.91
N ILE F 28 62.28 13.55 18.83
CA ILE F 28 61.23 13.31 17.83
C ILE F 28 61.75 13.57 16.41
N ASN F 29 62.40 14.72 16.18
CA ASN F 29 62.96 15.09 14.88
C ASN F 29 64.02 14.10 14.35
N ASP F 30 64.89 13.56 15.24
CA ASP F 30 65.91 12.59 14.80
C ASP F 30 65.25 11.33 14.26
N LEU F 31 64.27 10.82 14.99
CA LEU F 31 63.52 9.61 14.65
C LEU F 31 62.61 9.82 13.44
N HIS F 32 61.88 10.93 13.43
CA HIS F 32 60.93 11.32 12.39
C HIS F 32 61.60 11.44 11.03
N ILE F 33 62.81 12.04 10.99
CA ILE F 33 63.60 12.24 9.76
C ILE F 33 64.37 10.98 9.38
N ASN F 34 65.28 10.56 10.26
CA ASN F 34 66.26 9.49 10.05
C ASN F 34 65.80 8.03 10.19
N LYS F 35 64.57 7.81 10.73
CA LYS F 35 63.96 6.48 10.80
C LYS F 35 62.66 6.48 9.97
N HIS F 36 61.67 7.32 10.35
CA HIS F 36 60.38 7.40 9.66
C HIS F 36 60.43 7.79 8.19
N HIS F 37 60.99 8.96 7.86
CA HIS F 37 61.06 9.39 6.46
C HIS F 37 61.96 8.44 5.64
N VAL F 38 63.07 7.97 6.26
CA VAL F 38 64.01 7.00 5.64
C VAL F 38 63.27 5.71 5.17
N ALA F 39 62.32 5.20 5.97
CA ALA F 39 61.50 4.02 5.66
C ALA F 39 60.61 4.26 4.41
N TYR F 40 60.08 5.48 4.25
CA TYR F 40 59.27 5.87 3.07
C TYR F 40 60.14 6.00 1.82
N VAL F 41 61.38 6.52 1.97
CA VAL F 41 62.35 6.63 0.85
C VAL F 41 62.66 5.22 0.30
N ASN F 42 63.07 4.31 1.20
CA ASN F 42 63.41 2.92 0.86
C ASN F 42 62.21 2.16 0.32
N GLY F 43 61.06 2.33 0.99
CA GLY F 43 59.79 1.73 0.64
C GLY F 43 59.36 2.08 -0.76
N TYR F 44 59.45 3.38 -1.13
CA TYR F 44 59.08 3.81 -2.49
C TYR F 44 60.04 3.20 -3.53
N ASN F 45 61.36 3.24 -3.27
CA ASN F 45 62.37 2.71 -4.20
C ASN F 45 62.22 1.22 -4.46
N ALA F 46 61.79 0.46 -3.44
CA ALA F 46 61.54 -0.97 -3.55
C ALA F 46 60.20 -1.23 -4.26
N ALA F 47 59.16 -0.40 -4.02
CA ALA F 47 57.85 -0.56 -4.64
C ALA F 47 57.89 -0.36 -6.17
N ILE F 48 58.66 0.64 -6.64
CA ILE F 48 58.81 0.96 -8.06
C ILE F 48 59.54 -0.18 -8.76
N ASP F 49 60.63 -0.67 -8.14
CA ASP F 49 61.39 -1.81 -8.65
C ASP F 49 60.50 -3.06 -8.78
N ALA F 50 59.68 -3.35 -7.76
CA ALA F 50 58.76 -4.49 -7.79
C ALA F 50 57.62 -4.28 -8.81
N LEU F 51 57.12 -3.03 -8.95
CA LEU F 51 56.06 -2.65 -9.89
C LEU F 51 56.49 -2.90 -11.34
N GLU F 52 57.71 -2.44 -11.68
CA GLU F 52 58.31 -2.58 -13.00
C GLU F 52 58.42 -4.01 -13.47
N LYS F 53 58.84 -4.91 -12.56
CA LYS F 53 58.94 -6.36 -12.80
C LYS F 53 57.55 -6.97 -13.09
N ALA F 54 56.54 -6.67 -12.24
CA ALA F 54 55.16 -7.15 -12.36
C ALA F 54 54.44 -6.61 -13.61
N VAL F 55 54.57 -5.30 -13.93
CA VAL F 55 53.99 -4.67 -15.12
C VAL F 55 54.52 -5.33 -16.41
N GLY F 56 55.84 -5.54 -16.45
CA GLY F 56 56.56 -6.19 -17.55
C GLY F 56 56.13 -7.62 -17.82
N LYS F 57 55.83 -8.40 -16.77
CA LYS F 57 55.37 -9.77 -16.93
C LYS F 57 53.82 -9.89 -16.95
N ARG F 58 53.12 -8.71 -16.99
CA ARG F 58 51.65 -8.57 -16.98
C ARG F 58 50.98 -9.38 -15.84
N ASP F 59 51.61 -9.37 -14.66
CA ASP F 59 51.11 -10.05 -13.48
C ASP F 59 50.30 -9.00 -12.73
N LEU F 60 49.05 -8.85 -13.16
CA LEU F 60 48.12 -7.85 -12.62
C LEU F 60 47.72 -8.02 -11.16
N LYS F 61 47.73 -9.28 -10.66
CA LYS F 61 47.46 -9.58 -9.25
C LYS F 61 48.52 -8.86 -8.38
N SER F 62 49.81 -8.96 -8.79
CA SER F 62 50.95 -8.34 -8.12
C SER F 62 50.92 -6.82 -8.28
N VAL F 63 50.63 -6.34 -9.52
CA VAL F 63 50.52 -4.92 -9.86
C VAL F 63 49.49 -4.25 -8.91
N VAL F 64 48.29 -4.85 -8.78
CA VAL F 64 47.20 -4.35 -7.94
C VAL F 64 47.62 -4.38 -6.47
N GLU F 65 48.41 -5.40 -6.08
CA GLU F 65 48.94 -5.49 -4.72
C GLU F 65 49.95 -4.35 -4.43
N ILE F 66 50.96 -4.16 -5.32
CA ILE F 66 52.05 -3.17 -5.23
C ILE F 66 51.59 -1.72 -5.25
N GLN F 67 50.49 -1.40 -5.92
CA GLN F 67 50.05 -0.01 -6.00
C GLN F 67 49.81 0.66 -4.62
N GLN F 68 49.44 -0.17 -3.60
CA GLN F 68 49.19 0.27 -2.23
C GLN F 68 50.49 0.76 -1.57
N ASN F 69 51.63 0.13 -1.93
CA ASN F 69 52.96 0.47 -1.41
C ASN F 69 53.51 1.72 -2.07
N ILE F 70 53.16 1.93 -3.35
CA ILE F 70 53.54 3.15 -4.10
C ILE F 70 52.78 4.32 -3.45
N LYS F 71 51.44 4.16 -3.27
CA LYS F 71 50.58 5.16 -2.63
C LYS F 71 51.12 5.54 -1.25
N PHE F 72 51.35 4.53 -0.39
CA PHE F 72 51.81 4.73 0.98
C PHE F 72 53.19 5.36 1.09
N HIS F 73 54.22 4.77 0.46
CA HIS F 73 55.57 5.28 0.55
C HIS F 73 55.82 6.56 -0.23
N GLY F 74 55.26 6.66 -1.45
CA GLY F 74 55.30 7.88 -2.25
C GLY F 74 54.65 9.04 -1.53
N GLY F 75 53.54 8.76 -0.87
CA GLY F 75 52.80 9.73 -0.08
C GLY F 75 53.56 10.13 1.18
N GLY F 76 54.17 9.14 1.82
CA GLY F 76 54.97 9.35 3.01
C GLY F 76 56.10 10.31 2.73
N HIS F 77 56.85 10.05 1.62
CA HIS F 77 57.93 10.92 1.17
C HIS F 77 57.46 12.34 0.86
N THR F 78 56.33 12.47 0.12
CA THR F 78 55.73 13.78 -0.27
C THR F 78 55.26 14.61 0.94
N ASN F 79 54.48 13.96 1.83
CA ASN F 79 53.95 14.60 3.03
C ASN F 79 55.07 15.03 4.00
N HIS F 80 56.08 14.17 4.21
CA HIS F 80 57.20 14.52 5.08
C HIS F 80 58.07 15.66 4.52
N SER F 81 58.29 15.64 3.21
CA SER F 81 59.07 16.67 2.53
C SER F 81 58.38 18.03 2.66
N LEU F 82 57.02 18.06 2.50
CA LEU F 82 56.19 19.26 2.66
C LEU F 82 56.32 19.79 4.08
N PHE F 83 56.20 18.87 5.07
CA PHE F 83 56.30 19.13 6.51
C PHE F 83 57.61 19.83 6.92
N TRP F 84 58.80 19.28 6.57
CA TRP F 84 60.09 19.90 6.94
C TRP F 84 60.25 21.29 6.34
N LYS F 85 59.71 21.50 5.12
CA LYS F 85 59.77 22.80 4.43
C LYS F 85 58.81 23.83 5.03
N ASN F 86 57.69 23.37 5.63
CA ASN F 86 56.75 24.28 6.31
C ASN F 86 56.93 24.38 7.84
N LEU F 87 58.13 24.03 8.31
CA LEU F 87 58.55 24.16 9.70
C LEU F 87 59.82 25.02 9.67
N ALA F 88 60.01 25.88 10.65
CA ALA F 88 61.25 26.68 10.73
C ALA F 88 61.50 27.12 12.16
N PRO F 89 62.77 27.30 12.58
CA PRO F 89 63.02 27.82 13.94
C PRO F 89 62.46 29.23 14.08
N VAL F 90 62.20 29.67 15.33
CA VAL F 90 61.65 31.01 15.56
C VAL F 90 62.63 32.09 15.02
N SER F 91 63.94 31.82 15.14
CA SER F 91 65.04 32.69 14.67
C SER F 91 65.10 32.81 13.13
N LYS F 92 64.43 31.89 12.40
CA LYS F 92 64.41 31.90 10.94
C LYS F 92 62.98 32.13 10.38
N GLY F 93 62.14 32.77 11.20
CA GLY F 93 60.77 33.14 10.84
C GLY F 93 59.64 32.24 11.28
N GLY F 94 59.96 31.13 11.96
CA GLY F 94 58.94 30.19 12.44
C GLY F 94 57.96 30.86 13.37
N GLY F 95 56.68 30.63 13.12
CA GLY F 95 55.59 31.23 13.88
C GLY F 95 55.19 32.63 13.46
N LYS F 96 55.98 33.25 12.56
CA LYS F 96 55.65 34.59 12.07
C LYS F 96 54.53 34.48 11.07
N HIS F 97 53.44 35.21 11.33
CA HIS F 97 52.26 35.17 10.48
C HIS F 97 52.54 35.58 9.04
N PRO F 98 51.78 35.05 8.05
CA PRO F 98 52.07 35.45 6.66
C PRO F 98 51.73 36.92 6.40
N ASP F 99 52.52 37.56 5.54
CA ASP F 99 52.36 38.96 5.12
C ASP F 99 50.94 39.16 4.59
N THR F 100 50.12 40.03 5.23
CA THR F 100 48.72 40.24 4.82
C THR F 100 48.52 40.80 3.40
N SER F 101 49.59 41.35 2.80
CA SER F 101 49.61 41.92 1.44
C SER F 101 50.05 40.87 0.40
N SER F 102 50.53 39.69 0.87
CA SER F 102 50.93 38.62 -0.05
C SER F 102 49.65 38.00 -0.63
N ALA F 103 49.76 37.28 -1.75
CA ALA F 103 48.65 36.58 -2.40
C ALA F 103 47.97 35.65 -1.36
N LEU F 104 48.78 34.88 -0.60
CA LEU F 104 48.24 34.00 0.45
C LEU F 104 47.62 34.82 1.56
N GLY F 105 48.35 35.85 2.05
CA GLY F 105 47.89 36.73 3.14
C GLY F 105 46.56 37.37 2.84
N LYS F 106 46.41 37.91 1.61
CA LYS F 106 45.16 38.52 1.16
C LYS F 106 44.01 37.51 1.17
N GLN F 107 44.29 36.27 0.71
CA GLN F 107 43.27 35.21 0.66
C GLN F 107 42.79 34.78 2.05
N ILE F 108 43.71 34.67 3.03
CA ILE F 108 43.34 34.30 4.41
C ILE F 108 42.41 35.35 5.01
N VAL F 109 42.72 36.66 4.81
CA VAL F 109 41.92 37.76 5.34
C VAL F 109 40.51 37.77 4.75
N ALA F 110 40.41 37.68 3.42
CA ALA F 110 39.13 37.69 2.69
C ALA F 110 38.19 36.55 3.09
N GLN F 111 38.74 35.34 3.22
CA GLN F 111 37.99 34.11 3.56
C GLN F 111 37.81 33.81 5.04
N TYR F 112 38.85 34.06 5.86
CA TYR F 112 38.81 33.71 7.28
C TYR F 112 38.85 34.87 8.25
N GLY F 113 39.15 36.06 7.77
CA GLY F 113 39.25 37.24 8.63
C GLY F 113 40.64 37.41 9.20
N SER F 114 41.19 36.33 9.78
CA SER F 114 42.53 36.32 10.39
C SER F 114 43.16 34.93 10.32
N VAL F 115 44.49 34.86 10.44
CA VAL F 115 45.27 33.63 10.50
C VAL F 115 44.84 32.79 11.73
N SER F 116 44.58 33.44 12.89
CA SER F 116 44.15 32.77 14.13
C SER F 116 42.87 31.96 13.92
N ASN F 117 41.92 32.50 13.11
CA ASN F 117 40.66 31.82 12.82
C ASN F 117 40.89 30.59 11.94
N LEU F 118 41.83 30.68 10.99
CA LEU F 118 42.20 29.57 10.10
C LEU F 118 42.95 28.50 10.92
N ILE F 119 43.78 28.93 11.87
CA ILE F 119 44.51 28.04 12.79
C ILE F 119 43.51 27.25 13.67
N ASP F 120 42.46 27.94 14.20
CA ASP F 120 41.41 27.33 15.03
C ASP F 120 40.66 26.25 14.28
N ILE F 121 40.31 26.51 13.01
CA ILE F 121 39.61 25.58 12.10
C ILE F 121 40.50 24.38 11.84
N THR F 122 41.77 24.63 11.46
CA THR F 122 42.75 23.58 11.22
C THR F 122 42.94 22.71 12.48
N ASN F 123 43.03 23.33 13.67
CA ASN F 123 43.20 22.56 14.92
C ASN F 123 42.01 21.67 15.28
N SER F 124 40.80 22.08 14.85
CA SER F 124 39.55 21.34 15.03
C SER F 124 39.57 20.14 14.07
N LYS F 125 40.02 20.38 12.82
CA LYS F 125 40.16 19.34 11.80
C LYS F 125 41.21 18.32 12.24
N LEU F 126 42.34 18.79 12.82
CA LEU F 126 43.40 17.91 13.33
C LEU F 126 42.86 17.06 14.48
N ALA F 127 42.02 17.64 15.34
CA ALA F 127 41.39 16.97 16.48
C ALA F 127 40.43 15.84 16.07
N GLY F 128 39.73 16.01 14.94
CA GLY F 128 38.76 15.04 14.41
C GLY F 128 39.35 13.83 13.73
N ILE F 129 40.68 13.84 13.43
CA ILE F 129 41.40 12.74 12.76
C ILE F 129 41.37 11.48 13.62
N GLN F 130 40.86 10.38 13.06
CA GLN F 130 40.79 9.07 13.73
C GLN F 130 41.89 8.22 13.17
N GLY F 131 42.82 7.84 14.03
CA GLY F 131 43.96 7.06 13.58
C GLY F 131 45.05 7.92 13.01
N SER F 132 45.85 7.35 12.13
CA SER F 132 46.97 8.04 11.48
C SER F 132 46.48 8.94 10.35
N GLY F 133 47.03 10.14 10.29
CA GLY F 133 46.61 11.07 9.25
C GLY F 133 47.35 12.38 9.24
N TRP F 134 46.87 13.27 8.38
CA TRP F 134 47.43 14.59 8.15
C TRP F 134 46.31 15.60 7.95
N ALA F 135 46.56 16.89 8.26
CA ALA F 135 45.66 17.99 7.88
C ALA F 135 46.45 18.87 6.90
N PHE F 136 45.74 19.47 5.93
CA PHE F 136 46.37 20.34 4.96
C PHE F 136 45.53 21.55 4.73
N ILE F 137 46.19 22.73 4.59
CA ILE F 137 45.53 23.96 4.16
C ILE F 137 45.86 23.89 2.68
N VAL F 138 44.84 23.94 1.82
CA VAL F 138 45.02 23.77 0.39
C VAL F 138 44.50 24.96 -0.40
N LYS F 139 45.06 25.19 -1.61
CA LYS F 139 44.59 26.19 -2.58
C LYS F 139 43.93 25.43 -3.75
N ASN F 140 42.69 25.76 -4.08
CA ASN F 140 42.01 25.16 -5.23
C ASN F 140 42.19 26.11 -6.43
N LYS F 141 42.96 25.69 -7.45
CA LYS F 141 43.26 26.47 -8.64
C LYS F 141 42.05 26.71 -9.57
N GLN F 142 41.02 25.87 -9.47
CA GLN F 142 39.87 25.98 -10.35
C GLN F 142 38.72 26.89 -9.85
N ASN F 143 38.66 27.15 -8.54
CA ASN F 143 37.58 27.97 -8.00
C ASN F 143 38.00 29.39 -7.56
N GLY F 144 39.08 29.89 -8.16
CA GLY F 144 39.59 31.23 -7.90
C GLY F 144 40.66 31.31 -6.82
N GLY F 145 41.31 30.17 -6.56
CA GLY F 145 42.35 30.06 -5.54
C GLY F 145 41.79 30.04 -4.13
N ALA F 146 40.55 29.53 -3.96
CA ALA F 146 39.93 29.46 -2.65
C ALA F 146 40.68 28.48 -1.75
N LEU F 147 40.84 28.88 -0.49
CA LEU F 147 41.53 28.04 0.49
C LEU F 147 40.54 27.16 1.17
N ASP F 148 41.01 25.98 1.61
CA ASP F 148 40.22 25.06 2.41
C ASP F 148 41.13 24.24 3.30
N VAL F 149 40.55 23.61 4.32
CA VAL F 149 41.27 22.73 5.25
C VAL F 149 40.72 21.32 4.96
N VAL F 150 41.65 20.38 4.65
CA VAL F 150 41.33 19.00 4.31
C VAL F 150 42.20 18.03 5.14
N THR F 151 41.66 16.86 5.47
CA THR F 151 42.45 15.85 6.16
C THR F 151 42.59 14.61 5.27
N THR F 152 43.69 13.86 5.46
CA THR F 152 43.90 12.60 4.76
C THR F 152 44.21 11.54 5.79
N ALA F 153 43.98 10.27 5.44
CA ALA F 153 44.25 9.13 6.31
C ALA F 153 45.63 8.59 5.95
N ASN F 154 46.36 8.11 6.96
CA ASN F 154 47.68 7.49 6.76
C ASN F 154 48.68 8.33 6.00
N GLN F 155 49.17 7.85 4.85
CA GLN F 155 50.12 8.59 4.02
C GLN F 155 49.47 9.13 2.74
N ASP F 156 48.13 9.28 2.76
CA ASP F 156 47.42 9.87 1.63
C ASP F 156 47.83 11.36 1.58
N THR F 157 47.86 11.93 0.37
CA THR F 157 48.31 13.29 0.16
C THR F 157 47.34 14.07 -0.74
N ILE F 158 47.69 15.33 -1.02
CA ILE F 158 46.98 16.22 -1.94
C ILE F 158 47.61 15.90 -3.29
N SER F 159 46.96 15.01 -4.03
CA SER F 159 47.48 14.50 -5.29
C SER F 159 46.70 15.00 -6.52
N ALA F 160 45.47 15.52 -6.30
CA ALA F 160 44.61 16.07 -7.34
C ALA F 160 45.32 17.23 -8.04
N PRO F 161 45.43 17.20 -9.40
CA PRO F 161 46.14 18.27 -10.13
C PRO F 161 45.68 19.70 -9.86
N HIS F 162 44.39 19.92 -9.54
CA HIS F 162 43.85 21.28 -9.30
C HIS F 162 44.11 21.82 -7.88
N LEU F 163 44.59 20.95 -6.98
CA LEU F 163 44.82 21.34 -5.59
C LEU F 163 46.30 21.47 -5.28
N VAL F 164 46.65 22.52 -4.51
CA VAL F 164 48.02 22.77 -4.08
C VAL F 164 48.11 22.74 -2.53
N PRO F 165 48.95 21.85 -1.95
CA PRO F 165 49.14 21.87 -0.50
C PRO F 165 49.94 23.12 -0.07
N ILE F 166 49.35 23.90 0.85
CA ILE F 166 49.93 25.16 1.38
C ILE F 166 50.69 24.90 2.67
N ILE F 167 50.01 24.26 3.64
CA ILE F 167 50.58 23.84 4.92
C ILE F 167 50.24 22.36 5.09
N ALA F 168 51.21 21.55 5.54
CA ALA F 168 50.98 20.13 5.88
C ALA F 168 51.32 19.93 7.36
N ILE F 169 50.39 19.33 8.14
CA ILE F 169 50.60 19.05 9.56
C ILE F 169 50.50 17.55 9.79
N ASP F 170 51.56 16.97 10.37
CA ASP F 170 51.56 15.54 10.66
C ASP F 170 50.79 15.25 11.95
N ALA F 171 49.78 14.40 11.86
CA ALA F 171 48.96 14.00 13.02
C ALA F 171 49.19 12.53 13.47
N TRP F 172 50.20 11.83 12.86
CA TRP F 172 50.57 10.45 13.23
C TRP F 172 51.12 10.48 14.65
N GLU F 173 50.80 9.48 15.51
CA GLU F 173 51.30 9.42 16.90
C GLU F 173 52.81 9.57 17.02
N HIS F 174 53.60 9.06 16.04
CA HIS F 174 55.06 9.20 16.07
C HIS F 174 55.55 10.69 15.98
N ALA F 175 54.69 11.63 15.51
CA ALA F 175 55.03 13.03 15.35
C ALA F 175 55.09 13.77 16.70
N TYR F 176 54.33 13.27 17.70
CA TYR F 176 54.25 13.94 18.99
C TYR F 176 54.40 13.09 20.26
N TYR F 177 54.17 11.75 20.16
CA TYR F 177 54.08 10.86 21.32
C TYR F 177 55.15 10.97 22.39
N LEU F 178 56.44 11.00 22.02
CA LEU F 178 57.53 11.09 23.00
C LEU F 178 57.48 12.33 23.86
N GLN F 179 56.97 13.44 23.34
CA GLN F 179 56.89 14.68 24.08
C GLN F 179 55.49 14.91 24.73
N TYR F 180 54.42 14.77 23.95
CA TYR F 180 53.05 15.05 24.39
C TYR F 180 52.23 13.87 24.88
N GLN F 181 52.72 12.64 24.65
CA GLN F 181 52.02 11.39 24.99
C GLN F 181 50.62 11.39 24.32
N ASN F 182 49.55 11.01 25.03
CA ASN F 182 48.18 10.94 24.52
C ASN F 182 47.58 12.31 24.20
N VAL F 183 48.18 13.39 24.74
CA VAL F 183 47.67 14.76 24.61
C VAL F 183 47.92 15.45 23.26
N ARG F 184 47.30 14.85 22.23
CA ARG F 184 47.24 15.25 20.83
C ARG F 184 46.84 16.75 20.64
N PRO F 185 45.80 17.34 21.34
CA PRO F 185 45.53 18.78 21.17
C PRO F 185 46.67 19.72 21.59
N ASP F 186 47.54 19.33 22.55
CA ASP F 186 48.63 20.22 23.00
C ASP F 186 49.68 20.32 21.92
N TYR F 187 49.88 19.22 21.16
CA TYR F 187 50.82 19.17 20.04
C TYR F 187 50.26 20.06 18.91
N PHE F 188 48.95 19.95 18.64
CA PHE F 188 48.33 20.78 17.59
C PHE F 188 48.46 22.29 17.89
N LYS F 189 48.23 22.70 19.15
CA LYS F 189 48.40 24.10 19.57
C LYS F 189 49.84 24.60 19.44
N ALA F 190 50.81 23.80 19.92
CA ALA F 190 52.23 24.16 19.94
C ALA F 190 52.88 24.29 18.58
N ILE F 191 52.47 23.45 17.60
CA ILE F 191 53.11 23.40 16.29
C ILE F 191 53.16 24.74 15.53
N TRP F 192 52.09 25.53 15.62
CA TRP F 192 51.98 26.83 14.94
C TRP F 192 53.09 27.82 15.32
N ASN F 193 53.73 27.62 16.47
CA ASN F 193 54.86 28.44 16.92
C ASN F 193 56.11 28.25 16.03
N VAL F 194 56.19 27.13 15.29
CA VAL F 194 57.32 26.81 14.39
C VAL F 194 56.88 26.62 12.93
N ILE F 195 55.66 27.04 12.58
CA ILE F 195 55.17 26.92 11.20
C ILE F 195 55.83 28.00 10.35
N ASN F 196 56.41 27.59 9.21
CA ASN F 196 57.05 28.49 8.27
C ASN F 196 56.01 29.01 7.22
N TRP F 197 55.36 30.15 7.53
CA TRP F 197 54.37 30.79 6.68
C TRP F 197 54.96 31.46 5.42
N ALA F 198 56.29 31.72 5.40
CA ALA F 198 56.96 32.29 4.22
C ALA F 198 56.94 31.24 3.11
N GLU F 199 57.17 29.95 3.47
CA GLU F 199 57.13 28.83 2.55
C GLU F 199 55.71 28.67 2.00
N ALA F 200 54.70 28.87 2.88
CA ALA F 200 53.27 28.80 2.54
C ALA F 200 52.87 29.85 1.48
N GLU F 201 53.34 31.11 1.62
CA GLU F 201 53.11 32.21 0.67
C GLU F 201 53.69 31.83 -0.71
N SER F 202 54.93 31.31 -0.73
CA SER F 202 55.61 30.90 -1.96
C SER F 202 54.87 29.76 -2.69
N ARG F 203 54.27 28.83 -1.90
CA ARG F 203 53.49 27.71 -2.41
C ARG F 203 52.19 28.19 -3.05
N TYR F 204 51.55 29.19 -2.41
CA TYR F 204 50.30 29.77 -2.94
C TYR F 204 50.54 30.51 -4.27
N SER F 205 51.66 31.25 -4.38
CA SER F 205 51.99 32.05 -5.56
C SER F 205 52.75 31.32 -6.67
N ALA F 206 53.24 30.08 -6.40
CA ALA F 206 53.99 29.23 -7.33
C ALA F 206 53.35 29.08 -8.72
N ILE G 2 20.99 9.71 27.25
CA ILE G 2 21.64 8.42 27.50
C ILE G 2 21.34 7.90 28.91
N THR G 3 20.88 6.64 29.01
CA THR G 3 20.60 6.00 30.30
C THR G 3 21.84 5.24 30.76
N GLU G 4 21.94 4.98 32.07
CA GLU G 4 23.07 4.27 32.69
C GLU G 4 23.24 2.81 32.21
N ASN G 5 22.16 2.16 31.76
CA ASN G 5 22.23 0.78 31.25
C ASN G 5 22.77 0.70 29.81
N GLU G 6 22.87 1.85 29.13
CA GLU G 6 23.37 1.98 27.75
C GLU G 6 24.84 2.37 27.80
N LYS G 7 25.26 2.96 28.93
CA LYS G 7 26.61 3.45 29.21
C LYS G 7 27.63 2.33 29.40
N ILE G 8 28.79 2.42 28.74
CA ILE G 8 29.89 1.47 28.88
C ILE G 8 30.88 1.98 29.93
N SER G 9 31.65 1.07 30.53
CA SER G 9 32.67 1.42 31.52
C SER G 9 34.02 0.83 31.15
N LEU G 10 35.09 1.36 31.76
CA LEU G 10 36.44 0.83 31.58
C LEU G 10 36.45 -0.51 32.33
N PRO G 11 36.90 -1.64 31.73
CA PRO G 11 36.87 -2.91 32.47
C PRO G 11 37.96 -2.97 33.54
N LYS G 12 37.82 -3.90 34.50
CA LYS G 12 38.85 -4.14 35.50
C LYS G 12 39.94 -4.96 34.80
N ILE G 13 41.20 -4.67 35.08
CA ILE G 13 42.30 -5.41 34.46
C ILE G 13 42.76 -6.55 35.40
N ASP G 14 42.92 -7.76 34.86
CA ASP G 14 43.27 -8.97 35.60
C ASP G 14 44.78 -9.17 35.87
N TRP G 15 45.56 -8.09 35.81
CA TRP G 15 47.01 -8.06 36.06
C TRP G 15 47.47 -6.64 36.47
N ALA G 16 48.55 -6.58 37.27
CA ALA G 16 49.19 -5.33 37.71
C ALA G 16 49.72 -4.58 36.48
N LEU G 17 49.79 -3.24 36.52
CA LEU G 17 50.26 -2.45 35.38
C LEU G 17 51.69 -2.75 34.95
N ASP G 18 52.57 -3.13 35.90
CA ASP G 18 53.97 -3.47 35.58
C ASP G 18 54.20 -4.97 35.35
N ALA G 19 53.14 -5.79 35.47
CA ALA G 19 53.23 -7.25 35.35
C ALA G 19 53.63 -7.82 33.99
N LEU G 20 53.56 -7.00 32.92
CA LEU G 20 53.93 -7.45 31.56
C LEU G 20 55.37 -7.12 31.17
N GLU G 21 56.11 -6.44 32.07
CA GLU G 21 57.52 -6.09 31.83
C GLU G 21 58.35 -7.38 31.78
N PRO G 22 59.42 -7.49 30.94
CA PRO G 22 60.05 -6.46 30.09
C PRO G 22 59.46 -6.29 28.69
N TYR G 23 58.34 -6.97 28.41
CA TYR G 23 57.68 -6.98 27.11
C TYR G 23 56.86 -5.73 26.85
N ILE G 24 55.98 -5.35 27.80
CA ILE G 24 55.21 -4.12 27.71
C ILE G 24 55.42 -3.36 29.03
N SER G 25 56.00 -2.16 28.94
CA SER G 25 56.29 -1.34 30.11
C SER G 25 55.04 -0.90 30.87
N LYS G 26 55.19 -0.59 32.17
CA LYS G 26 54.10 -0.07 33.00
C LYS G 26 53.68 1.29 32.41
N GLU G 27 54.65 2.09 31.92
CA GLU G 27 54.44 3.42 31.37
C GLU G 27 53.46 3.41 30.21
N ILE G 28 53.68 2.48 29.26
CA ILE G 28 52.75 2.26 28.16
C ILE G 28 51.36 1.83 28.73
N ASN G 29 51.29 0.76 29.58
CA ASN G 29 50.03 0.24 30.11
C ASN G 29 49.16 1.26 30.82
N ASP G 30 49.78 2.08 31.69
CA ASP G 30 49.12 3.16 32.45
C ASP G 30 48.40 4.10 31.47
N LEU G 31 49.12 4.54 30.41
CA LEU G 31 48.54 5.48 29.43
C LEU G 31 47.55 4.78 28.52
N HIS G 32 47.85 3.52 28.14
CA HIS G 32 46.99 2.72 27.27
C HIS G 32 45.60 2.52 27.84
N ILE G 33 45.53 2.07 29.10
CA ILE G 33 44.29 1.80 29.82
C ILE G 33 43.61 3.08 30.30
N ASN G 34 44.33 3.87 31.10
CA ASN G 34 43.85 5.05 31.80
C ASN G 34 43.65 6.34 31.01
N LYS G 35 44.20 6.40 29.80
CA LYS G 35 44.00 7.57 28.94
C LYS G 35 43.36 7.17 27.59
N HIS G 36 44.00 6.26 26.83
CA HIS G 36 43.45 5.81 25.53
C HIS G 36 42.11 5.08 25.62
N HIS G 37 42.01 3.98 26.41
CA HIS G 37 40.75 3.23 26.54
C HIS G 37 39.70 4.10 27.22
N VAL G 38 40.12 4.95 28.18
CA VAL G 38 39.18 5.90 28.85
C VAL G 38 38.52 6.83 27.78
N ALA G 39 39.29 7.29 26.79
CA ALA G 39 38.82 8.16 25.70
C ALA G 39 37.74 7.49 24.83
N TYR G 40 37.87 6.17 24.59
CA TYR G 40 36.87 5.41 23.82
C TYR G 40 35.60 5.20 24.65
N VAL G 41 35.75 5.02 25.96
CA VAL G 41 34.62 4.88 26.89
C VAL G 41 33.80 6.16 26.86
N ASN G 42 34.45 7.32 27.06
CA ASN G 42 33.73 8.61 27.05
C ASN G 42 33.21 9.00 25.69
N GLY G 43 33.99 8.67 24.67
CA GLY G 43 33.67 8.91 23.28
C GLY G 43 32.42 8.18 22.84
N TYR G 44 32.30 6.88 23.18
CA TYR G 44 31.13 6.07 22.83
C TYR G 44 29.89 6.62 23.54
N ASN G 45 30.02 6.92 24.83
CA ASN G 45 28.92 7.41 25.66
C ASN G 45 28.40 8.76 25.18
N ALA G 46 29.31 9.64 24.72
CA ALA G 46 28.93 10.96 24.22
C ALA G 46 28.31 10.83 22.84
N ALA G 47 28.81 9.87 22.03
CA ALA G 47 28.28 9.63 20.68
C ALA G 47 26.87 9.04 20.78
N ILE G 48 26.61 8.13 21.74
CA ILE G 48 25.28 7.54 21.92
C ILE G 48 24.24 8.60 22.35
N ASP G 49 24.62 9.50 23.27
CA ASP G 49 23.76 10.61 23.71
C ASP G 49 23.43 11.57 22.56
N ALA G 50 24.41 11.87 21.69
CA ALA G 50 24.19 12.76 20.55
C ALA G 50 23.31 12.06 19.50
N LEU G 51 23.46 10.73 19.34
CA LEU G 51 22.71 9.93 18.39
C LEU G 51 21.22 9.88 18.72
N GLU G 52 20.88 9.67 19.99
CA GLU G 52 19.48 9.62 20.40
C GLU G 52 18.74 10.98 20.25
N LYS G 53 19.47 12.11 20.39
CA LYS G 53 18.94 13.47 20.22
C LYS G 53 18.64 13.67 18.72
N ALA G 54 19.61 13.36 17.85
CA ALA G 54 19.49 13.49 16.41
C ALA G 54 18.43 12.52 15.83
N VAL G 55 18.39 11.24 16.29
CA VAL G 55 17.42 10.23 15.84
C VAL G 55 15.98 10.69 16.12
N GLY G 56 15.73 11.12 17.36
CA GLY G 56 14.44 11.62 17.80
C GLY G 56 13.92 12.81 17.02
N LYS G 57 14.83 13.66 16.53
CA LYS G 57 14.56 14.88 15.75
C LYS G 57 14.45 14.60 14.24
N ARG G 58 14.77 13.35 13.82
CA ARG G 58 14.87 12.93 12.41
C ARG G 58 15.89 13.80 11.66
N ASP G 59 16.94 14.27 12.39
CA ASP G 59 18.01 15.12 11.82
C ASP G 59 19.03 14.15 11.23
N LEU G 60 18.69 13.58 10.05
CA LEU G 60 19.51 12.55 9.41
C LEU G 60 20.92 12.94 9.04
N LYS G 61 21.16 14.25 8.79
CA LYS G 61 22.49 14.79 8.50
C LYS G 61 23.43 14.51 9.70
N SER G 62 22.93 14.79 10.92
CA SER G 62 23.64 14.56 12.20
C SER G 62 23.74 13.07 12.48
N VAL G 63 22.62 12.31 12.32
CA VAL G 63 22.59 10.85 12.50
C VAL G 63 23.72 10.17 11.72
N VAL G 64 23.83 10.48 10.41
CA VAL G 64 24.84 9.96 9.48
C VAL G 64 26.26 10.36 9.93
N GLU G 65 26.46 11.64 10.33
CA GLU G 65 27.71 12.16 10.85
C GLU G 65 28.11 11.42 12.14
N ILE G 66 27.14 11.16 13.07
CA ILE G 66 27.41 10.50 14.36
C ILE G 66 27.88 9.04 14.29
N GLN G 67 27.37 8.27 13.30
CA GLN G 67 27.70 6.85 13.07
C GLN G 67 29.19 6.55 13.10
N GLN G 68 30.03 7.46 12.55
CA GLN G 68 31.48 7.28 12.51
C GLN G 68 32.10 7.32 13.89
N ASN G 69 31.51 8.14 14.80
CA ASN G 69 32.02 8.25 16.17
C ASN G 69 31.60 7.06 16.99
N ILE G 70 30.44 6.48 16.64
CA ILE G 70 29.93 5.29 17.33
C ILE G 70 30.81 4.11 16.92
N LYS G 71 31.11 4.02 15.61
CA LYS G 71 31.95 2.97 15.05
C LYS G 71 33.35 3.01 15.67
N PHE G 72 34.00 4.18 15.68
CA PHE G 72 35.35 4.38 16.20
C PHE G 72 35.48 4.15 17.70
N HIS G 73 34.60 4.76 18.51
CA HIS G 73 34.67 4.61 19.95
C HIS G 73 34.15 3.26 20.44
N GLY G 74 33.08 2.75 19.82
CA GLY G 74 32.52 1.43 20.11
C GLY G 74 33.55 0.34 19.80
N GLY G 75 34.23 0.51 18.66
CA GLY G 75 35.30 -0.37 18.23
C GLY G 75 36.53 -0.32 19.12
N GLY G 76 36.91 0.88 19.57
CA GLY G 76 38.06 1.07 20.46
C GLY G 76 37.86 0.40 21.81
N HIS G 77 36.64 0.50 22.35
CA HIS G 77 36.31 -0.13 23.64
C HIS G 77 36.34 -1.63 23.48
N THR G 78 35.72 -2.14 22.39
CA THR G 78 35.64 -3.58 22.10
C THR G 78 37.05 -4.13 21.94
N ASN G 79 37.89 -3.49 21.09
CA ASN G 79 39.25 -3.98 20.82
C ASN G 79 40.18 -3.99 22.00
N HIS G 80 40.21 -2.89 22.77
CA HIS G 80 41.06 -2.80 23.95
C HIS G 80 40.65 -3.81 25.03
N SER G 81 39.32 -4.01 25.24
CA SER G 81 38.81 -4.99 26.20
C SER G 81 39.24 -6.41 25.84
N LEU G 82 39.24 -6.73 24.54
CA LEU G 82 39.70 -8.03 24.04
C LEU G 82 41.18 -8.16 24.30
N PHE G 83 41.94 -7.08 24.03
CA PHE G 83 43.40 -7.03 24.20
C PHE G 83 43.84 -7.31 25.67
N TRP G 84 43.21 -6.62 26.66
CA TRP G 84 43.56 -6.81 28.06
C TRP G 84 43.33 -8.25 28.51
N LYS G 85 42.25 -8.87 28.02
CA LYS G 85 41.84 -10.25 28.34
C LYS G 85 42.70 -11.32 27.69
N ASN G 86 43.40 -10.98 26.59
CA ASN G 86 44.33 -11.93 25.95
C ASN G 86 45.82 -11.59 26.17
N LEU G 87 46.08 -10.82 27.23
CA LEU G 87 47.41 -10.49 27.76
C LEU G 87 47.43 -11.08 29.18
N ALA G 88 48.55 -11.71 29.56
CA ALA G 88 48.72 -12.26 30.90
C ALA G 88 50.19 -12.27 31.26
N PRO G 89 50.54 -11.90 32.53
CA PRO G 89 51.94 -12.02 32.96
C PRO G 89 52.44 -13.46 32.83
N VAL G 90 53.76 -13.63 32.60
CA VAL G 90 54.40 -14.94 32.47
C VAL G 90 54.04 -15.87 33.67
N SER G 91 53.95 -15.30 34.89
CA SER G 91 53.57 -16.02 36.11
C SER G 91 52.14 -16.57 36.07
N LYS G 92 51.26 -15.98 35.25
CA LYS G 92 49.86 -16.39 35.13
C LYS G 92 49.52 -17.07 33.78
N GLY G 93 50.51 -17.66 33.13
CA GLY G 93 50.33 -18.38 31.87
C GLY G 93 50.59 -17.64 30.57
N GLY G 94 51.10 -16.41 30.64
CA GLY G 94 51.42 -15.64 29.44
C GLY G 94 52.52 -16.31 28.63
N GLY G 95 52.34 -16.39 27.32
CA GLY G 95 53.28 -17.04 26.42
C GLY G 95 53.15 -18.56 26.36
N LYS G 96 52.37 -19.14 27.28
CA LYS G 96 52.16 -20.59 27.32
C LYS G 96 51.20 -20.98 26.23
N HIS G 97 51.70 -21.77 25.28
CA HIS G 97 50.97 -22.24 24.09
C HIS G 97 49.68 -23.00 24.41
N PRO G 98 48.68 -22.96 23.51
CA PRO G 98 47.43 -23.65 23.83
C PRO G 98 47.61 -25.18 23.85
N ASP G 99 46.83 -25.85 24.70
CA ASP G 99 46.82 -27.32 24.82
C ASP G 99 46.36 -27.87 23.46
N THR G 100 47.21 -28.71 22.83
CA THR G 100 46.95 -29.31 21.51
C THR G 100 45.71 -30.21 21.44
N SER G 101 45.15 -30.59 22.61
CA SER G 101 43.92 -31.39 22.76
C SER G 101 42.65 -30.52 22.92
N SER G 102 42.80 -29.19 23.16
CA SER G 102 41.66 -28.29 23.23
C SER G 102 41.09 -28.10 21.82
N ALA G 103 39.84 -27.63 21.70
CA ALA G 103 39.23 -27.36 20.38
C ALA G 103 40.08 -26.39 19.55
N LEU G 104 40.62 -25.31 20.18
CA LEU G 104 41.51 -24.36 19.53
C LEU G 104 42.87 -24.96 19.14
N GLY G 105 43.50 -25.70 20.07
CA GLY G 105 44.77 -26.38 19.81
C GLY G 105 44.68 -27.40 18.69
N LYS G 106 43.59 -28.19 18.67
CA LYS G 106 43.32 -29.19 17.62
C LYS G 106 43.21 -28.47 16.25
N GLN G 107 42.50 -27.32 16.22
CA GLN G 107 42.34 -26.50 15.00
C GLN G 107 43.67 -25.88 14.53
N ILE G 108 44.49 -25.39 15.48
CA ILE G 108 45.81 -24.80 15.14
C ILE G 108 46.65 -25.87 14.47
N VAL G 109 46.78 -27.05 15.12
CA VAL G 109 47.54 -28.17 14.55
C VAL G 109 47.00 -28.59 13.16
N ALA G 110 45.69 -28.76 13.02
CA ALA G 110 45.08 -29.17 11.74
C ALA G 110 45.39 -28.21 10.56
N GLN G 111 45.20 -26.90 10.80
CA GLN G 111 45.35 -25.85 9.80
C GLN G 111 46.75 -25.26 9.54
N TYR G 112 47.53 -25.03 10.62
CA TYR G 112 48.86 -24.39 10.56
C TYR G 112 50.02 -25.33 10.92
N GLY G 113 49.70 -26.49 11.48
CA GLY G 113 50.73 -27.45 11.91
C GLY G 113 51.22 -27.18 13.31
N SER G 114 51.48 -25.91 13.64
CA SER G 114 51.97 -25.49 14.95
C SER G 114 51.56 -24.06 15.27
N VAL G 115 51.59 -23.71 16.58
CA VAL G 115 51.29 -22.37 17.10
C VAL G 115 52.39 -21.40 16.64
N SER G 116 53.62 -21.91 16.49
CA SER G 116 54.81 -21.21 15.99
C SER G 116 54.57 -20.66 14.58
N ASN G 117 54.01 -21.50 13.69
CA ASN G 117 53.73 -21.09 12.31
CA ASN G 117 53.71 -21.12 12.30
C ASN G 117 52.57 -20.10 12.26
N LEU G 118 51.58 -20.21 13.19
CA LEU G 118 50.46 -19.28 13.25
C LEU G 118 50.99 -17.89 13.67
N ILE G 119 51.92 -17.85 14.64
CA ILE G 119 52.56 -16.62 15.14
C ILE G 119 53.36 -15.97 14.00
N ASP G 120 54.05 -16.79 13.16
CA ASP G 120 54.83 -16.29 12.02
C ASP G 120 53.94 -15.56 11.02
N ILE G 121 52.81 -16.20 10.68
CA ILE G 121 51.77 -15.69 9.78
C ILE G 121 51.15 -14.39 10.38
N THR G 122 50.86 -14.40 11.67
CA THR G 122 50.27 -13.23 12.35
C THR G 122 51.25 -12.07 12.35
N ASN G 123 52.55 -12.32 12.63
CA ASN G 123 53.60 -11.30 12.63
C ASN G 123 53.80 -10.69 11.26
N SER G 124 53.60 -11.48 10.17
CA SER G 124 53.70 -10.97 8.79
C SER G 124 52.52 -10.04 8.48
N LYS G 125 51.32 -10.36 9.00
CA LYS G 125 50.12 -9.53 8.82
C LYS G 125 50.32 -8.23 9.59
N LEU G 126 50.85 -8.33 10.84
CA LEU G 126 51.13 -7.19 11.72
C LEU G 126 52.11 -6.21 11.07
N ALA G 127 53.19 -6.72 10.47
CA ALA G 127 54.22 -5.94 9.78
C ALA G 127 53.64 -5.18 8.57
N GLY G 128 52.67 -5.78 7.88
CA GLY G 128 52.02 -5.17 6.72
C GLY G 128 50.99 -4.10 7.04
N ILE G 129 50.63 -3.91 8.33
CA ILE G 129 49.69 -2.85 8.70
C ILE G 129 50.32 -1.47 8.42
N GLN G 130 49.61 -0.66 7.63
CA GLN G 130 49.97 0.68 7.22
C GLN G 130 49.10 1.64 7.99
N GLY G 131 49.73 2.50 8.77
CA GLY G 131 49.01 3.40 9.66
C GLY G 131 48.65 2.70 10.94
N SER G 132 47.50 3.06 11.53
CA SER G 132 47.04 2.50 12.81
C SER G 132 46.13 1.30 12.55
N GLY G 133 46.25 0.26 13.38
CA GLY G 133 45.40 -0.90 13.20
C GLY G 133 45.59 -2.04 14.17
N TRP G 134 44.90 -3.15 13.87
CA TRP G 134 44.90 -4.38 14.68
C TRP G 134 45.05 -5.61 13.80
N ALA G 135 45.57 -6.71 14.37
CA ALA G 135 45.57 -8.03 13.73
C ALA G 135 44.77 -8.92 14.68
N PHE G 136 43.95 -9.81 14.09
CA PHE G 136 43.15 -10.76 14.85
C PHE G 136 43.27 -12.16 14.27
N ILE G 137 43.37 -13.13 15.16
CA ILE G 137 43.24 -14.55 14.87
C ILE G 137 41.71 -14.72 15.06
N VAL G 138 41.00 -15.20 14.02
CA VAL G 138 39.54 -15.30 14.05
C VAL G 138 39.08 -16.72 13.81
N LYS G 139 37.90 -17.06 14.36
CA LYS G 139 37.23 -18.35 14.13
C LYS G 139 35.99 -18.04 13.26
N ASN G 140 35.83 -18.79 12.18
CA ASN G 140 34.69 -18.59 11.29
C ASN G 140 33.65 -19.69 11.59
N LYS G 141 32.55 -19.32 12.23
CA LYS G 141 31.50 -20.25 12.63
C LYS G 141 30.73 -20.95 11.49
N GLN G 142 30.84 -20.47 10.23
CA GLN G 142 30.07 -21.03 9.12
C GLN G 142 30.77 -22.04 8.20
N ASN G 143 32.11 -21.98 8.10
CA ASN G 143 32.90 -22.86 7.24
C ASN G 143 33.66 -23.95 8.06
N GLY G 144 33.02 -24.44 9.13
CA GLY G 144 33.55 -25.48 9.99
C GLY G 144 34.45 -25.05 11.13
N GLY G 145 34.33 -23.79 11.56
CA GLY G 145 35.12 -23.24 12.65
C GLY G 145 36.56 -22.97 12.25
N ALA G 146 36.79 -22.71 10.95
CA ALA G 146 38.12 -22.46 10.40
C ALA G 146 38.70 -21.15 10.88
N LEU G 147 39.98 -21.23 11.29
CA LEU G 147 40.78 -20.12 11.74
C LEU G 147 41.35 -19.34 10.56
N ASP G 148 41.51 -18.03 10.77
CA ASP G 148 42.14 -17.14 9.81
C ASP G 148 42.77 -15.95 10.55
N VAL G 149 43.67 -15.25 9.88
CA VAL G 149 44.33 -14.06 10.41
C VAL G 149 43.92 -12.90 9.51
N VAL G 150 43.32 -11.86 10.12
CA VAL G 150 42.85 -10.66 9.42
C VAL G 150 43.42 -9.41 10.11
N THR G 151 43.41 -8.29 9.40
CA THR G 151 43.80 -7.00 9.97
C THR G 151 42.63 -6.05 9.82
N THR G 152 42.59 -5.01 10.64
CA THR G 152 41.58 -3.96 10.54
C THR G 152 42.33 -2.65 10.68
N ALA G 153 41.77 -1.56 10.13
CA ALA G 153 42.35 -0.21 10.23
C ALA G 153 41.73 0.49 11.43
N ASN G 154 42.54 1.35 12.09
CA ASN G 154 42.09 2.19 13.21
C ASN G 154 41.37 1.40 14.29
N GLN G 155 40.08 1.70 14.56
CA GLN G 155 39.28 0.95 15.54
C GLN G 155 38.20 0.06 14.94
N ASP G 156 38.39 -0.34 13.67
CA ASP G 156 37.48 -1.27 13.03
C ASP G 156 37.70 -2.62 13.76
N THR G 157 36.65 -3.41 13.92
CA THR G 157 36.71 -4.64 14.71
C THR G 157 36.10 -5.84 14.00
N ILE G 158 36.13 -6.99 14.66
CA ILE G 158 35.48 -8.18 14.12
C ILE G 158 34.02 -8.05 14.54
N SER G 159 33.18 -7.51 13.64
CA SER G 159 31.77 -7.27 13.93
C SER G 159 30.82 -8.23 13.23
N ALA G 160 31.32 -9.00 12.25
CA ALA G 160 30.52 -9.98 11.54
C ALA G 160 29.94 -11.01 12.53
N PRO G 161 28.61 -11.24 12.54
CA PRO G 161 28.02 -12.21 13.51
C PRO G 161 28.57 -13.64 13.45
N HIS G 162 29.01 -14.10 12.27
CA HIS G 162 29.56 -15.45 12.06
C HIS G 162 31.07 -15.51 12.39
N LEU G 163 31.70 -14.39 12.77
CA LEU G 163 33.13 -14.38 13.08
C LEU G 163 33.39 -14.12 14.56
N VAL G 164 34.34 -14.88 15.13
CA VAL G 164 34.72 -14.77 16.54
C VAL G 164 36.19 -14.33 16.68
N PRO G 165 36.50 -13.16 17.31
CA PRO G 165 37.92 -12.83 17.51
C PRO G 165 38.47 -13.74 18.62
N ILE G 166 39.59 -14.36 18.33
CA ILE G 166 40.23 -15.31 19.24
C ILE G 166 41.37 -14.61 19.96
N ILE G 167 42.26 -13.93 19.18
CA ILE G 167 43.39 -13.14 19.66
C ILE G 167 43.33 -11.77 18.98
N ALA G 168 43.48 -10.69 19.77
CA ALA G 168 43.51 -9.32 19.27
C ALA G 168 44.88 -8.72 19.65
N ILE G 169 45.58 -8.12 18.67
CA ILE G 169 46.88 -7.47 18.84
C ILE G 169 46.82 -6.03 18.37
N ASP G 170 47.09 -5.09 19.28
CA ASP G 170 47.11 -3.66 18.97
C ASP G 170 48.39 -3.23 18.23
N ALA G 171 48.24 -2.69 16.99
CA ALA G 171 49.40 -2.20 16.23
C ALA G 171 49.48 -0.66 16.16
N TRP G 172 48.65 0.06 16.95
CA TRP G 172 48.73 1.54 17.00
C TRP G 172 50.11 1.93 17.57
N GLU G 173 50.68 3.08 17.13
CA GLU G 173 51.98 3.52 17.61
C GLU G 173 51.98 3.76 19.15
N HIS G 174 50.83 4.18 19.73
CA HIS G 174 50.71 4.34 21.19
C HIS G 174 50.94 3.03 22.00
N ALA G 175 50.65 1.85 21.40
CA ALA G 175 50.82 0.55 22.06
C ALA G 175 52.29 0.15 22.32
N TYR G 176 53.24 0.77 21.60
CA TYR G 176 54.65 0.39 21.71
C TYR G 176 55.68 1.53 21.67
N TYR G 177 55.31 2.70 21.15
CA TYR G 177 56.26 3.80 20.90
C TYR G 177 57.18 4.25 22.03
N LEU G 178 56.66 4.40 23.26
CA LEU G 178 57.49 4.84 24.39
C LEU G 178 58.67 3.91 24.69
N GLN G 179 58.48 2.59 24.50
CA GLN G 179 59.50 1.57 24.79
C GLN G 179 60.32 1.16 23.55
N TYR G 180 59.65 0.91 22.41
CA TYR G 180 60.30 0.44 21.19
C TYR G 180 60.56 1.50 20.11
N GLN G 181 59.98 2.71 20.25
CA GLN G 181 60.07 3.82 19.27
C GLN G 181 59.61 3.31 17.91
N ASN G 182 60.37 3.59 16.83
CA ASN G 182 60.08 3.19 15.44
C ASN G 182 60.22 1.67 15.19
N VAL G 183 60.94 0.95 16.08
CA VAL G 183 61.22 -0.48 15.92
C VAL G 183 59.99 -1.37 16.28
N ARG G 184 58.91 -1.17 15.52
CA ARG G 184 57.64 -1.89 15.58
C ARG G 184 57.80 -3.44 15.44
N PRO G 185 58.72 -4.01 14.60
CA PRO G 185 58.86 -5.49 14.59
C PRO G 185 59.39 -6.07 15.91
N ASP G 186 60.11 -5.28 16.72
CA ASP G 186 60.58 -5.75 18.03
C ASP G 186 59.42 -5.93 18.99
N TYR G 187 58.39 -5.09 18.85
CA TYR G 187 57.18 -5.14 19.68
C TYR G 187 56.36 -6.37 19.30
N PHE G 188 56.17 -6.60 18.00
CA PHE G 188 55.43 -7.75 17.47
C PHE G 188 56.00 -9.09 17.98
N LYS G 189 57.33 -9.27 17.94
CA LYS G 189 58.04 -10.45 18.45
C LYS G 189 57.84 -10.60 19.97
N ALA G 190 58.04 -9.49 20.73
CA ALA G 190 57.98 -9.46 22.19
C ALA G 190 56.65 -9.77 22.83
N ILE G 191 55.54 -9.35 22.19
CA ILE G 191 54.18 -9.49 22.72
C ILE G 191 53.75 -10.94 22.95
N TRP G 192 54.22 -11.85 22.11
CA TRP G 192 53.85 -13.26 22.18
C TRP G 192 54.17 -13.90 23.53
N ASN G 193 55.25 -13.41 24.18
CA ASN G 193 55.68 -13.83 25.52
C ASN G 193 54.65 -13.54 26.62
N VAL G 194 53.65 -12.66 26.32
CA VAL G 194 52.61 -12.30 27.29
C VAL G 194 51.17 -12.60 26.80
N ILE G 195 51.04 -13.36 25.71
CA ILE G 195 49.74 -13.70 25.16
C ILE G 195 49.07 -14.79 25.98
N ASN G 196 47.82 -14.52 26.38
CA ASN G 196 47.03 -15.43 27.17
C ASN G 196 46.27 -16.37 26.26
N TRP G 197 46.87 -17.54 25.96
CA TRP G 197 46.25 -18.56 25.11
C TRP G 197 45.08 -19.26 25.80
N ALA G 198 45.02 -19.25 27.15
CA ALA G 198 43.89 -19.86 27.85
C ALA G 198 42.62 -19.09 27.49
N GLU G 199 42.69 -17.74 27.45
CA GLU G 199 41.55 -16.90 27.02
C GLU G 199 41.15 -17.23 25.58
N ALA G 200 42.13 -17.38 24.68
CA ALA G 200 41.93 -17.73 23.28
C ALA G 200 41.21 -19.10 23.14
N GLU G 201 41.56 -20.07 23.98
CA GLU G 201 40.93 -21.41 23.98
C GLU G 201 39.47 -21.27 24.37
N SER G 202 39.21 -20.46 25.43
CA SER G 202 37.88 -20.22 25.97
C SER G 202 36.99 -19.53 24.92
N ARG G 203 37.51 -18.49 24.24
CA ARG G 203 36.78 -17.76 23.19
C ARG G 203 36.35 -18.68 22.04
N TYR G 204 37.24 -19.58 21.61
CA TYR G 204 37.00 -20.56 20.54
C TYR G 204 35.86 -21.54 20.88
N SER G 205 35.78 -21.99 22.16
CA SER G 205 34.80 -22.98 22.64
C SER G 205 33.49 -22.39 23.14
N ALA G 206 33.42 -21.06 23.32
CA ALA G 206 32.23 -20.35 23.80
C ALA G 206 31.02 -20.45 22.87
N ILE H 2 11.23 1.47 17.89
CA ILE H 2 11.18 2.66 17.06
C ILE H 2 9.81 3.35 17.14
N THR H 3 9.82 4.64 17.52
CA THR H 3 8.62 5.48 17.65
C THR H 3 8.26 6.13 16.33
N GLU H 4 7.03 6.65 16.26
CA GLU H 4 6.45 7.36 15.12
C GLU H 4 7.28 8.61 14.75
N ASN H 5 7.81 9.32 15.76
CA ASN H 5 8.64 10.51 15.56
C ASN H 5 10.03 10.22 14.96
N GLU H 6 10.48 8.95 15.05
CA GLU H 6 11.79 8.50 14.57
C GLU H 6 11.79 7.96 13.15
N LYS H 7 10.66 7.40 12.69
CA LYS H 7 10.59 6.79 11.36
C LYS H 7 10.45 7.78 10.20
N ILE H 8 11.26 7.58 9.16
CA ILE H 8 11.23 8.40 7.95
C ILE H 8 10.17 7.90 6.95
N SER H 9 9.83 8.74 5.96
CA SER H 9 8.86 8.43 4.92
C SER H 9 9.37 8.88 3.56
N LEU H 10 8.86 8.27 2.49
CA LEU H 10 9.19 8.65 1.12
C LEU H 10 8.56 10.04 0.91
N PRO H 11 9.33 11.05 0.45
CA PRO H 11 8.75 12.38 0.29
C PRO H 11 7.84 12.44 -0.93
N LYS H 12 6.89 13.37 -0.94
CA LYS H 12 6.03 13.62 -2.09
C LYS H 12 6.93 14.33 -3.11
N ILE H 13 6.79 14.02 -4.39
CA ILE H 13 7.62 14.69 -5.39
C ILE H 13 6.77 15.65 -6.22
N ASP H 14 7.25 16.89 -6.36
CA ASP H 14 6.56 18.01 -7.01
C ASP H 14 6.31 17.84 -8.51
N TRP H 15 7.07 16.95 -9.17
CA TRP H 15 6.92 16.68 -10.60
C TRP H 15 6.40 15.25 -10.86
N ALA H 16 5.74 15.02 -12.02
CA ALA H 16 5.22 13.70 -12.45
C ALA H 16 6.37 12.82 -12.98
N LEU H 17 6.16 11.48 -13.07
CA LEU H 17 7.22 10.55 -13.51
C LEU H 17 7.82 10.84 -14.90
N ASP H 18 6.97 11.24 -15.85
CA ASP H 18 7.41 11.53 -17.22
C ASP H 18 7.86 12.99 -17.43
N ALA H 19 7.78 13.83 -16.39
CA ALA H 19 8.08 15.27 -16.51
C ALA H 19 9.50 15.68 -16.89
N LEU H 20 10.49 14.79 -16.70
CA LEU H 20 11.91 15.08 -17.00
C LEU H 20 12.35 14.55 -18.36
N GLU H 21 11.41 13.97 -19.10
CA GLU H 21 11.67 13.45 -20.44
C GLU H 21 11.95 14.63 -21.40
N PRO H 22 12.89 14.49 -22.36
CA PRO H 22 13.62 13.27 -22.76
C PRO H 22 14.96 13.03 -22.06
N TYR H 23 15.31 13.85 -21.07
CA TYR H 23 16.60 13.75 -20.37
C TYR H 23 16.70 12.60 -19.39
N ILE H 24 15.63 12.34 -18.62
CA ILE H 24 15.53 11.20 -17.68
C ILE H 24 14.16 10.56 -17.96
N SER H 25 14.15 9.28 -18.34
CA SER H 25 12.91 8.55 -18.68
C SER H 25 11.94 8.36 -17.50
N LYS H 26 10.64 8.17 -17.77
CA LYS H 26 9.71 7.89 -16.68
C LYS H 26 9.95 6.50 -16.07
N GLU H 27 10.54 5.59 -16.86
CA GLU H 27 10.88 4.22 -16.44
C GLU H 27 11.93 4.27 -15.34
N ILE H 28 12.99 5.09 -15.52
CA ILE H 28 14.04 5.30 -14.53
C ILE H 28 13.42 5.98 -13.29
N ASN H 29 12.70 7.08 -13.46
CA ASN H 29 12.05 7.80 -12.36
C ASN H 29 11.08 6.93 -11.53
N ASP H 30 10.29 6.04 -12.17
CA ASP H 30 9.38 5.15 -11.43
C ASP H 30 10.16 4.22 -10.50
N LEU H 31 11.18 3.56 -11.04
CA LEU H 31 12.05 2.63 -10.31
C LEU H 31 12.91 3.33 -9.25
N HIS H 32 13.51 4.47 -9.61
CA HIS H 32 14.41 5.27 -8.78
C HIS H 32 13.72 5.76 -7.52
N ILE H 33 12.46 6.22 -7.64
CA ILE H 33 11.63 6.72 -6.53
C ILE H 33 10.97 5.58 -5.75
N ASN H 34 10.12 4.79 -6.44
CA ASN H 34 9.24 3.75 -5.91
C ASN H 34 9.84 2.39 -5.54
N LYS H 35 11.08 2.12 -6.01
CA LYS H 35 11.81 0.90 -5.63
C LYS H 35 13.10 1.29 -4.86
N HIS H 36 14.02 2.04 -5.50
CA HIS H 36 15.29 2.46 -4.91
C HIS H 36 15.22 3.29 -3.64
N HIS H 37 14.53 4.44 -3.69
CA HIS H 37 14.40 5.31 -2.53
C HIS H 37 13.56 4.61 -1.41
N VAL H 38 12.52 3.84 -1.82
CA VAL H 38 11.68 3.06 -0.90
C VAL H 38 12.55 2.10 -0.04
N ALA H 39 13.54 1.42 -0.67
CA ALA H 39 14.48 0.50 -0.01
C ALA H 39 15.31 1.23 1.07
N TYR H 40 15.73 2.47 0.81
CA TYR H 40 16.47 3.30 1.77
C TYR H 40 15.57 3.75 2.91
N VAL H 41 14.30 4.07 2.62
CA VAL H 41 13.32 4.45 3.65
C VAL H 41 13.14 3.27 4.63
N ASN H 42 12.84 2.06 4.10
CA ASN H 42 12.62 0.86 4.92
C ASN H 42 13.89 0.42 5.64
N GLY H 43 15.02 0.48 4.94
CA GLY H 43 16.32 0.11 5.45
C GLY H 43 16.73 0.96 6.64
N TYR H 44 16.40 2.28 6.59
CA TYR H 44 16.72 3.20 7.71
C TYR H 44 15.85 2.88 8.94
N ASN H 45 14.52 2.73 8.73
CA ASN H 45 13.58 2.43 9.80
C ASN H 45 13.89 1.11 10.50
N ALA H 46 14.43 0.13 9.73
CA ALA H 46 14.82 -1.18 10.25
C ALA H 46 16.15 -1.08 11.00
N ALA H 47 17.09 -0.23 10.51
CA ALA H 47 18.40 -0.05 11.13
C ALA H 47 18.31 0.62 12.49
N ILE H 48 17.41 1.64 12.61
CA ILE H 48 17.18 2.39 13.86
C ILE H 48 16.58 1.48 14.92
N ASP H 49 15.59 0.67 14.53
CA ASP H 49 14.94 -0.30 15.40
C ASP H 49 15.94 -1.34 15.94
N ALA H 50 16.86 -1.86 15.08
CA ALA H 50 17.87 -2.83 15.50
C ALA H 50 18.97 -2.17 16.36
N LEU H 51 19.35 -0.92 16.03
CA LEU H 51 20.36 -0.13 16.75
C LEU H 51 19.89 0.08 18.19
N GLU H 52 18.63 0.52 18.36
CA GLU H 52 17.98 0.75 19.65
C GLU H 52 18.02 -0.45 20.58
N LYS H 53 17.77 -1.66 20.05
CA LYS H 53 17.83 -2.92 20.79
C LYS H 53 19.26 -3.27 21.23
N ALA H 54 20.25 -3.19 20.30
CA ALA H 54 21.66 -3.49 20.56
C ALA H 54 22.33 -2.51 21.54
N VAL H 55 22.02 -1.19 21.43
CA VAL H 55 22.50 -0.13 22.34
C VAL H 55 21.98 -0.41 23.77
N GLY H 56 20.70 -0.77 23.86
CA GLY H 56 20.02 -1.10 25.11
C GLY H 56 20.62 -2.27 25.88
N LYS H 57 21.08 -3.29 25.16
CA LYS H 57 21.71 -4.45 25.80
C LYS H 57 23.26 -4.40 25.73
N ARG H 58 23.80 -3.21 25.40
CA ARG H 58 25.24 -2.90 25.26
C ARG H 58 25.99 -3.96 24.44
N ASP H 59 25.36 -4.41 23.36
CA ASP H 59 25.93 -5.39 22.45
C ASP H 59 26.65 -4.56 21.40
N LEU H 60 27.88 -4.15 21.74
CA LEU H 60 28.73 -3.30 20.91
C LEU H 60 29.19 -3.92 19.59
N LYS H 61 29.29 -5.26 19.53
CA LYS H 61 29.63 -5.96 18.29
C LYS H 61 28.51 -5.67 17.26
N SER H 62 27.22 -5.73 17.69
CA SER H 62 26.05 -5.48 16.85
C SER H 62 25.91 -4.01 16.52
N VAL H 63 26.08 -3.13 17.53
CA VAL H 63 26.04 -1.66 17.38
C VAL H 63 27.01 -1.25 16.26
N VAL H 64 28.27 -1.75 16.32
CA VAL H 64 29.30 -1.45 15.34
C VAL H 64 28.90 -1.98 13.95
N GLU H 65 28.26 -3.17 13.89
CA GLU H 65 27.77 -3.73 12.62
C GLU H 65 26.64 -2.87 12.02
N ILE H 66 25.63 -2.50 12.85
CA ILE H 66 24.44 -1.73 12.47
C ILE H 66 24.70 -0.30 11.99
N GLN H 67 25.72 0.36 12.51
CA GLN H 67 25.98 1.75 12.12
C GLN H 67 26.21 1.95 10.60
N GLN H 68 26.69 0.87 9.91
CA GLN H 68 26.97 0.85 8.47
C GLN H 68 25.64 0.97 7.68
N ASN H 69 24.57 0.36 8.21
CA ASN H 69 23.23 0.39 7.60
C ASN H 69 22.54 1.71 7.83
N ILE H 70 22.82 2.37 8.98
CA ILE H 70 22.27 3.70 9.26
C ILE H 70 22.94 4.68 8.29
N LYS H 71 24.28 4.58 8.16
CA LYS H 71 25.10 5.39 7.26
C LYS H 71 24.57 5.29 5.85
N PHE H 72 24.44 4.05 5.34
CA PHE H 72 23.98 3.76 3.99
C PHE H 72 22.50 4.11 3.75
N HIS H 73 21.57 3.62 4.58
CA HIS H 73 20.15 3.91 4.35
C HIS H 73 19.74 5.36 4.67
N GLY H 74 20.32 5.93 5.72
CA GLY H 74 20.10 7.34 6.09
C GLY H 74 20.67 8.26 5.03
N GLY H 75 21.80 7.86 4.47
CA GLY H 75 22.45 8.60 3.39
C GLY H 75 21.66 8.53 2.09
N GLY H 76 21.14 7.34 1.79
CA GLY H 76 20.34 7.08 0.60
C GLY H 76 19.12 7.97 0.60
N HIS H 77 18.39 8.01 1.74
CA HIS H 77 17.21 8.86 1.92
C HIS H 77 17.55 10.34 1.77
N THR H 78 18.70 10.80 2.36
CA THR H 78 19.19 12.20 2.32
C THR H 78 19.57 12.65 0.89
N ASN H 79 20.39 11.83 0.22
CA ASN H 79 20.83 12.10 -1.15
C ASN H 79 19.68 12.08 -2.15
N HIS H 80 18.77 11.09 -2.04
CA HIS H 80 17.65 11.04 -2.98
C HIS H 80 16.68 12.20 -2.78
N SER H 81 16.44 12.57 -1.51
CA SER H 81 15.57 13.70 -1.19
C SER H 81 16.12 15.00 -1.77
N LEU H 82 17.46 15.23 -1.63
CA LEU H 82 18.14 16.40 -2.19
C LEU H 82 18.01 16.41 -3.72
N PHE H 83 18.19 15.23 -4.35
CA PHE H 83 18.10 15.00 -5.80
C PHE H 83 16.74 15.37 -6.41
N TRP H 84 15.61 14.82 -5.88
CA TRP H 84 14.27 15.14 -6.39
C TRP H 84 13.95 16.64 -6.30
N LYS H 85 14.40 17.29 -5.21
CA LYS H 85 14.23 18.73 -4.96
C LYS H 85 15.08 19.58 -5.91
N ASN H 86 16.25 19.07 -6.36
CA ASN H 86 17.08 19.81 -7.32
C ASN H 86 16.93 19.42 -8.79
N LEU H 87 15.79 18.80 -9.10
CA LEU H 87 15.38 18.46 -10.44
C LEU H 87 14.03 19.12 -10.65
N ALA H 88 13.75 19.59 -11.86
CA ALA H 88 12.43 20.17 -12.15
C ALA H 88 12.18 20.09 -13.64
N PRO H 89 10.92 19.95 -14.09
CA PRO H 89 10.65 19.97 -15.55
C PRO H 89 11.03 21.33 -16.15
N VAL H 90 11.33 21.38 -17.47
CA VAL H 90 11.72 22.63 -18.12
C VAL H 90 10.63 23.70 -17.96
N SER H 91 9.34 23.28 -17.96
CA SER H 91 8.14 24.12 -17.79
C SER H 91 8.06 24.75 -16.39
N LYS H 92 8.79 24.21 -15.40
CA LYS H 92 8.83 24.72 -14.02
C LYS H 92 10.22 25.27 -13.63
N GLY H 93 11.02 25.62 -14.63
CA GLY H 93 12.33 26.23 -14.45
C GLY H 93 13.56 25.36 -14.57
N GLY H 94 13.39 24.05 -14.82
CA GLY H 94 14.51 23.14 -14.99
C GLY H 94 15.39 23.60 -16.13
N GLY H 95 16.68 23.54 -15.91
CA GLY H 95 17.68 24.01 -16.87
C GLY H 95 17.91 25.52 -16.87
N LYS H 96 17.02 26.30 -16.22
CA LYS H 96 17.21 27.75 -16.17
C LYS H 96 18.33 28.09 -15.19
N HIS H 97 19.33 28.82 -15.68
CA HIS H 97 20.49 29.20 -14.90
C HIS H 97 20.15 30.06 -13.70
N PRO H 98 20.94 29.95 -12.60
CA PRO H 98 20.64 30.76 -11.43
C PRO H 98 20.80 32.26 -11.68
N ASP H 99 19.91 33.07 -11.05
CA ASP H 99 19.90 34.54 -11.12
C ASP H 99 21.26 35.05 -10.65
N THR H 100 22.03 35.70 -11.54
CA THR H 100 23.39 36.15 -11.24
C THR H 100 23.53 37.20 -10.10
N SER H 101 22.39 37.75 -9.65
CA SER H 101 22.30 38.73 -8.56
C SER H 101 21.95 38.05 -7.23
N SER H 102 21.57 36.76 -7.28
CA SER H 102 21.27 36.01 -6.06
C SER H 102 22.61 35.74 -5.35
N ALA H 103 22.55 35.44 -4.06
CA ALA H 103 23.73 35.11 -3.26
C ALA H 103 24.51 33.96 -3.95
N LEU H 104 23.82 32.88 -4.40
CA LEU H 104 24.48 31.78 -5.11
C LEU H 104 25.01 32.27 -6.45
N GLY H 105 24.18 32.98 -7.22
CA GLY H 105 24.52 33.53 -8.53
C GLY H 105 25.77 34.36 -8.50
N LYS H 106 25.85 35.28 -7.52
CA LYS H 106 27.02 36.13 -7.30
C LYS H 106 28.27 35.30 -6.99
N GLN H 107 28.11 34.26 -6.16
CA GLN H 107 29.23 33.40 -5.77
C GLN H 107 29.77 32.58 -6.94
N ILE H 108 28.86 32.06 -7.80
CA ILE H 108 29.28 31.32 -8.98
C ILE H 108 30.14 32.19 -9.90
N VAL H 109 29.72 33.44 -10.14
CA VAL H 109 30.42 34.39 -11.03
C VAL H 109 31.81 34.72 -10.49
N ALA H 110 31.88 35.13 -9.21
CA ALA H 110 33.14 35.51 -8.57
C ALA H 110 34.20 34.39 -8.57
N GLN H 111 33.79 33.16 -8.25
CA GLN H 111 34.66 31.99 -8.18
C GLN H 111 34.94 31.25 -9.49
N TYR H 112 33.89 31.06 -10.33
CA TYR H 112 33.99 30.29 -11.57
C TYR H 112 33.88 31.09 -12.86
N GLY H 113 33.35 32.30 -12.78
CA GLY H 113 33.20 33.13 -13.97
C GLY H 113 31.83 32.93 -14.59
N SER H 114 31.45 31.65 -14.81
CA SER H 114 30.14 31.27 -15.39
C SER H 114 29.62 29.97 -14.80
N VAL H 115 28.30 29.75 -14.94
CA VAL H 115 27.63 28.51 -14.54
C VAL H 115 28.17 27.38 -15.45
N SER H 116 28.36 27.67 -16.76
CA SER H 116 28.86 26.67 -17.72
C SER H 116 30.22 26.11 -17.31
N ASN H 117 31.09 26.96 -16.72
CA ASN H 117 32.41 26.56 -16.23
C ASN H 117 32.30 25.66 -14.98
N LEU H 118 31.34 25.96 -14.10
CA LEU H 118 31.06 25.15 -12.89
C LEU H 118 30.46 23.79 -13.29
N ILE H 119 29.58 23.81 -14.30
CA ILE H 119 28.96 22.60 -14.86
C ILE H 119 30.06 21.67 -15.46
N ASP H 120 31.05 22.25 -16.18
CA ASP H 120 32.18 21.51 -16.78
C ASP H 120 33.05 20.85 -15.72
N ILE H 121 33.29 21.56 -14.61
CA ILE H 121 34.11 21.04 -13.50
C ILE H 121 33.36 19.86 -12.87
N THR H 122 32.06 20.06 -12.62
CA THR H 122 31.19 19.05 -12.03
C THR H 122 31.14 17.78 -12.91
N ASN H 123 31.01 17.95 -14.23
CA ASN H 123 30.95 16.83 -15.18
C ASN H 123 32.23 16.01 -15.22
N SER H 124 33.38 16.68 -15.00
CA SER H 124 34.70 16.04 -14.92
C SER H 124 34.77 15.24 -13.60
N LYS H 125 34.34 15.86 -12.48
CA LYS H 125 34.28 15.21 -11.17
C LYS H 125 33.36 13.97 -11.22
N LEU H 126 32.22 14.08 -11.95
CA LEU H 126 31.24 13.00 -12.12
C LEU H 126 31.84 11.85 -12.93
N ALA H 127 32.57 12.16 -14.01
CA ALA H 127 33.25 11.18 -14.87
C ALA H 127 34.34 10.43 -14.10
N GLY H 128 34.93 11.10 -13.11
CA GLY H 128 36.00 10.55 -12.28
C GLY H 128 35.54 9.53 -11.26
N ILE H 129 34.22 9.48 -10.94
CA ILE H 129 33.63 8.56 -9.95
C ILE H 129 33.84 7.12 -10.38
N GLN H 130 34.47 6.32 -9.53
CA GLN H 130 34.71 4.90 -9.75
C GLN H 130 33.68 4.16 -8.94
N GLY H 131 32.78 3.45 -9.60
CA GLY H 131 31.73 2.71 -8.91
C GLY H 131 30.54 3.58 -8.57
N SER H 132 29.80 3.20 -7.52
CA SER H 132 28.62 3.95 -7.09
C SER H 132 29.01 5.21 -6.32
N GLY H 133 28.32 6.29 -6.62
CA GLY H 133 28.58 7.54 -5.94
C GLY H 133 27.76 8.72 -6.40
N TRP H 134 28.10 9.87 -5.82
CA TRP H 134 27.42 11.14 -6.04
C TRP H 134 28.42 12.26 -6.19
N ALA H 135 28.05 13.33 -6.91
CA ALA H 135 28.81 14.58 -6.93
C ALA H 135 27.92 15.66 -6.32
N PHE H 136 28.54 16.61 -5.63
CA PHE H 136 27.82 17.68 -4.97
C PHE H 136 28.52 18.97 -5.16
N ILE H 137 27.74 20.06 -5.40
CA ILE H 137 28.26 21.42 -5.37
C ILE H 137 27.90 21.80 -3.94
N VAL H 138 28.91 22.20 -3.16
CA VAL H 138 28.72 22.50 -1.75
C VAL H 138 29.14 23.92 -1.37
N LYS H 139 28.50 24.48 -0.32
CA LYS H 139 28.85 25.80 0.24
C LYS H 139 29.55 25.55 1.58
N ASN H 140 30.76 26.09 1.75
CA ASN H 140 31.48 25.98 3.02
C ASN H 140 31.20 27.25 3.86
N LYS H 141 30.47 27.09 4.97
CA LYS H 141 30.07 28.17 5.87
C LYS H 141 31.21 28.80 6.69
N GLN H 142 32.38 28.14 6.78
CA GLN H 142 33.48 28.66 7.58
C GLN H 142 34.55 29.43 6.80
N ASN H 143 34.56 29.31 5.45
CA ASN H 143 35.56 29.98 4.64
C ASN H 143 34.98 31.12 3.77
N GLY H 144 33.87 31.70 4.22
CA GLY H 144 33.18 32.80 3.57
C GLY H 144 32.14 32.38 2.55
N GLY H 145 31.59 31.18 2.72
CA GLY H 145 30.60 30.61 1.81
C GLY H 145 31.17 30.22 0.47
N ALA H 146 32.46 29.80 0.45
CA ALA H 146 33.09 29.40 -0.80
C ALA H 146 32.48 28.10 -1.31
N LEU H 147 32.27 28.05 -2.63
CA LEU H 147 31.71 26.87 -3.30
C LEU H 147 32.84 25.96 -3.70
N ASP H 148 32.53 24.66 -3.78
CA ASP H 148 33.43 23.62 -4.26
C ASP H 148 32.60 22.44 -4.75
N VAL H 149 33.24 21.56 -5.53
CA VAL H 149 32.61 20.34 -6.06
C VAL H 149 33.31 19.16 -5.37
N VAL H 150 32.51 18.33 -4.71
CA VAL H 150 32.98 17.15 -3.96
C VAL H 150 32.22 15.91 -4.45
N THR H 151 32.85 14.74 -4.35
CA THR H 151 32.21 13.47 -4.67
C THR H 151 32.24 12.57 -3.42
N THR H 152 31.22 11.69 -3.32
CA THR H 152 31.12 10.70 -2.24
C THR H 152 30.91 9.33 -2.87
N ALA H 153 31.26 8.27 -2.13
CA ALA H 153 31.07 6.89 -2.59
C ALA H 153 29.75 6.37 -2.05
N ASN H 154 29.07 5.51 -2.85
CA ASN H 154 27.84 4.85 -2.47
C ASN H 154 26.74 5.79 -2.03
N GLN H 155 26.33 5.73 -0.75
CA GLN H 155 25.30 6.60 -0.17
C GLN H 155 25.85 7.56 0.87
N ASP H 156 27.16 7.85 0.77
CA ASP H 156 27.78 8.84 1.65
C ASP H 156 27.23 10.21 1.22
N THR H 157 27.07 11.11 2.17
CA THR H 157 26.49 12.41 1.94
C THR H 157 27.36 13.54 2.50
N ILE H 158 26.89 14.78 2.36
CA ILE H 158 27.54 15.97 2.91
C ILE H 158 26.94 16.05 4.30
N SER H 159 27.65 15.51 5.27
CA SER H 159 27.16 15.41 6.62
C SER H 159 27.85 16.36 7.60
N ALA H 160 29.02 16.92 7.19
CA ALA H 160 29.79 17.87 7.99
C ALA H 160 28.94 19.09 8.31
N PRO H 161 28.84 19.50 9.60
CA PRO H 161 28.00 20.65 9.96
C PRO H 161 28.33 21.96 9.25
N HIS H 162 29.61 22.19 8.87
CA HIS H 162 30.04 23.42 8.19
C HIS H 162 29.74 23.43 6.67
N LEU H 163 29.33 22.29 6.11
CA LEU H 163 29.06 22.20 4.68
C LEU H 163 27.58 22.04 4.38
N VAL H 164 27.11 22.77 3.36
CA VAL H 164 25.74 22.71 2.90
C VAL H 164 25.69 22.16 1.45
N PRO H 165 24.95 21.07 1.19
CA PRO H 165 24.82 20.59 -0.19
C PRO H 165 23.93 21.58 -0.99
N ILE H 166 24.41 22.02 -2.16
CA ILE H 166 23.71 22.99 -3.04
C ILE H 166 23.00 22.26 -4.16
N ILE H 167 23.75 21.42 -4.87
CA ILE H 167 23.25 20.55 -5.95
C ILE H 167 23.77 19.15 -5.66
N ALA H 168 22.91 18.13 -5.76
CA ALA H 168 23.32 16.71 -5.67
C ALA H 168 23.03 16.03 -7.02
N ILE H 169 24.03 15.30 -7.59
CA ILE H 169 23.88 14.55 -8.84
C ILE H 169 24.10 13.07 -8.55
N ASP H 170 23.12 12.23 -8.86
CA ASP H 170 23.25 10.79 -8.66
C ASP H 170 24.08 10.15 -9.76
N ALA H 171 25.16 9.47 -9.40
CA ALA H 171 26.01 8.79 -10.40
C ALA H 171 25.95 7.24 -10.35
N TRP H 172 25.00 6.67 -9.56
CA TRP H 172 24.77 5.22 -9.48
C TRP H 172 24.23 4.76 -10.83
N GLU H 173 24.67 3.57 -11.31
CA GLU H 173 24.22 3.00 -12.60
C GLU H 173 22.71 2.95 -12.73
N HIS H 174 21.97 2.70 -11.62
CA HIS H 174 20.50 2.69 -11.70
C HIS H 174 19.85 4.05 -12.10
N ALA H 175 20.62 5.16 -12.00
CA ALA H 175 20.11 6.50 -12.27
C ALA H 175 19.99 6.77 -13.78
N TYR H 176 20.81 6.06 -14.58
CA TYR H 176 20.88 6.28 -16.01
C TYR H 176 20.86 5.05 -16.92
N TYR H 177 21.27 3.86 -16.40
CA TYR H 177 21.45 2.65 -17.21
C TYR H 177 20.38 2.30 -18.24
N LEU H 178 19.08 2.34 -17.88
CA LEU H 178 18.01 1.97 -18.82
C LEU H 178 17.95 2.82 -20.06
N GLN H 179 18.28 4.10 -19.94
CA GLN H 179 18.27 5.04 -21.04
C GLN H 179 19.66 5.20 -21.70
N TYR H 180 20.71 5.45 -20.91
CA TYR H 180 22.05 5.72 -21.43
C TYR H 180 22.99 4.54 -21.52
N GLN H 181 22.61 3.40 -20.91
CA GLN H 181 23.44 2.17 -20.87
C GLN H 181 24.81 2.54 -20.27
N ASN H 182 25.94 2.07 -20.85
CA ASN H 182 27.30 2.33 -20.36
C ASN H 182 27.73 3.78 -20.54
N VAL H 183 27.05 4.52 -21.42
CA VAL H 183 27.46 5.88 -21.76
C VAL H 183 27.13 6.93 -20.69
N ARG H 184 27.81 6.76 -19.53
CA ARG H 184 27.72 7.62 -18.36
C ARG H 184 27.97 9.12 -18.67
N PRO H 185 28.95 9.56 -19.52
CA PRO H 185 29.08 11.01 -19.80
C PRO H 185 27.87 11.66 -20.48
N ASP H 186 27.06 10.88 -21.25
CA ASP H 186 25.88 11.45 -21.93
C ASP H 186 24.81 11.78 -20.93
N TYR H 187 24.73 10.99 -19.83
CA TYR H 187 23.78 11.22 -18.75
C TYR H 187 24.19 12.48 -17.97
N PHE H 188 25.49 12.63 -17.68
CA PHE H 188 25.97 13.81 -16.96
C PHE H 188 25.73 15.11 -17.76
N LYS H 189 25.94 15.08 -19.10
CA LYS H 189 25.66 16.26 -19.94
C LYS H 189 24.16 16.60 -19.96
N ALA H 190 23.32 15.58 -20.12
CA ALA H 190 21.87 15.77 -20.24
C ALA H 190 21.17 16.26 -19.00
N ILE H 191 21.59 15.80 -17.80
CA ILE H 191 20.95 16.13 -16.52
C ILE H 191 20.78 17.63 -16.24
N TRP H 192 21.77 18.45 -16.62
CA TRP H 192 21.75 19.90 -16.41
C TRP H 192 20.54 20.61 -17.04
N ASN H 193 19.91 19.99 -18.06
CA ASN H 193 18.72 20.53 -18.72
C ASN H 193 17.47 20.51 -17.81
N VAL H 194 17.51 19.70 -16.74
CA VAL H 194 16.40 19.56 -15.78
C VAL H 194 16.83 19.85 -14.33
N ILE H 195 17.98 20.51 -14.15
CA ILE H 195 18.48 20.92 -12.82
C ILE H 195 17.70 22.14 -12.34
N ASN H 196 17.19 22.10 -11.10
CA ASN H 196 16.44 23.18 -10.49
C ASN H 196 17.39 24.12 -9.72
N TRP H 197 17.90 25.14 -10.41
CA TRP H 197 18.82 26.12 -9.83
C TRP H 197 18.14 27.07 -8.83
N ALA H 198 16.78 27.21 -8.90
CA ALA H 198 16.02 28.04 -7.97
C ALA H 198 16.13 27.42 -6.56
N GLU H 199 16.06 26.06 -6.48
CA GLU H 199 16.20 25.32 -5.24
C GLU H 199 17.62 25.49 -4.67
N ALA H 200 18.64 25.47 -5.56
CA ALA H 200 20.05 25.67 -5.25
C ALA H 200 20.32 27.05 -4.63
N GLU H 201 19.70 28.11 -5.18
CA GLU H 201 19.77 29.49 -4.68
C GLU H 201 19.21 29.56 -3.25
N SER H 202 18.05 28.93 -3.02
CA SER H 202 17.39 28.87 -1.73
C SER H 202 18.27 28.15 -0.69
N ARG H 203 18.90 27.02 -1.10
CA ARG H 203 19.80 26.22 -0.25
C ARG H 203 21.03 27.03 0.17
N TYR H 204 21.58 27.84 -0.74
CA TYR H 204 22.74 28.69 -0.47
C TYR H 204 22.42 29.79 0.55
N SER H 205 21.21 30.36 0.47
CA SER H 205 20.74 31.47 1.31
C SER H 205 20.09 31.08 2.62
N ALA H 206 19.69 29.79 2.78
CA ALA H 206 19.02 29.27 3.97
C ALA H 206 19.85 29.33 5.26
N ILE I 2 -63.44 1.06 15.49
CA ILE I 2 -62.65 -0.12 15.82
C ILE I 2 -63.14 -0.85 17.10
N THR I 3 -63.64 -2.08 16.93
CA THR I 3 -64.15 -2.93 18.02
C THR I 3 -63.00 -3.63 18.72
N GLU I 4 -63.24 -4.09 19.97
CA GLU I 4 -62.22 -4.77 20.80
C GLU I 4 -61.56 -5.98 20.10
N ASN I 5 -62.36 -6.75 19.31
CA ASN I 5 -61.93 -7.95 18.59
C ASN I 5 -60.86 -7.69 17.53
N GLU I 6 -60.77 -6.46 17.04
CA GLU I 6 -59.82 -6.06 16.00
C GLU I 6 -58.53 -5.54 16.61
N LYS I 7 -58.64 -5.00 17.84
CA LYS I 7 -57.56 -4.39 18.59
C LYS I 7 -56.58 -5.43 19.13
N ILE I 8 -55.27 -5.22 18.90
CA ILE I 8 -54.20 -6.08 19.41
C ILE I 8 -53.66 -5.54 20.75
N SER I 9 -53.01 -6.41 21.54
CA SER I 9 -52.44 -5.99 22.81
C SER I 9 -51.03 -6.56 23.01
N LEU I 10 -50.29 -5.98 23.93
CA LEU I 10 -48.95 -6.48 24.27
C LEU I 10 -49.13 -7.82 24.96
N PRO I 11 -48.40 -8.89 24.55
CA PRO I 11 -48.61 -10.20 25.18
C PRO I 11 -47.92 -10.31 26.53
N LYS I 12 -48.44 -11.22 27.37
CA LYS I 12 -47.83 -11.54 28.65
C LYS I 12 -46.56 -12.31 28.30
N ILE I 13 -45.44 -12.01 28.96
CA ILE I 13 -44.18 -12.71 28.66
C ILE I 13 -43.85 -13.70 29.80
N ASP I 14 -43.59 -14.98 29.44
CA ASP I 14 -43.38 -16.11 30.35
C ASP I 14 -42.04 -16.17 31.11
N TRP I 15 -41.27 -15.08 31.09
CA TRP I 15 -39.99 -14.95 31.79
C TRP I 15 -39.82 -13.51 32.30
N ALA I 16 -39.02 -13.30 33.37
CA ALA I 16 -38.77 -11.98 33.94
C ALA I 16 -37.82 -11.18 33.04
N LEU I 17 -37.78 -9.83 33.20
CA LEU I 17 -36.91 -8.96 32.39
C LEU I 17 -35.41 -9.32 32.44
N ASP I 18 -34.92 -9.75 33.63
CA ASP I 18 -33.53 -10.14 33.84
C ASP I 18 -33.28 -11.66 33.65
N ALA I 19 -34.31 -12.43 33.29
CA ALA I 19 -34.22 -13.90 33.16
C ALA I 19 -33.31 -14.44 32.05
N LEU I 20 -32.98 -13.60 31.04
CA LEU I 20 -32.13 -14.04 29.91
C LEU I 20 -30.68 -13.61 30.05
N GLU I 21 -30.35 -13.03 31.21
CA GLU I 21 -29.00 -12.58 31.52
C GLU I 21 -28.09 -13.79 31.72
N PRO I 22 -26.81 -13.74 31.31
CA PRO I 22 -26.06 -12.59 30.76
C PRO I 22 -26.10 -12.46 29.24
N TYR I 23 -26.94 -13.24 28.57
CA TYR I 23 -27.05 -13.25 27.10
C TYR I 23 -27.77 -12.04 26.48
N ILE I 24 -28.86 -11.58 27.12
CA ILE I 24 -29.65 -10.40 26.78
C ILE I 24 -29.95 -9.70 28.10
N SER I 25 -29.53 -8.43 28.22
CA SER I 25 -29.68 -7.65 29.44
C SER I 25 -31.13 -7.31 29.78
N LYS I 26 -31.37 -7.03 31.08
CA LYS I 26 -32.64 -6.59 31.62
C LYS I 26 -33.06 -5.24 30.95
N GLU I 27 -32.06 -4.37 30.68
CA GLU I 27 -32.18 -3.03 30.09
C GLU I 27 -32.71 -3.10 28.68
N ILE I 28 -32.18 -4.05 27.88
CA ILE I 28 -32.64 -4.28 26.52
C ILE I 28 -34.07 -4.80 26.53
N ASN I 29 -34.36 -5.86 27.33
CA ASN I 29 -35.71 -6.43 27.43
C ASN I 29 -36.78 -5.43 27.87
N ASP I 30 -36.46 -4.55 28.83
CA ASP I 30 -37.42 -3.52 29.31
C ASP I 30 -37.82 -2.60 28.13
N LEU I 31 -36.83 -2.04 27.44
CA LEU I 31 -37.07 -1.17 26.28
C LEU I 31 -37.73 -1.95 25.11
N HIS I 32 -37.24 -3.16 24.82
CA HIS I 32 -37.71 -4.00 23.72
C HIS I 32 -39.18 -4.34 23.80
N ILE I 33 -39.64 -4.78 24.98
CA ILE I 33 -41.04 -5.16 25.23
C ILE I 33 -41.93 -3.91 25.44
N ASN I 34 -41.60 -3.08 26.45
CA ASN I 34 -42.39 -1.94 26.90
C ASN I 34 -42.33 -0.64 26.08
N LYS I 35 -41.34 -0.49 25.19
CA LYS I 35 -41.28 0.68 24.32
C LYS I 35 -41.45 0.27 22.85
N HIS I 36 -40.56 -0.60 22.31
CA HIS I 36 -40.62 -1.05 20.92
C HIS I 36 -41.87 -1.85 20.54
N HIS I 37 -42.13 -2.95 21.24
CA HIS I 37 -43.32 -3.76 20.95
C HIS I 37 -44.60 -2.92 21.21
N VAL I 38 -44.62 -2.13 22.29
CA VAL I 38 -45.76 -1.22 22.56
C VAL I 38 -46.04 -0.28 21.36
N ALA I 39 -44.99 0.28 20.73
CA ALA I 39 -45.10 1.14 19.53
C ALA I 39 -45.80 0.41 18.35
N TYR I 40 -45.56 -0.89 18.18
CA TYR I 40 -46.20 -1.71 17.12
C TYR I 40 -47.64 -1.97 17.48
N VAL I 41 -47.94 -2.28 18.75
CA VAL I 41 -49.33 -2.47 19.23
C VAL I 41 -50.14 -1.22 18.87
N ASN I 42 -49.64 -0.03 19.28
CA ASN I 42 -50.27 1.25 19.03
C ASN I 42 -50.41 1.59 17.56
N GLY I 43 -49.33 1.41 16.80
CA GLY I 43 -49.29 1.69 15.38
C GLY I 43 -50.27 0.88 14.56
N TYR I 44 -50.40 -0.43 14.86
CA TYR I 44 -51.37 -1.30 14.17
C TYR I 44 -52.82 -0.87 14.47
N ASN I 45 -53.15 -0.69 15.77
CA ASN I 45 -54.51 -0.30 16.17
C ASN I 45 -54.93 1.04 15.53
N ALA I 46 -53.99 1.98 15.43
CA ALA I 46 -54.18 3.28 14.78
C ALA I 46 -54.33 3.11 13.25
N ALA I 47 -53.55 2.19 12.61
CA ALA I 47 -53.63 1.97 11.16
C ALA I 47 -54.98 1.33 10.79
N ILE I 48 -55.45 0.37 11.60
CA ILE I 48 -56.74 -0.30 11.40
C ILE I 48 -57.90 0.69 11.45
N ASP I 49 -57.84 1.63 12.41
CA ASP I 49 -58.85 2.70 12.58
C ASP I 49 -58.78 3.67 11.38
N ALA I 50 -57.57 4.06 10.94
CA ALA I 50 -57.41 4.91 9.74
C ALA I 50 -57.91 4.16 8.49
N LEU I 51 -57.61 2.85 8.38
CA LEU I 51 -58.04 1.99 7.27
C LEU I 51 -59.55 1.97 7.08
N GLU I 52 -60.31 1.63 8.16
CA GLU I 52 -61.77 1.54 8.13
C GLU I 52 -62.47 2.81 7.66
N LYS I 53 -61.93 3.99 8.07
CA LYS I 53 -62.40 5.32 7.70
C LYS I 53 -62.18 5.58 6.19
N ALA I 54 -60.93 5.38 5.69
CA ALA I 54 -60.58 5.57 4.30
C ALA I 54 -61.33 4.55 3.37
N VAL I 55 -61.39 3.25 3.76
CA VAL I 55 -62.11 2.23 2.99
C VAL I 55 -63.61 2.61 2.86
N GLY I 56 -64.18 3.13 3.96
CA GLY I 56 -65.57 3.56 4.01
C GLY I 56 -65.90 4.69 3.06
N LYS I 57 -64.91 5.55 2.78
CA LYS I 57 -65.03 6.72 1.91
C LYS I 57 -64.57 6.46 0.45
N ARG I 58 -63.97 5.27 0.18
CA ARG I 58 -63.37 4.88 -1.11
C ARG I 58 -62.28 5.90 -1.45
N ASP I 59 -61.55 6.28 -0.43
CA ASP I 59 -60.45 7.22 -0.56
C ASP I 59 -59.26 6.31 -0.74
N LEU I 60 -59.08 5.82 -1.97
CA LEU I 60 -58.02 4.86 -2.33
C LEU I 60 -56.62 5.40 -2.19
N LYS I 61 -56.44 6.73 -2.34
CA LYS I 61 -55.13 7.34 -2.15
C LYS I 61 -54.70 7.05 -0.68
N SER I 62 -55.60 7.31 0.30
CA SER I 62 -55.32 7.07 1.73
C SER I 62 -55.20 5.58 2.06
N VAL I 63 -56.10 4.76 1.51
CA VAL I 63 -56.11 3.29 1.68
C VAL I 63 -54.75 2.69 1.31
N VAL I 64 -54.23 3.03 0.10
CA VAL I 64 -52.95 2.55 -0.41
C VAL I 64 -51.82 3.00 0.52
N GLU I 65 -51.85 4.27 0.97
CA GLU I 65 -50.87 4.84 1.88
C GLU I 65 -50.85 4.09 3.23
N ILE I 66 -52.05 3.79 3.79
CA ILE I 66 -52.26 3.12 5.10
C ILE I 66 -51.73 1.71 5.13
N GLN I 67 -51.83 0.98 4.01
CA GLN I 67 -51.35 -0.40 3.88
C GLN I 67 -49.93 -0.61 4.44
N GLN I 68 -48.99 0.35 4.21
CA GLN I 68 -47.61 0.28 4.69
C GLN I 68 -47.52 0.17 6.22
N ASN I 69 -48.31 1.00 6.95
CA ASN I 69 -48.38 0.99 8.42
C ASN I 69 -49.03 -0.28 8.94
N ILE I 70 -49.98 -0.85 8.18
CA ILE I 70 -50.62 -2.13 8.50
C ILE I 70 -49.55 -3.21 8.44
N LYS I 71 -48.81 -3.25 7.30
CA LYS I 71 -47.74 -4.20 7.04
C LYS I 71 -46.70 -4.07 8.14
N PHE I 72 -46.22 -2.86 8.37
CA PHE I 72 -45.15 -2.61 9.34
C PHE I 72 -45.47 -2.96 10.78
N HIS I 73 -46.53 -2.36 11.33
CA HIS I 73 -46.93 -2.56 12.72
C HIS I 73 -47.50 -3.94 13.00
N GLY I 74 -48.32 -4.44 12.08
CA GLY I 74 -48.86 -5.79 12.16
C GLY I 74 -47.74 -6.82 12.18
N GLY I 75 -46.75 -6.60 11.31
CA GLY I 75 -45.58 -7.46 11.25
C GLY I 75 -44.68 -7.33 12.46
N GLY I 76 -44.55 -6.10 12.96
CA GLY I 76 -43.75 -5.83 14.15
C GLY I 76 -44.37 -6.52 15.36
N HIS I 77 -45.71 -6.52 15.46
CA HIS I 77 -46.37 -7.25 16.57
C HIS I 77 -46.21 -8.77 16.42
N THR I 78 -46.35 -9.31 15.17
CA THR I 78 -46.23 -10.76 14.89
C THR I 78 -44.82 -11.29 15.23
N ASN I 79 -43.80 -10.60 14.72
CA ASN I 79 -42.39 -10.94 14.90
C ASN I 79 -41.94 -10.93 16.36
N HIS I 80 -42.23 -9.86 17.11
CA HIS I 80 -41.84 -9.75 18.52
C HIS I 80 -42.55 -10.81 19.37
N SER I 81 -43.82 -11.11 19.06
CA SER I 81 -44.60 -12.13 19.78
C SER I 81 -43.98 -13.50 19.60
N LEU I 82 -43.65 -13.86 18.34
CA LEU I 82 -42.90 -15.09 18.02
C LEU I 82 -41.59 -15.12 18.78
N PHE I 83 -40.89 -13.97 18.85
CA PHE I 83 -39.58 -13.82 19.47
C PHE I 83 -39.55 -14.14 20.97
N TRP I 84 -40.45 -13.52 21.76
CA TRP I 84 -40.54 -13.77 23.21
C TRP I 84 -40.88 -15.23 23.53
N LYS I 85 -41.78 -15.83 22.72
CA LYS I 85 -42.20 -17.23 22.84
C LYS I 85 -41.06 -18.19 22.53
N ASN I 86 -40.12 -17.79 21.63
CA ASN I 86 -38.93 -18.62 21.36
C ASN I 86 -37.66 -18.20 22.13
N LEU I 87 -37.88 -17.53 23.26
CA LEU I 87 -36.81 -17.17 24.18
C LEU I 87 -37.17 -17.80 25.51
N ALA I 88 -36.18 -18.35 26.23
CA ALA I 88 -36.42 -18.98 27.53
C ALA I 88 -35.20 -18.87 28.44
N PRO I 89 -35.41 -18.63 29.76
CA PRO I 89 -34.27 -18.66 30.68
C PRO I 89 -33.66 -20.07 30.62
N VAL I 90 -32.35 -20.19 30.92
CA VAL I 90 -31.66 -21.49 30.89
C VAL I 90 -32.34 -22.48 31.84
N SER I 91 -32.75 -22.01 33.03
CA SER I 91 -33.41 -22.84 34.04
C SER I 91 -34.77 -23.41 33.56
N LYS I 92 -35.36 -22.82 32.50
CA LYS I 92 -36.64 -23.25 31.90
C LYS I 92 -36.45 -23.88 30.50
N GLY I 93 -35.25 -24.37 30.24
CA GLY I 93 -34.89 -25.04 28.98
C GLY I 93 -34.33 -24.20 27.86
N GLY I 94 -33.96 -22.94 28.13
CA GLY I 94 -33.35 -22.09 27.09
C GLY I 94 -32.01 -22.67 26.73
N GLY I 95 -31.67 -22.69 25.45
CA GLY I 95 -30.44 -23.29 24.96
C GLY I 95 -30.41 -24.82 24.84
N LYS I 96 -31.43 -25.50 25.35
CA LYS I 96 -31.49 -26.97 25.28
C LYS I 96 -31.92 -27.34 23.86
N HIS I 97 -31.08 -28.12 23.18
CA HIS I 97 -31.31 -28.56 21.81
C HIS I 97 -32.59 -29.38 21.66
N PRO I 98 -33.28 -29.33 20.49
CA PRO I 98 -34.53 -30.10 20.37
C PRO I 98 -34.32 -31.61 20.44
N ASP I 99 -35.33 -32.32 20.96
CA ASP I 99 -35.34 -33.79 21.05
C ASP I 99 -35.30 -34.31 19.61
N THR I 100 -34.25 -35.07 19.28
CA THR I 100 -34.02 -35.60 17.93
C THR I 100 -35.08 -36.59 17.48
N SER I 101 -35.98 -37.02 18.41
CA SER I 101 -37.10 -37.94 18.14
C SER I 101 -38.39 -37.18 17.82
N SER I 102 -38.41 -35.84 18.03
CA SER I 102 -39.57 -35.01 17.71
C SER I 102 -39.64 -34.84 16.21
N ALA I 103 -40.81 -34.41 15.71
CA ALA I 103 -40.99 -34.15 14.28
C ALA I 103 -39.92 -33.16 13.80
N LEU I 104 -39.71 -32.05 14.57
CA LEU I 104 -38.69 -31.04 14.27
C LEU I 104 -37.28 -31.61 14.34
N GLY I 105 -36.97 -32.29 15.46
CA GLY I 105 -35.68 -32.89 15.71
C GLY I 105 -35.24 -33.82 14.61
N LYS I 106 -36.17 -34.68 14.13
CA LYS I 106 -35.94 -35.64 13.05
C LYS I 106 -35.65 -34.91 11.75
N GLN I 107 -36.41 -33.83 11.47
CA GLN I 107 -36.24 -33.00 10.27
C GLN I 107 -34.88 -32.29 10.25
N ILE I 108 -34.44 -31.75 11.41
CA ILE I 108 -33.14 -31.10 11.51
C ILE I 108 -32.01 -32.09 11.15
N VAL I 109 -32.07 -33.31 11.74
CA VAL I 109 -31.09 -34.37 11.55
C VAL I 109 -31.00 -34.80 10.06
N ALA I 110 -32.15 -35.07 9.45
CA ALA I 110 -32.22 -35.50 8.06
C ALA I 110 -31.67 -34.45 7.07
N GLN I 111 -31.97 -33.16 7.31
CA GLN I 111 -31.57 -32.07 6.41
C GLN I 111 -30.23 -31.44 6.71
N TYR I 112 -29.92 -31.21 8.00
CA TYR I 112 -28.69 -30.51 8.42
C TYR I 112 -27.67 -31.36 9.15
N GLY I 113 -28.09 -32.55 9.58
CA GLY I 113 -27.21 -33.46 10.30
C GLY I 113 -27.24 -33.21 11.79
N SER I 114 -27.20 -31.92 12.19
CA SER I 114 -27.19 -31.48 13.59
C SER I 114 -27.72 -30.05 13.71
N VAL I 115 -28.22 -29.70 14.91
CA VAL I 115 -28.71 -28.38 15.30
C VAL I 115 -27.59 -27.34 15.14
N SER I 116 -26.33 -27.69 15.55
CA SER I 116 -25.18 -26.77 15.42
C SER I 116 -24.93 -26.34 13.98
N ASN I 117 -25.10 -27.27 13.01
CA ASN I 117 -24.92 -26.94 11.58
CA ASN I 117 -24.92 -26.94 11.59
C ASN I 117 -25.99 -25.95 11.12
N LEU I 118 -27.26 -26.14 11.59
CA LEU I 118 -28.38 -25.26 11.26
C LEU I 118 -28.16 -23.87 11.90
N ILE I 119 -27.73 -23.83 13.17
CA ILE I 119 -27.38 -22.56 13.87
C ILE I 119 -26.30 -21.79 13.07
N ASP I 120 -25.25 -22.48 12.57
CA ASP I 120 -24.16 -21.87 11.77
C ASP I 120 -24.72 -21.24 10.51
N ILE I 121 -25.62 -21.95 9.82
CA ILE I 121 -26.26 -21.43 8.61
C ILE I 121 -27.11 -20.19 8.95
N THR I 122 -27.88 -20.28 10.05
CA THR I 122 -28.72 -19.19 10.51
C THR I 122 -27.89 -17.96 10.88
N ASN I 123 -26.77 -18.15 11.59
CA ASN I 123 -25.88 -17.05 12.00
C ASN I 123 -25.23 -16.35 10.81
N SER I 124 -24.99 -17.11 9.73
CA SER I 124 -24.42 -16.61 8.49
C SER I 124 -25.49 -15.77 7.76
N LYS I 125 -26.74 -16.24 7.77
CA LYS I 125 -27.86 -15.47 7.20
C LYS I 125 -28.11 -14.16 8.00
N LEU I 126 -27.89 -14.21 9.31
CA LEU I 126 -28.07 -13.07 10.21
C LEU I 126 -27.01 -12.01 9.97
N ALA I 127 -25.73 -12.43 9.81
CA ALA I 127 -24.59 -11.56 9.51
C ALA I 127 -24.76 -10.86 8.18
N GLY I 128 -25.52 -11.48 7.28
CA GLY I 128 -25.77 -10.95 5.93
C GLY I 128 -26.83 -9.88 5.84
N ILE I 129 -27.67 -9.73 6.89
CA ILE I 129 -28.73 -8.72 6.89
C ILE I 129 -28.12 -7.34 6.84
N GLN I 130 -28.51 -6.55 5.83
CA GLN I 130 -28.09 -5.16 5.69
C GLN I 130 -29.23 -4.32 6.26
N GLY I 131 -28.94 -3.54 7.28
CA GLY I 131 -29.97 -2.71 7.91
C GLY I 131 -30.80 -3.48 8.90
N SER I 132 -32.08 -3.10 9.08
CA SER I 132 -32.98 -3.75 10.03
C SER I 132 -33.64 -4.98 9.40
N GLY I 133 -33.76 -6.03 10.16
CA GLY I 133 -34.44 -7.22 9.65
C GLY I 133 -34.42 -8.38 10.60
N TRP I 134 -34.92 -9.53 10.13
CA TRP I 134 -35.06 -10.75 10.92
C TRP I 134 -34.58 -11.95 10.15
N ALA I 135 -34.17 -13.02 10.87
CA ALA I 135 -33.92 -14.33 10.29
C ALA I 135 -34.97 -15.27 10.88
N PHE I 136 -35.46 -16.20 10.06
CA PHE I 136 -36.43 -17.19 10.48
C PHE I 136 -36.01 -18.55 9.99
N ILE I 137 -36.20 -19.56 10.86
CA ILE I 137 -36.11 -20.97 10.50
C ILE I 137 -37.57 -21.26 10.20
N VAL I 138 -37.82 -21.74 8.99
CA VAL I 138 -39.17 -21.98 8.55
C VAL I 138 -39.46 -23.41 8.15
N LYS I 139 -40.75 -23.80 8.19
CA LYS I 139 -41.23 -25.10 7.72
C LYS I 139 -42.13 -24.83 6.51
N ASN I 140 -41.84 -25.50 5.36
CA ASN I 140 -42.70 -25.38 4.17
C ASN I 140 -43.66 -26.59 4.16
N LYS I 141 -44.97 -26.34 4.37
CA LYS I 141 -45.99 -27.40 4.40
C LYS I 141 -46.30 -28.04 3.03
N GLN I 142 -45.82 -27.44 1.92
CA GLN I 142 -46.10 -27.97 0.59
C GLN I 142 -45.04 -28.90 0.01
N ASN I 143 -43.81 -28.84 0.54
CA ASN I 143 -42.71 -29.62 -0.01
C ASN I 143 -42.18 -30.74 0.93
N GLY I 144 -43.07 -31.25 1.79
CA GLY I 144 -42.72 -32.34 2.70
C GLY I 144 -42.24 -31.89 4.06
N GLY I 145 -42.64 -30.68 4.45
CA GLY I 145 -42.30 -30.05 5.72
C GLY I 145 -40.82 -29.71 5.80
N ALA I 146 -40.21 -29.41 4.65
CA ALA I 146 -38.81 -29.10 4.55
C ALA I 146 -38.50 -27.78 5.26
N LEU I 147 -37.37 -27.77 5.98
CA LEU I 147 -36.93 -26.58 6.69
C LEU I 147 -36.02 -25.75 5.79
N ASP I 148 -35.99 -24.45 6.06
CA ASP I 148 -35.09 -23.50 5.42
C ASP I 148 -34.91 -22.28 6.31
N VAL I 149 -33.85 -21.50 6.05
CA VAL I 149 -33.53 -20.26 6.78
C VAL I 149 -33.73 -19.10 5.79
N VAL I 150 -34.59 -18.15 6.16
CA VAL I 150 -34.92 -16.96 5.35
C VAL I 150 -34.66 -15.70 6.18
N THR I 151 -34.48 -14.57 5.50
CA THR I 151 -34.41 -13.29 6.18
C THR I 151 -35.52 -12.36 5.68
N THR I 152 -35.94 -11.39 6.49
CA THR I 152 -36.88 -10.36 6.05
C THR I 152 -36.29 -9.00 6.40
N ALA I 153 -36.68 -7.95 5.66
CA ALA I 153 -36.25 -6.60 5.93
C ALA I 153 -37.27 -5.96 6.86
N ASN I 154 -36.78 -5.07 7.76
CA ASN I 154 -37.59 -4.32 8.70
C ASN I 154 -38.57 -5.17 9.52
N GLN I 155 -39.89 -4.98 9.34
CA GLN I 155 -40.91 -5.75 10.06
C GLN I 155 -41.68 -6.69 9.14
N ASP I 156 -41.02 -7.11 8.03
CA ASP I 156 -41.65 -8.07 7.12
C ASP I 156 -41.64 -9.40 7.89
N THR I 157 -42.62 -10.26 7.66
CA THR I 157 -42.73 -11.49 8.40
C THR I 157 -42.99 -12.66 7.47
N ILE I 158 -43.15 -13.86 8.04
CA ILE I 158 -43.52 -15.07 7.31
C ILE I 158 -45.05 -15.06 7.29
N SER I 159 -45.61 -14.56 6.19
CA SER I 159 -47.06 -14.42 6.02
C SER I 159 -47.65 -15.41 5.02
N ALA I 160 -46.81 -16.04 4.14
CA ALA I 160 -47.28 -17.02 3.15
C ALA I 160 -48.00 -18.18 3.87
N PRO I 161 -49.26 -18.49 3.46
CA PRO I 161 -50.04 -19.52 4.14
C PRO I 161 -49.38 -20.89 4.28
N HIS I 162 -48.53 -21.30 3.31
CA HIS I 162 -47.86 -22.61 3.31
C HIS I 162 -46.57 -22.64 4.13
N LEU I 163 -46.13 -21.49 4.67
CA LEU I 163 -44.91 -21.38 5.47
C LEU I 163 -45.21 -21.15 6.93
N VAL I 164 -44.47 -21.83 7.82
CA VAL I 164 -44.62 -21.72 9.27
C VAL I 164 -43.30 -21.25 9.90
N PRO I 165 -43.25 -20.06 10.56
CA PRO I 165 -42.03 -19.68 11.29
C PRO I 165 -41.86 -20.60 12.52
N ILE I 166 -40.67 -21.13 12.69
CA ILE I 166 -40.31 -22.07 13.75
C ILE I 166 -39.44 -21.35 14.79
N ILE I 167 -38.42 -20.63 14.33
CA ILE I 167 -37.58 -19.75 15.17
C ILE I 167 -37.54 -18.40 14.48
N ALA I 168 -37.75 -17.28 15.24
CA ALA I 168 -37.60 -15.89 14.77
C ALA I 168 -36.46 -15.27 15.57
N ILE I 169 -35.47 -14.63 14.88
CA ILE I 169 -34.35 -13.95 15.54
C ILE I 169 -34.37 -12.49 15.13
N ASP I 170 -34.46 -11.58 16.10
CA ASP I 170 -34.47 -10.13 15.83
C ASP I 170 -33.06 -9.63 15.56
N ALA I 171 -32.86 -9.00 14.40
CA ALA I 171 -31.55 -8.43 14.01
C ALA I 171 -31.53 -6.91 13.94
N TRP I 172 -32.59 -6.26 14.46
CA TRP I 172 -32.66 -4.79 14.52
C TRP I 172 -31.60 -4.35 15.52
N GLU I 173 -30.94 -3.20 15.28
CA GLU I 173 -29.93 -2.70 16.23
C GLU I 173 -30.43 -2.56 17.68
N HIS I 174 -31.71 -2.20 17.86
CA HIS I 174 -32.30 -2.10 19.19
C HIS I 174 -32.34 -3.40 20.01
N ALA I 175 -32.14 -4.55 19.35
CA ALA I 175 -32.21 -5.85 20.01
C ALA I 175 -30.88 -6.21 20.73
N TYR I 176 -29.79 -5.47 20.41
CA TYR I 176 -28.46 -5.75 20.95
C TYR I 176 -27.50 -4.58 21.25
N TYR I 177 -27.74 -3.39 20.64
CA TYR I 177 -26.85 -2.22 20.78
C TYR I 177 -26.37 -1.83 22.16
N LEU I 178 -27.28 -1.72 23.14
CA LEU I 178 -26.92 -1.33 24.51
C LEU I 178 -25.90 -2.26 25.17
N GLN I 179 -25.95 -3.57 24.84
CA GLN I 179 -25.03 -4.57 25.39
C GLN I 179 -23.82 -4.90 24.47
N TYR I 180 -24.04 -5.15 23.17
CA TYR I 180 -23.01 -5.58 22.21
C TYR I 180 -22.46 -4.48 21.33
N GLN I 181 -23.07 -3.29 21.34
CA GLN I 181 -22.65 -2.15 20.50
C GLN I 181 -22.65 -2.54 19.01
N ASN I 182 -21.63 -2.20 18.23
CA ASN I 182 -21.53 -2.52 16.80
C ASN I 182 -21.26 -4.02 16.50
N VAL I 183 -20.83 -4.80 17.54
CA VAL I 183 -20.44 -6.21 17.42
C VAL I 183 -21.62 -7.17 17.36
N ARG I 184 -22.37 -7.02 16.26
CA ARG I 184 -23.54 -7.77 15.85
C ARG I 184 -23.27 -9.28 15.86
N PRO I 185 -22.13 -9.83 15.33
CA PRO I 185 -21.91 -11.30 15.41
C PRO I 185 -21.87 -11.87 16.83
N ASP I 186 -21.44 -11.05 17.82
CA ASP I 186 -21.40 -11.49 19.22
C ASP I 186 -22.80 -11.74 19.77
N TYR I 187 -23.77 -10.90 19.36
CA TYR I 187 -25.16 -11.06 19.76
C TYR I 187 -25.77 -12.34 19.14
N PHE I 188 -25.55 -12.54 17.82
CA PHE I 188 -26.04 -13.73 17.09
C PHE I 188 -25.53 -15.02 17.69
N LYS I 189 -24.28 -15.05 18.16
CA LYS I 189 -23.72 -16.24 18.81
C LYS I 189 -24.34 -16.49 20.18
N ALA I 190 -24.47 -15.43 20.99
CA ALA I 190 -24.97 -15.54 22.36
C ALA I 190 -26.43 -15.90 22.50
N ILE I 191 -27.29 -15.46 21.58
CA ILE I 191 -28.75 -15.67 21.69
C ILE I 191 -29.18 -17.14 21.74
N TRP I 192 -28.46 -18.04 21.04
CA TRP I 192 -28.80 -19.47 21.01
C TRP I 192 -28.80 -20.12 22.38
N ASN I 193 -28.05 -19.54 23.33
CA ASN I 193 -27.96 -19.99 24.71
C ASN I 193 -29.31 -19.84 25.47
N VAL I 194 -30.22 -19.00 24.95
CA VAL I 194 -31.55 -18.74 25.54
C VAL I 194 -32.73 -19.00 24.59
N ILE I 195 -32.46 -19.72 23.48
CA ILE I 195 -33.48 -20.07 22.49
C ILE I 195 -34.32 -21.21 23.03
N ASN I 196 -35.64 -21.10 22.83
CA ASN I 196 -36.61 -22.06 23.29
C ASN I 196 -36.99 -23.04 22.19
N TRP I 197 -36.28 -24.18 22.13
CA TRP I 197 -36.51 -25.23 21.12
C TRP I 197 -37.76 -26.05 21.41
N ALA I 198 -38.25 -26.03 22.68
CA ALA I 198 -39.51 -26.69 23.04
C ALA I 198 -40.64 -26.01 22.24
N GLU I 199 -40.60 -24.66 22.16
CA GLU I 199 -41.57 -23.88 21.39
C GLU I 199 -41.45 -24.16 19.92
N ALA I 200 -40.20 -24.24 19.42
CA ALA I 200 -39.89 -24.55 18.04
C ALA I 200 -40.47 -25.93 17.64
N GLU I 201 -40.33 -26.95 18.51
CA GLU I 201 -40.89 -28.29 18.28
C GLU I 201 -42.42 -28.27 18.19
N SER I 202 -43.07 -27.50 19.08
CA SER I 202 -44.52 -27.32 19.13
C SER I 202 -45.05 -26.63 17.84
N ARG I 203 -44.34 -25.60 17.37
CA ARG I 203 -44.67 -24.88 16.11
C ARG I 203 -44.59 -25.79 14.89
N TYR I 204 -43.58 -26.67 14.86
CA TYR I 204 -43.39 -27.59 13.75
C TYR I 204 -44.54 -28.60 13.67
N SER I 205 -44.92 -29.18 14.80
CA SER I 205 -45.94 -30.21 14.87
C SER I 205 -47.40 -29.70 14.92
N ALA I 206 -47.58 -28.37 15.07
CA ALA I 206 -48.90 -27.70 15.12
C ALA I 206 -49.80 -27.87 13.90
N ILE J 2 -68.00 -7.07 2.69
CA ILE J 2 -67.82 -5.85 1.90
C ILE J 2 -69.15 -5.16 1.58
N THR J 3 -69.27 -3.89 1.97
CA THR J 3 -70.47 -3.10 1.72
C THR J 3 -70.42 -2.43 0.34
N GLU J 4 -71.60 -2.02 -0.15
CA GLU J 4 -71.83 -1.38 -1.44
C GLU J 4 -71.07 -0.05 -1.58
N ASN J 5 -70.95 0.72 -0.49
CA ASN J 5 -70.27 2.00 -0.48
C ASN J 5 -68.74 1.88 -0.52
N GLU J 6 -68.21 0.67 -0.23
CA GLU J 6 -66.77 0.40 -0.19
C GLU J 6 -66.24 -0.11 -1.53
N LYS J 7 -67.14 -0.59 -2.41
CA LYS J 7 -66.70 -1.14 -3.68
C LYS J 7 -66.53 -0.16 -4.78
N ILE J 8 -65.43 -0.33 -5.52
CA ILE J 8 -65.07 0.48 -6.66
C ILE J 8 -65.63 -0.13 -7.93
N SER J 9 -65.73 0.67 -8.99
CA SER J 9 -66.24 0.22 -10.27
C SER J 9 -65.42 0.86 -11.38
N LEU J 10 -65.42 0.23 -12.57
CA LEU J 10 -64.69 0.73 -13.73
C LEU J 10 -65.22 2.13 -14.12
N PRO J 11 -64.35 3.16 -14.30
CA PRO J 11 -64.87 4.49 -14.67
C PRO J 11 -65.32 4.55 -16.13
N LYS J 12 -66.22 5.48 -16.44
CA LYS J 12 -66.67 5.70 -17.82
C LYS J 12 -65.54 6.42 -18.56
N ILE J 13 -65.27 6.05 -19.80
CA ILE J 13 -64.20 6.70 -20.55
C ILE J 13 -64.75 7.72 -21.53
N ASP J 14 -64.22 8.96 -21.48
CA ASP J 14 -64.65 10.13 -22.25
C ASP J 14 -64.36 10.08 -23.76
N TRP J 15 -63.66 9.05 -24.21
CA TRP J 15 -63.32 8.91 -25.63
C TRP J 15 -63.57 7.47 -26.12
N ALA J 16 -63.78 7.31 -27.44
CA ALA J 16 -64.01 6.00 -28.09
C ALA J 16 -62.71 5.21 -28.06
N LEU J 17 -62.79 3.88 -28.12
CA LEU J 17 -61.59 3.04 -28.04
C LEU J 17 -60.58 3.26 -29.19
N ASP J 18 -61.06 3.64 -30.41
CA ASP J 18 -60.19 3.87 -31.59
C ASP J 18 -59.79 5.34 -31.78
N ALA J 19 -60.24 6.21 -30.87
CA ALA J 19 -60.04 7.68 -30.92
C ALA J 19 -58.61 8.16 -30.72
N LEU J 20 -57.73 7.31 -30.14
CA LEU J 20 -56.31 7.63 -29.88
C LEU J 20 -55.39 7.17 -31.01
N GLU J 21 -55.96 6.54 -32.05
CA GLU J 21 -55.17 6.06 -33.22
C GLU J 21 -54.63 7.27 -34.00
N PRO J 22 -53.44 7.24 -34.63
CA PRO J 22 -52.48 6.13 -34.79
C PRO J 22 -51.47 6.00 -33.63
N TYR J 23 -51.72 6.68 -32.50
CA TYR J 23 -50.82 6.67 -31.34
C TYR J 23 -51.01 5.46 -30.43
N ILE J 24 -52.27 5.14 -30.06
CA ILE J 24 -52.61 3.97 -29.25
C ILE J 24 -53.77 3.26 -29.95
N SER J 25 -53.58 1.98 -30.32
CA SER J 25 -54.62 1.24 -31.03
C SER J 25 -55.88 0.94 -30.22
N LYS J 26 -57.00 0.75 -30.94
CA LYS J 26 -58.26 0.29 -30.36
C LYS J 26 -58.01 -1.06 -29.64
N GLU J 27 -57.15 -1.91 -30.23
CA GLU J 27 -56.79 -3.26 -29.75
C GLU J 27 -56.19 -3.24 -28.34
N ILE J 28 -55.24 -2.32 -28.13
CA ILE J 28 -54.61 -2.08 -26.82
C ILE J 28 -55.67 -1.57 -25.83
N ASN J 29 -56.37 -0.46 -26.16
CA ASN J 29 -57.37 0.20 -25.29
C ASN J 29 -58.50 -0.73 -24.86
N ASP J 30 -59.02 -1.57 -25.78
CA ASP J 30 -60.08 -2.52 -25.42
C ASP J 30 -59.59 -3.49 -24.31
N LEU J 31 -58.37 -4.02 -24.47
CA LEU J 31 -57.82 -4.94 -23.46
C LEU J 31 -57.42 -4.19 -22.22
N HIS J 32 -56.75 -3.02 -22.41
CA HIS J 32 -56.25 -2.19 -21.31
C HIS J 32 -57.36 -1.83 -20.32
N ILE J 33 -58.48 -1.35 -20.84
CA ILE J 33 -59.64 -0.94 -20.04
C ILE J 33 -60.49 -2.16 -19.62
N ASN J 34 -60.99 -2.95 -20.60
CA ASN J 34 -61.89 -4.07 -20.36
C ASN J 34 -61.32 -5.36 -19.79
N LYS J 35 -60.00 -5.52 -19.83
CA LYS J 35 -59.40 -6.69 -19.20
C LYS J 35 -58.48 -6.26 -18.05
N HIS J 36 -57.45 -5.42 -18.32
CA HIS J 36 -56.49 -5.01 -17.30
C HIS J 36 -57.08 -4.19 -16.16
N HIS J 37 -57.82 -3.12 -16.48
CA HIS J 37 -58.45 -2.30 -15.44
C HIS J 37 -59.53 -3.07 -14.74
N VAL J 38 -60.38 -3.86 -15.44
CA VAL J 38 -61.42 -4.69 -14.79
C VAL J 38 -60.81 -5.64 -13.72
N ALA J 39 -59.61 -6.21 -13.99
CA ALA J 39 -58.93 -7.11 -13.05
C ALA J 39 -58.52 -6.36 -11.77
N TYR J 40 -58.13 -5.07 -11.87
CA TYR J 40 -57.78 -4.30 -10.66
C TYR J 40 -59.05 -3.95 -9.85
N VAL J 41 -60.18 -3.67 -10.52
CA VAL J 41 -61.47 -3.37 -9.88
C VAL J 41 -61.91 -4.58 -9.03
N ASN J 42 -61.90 -5.77 -9.67
CA ASN J 42 -62.28 -7.03 -9.03
C ASN J 42 -61.32 -7.43 -7.93
N GLY J 43 -60.03 -7.24 -8.19
CA GLY J 43 -58.97 -7.55 -7.24
C GLY J 43 -59.09 -6.74 -5.96
N TYR J 44 -59.35 -5.43 -6.10
CA TYR J 44 -59.47 -4.57 -4.92
C TYR J 44 -60.72 -4.95 -4.12
N ASN J 45 -61.84 -5.16 -4.79
CA ASN J 45 -63.07 -5.54 -4.08
C ASN J 45 -62.95 -6.89 -3.35
N ALA J 46 -62.19 -7.83 -3.93
CA ALA J 46 -61.98 -9.12 -3.29
C ALA J 46 -61.02 -8.98 -2.13
N ALA J 47 -59.97 -8.12 -2.28
CA ALA J 47 -58.97 -7.88 -1.24
C ALA J 47 -59.56 -7.17 -0.04
N ILE J 48 -60.52 -6.24 -0.25
CA ILE J 48 -61.18 -5.51 0.84
C ILE J 48 -62.07 -6.45 1.67
N ASP J 49 -62.78 -7.34 0.98
CA ASP J 49 -63.64 -8.33 1.61
C ASP J 49 -62.79 -9.24 2.48
N ALA J 50 -61.64 -9.71 1.95
CA ALA J 50 -60.71 -10.60 2.62
C ALA J 50 -60.07 -9.95 3.85
N LEU J 51 -59.71 -8.67 3.72
CA LEU J 51 -59.06 -7.89 4.78
C LEU J 51 -60.00 -7.65 5.97
N GLU J 52 -61.30 -7.36 5.71
CA GLU J 52 -62.29 -7.15 6.78
C GLU J 52 -62.50 -8.39 7.65
N LYS J 53 -62.54 -9.59 6.99
CA LYS J 53 -62.68 -10.89 7.65
C LYS J 53 -61.47 -11.19 8.54
N ALA J 54 -60.24 -11.05 7.98
CA ALA J 54 -58.98 -11.27 8.70
C ALA J 54 -58.79 -10.34 9.91
N VAL J 55 -59.09 -9.02 9.75
CA VAL J 55 -58.97 -7.95 10.76
C VAL J 55 -59.92 -8.22 11.93
N GLY J 56 -61.14 -8.60 11.59
CA GLY J 56 -62.19 -8.93 12.55
C GLY J 56 -61.87 -10.15 13.38
N LYS J 57 -61.04 -11.05 12.84
CA LYS J 57 -60.58 -12.28 13.48
C LYS J 57 -59.24 -12.05 14.17
N ARG J 58 -58.63 -10.86 13.93
CA ARG J 58 -57.30 -10.51 14.44
C ARG J 58 -56.28 -11.56 13.95
N ASP J 59 -56.37 -11.91 12.65
CA ASP J 59 -55.50 -12.90 12.02
C ASP J 59 -54.40 -12.09 11.32
N LEU J 60 -53.46 -11.59 12.09
CA LEU J 60 -52.39 -10.72 11.56
C LEU J 60 -51.53 -11.31 10.44
N LYS J 61 -51.42 -12.66 10.38
CA LYS J 61 -50.73 -13.33 9.27
C LYS J 61 -51.45 -13.04 7.93
N SER J 62 -52.81 -13.24 7.87
CA SER J 62 -53.65 -12.98 6.68
C SER J 62 -53.69 -11.47 6.39
N VAL J 63 -53.82 -10.64 7.46
CA VAL J 63 -53.84 -9.16 7.35
C VAL J 63 -52.59 -8.67 6.59
N VAL J 64 -51.41 -9.11 7.04
CA VAL J 64 -50.12 -8.76 6.44
C VAL J 64 -49.98 -9.26 4.99
N GLU J 65 -50.48 -10.46 4.71
CA GLU J 65 -50.48 -11.01 3.36
C GLU J 65 -51.41 -10.19 2.42
N ILE J 66 -52.67 -9.89 2.87
CA ILE J 66 -53.67 -9.14 2.09
C ILE J 66 -53.27 -7.68 1.76
N GLN J 67 -52.58 -6.99 2.67
CA GLN J 67 -52.19 -5.59 2.40
C GLN J 67 -51.48 -5.36 1.07
N GLN J 68 -50.74 -6.37 0.56
CA GLN J 68 -50.04 -6.26 -0.74
C GLN J 68 -51.03 -6.22 -1.90
N ASN J 69 -52.13 -6.98 -1.78
CA ASN J 69 -53.17 -7.05 -2.82
C ASN J 69 -54.00 -5.77 -2.83
N ILE J 70 -54.15 -5.17 -1.65
CA ILE J 70 -54.83 -3.89 -1.56
C ILE J 70 -53.97 -2.82 -2.26
N LYS J 71 -52.68 -2.72 -1.88
CA LYS J 71 -51.71 -1.80 -2.49
C LYS J 71 -51.69 -1.97 -4.01
N PHE J 72 -51.53 -3.21 -4.50
CA PHE J 72 -51.46 -3.51 -5.93
C PHE J 72 -52.72 -3.20 -6.72
N HIS J 73 -53.88 -3.73 -6.28
CA HIS J 73 -55.13 -3.49 -7.02
C HIS J 73 -55.70 -2.09 -6.80
N GLY J 74 -55.51 -1.54 -5.60
CA GLY J 74 -55.95 -0.17 -5.30
C GLY J 74 -55.16 0.83 -6.11
N GLY J 75 -53.86 0.57 -6.23
CA GLY J 75 -52.98 1.38 -7.04
C GLY J 75 -53.26 1.25 -8.52
N GLY J 76 -53.57 0.03 -8.97
CA GLY J 76 -53.91 -0.21 -10.38
C GLY J 76 -55.14 0.55 -10.81
N HIS J 77 -56.17 0.55 -9.94
CA HIS J 77 -57.40 1.31 -10.20
C HIS J 77 -57.09 2.79 -10.27
N THR J 78 -56.33 3.29 -9.28
CA THR J 78 -55.95 4.70 -9.16
C THR J 78 -55.18 5.13 -10.39
N ASN J 79 -54.12 4.36 -10.74
CA ASN J 79 -53.24 4.71 -11.86
C ASN J 79 -53.95 4.72 -13.20
N HIS J 80 -54.76 3.69 -13.49
CA HIS J 80 -55.52 3.61 -14.74
C HIS J 80 -56.60 4.69 -14.86
N SER J 81 -57.31 5.02 -13.77
CA SER J 81 -58.29 6.10 -13.81
C SER J 81 -57.65 7.45 -14.10
N LEU J 82 -56.40 7.69 -13.60
CA LEU J 82 -55.67 8.93 -13.87
C LEU J 82 -55.27 8.92 -15.34
N PHE J 83 -54.83 7.76 -15.85
CA PHE J 83 -54.37 7.59 -17.23
C PHE J 83 -55.48 7.95 -18.26
N TRP J 84 -56.67 7.33 -18.16
CA TRP J 84 -57.75 7.62 -19.10
C TRP J 84 -58.17 9.08 -19.11
N LYS J 85 -58.12 9.73 -17.93
CA LYS J 85 -58.47 11.14 -17.74
C LYS J 85 -57.39 12.10 -18.25
N ASN J 86 -56.13 11.65 -18.38
CA ASN J 86 -55.08 12.49 -18.98
C ASN J 86 -54.71 12.10 -20.42
N LEU J 87 -55.64 11.39 -21.08
CA LEU J 87 -55.59 11.03 -22.49
C LEU J 87 -56.80 11.66 -23.17
N ALA J 88 -56.60 12.18 -24.38
CA ALA J 88 -57.66 12.79 -25.18
C ALA J 88 -57.37 12.64 -26.65
N PRO J 89 -58.41 12.40 -27.50
CA PRO J 89 -58.17 12.44 -28.96
C PRO J 89 -57.70 13.83 -29.38
N VAL J 90 -56.96 13.91 -30.51
CA VAL J 90 -56.46 15.18 -31.04
C VAL J 90 -57.61 16.17 -31.24
N SER J 91 -58.78 15.69 -31.75
CA SER J 91 -59.97 16.50 -31.98
C SER J 91 -60.57 17.09 -30.69
N LYS J 92 -60.22 16.53 -29.52
CA LYS J 92 -60.74 17.00 -28.25
C LYS J 92 -59.67 17.70 -27.36
N GLY J 93 -58.57 18.12 -27.98
CA GLY J 93 -57.48 18.82 -27.31
C GLY J 93 -56.26 18.00 -26.92
N GLY J 94 -56.22 16.73 -27.33
CA GLY J 94 -55.07 15.86 -27.08
C GLY J 94 -53.84 16.35 -27.82
N GLY J 95 -52.73 16.45 -27.09
CA GLY J 95 -51.46 16.95 -27.61
C GLY J 95 -51.30 18.46 -27.50
N LYS J 96 -52.39 19.18 -27.23
CA LYS J 96 -52.38 20.63 -27.10
C LYS J 96 -51.75 21.02 -25.79
N HIS J 97 -50.61 21.74 -25.90
CA HIS J 97 -49.82 22.21 -24.78
C HIS J 97 -50.59 23.06 -23.78
N PRO J 98 -50.26 23.03 -22.47
CA PRO J 98 -51.06 23.81 -21.50
C PRO J 98 -50.92 25.33 -21.71
N ASP J 99 -51.92 26.08 -21.26
CA ASP J 99 -51.95 27.54 -21.36
C ASP J 99 -50.85 28.09 -20.43
N THR J 100 -49.86 28.81 -21.00
CA THR J 100 -48.74 29.35 -20.23
C THR J 100 -49.16 30.33 -19.12
N SER J 101 -50.38 30.90 -19.18
CA SER J 101 -50.97 31.80 -18.19
C SER J 101 -51.69 31.05 -17.06
N SER J 102 -51.93 29.72 -17.24
CA SER J 102 -52.54 28.88 -16.22
C SER J 102 -51.53 28.68 -15.09
N ALA J 103 -52.00 28.32 -13.88
CA ALA J 103 -51.11 28.06 -12.74
C ALA J 103 -50.07 26.98 -13.07
N LEU J 104 -50.47 25.87 -13.77
CA LEU J 104 -49.57 24.81 -14.22
C LEU J 104 -48.60 25.32 -15.31
N GLY J 105 -49.14 25.98 -16.33
CA GLY J 105 -48.34 26.53 -17.42
C GLY J 105 -47.30 27.50 -16.94
N LYS J 106 -47.67 28.36 -15.98
CA LYS J 106 -46.75 29.33 -15.35
C LYS J 106 -45.64 28.59 -14.62
N GLN J 107 -45.99 27.51 -13.88
CA GLN J 107 -44.98 26.68 -13.17
C GLN J 107 -44.01 25.96 -14.12
N ILE J 108 -44.53 25.35 -15.21
CA ILE J 108 -43.70 24.66 -16.23
C ILE J 108 -42.67 25.63 -16.80
N VAL J 109 -43.14 26.82 -17.18
CA VAL J 109 -42.27 27.87 -17.71
C VAL J 109 -41.21 28.26 -16.70
N ALA J 110 -41.60 28.53 -15.46
CA ALA J 110 -40.66 28.96 -14.40
C ALA J 110 -39.55 27.92 -14.13
N GLN J 111 -39.92 26.63 -13.97
CA GLN J 111 -38.97 25.55 -13.66
C GLN J 111 -38.21 24.91 -14.83
N TYR J 112 -38.88 24.63 -15.99
CA TYR J 112 -38.30 23.94 -17.15
C TYR J 112 -38.05 24.78 -18.38
N GLY J 113 -38.55 26.01 -18.41
CA GLY J 113 -38.41 26.88 -19.58
C GLY J 113 -39.49 26.65 -20.61
N SER J 114 -39.83 25.35 -20.89
CA SER J 114 -40.86 24.93 -21.85
C SER J 114 -41.39 23.54 -21.52
N VAL J 115 -42.60 23.24 -22.06
CA VAL J 115 -43.29 21.95 -21.99
C VAL J 115 -42.42 20.89 -22.74
N SER J 116 -41.81 21.30 -23.87
CA SER J 116 -40.91 20.51 -24.67
C SER J 116 -39.79 19.90 -23.80
N ASN J 117 -39.13 20.75 -22.98
CA ASN J 117 -38.05 20.33 -22.07
CA ASN J 117 -38.05 20.34 -22.07
C ASN J 117 -38.61 19.39 -21.01
N LEU J 118 -39.80 19.69 -20.42
CA LEU J 118 -40.44 18.83 -19.43
C LEU J 118 -40.74 17.42 -20.02
N ILE J 119 -41.25 17.36 -21.28
CA ILE J 119 -41.55 16.11 -22.00
C ILE J 119 -40.25 15.28 -22.23
N ASP J 120 -39.15 15.98 -22.57
CA ASP J 120 -37.85 15.35 -22.76
C ASP J 120 -37.38 14.69 -21.47
N ILE J 121 -37.53 15.40 -20.34
CA ILE J 121 -37.19 14.94 -18.97
C ILE J 121 -38.06 13.73 -18.57
N THR J 122 -39.36 13.78 -18.92
CA THR J 122 -40.27 12.68 -18.61
C THR J 122 -39.91 11.46 -19.43
N ASN J 123 -39.66 11.64 -20.74
CA ASN J 123 -39.28 10.53 -21.63
C ASN J 123 -38.00 9.87 -21.18
N SER J 124 -37.07 10.66 -20.61
CA SER J 124 -35.80 10.17 -20.09
C SER J 124 -36.05 9.27 -18.86
N LYS J 125 -36.91 9.73 -17.94
CA LYS J 125 -37.36 8.97 -16.76
C LYS J 125 -38.11 7.69 -17.16
N LEU J 126 -38.94 7.79 -18.20
CA LEU J 126 -39.71 6.64 -18.71
C LEU J 126 -38.80 5.55 -19.26
N ALA J 127 -37.76 5.96 -20.03
CA ALA J 127 -36.72 5.07 -20.61
C ALA J 127 -35.96 4.29 -19.53
N GLY J 128 -35.66 4.92 -18.39
CA GLY J 128 -34.95 4.30 -17.27
C GLY J 128 -35.77 3.32 -16.43
N ILE J 129 -37.09 3.19 -16.67
CA ILE J 129 -37.93 2.22 -15.94
C ILE J 129 -37.56 0.76 -16.35
N GLN J 130 -37.13 -0.05 -15.37
CA GLN J 130 -36.75 -1.48 -15.52
C GLN J 130 -37.93 -2.31 -15.03
N GLY J 131 -38.52 -3.10 -15.92
CA GLY J 131 -39.71 -3.87 -15.57
C GLY J 131 -40.98 -3.07 -15.73
N SER J 132 -41.99 -3.38 -14.92
CA SER J 132 -43.32 -2.73 -14.97
C SER J 132 -43.36 -1.47 -14.11
N GLY J 133 -43.88 -0.38 -14.67
CA GLY J 133 -43.91 0.87 -13.94
C GLY J 133 -44.67 2.02 -14.56
N TRP J 134 -44.60 3.18 -13.89
CA TRP J 134 -45.29 4.42 -14.29
C TRP J 134 -44.39 5.61 -14.08
N ALA J 135 -44.57 6.66 -14.90
CA ALA J 135 -43.94 7.96 -14.67
C ALA J 135 -45.08 8.95 -14.41
N PHE J 136 -44.82 9.86 -13.47
CA PHE J 136 -45.74 10.90 -13.08
C PHE J 136 -45.03 12.23 -13.03
N ILE J 137 -45.70 13.25 -13.54
CA ILE J 137 -45.34 14.66 -13.38
C ILE J 137 -46.15 14.96 -12.10
N VAL J 138 -45.50 15.47 -11.04
CA VAL J 138 -46.15 15.70 -9.74
C VAL J 138 -45.99 17.12 -9.26
N LYS J 139 -46.98 17.59 -8.45
CA LYS J 139 -46.93 18.89 -7.80
C LYS J 139 -46.74 18.61 -6.32
N ASN J 140 -45.74 19.27 -5.71
CA ASN J 140 -45.47 19.12 -4.28
C ASN J 140 -46.12 20.34 -3.55
N LYS J 141 -47.13 20.10 -2.71
CA LYS J 141 -47.88 21.15 -2.02
C LYS J 141 -47.13 21.87 -0.88
N GLN J 142 -45.99 21.34 -0.45
CA GLN J 142 -45.26 21.90 0.68
C GLN J 142 -43.99 22.70 0.39
N ASN J 143 -43.44 22.59 -0.83
CA ASN J 143 -42.22 23.32 -1.21
C ASN J 143 -42.49 24.41 -2.27
N GLY J 144 -43.70 24.99 -2.22
CA GLY J 144 -44.15 26.04 -3.12
C GLY J 144 -44.82 25.59 -4.41
N GLY J 145 -45.45 24.41 -4.39
CA GLY J 145 -46.13 23.86 -5.57
C GLY J 145 -45.16 23.48 -6.68
N ALA J 146 -43.92 23.09 -6.32
CA ALA J 146 -42.88 22.72 -7.28
C ALA J 146 -43.21 21.41 -8.01
N LEU J 147 -42.93 21.37 -9.29
CA LEU J 147 -43.13 20.20 -10.12
C LEU J 147 -41.89 19.33 -10.07
N ASP J 148 -42.09 18.00 -10.22
CA ASP J 148 -41.02 17.03 -10.36
C ASP J 148 -41.53 15.86 -11.16
N VAL J 149 -40.61 15.08 -11.72
CA VAL J 149 -40.89 13.86 -12.49
C VAL J 149 -40.33 12.70 -11.66
N VAL J 150 -41.22 11.75 -11.30
CA VAL J 150 -40.96 10.54 -10.49
C VAL J 150 -41.48 9.30 -11.26
N THR J 151 -40.97 8.14 -10.91
CA THR J 151 -41.44 6.88 -11.47
C THR J 151 -41.82 6.00 -10.30
N THR J 152 -42.70 5.03 -10.53
CA THR J 152 -43.09 4.06 -9.52
C THR J 152 -42.97 2.69 -10.17
N ALA J 153 -42.81 1.65 -9.34
CA ALA J 153 -42.74 0.26 -9.77
C ALA J 153 -44.14 -0.33 -9.75
N ASN J 154 -44.46 -1.21 -10.73
CA ASN J 154 -45.72 -1.96 -10.81
C ASN J 154 -46.94 -1.06 -10.66
N GLN J 155 -47.75 -1.27 -9.61
CA GLN J 155 -48.92 -0.42 -9.41
C GLN J 155 -48.78 0.53 -8.24
N ASP J 156 -47.54 0.83 -7.86
CA ASP J 156 -47.31 1.82 -6.81
C ASP J 156 -47.74 3.20 -7.41
N THR J 157 -48.28 4.07 -6.57
CA THR J 157 -48.85 5.33 -7.04
C THR J 157 -48.33 6.51 -6.25
N ILE J 158 -48.82 7.71 -6.54
CA ILE J 158 -48.48 8.89 -5.78
C ILE J 158 -49.51 8.90 -4.65
N SER J 159 -49.12 8.38 -3.47
CA SER J 159 -50.05 8.25 -2.36
C SER J 159 -49.74 9.19 -1.21
N ALA J 160 -48.57 9.88 -1.28
CA ALA J 160 -48.16 10.82 -0.25
C ALA J 160 -49.14 11.99 -0.24
N PRO J 161 -49.77 12.32 0.93
CA PRO J 161 -50.74 13.43 0.96
C PRO J 161 -50.24 14.78 0.44
N HIS J 162 -48.96 15.09 0.62
CA HIS J 162 -48.40 16.38 0.16
C HIS J 162 -48.12 16.41 -1.37
N LEU J 163 -48.37 15.29 -2.09
CA LEU J 163 -48.10 15.21 -3.53
C LEU J 163 -49.35 15.03 -4.37
N VAL J 164 -49.36 15.66 -5.57
CA VAL J 164 -50.49 15.63 -6.51
C VAL J 164 -50.03 15.08 -7.84
N PRO J 165 -50.61 13.95 -8.32
CA PRO J 165 -50.24 13.49 -9.67
C PRO J 165 -50.90 14.43 -10.70
N ILE J 166 -50.11 14.95 -11.63
CA ILE J 166 -50.58 15.89 -12.65
C ILE J 166 -50.81 15.16 -13.98
N ILE J 167 -49.80 14.36 -14.39
CA ILE J 167 -49.78 13.49 -15.58
C ILE J 167 -49.32 12.12 -15.13
N ALA J 168 -50.02 11.05 -15.54
CA ALA J 168 -49.65 9.65 -15.29
C ALA J 168 -49.41 9.01 -16.66
N ILE J 169 -48.25 8.36 -16.85
CA ILE J 169 -47.87 7.62 -18.08
C ILE J 169 -47.60 6.14 -17.74
N ASP J 170 -48.41 5.24 -18.31
CA ASP J 170 -48.26 3.79 -18.12
C ASP J 170 -47.07 3.23 -18.94
N ALA J 171 -46.09 2.61 -18.24
CA ALA J 171 -44.95 2.00 -18.92
C ALA J 171 -44.99 0.46 -18.93
N TRP J 172 -46.09 -0.17 -18.42
CA TRP J 172 -46.23 -1.64 -18.44
C TRP J 172 -46.19 -2.10 -19.89
N GLU J 173 -45.60 -3.27 -20.17
CA GLU J 173 -45.50 -3.79 -21.55
C GLU J 173 -46.90 -3.93 -22.21
N HIS J 174 -47.94 -4.30 -21.42
CA HIS J 174 -49.33 -4.37 -21.94
C HIS J 174 -49.86 -3.04 -22.50
N ALA J 175 -49.24 -1.89 -22.13
CA ALA J 175 -49.69 -0.58 -22.61
C ALA J 175 -49.28 -0.27 -24.07
N TYR J 176 -48.33 -1.02 -24.63
CA TYR J 176 -47.82 -0.73 -25.98
C TYR J 176 -47.46 -1.92 -26.85
N TYR J 177 -47.23 -3.10 -26.23
CA TYR J 177 -46.73 -4.30 -26.95
C TYR J 177 -47.38 -4.69 -28.26
N LEU J 178 -48.73 -4.77 -28.30
CA LEU J 178 -49.46 -5.16 -29.51
C LEU J 178 -49.16 -4.23 -30.70
N GLN J 179 -48.93 -2.93 -30.44
CA GLN J 179 -48.60 -2.01 -31.53
C GLN J 179 -47.09 -1.85 -31.76
N TYR J 180 -46.33 -1.49 -30.71
CA TYR J 180 -44.91 -1.16 -30.76
C TYR J 180 -43.93 -2.28 -30.52
N GLN J 181 -44.41 -3.42 -30.03
CA GLN J 181 -43.61 -4.59 -29.64
C GLN J 181 -42.53 -4.15 -28.65
N ASN J 182 -41.26 -4.49 -28.85
CA ASN J 182 -40.17 -4.14 -27.93
C ASN J 182 -39.76 -2.65 -28.04
N VAL J 183 -40.21 -1.94 -29.10
CA VAL J 183 -39.79 -0.56 -29.35
C VAL J 183 -40.52 0.47 -28.44
N ARG J 184 -40.33 0.30 -27.11
CA ARG J 184 -40.86 1.13 -26.02
C ARG J 184 -40.58 2.66 -26.20
N PRO J 185 -39.35 3.13 -26.66
CA PRO J 185 -39.15 4.58 -26.85
C PRO J 185 -40.09 5.22 -27.88
N ASP J 186 -40.59 4.43 -28.85
CA ASP J 186 -41.52 4.94 -29.87
C ASP J 186 -42.87 5.21 -29.25
N TYR J 187 -43.28 4.38 -28.29
CA TYR J 187 -44.56 4.58 -27.60
C TYR J 187 -44.46 5.84 -26.72
N PHE J 188 -43.39 5.98 -25.93
CA PHE J 188 -43.16 7.16 -25.09
C PHE J 188 -43.21 8.47 -25.91
N LYS J 189 -42.46 8.51 -27.03
CA LYS J 189 -42.47 9.64 -27.96
C LYS J 189 -43.91 9.92 -28.48
N ALA J 190 -44.64 8.86 -28.91
CA ALA J 190 -45.98 8.94 -29.48
C ALA J 190 -47.12 9.45 -28.60
N ILE J 191 -47.16 9.02 -27.32
CA ILE J 191 -48.23 9.31 -26.35
C ILE J 191 -48.52 10.80 -26.12
N TRP J 192 -47.51 11.63 -26.19
CA TRP J 192 -47.65 13.08 -25.97
C TRP J 192 -48.59 13.75 -26.96
N ASN J 193 -48.79 13.12 -28.12
CA ASN J 193 -49.75 13.60 -29.14
C ASN J 193 -51.20 13.42 -28.68
N VAL J 194 -51.43 12.57 -27.65
CA VAL J 194 -52.79 12.33 -27.11
C VAL J 194 -52.93 12.68 -25.64
N ILE J 195 -51.93 13.37 -25.08
CA ILE J 195 -51.93 13.81 -23.67
C ILE J 195 -52.90 14.98 -23.46
N ASN J 196 -53.80 14.82 -22.48
CA ASN J 196 -54.79 15.84 -22.13
C ASN J 196 -54.24 16.81 -21.08
N TRP J 197 -53.66 17.93 -21.55
CA TRP J 197 -53.08 18.95 -20.68
C TRP J 197 -54.15 19.79 -19.95
N ALA J 198 -55.40 19.84 -20.46
CA ALA J 198 -56.48 20.58 -19.82
C ALA J 198 -56.82 19.89 -18.48
N GLU J 199 -56.76 18.55 -18.44
CA GLU J 199 -56.92 17.77 -17.21
C GLU J 199 -55.72 18.04 -16.25
N ALA J 200 -54.50 18.14 -16.78
CA ALA J 200 -53.30 18.40 -16.01
C ALA J 200 -53.41 19.76 -15.30
N GLU J 201 -53.93 20.78 -16.02
CA GLU J 201 -54.18 22.13 -15.49
C GLU J 201 -55.18 22.08 -14.34
N SER J 202 -56.32 21.37 -14.53
CA SER J 202 -57.34 21.22 -13.51
C SER J 202 -56.77 20.54 -12.26
N ARG J 203 -55.91 19.51 -12.43
CA ARG J 203 -55.27 18.79 -11.32
C ARG J 203 -54.37 19.68 -10.49
N TYR J 204 -53.58 20.53 -11.14
CA TYR J 204 -52.66 21.50 -10.52
C TYR J 204 -53.39 22.56 -9.67
N SER J 205 -54.52 23.11 -10.20
CA SER J 205 -55.34 24.18 -9.60
C SER J 205 -56.34 23.69 -8.55
N ALA J 206 -56.57 22.37 -8.50
CA ALA J 206 -57.54 21.78 -7.55
C ALA J 206 -57.11 21.90 -6.08
N ILE K 2 -7.52 -5.35 -6.91
CA ILE K 2 -7.81 -3.96 -6.49
C ILE K 2 -6.54 -3.11 -6.41
N THR K 3 -6.52 -2.02 -7.18
CA THR K 3 -5.37 -1.10 -7.19
C THR K 3 -5.50 -0.05 -6.07
N GLU K 4 -4.40 0.66 -5.78
CA GLU K 4 -4.33 1.69 -4.74
C GLU K 4 -5.21 2.89 -5.06
N ASN K 5 -5.34 3.25 -6.35
CA ASN K 5 -6.14 4.39 -6.80
C ASN K 5 -7.65 4.18 -6.65
N GLU K 6 -8.10 2.91 -6.64
CA GLU K 6 -9.51 2.53 -6.53
C GLU K 6 -9.99 2.40 -5.08
N LYS K 7 -9.05 2.31 -4.11
CA LYS K 7 -9.49 2.14 -2.75
C LYS K 7 -9.83 3.41 -2.00
N ILE K 8 -10.93 3.35 -1.23
CA ILE K 8 -11.40 4.46 -0.40
C ILE K 8 -10.76 4.34 0.98
N SER K 9 -10.74 5.45 1.71
CA SER K 9 -10.18 5.49 3.06
C SER K 9 -11.11 6.32 3.92
N LEU K 10 -10.98 6.18 5.25
CA LEU K 10 -11.80 6.93 6.20
C LEU K 10 -11.43 8.44 6.10
N PRO K 11 -12.40 9.37 5.95
CA PRO K 11 -12.04 10.81 5.90
C PRO K 11 -11.63 11.35 7.27
N LYS K 12 -10.88 12.45 7.26
CA LYS K 12 -10.49 13.14 8.50
C LYS K 12 -11.72 13.93 8.95
N ILE K 13 -12.03 13.92 10.25
CA ILE K 13 -13.18 14.67 10.77
C ILE K 13 -12.72 16.02 11.33
N ASP K 14 -13.39 17.10 10.90
CA ASP K 14 -13.09 18.50 11.23
C ASP K 14 -13.49 18.95 12.63
N TRP K 15 -13.89 18.01 13.49
CA TRP K 15 -14.27 18.31 14.87
C TRP K 15 -13.90 17.14 15.79
N ALA K 16 -13.67 17.43 17.08
CA ALA K 16 -13.35 16.42 18.11
C ALA K 16 -14.58 15.56 18.34
N LEU K 17 -14.36 14.32 18.81
CA LEU K 17 -15.42 13.36 19.06
C LEU K 17 -16.46 13.84 20.07
N ASP K 18 -16.08 14.70 21.02
CA ASP K 18 -16.99 15.21 22.06
C ASP K 18 -17.55 16.63 21.79
N ALA K 19 -17.18 17.23 20.66
CA ALA K 19 -17.53 18.61 20.26
C ALA K 19 -19.01 18.83 19.93
N LEU K 20 -19.77 17.72 19.70
CA LEU K 20 -21.19 17.78 19.37
C LEU K 20 -22.08 17.60 20.60
N GLU K 21 -21.46 17.47 21.80
CA GLU K 21 -22.25 17.31 23.06
C GLU K 21 -22.95 18.62 23.40
N PRO K 22 -24.16 18.67 24.02
CA PRO K 22 -24.97 17.56 24.57
C PRO K 22 -25.94 16.92 23.56
N TYR K 23 -25.73 17.20 22.26
CA TYR K 23 -26.60 16.73 21.16
C TYR K 23 -26.28 15.32 20.68
N ILE K 24 -25.02 15.03 20.38
CA ILE K 24 -24.54 13.70 20.00
C ILE K 24 -23.32 13.43 20.90
N SER K 25 -23.34 12.31 21.64
CA SER K 25 -22.25 12.02 22.55
C SER K 25 -20.95 11.58 21.87
N LYS K 26 -19.82 11.74 22.59
CA LYS K 26 -18.52 11.23 22.16
C LYS K 26 -18.63 9.70 21.94
N GLU K 27 -19.34 9.00 22.85
CA GLU K 27 -19.50 7.54 22.80
C GLU K 27 -20.16 7.03 21.49
N ILE K 28 -21.18 7.75 21.01
CA ILE K 28 -21.83 7.47 19.72
C ILE K 28 -20.83 7.74 18.58
N ASN K 29 -20.29 8.99 18.50
CA ASN K 29 -19.34 9.42 17.46
C ASN K 29 -18.11 8.53 17.34
N ASP K 30 -17.53 8.09 18.48
CA ASP K 30 -16.36 7.20 18.42
C ASP K 30 -16.72 5.87 17.75
N LEU K 31 -17.85 5.28 18.14
CA LEU K 31 -18.29 4.01 17.50
C LEU K 31 -18.73 4.30 16.07
N HIS K 32 -19.50 5.38 15.88
CA HIS K 32 -20.05 5.77 14.59
C HIS K 32 -19.03 5.91 13.47
N ILE K 33 -17.95 6.65 13.75
CA ILE K 33 -16.86 6.87 12.80
C ILE K 33 -15.87 5.69 12.76
N ASN K 34 -15.33 5.30 13.94
CA ASN K 34 -14.30 4.27 14.05
C ASN K 34 -14.73 2.80 13.94
N LYS K 35 -16.02 2.52 14.06
CA LYS K 35 -16.46 1.13 13.85
C LYS K 35 -17.41 1.05 12.64
N HIS K 36 -18.54 1.80 12.66
CA HIS K 36 -19.52 1.80 11.57
C HIS K 36 -19.00 2.26 10.22
N HIS K 37 -18.42 3.47 10.14
CA HIS K 37 -17.87 3.98 8.88
C HIS K 37 -16.67 3.16 8.45
N VAL K 38 -15.79 2.73 9.38
CA VAL K 38 -14.63 1.89 9.02
C VAL K 38 -15.09 0.58 8.32
N ALA K 39 -16.21 -0.02 8.80
CA ALA K 39 -16.78 -1.24 8.23
C ALA K 39 -17.27 -1.03 6.77
N TYR K 40 -17.77 0.18 6.44
CA TYR K 40 -18.16 0.48 5.07
C TYR K 40 -16.92 0.70 4.17
N VAL K 41 -15.85 1.30 4.71
CA VAL K 41 -14.59 1.53 4.01
C VAL K 41 -14.03 0.15 3.58
N ASN K 42 -13.89 -0.78 4.57
CA ASN K 42 -13.38 -2.14 4.35
C ASN K 42 -14.30 -2.96 3.45
N GLY K 43 -15.61 -2.85 3.68
CA GLY K 43 -16.62 -3.55 2.91
C GLY K 43 -16.57 -3.20 1.43
N TYR K 44 -16.46 -1.91 1.12
CA TYR K 44 -16.39 -1.47 -0.27
C TYR K 44 -15.09 -1.95 -0.93
N ASN K 45 -13.95 -1.77 -0.26
CA ASN K 45 -12.67 -2.21 -0.86
C ASN K 45 -12.63 -3.72 -1.11
N ALA K 46 -13.28 -4.52 -0.23
CA ALA K 46 -13.36 -5.96 -0.41
C ALA K 46 -14.31 -6.29 -1.55
N ALA K 47 -15.46 -5.56 -1.64
CA ALA K 47 -16.48 -5.78 -2.69
C ALA K 47 -15.94 -5.49 -4.07
N ILE K 48 -15.12 -4.44 -4.21
CA ILE K 48 -14.53 -4.04 -5.50
C ILE K 48 -13.51 -5.08 -5.98
N ASP K 49 -12.72 -5.61 -5.06
CA ASP K 49 -11.73 -6.63 -5.35
C ASP K 49 -12.43 -7.88 -5.86
N ALA K 50 -13.53 -8.29 -5.19
CA ALA K 50 -14.30 -9.47 -5.52
C ALA K 50 -15.03 -9.32 -6.85
N LEU K 51 -15.50 -8.10 -7.13
CA LEU K 51 -16.22 -7.75 -8.35
C LEU K 51 -15.28 -7.86 -9.56
N GLU K 52 -14.05 -7.35 -9.46
CA GLU K 52 -13.07 -7.42 -10.56
C GLU K 52 -12.70 -8.85 -10.97
N LYS K 53 -12.60 -9.75 -9.97
CA LYS K 53 -12.31 -11.17 -10.19
C LYS K 53 -13.46 -11.84 -10.94
N ALA K 54 -14.70 -11.72 -10.42
CA ALA K 54 -15.91 -12.30 -10.99
C ALA K 54 -16.19 -11.78 -12.42
N VAL K 55 -16.02 -10.45 -12.66
CA VAL K 55 -16.21 -9.76 -13.94
C VAL K 55 -15.24 -10.30 -14.99
N GLY K 56 -13.97 -10.40 -14.60
CA GLY K 56 -12.92 -10.92 -15.46
C GLY K 56 -13.09 -12.38 -15.83
N LYS K 57 -13.83 -13.14 -15.00
CA LYS K 57 -14.12 -14.56 -15.19
C LYS K 57 -15.44 -14.72 -15.90
N ARG K 58 -16.20 -13.61 -16.04
CA ARG K 58 -17.54 -13.59 -16.63
C ARG K 58 -18.48 -14.49 -15.78
N ASP K 59 -18.37 -14.39 -14.46
CA ASP K 59 -19.16 -15.17 -13.51
C ASP K 59 -20.35 -14.31 -13.08
N LEU K 60 -21.35 -14.21 -13.96
CA LEU K 60 -22.52 -13.37 -13.74
C LEU K 60 -23.35 -13.68 -12.49
N LYS K 61 -23.32 -14.94 -12.01
CA LYS K 61 -23.96 -15.30 -10.74
C LYS K 61 -23.29 -14.52 -9.57
N SER K 62 -21.93 -14.53 -9.46
CA SER K 62 -21.17 -13.81 -8.41
C SER K 62 -21.28 -12.28 -8.61
N VAL K 63 -21.17 -11.80 -9.87
CA VAL K 63 -21.28 -10.36 -10.23
C VAL K 63 -22.62 -9.79 -9.69
N VAL K 64 -23.73 -10.48 -10.00
CA VAL K 64 -25.06 -10.08 -9.53
C VAL K 64 -25.16 -10.09 -8.00
N GLU K 65 -24.55 -11.09 -7.35
CA GLU K 65 -24.51 -11.15 -5.89
C GLU K 65 -23.70 -9.97 -5.29
N ILE K 66 -22.47 -9.70 -5.82
CA ILE K 66 -21.56 -8.66 -5.31
C ILE K 66 -22.12 -7.24 -5.45
N GLN K 67 -22.85 -6.95 -6.53
CA GLN K 67 -23.46 -5.64 -6.81
C GLN K 67 -24.16 -5.06 -5.55
N GLN K 68 -24.87 -5.90 -4.78
CA GLN K 68 -25.56 -5.47 -3.53
C GLN K 68 -24.60 -4.97 -2.46
N ASN K 69 -23.38 -5.55 -2.39
CA ASN K 69 -22.34 -5.16 -1.43
C ASN K 69 -21.65 -3.88 -1.83
N ILE K 70 -21.57 -3.63 -3.14
CA ILE K 70 -21.05 -2.38 -3.65
C ILE K 70 -22.04 -1.25 -3.31
N LYS K 71 -23.32 -1.45 -3.64
CA LYS K 71 -24.41 -0.51 -3.35
C LYS K 71 -24.38 -0.17 -1.85
N PHE K 72 -24.43 -1.20 -0.97
CA PHE K 72 -24.46 -1.01 0.49
C PHE K 72 -23.25 -0.31 1.11
N HIS K 73 -22.03 -0.84 0.89
CA HIS K 73 -20.83 -0.24 1.48
C HIS K 73 -20.41 1.08 0.78
N GLY K 74 -20.60 1.19 -0.53
CA GLY K 74 -20.31 2.42 -1.27
C GLY K 74 -21.23 3.57 -0.85
N GLY K 75 -22.51 3.24 -0.67
CA GLY K 75 -23.50 4.18 -0.17
C GLY K 75 -23.23 4.53 1.28
N GLY K 76 -22.81 3.52 2.07
CA GLY K 76 -22.45 3.73 3.47
C GLY K 76 -21.33 4.75 3.62
N HIS K 77 -20.27 4.60 2.78
CA HIS K 77 -19.14 5.54 2.78
C HIS K 77 -19.61 6.92 2.37
N THR K 78 -20.42 7.00 1.29
CA THR K 78 -20.92 8.27 0.78
C THR K 78 -21.75 9.01 1.78
N ASN K 79 -22.75 8.32 2.37
CA ASN K 79 -23.68 8.94 3.34
C ASN K 79 -23.00 9.44 4.62
N HIS K 80 -22.08 8.64 5.20
CA HIS K 80 -21.35 9.03 6.40
C HIS K 80 -20.38 10.20 6.14
N SER K 81 -19.70 10.22 4.99
CA SER K 81 -18.80 11.33 4.61
C SER K 81 -19.59 12.64 4.46
N LEU K 82 -20.84 12.55 3.94
CA LEU K 82 -21.72 13.72 3.80
C LEU K 82 -22.11 14.14 5.22
N PHE K 83 -22.44 13.15 6.07
CA PHE K 83 -22.88 13.38 7.45
C PHE K 83 -21.84 14.15 8.29
N TRP K 84 -20.57 13.69 8.35
CA TRP K 84 -19.57 14.40 9.16
C TRP K 84 -19.32 15.83 8.68
N LYS K 85 -19.41 16.06 7.34
CA LYS K 85 -19.20 17.35 6.71
C LYS K 85 -20.36 18.29 6.94
N ASN K 86 -21.59 17.77 7.22
CA ASN K 86 -22.70 18.67 7.57
C ASN K 86 -23.06 18.73 9.06
N LEU K 87 -22.10 18.39 9.89
CA LEU K 87 -22.20 18.51 11.33
C LEU K 87 -21.07 19.45 11.74
N ALA K 88 -21.35 20.32 12.70
CA ALA K 88 -20.35 21.25 13.23
C ALA K 88 -20.63 21.55 14.69
N PRO K 89 -19.57 21.67 15.55
CA PRO K 89 -19.82 22.14 16.92
C PRO K 89 -20.41 23.55 16.85
N VAL K 90 -21.17 23.95 17.90
CA VAL K 90 -21.81 25.27 17.98
C VAL K 90 -20.77 26.38 17.80
N SER K 91 -19.58 26.23 18.45
CA SER K 91 -18.50 27.21 18.38
C SER K 91 -17.91 27.39 16.97
N LYS K 92 -18.21 26.46 16.05
CA LYS K 92 -17.75 26.49 14.66
C LYS K 92 -18.91 26.79 13.68
N GLY K 93 -19.99 27.37 14.18
CA GLY K 93 -21.16 27.73 13.39
C GLY K 93 -22.22 26.66 13.26
N GLY K 94 -22.14 25.60 14.06
CA GLY K 94 -23.14 24.53 14.07
C GLY K 94 -24.46 25.05 14.61
N GLY K 95 -25.55 24.77 13.88
CA GLY K 95 -26.88 25.25 14.22
C GLY K 95 -27.23 26.60 13.62
N LYS K 96 -26.20 27.33 13.14
CA LYS K 96 -26.39 28.66 12.55
C LYS K 96 -27.09 28.55 11.22
N HIS K 97 -28.29 29.13 11.15
CA HIS K 97 -29.14 29.13 9.96
C HIS K 97 -28.43 29.69 8.72
N PRO K 98 -28.78 29.22 7.48
CA PRO K 98 -28.06 29.74 6.31
C PRO K 98 -28.35 31.23 6.03
N ASP K 99 -27.41 31.87 5.34
CA ASP K 99 -27.49 33.28 4.95
C ASP K 99 -28.62 33.37 3.91
N THR K 100 -29.67 34.18 4.21
CA THR K 100 -30.82 34.33 3.31
C THR K 100 -30.49 34.90 1.93
N SER K 101 -29.36 35.61 1.81
CA SER K 101 -28.86 36.16 0.53
C SER K 101 -28.09 35.14 -0.31
N SER K 102 -27.61 34.04 0.31
CA SER K 102 -26.91 32.96 -0.38
C SER K 102 -27.90 32.29 -1.34
N ALA K 103 -27.39 31.63 -2.40
CA ALA K 103 -28.22 30.90 -3.38
C ALA K 103 -29.13 29.86 -2.69
N LEU K 104 -28.62 29.09 -1.70
CA LEU K 104 -29.41 28.13 -0.93
C LEU K 104 -30.45 28.84 -0.02
N GLY K 105 -30.03 29.88 0.70
CA GLY K 105 -30.90 30.64 1.58
C GLY K 105 -32.05 31.30 0.84
N LYS K 106 -31.76 31.84 -0.36
CA LYS K 106 -32.76 32.45 -1.26
C LYS K 106 -33.78 31.37 -1.67
N GLN K 107 -33.29 30.16 -2.02
CA GLN K 107 -34.16 29.04 -2.41
C GLN K 107 -35.05 28.57 -1.25
N ILE K 108 -34.48 28.43 -0.03
CA ILE K 108 -35.24 28.02 1.18
C ILE K 108 -36.38 29.02 1.41
N VAL K 109 -36.06 30.33 1.38
CA VAL K 109 -37.06 31.37 1.56
C VAL K 109 -38.17 31.32 0.49
N ALA K 110 -37.78 31.22 -0.78
CA ALA K 110 -38.74 31.17 -1.89
C ALA K 110 -39.72 30.00 -1.78
N GLN K 111 -39.20 28.78 -1.48
CA GLN K 111 -39.96 27.54 -1.41
C GLN K 111 -40.68 27.21 -0.09
N TYR K 112 -40.05 27.49 1.09
CA TYR K 112 -40.60 27.13 2.41
C TYR K 112 -40.96 28.27 3.31
N GLY K 113 -40.56 29.48 2.94
CA GLY K 113 -40.81 30.67 3.77
C GLY K 113 -39.72 30.88 4.79
N SER K 114 -39.26 29.79 5.46
CA SER K 114 -38.22 29.80 6.49
C SER K 114 -37.52 28.46 6.62
N VAL K 115 -36.33 28.49 7.25
CA VAL K 115 -35.49 27.33 7.61
C VAL K 115 -36.27 26.47 8.63
N SER K 116 -36.95 27.11 9.60
CA SER K 116 -37.74 26.40 10.60
C SER K 116 -38.84 25.53 9.96
N ASN K 117 -39.52 26.03 8.89
CA ASN K 117 -40.55 25.26 8.18
CA ASN K 117 -40.56 25.27 8.18
C ASN K 117 -39.91 24.08 7.47
N LEU K 118 -38.76 24.29 6.81
CA LEU K 118 -38.03 23.22 6.13
C LEU K 118 -37.58 22.13 7.17
N ILE K 119 -37.08 22.54 8.37
CA ILE K 119 -36.66 21.63 9.46
C ILE K 119 -37.86 20.80 9.93
N ASP K 120 -39.04 21.45 10.03
CA ASP K 120 -40.28 20.81 10.44
C ASP K 120 -40.69 19.72 9.45
N ILE K 121 -40.54 20.00 8.14
CA ILE K 121 -40.81 19.07 7.04
C ILE K 121 -39.78 17.92 7.06
N THR K 122 -38.51 18.23 7.35
CA THR K 122 -37.49 17.19 7.41
C THR K 122 -37.76 16.25 8.58
N ASN K 123 -38.10 16.83 9.75
CA ASN K 123 -38.39 16.06 10.96
C ASN K 123 -39.60 15.14 10.78
N SER K 124 -40.59 15.56 9.97
CA SER K 124 -41.78 14.75 9.65
C SER K 124 -41.36 13.56 8.76
N LYS K 125 -40.50 13.81 7.75
CA LYS K 125 -39.95 12.77 6.88
C LYS K 125 -39.11 11.78 7.70
N LEU K 126 -38.30 12.30 8.62
CA LEU K 126 -37.44 11.50 9.49
C LEU K 126 -38.25 10.53 10.36
N ALA K 127 -39.37 11.05 10.97
CA ALA K 127 -40.31 10.27 11.82
C ALA K 127 -40.95 9.10 11.05
N GLY K 128 -41.26 9.31 9.77
CA GLY K 128 -41.87 8.27 8.92
C GLY K 128 -40.94 7.16 8.42
N ILE K 129 -39.60 7.26 8.67
CA ILE K 129 -38.67 6.20 8.25
C ILE K 129 -38.90 4.93 9.12
N GLN K 130 -39.25 3.81 8.47
CA GLN K 130 -39.45 2.49 9.10
C GLN K 130 -38.19 1.70 8.90
N GLY K 131 -37.54 1.33 9.98
CA GLY K 131 -36.26 0.64 9.91
C GLY K 131 -35.09 1.58 9.79
N SER K 132 -34.05 1.13 9.08
CA SER K 132 -32.80 1.88 8.89
C SER K 132 -32.86 2.76 7.66
N GLY K 133 -32.39 3.98 7.81
CA GLY K 133 -32.44 4.93 6.70
C GLY K 133 -31.87 6.31 6.94
N TRP K 134 -32.11 7.20 5.97
CA TRP K 134 -31.60 8.58 5.96
C TRP K 134 -32.63 9.52 5.40
N ALA K 135 -32.56 10.80 5.80
CA ALA K 135 -33.33 11.87 5.16
C ALA K 135 -32.30 12.81 4.51
N PHE K 136 -32.65 13.33 3.34
CA PHE K 136 -31.81 14.27 2.60
C PHE K 136 -32.66 15.43 2.13
N ILE K 137 -32.11 16.63 2.26
CA ILE K 137 -32.58 17.86 1.64
C ILE K 137 -31.77 17.82 0.34
N VAL K 138 -32.45 17.88 -0.82
CA VAL K 138 -31.78 17.75 -2.12
C VAL K 138 -32.10 18.91 -3.01
N LYS K 139 -31.17 19.22 -3.94
CA LYS K 139 -31.35 20.22 -4.98
C LYS K 139 -31.49 19.46 -6.29
N ASN K 140 -32.55 19.78 -7.05
CA ASN K 140 -32.76 19.15 -8.36
C ASN K 140 -32.25 20.14 -9.43
N LYS K 141 -31.21 19.75 -10.19
CA LYS K 141 -30.59 20.62 -11.20
C LYS K 141 -31.39 20.78 -12.51
N GLN K 142 -32.45 19.98 -12.71
CA GLN K 142 -33.22 20.01 -13.95
C GLN K 142 -34.53 20.80 -13.90
N ASN K 143 -35.09 21.00 -12.70
CA ASN K 143 -36.35 21.73 -12.55
C ASN K 143 -36.19 23.13 -11.92
N GLY K 144 -35.05 23.78 -12.18
CA GLY K 144 -34.77 25.12 -11.66
C GLY K 144 -34.07 25.19 -10.32
N GLY K 145 -33.32 24.13 -9.97
CA GLY K 145 -32.61 24.08 -8.70
C GLY K 145 -33.53 23.98 -7.49
N ALA K 146 -34.72 23.37 -7.67
CA ALA K 146 -35.73 23.21 -6.62
C ALA K 146 -35.31 22.22 -5.53
N LEU K 147 -35.58 22.60 -4.30
CA LEU K 147 -35.30 21.78 -3.13
C LEU K 147 -36.45 20.82 -2.90
N ASP K 148 -36.13 19.68 -2.29
CA ASP K 148 -37.09 18.69 -1.87
C ASP K 148 -36.47 17.92 -0.72
N VAL K 149 -37.30 17.22 0.05
CA VAL K 149 -36.86 16.38 1.18
C VAL K 149 -37.24 14.95 0.79
N VAL K 150 -36.23 14.05 0.76
CA VAL K 150 -36.34 12.61 0.42
C VAL K 150 -35.75 11.74 1.56
N THR K 151 -36.14 10.49 1.60
CA THR K 151 -35.62 9.50 2.53
C THR K 151 -35.12 8.36 1.70
N THR K 152 -34.17 7.60 2.23
CA THR K 152 -33.64 6.42 1.58
C THR K 152 -33.63 5.30 2.64
N ALA K 153 -33.67 4.04 2.21
CA ALA K 153 -33.61 2.88 3.09
C ALA K 153 -32.15 2.47 3.22
N ASN K 154 -31.74 1.98 4.41
CA ASN K 154 -30.41 1.41 4.67
C ASN K 154 -29.30 2.35 4.22
N GLN K 155 -28.44 1.90 3.31
CA GLN K 155 -27.37 2.76 2.80
C GLN K 155 -27.60 3.26 1.39
N ASP K 156 -28.87 3.33 0.98
CA ASP K 156 -29.19 3.92 -0.32
C ASP K 156 -28.89 5.45 -0.21
N THR K 157 -28.46 6.03 -1.32
CA THR K 157 -28.01 7.42 -1.33
C THR K 157 -28.63 8.23 -2.47
N ILE K 158 -28.22 9.49 -2.59
CA ILE K 158 -28.62 10.37 -3.68
C ILE K 158 -27.59 10.11 -4.77
N SER K 159 -27.94 9.25 -5.72
CA SER K 159 -27.00 8.85 -6.77
C SER K 159 -27.39 9.31 -8.17
N ALA K 160 -28.64 9.79 -8.34
CA ALA K 160 -29.09 10.28 -9.64
C ALA K 160 -28.22 11.47 -10.03
N PRO K 161 -27.60 11.50 -11.24
CA PRO K 161 -26.73 12.64 -11.57
C PRO K 161 -27.41 14.02 -11.52
N HIS K 162 -28.72 14.11 -11.75
CA HIS K 162 -29.42 15.41 -11.71
C HIS K 162 -29.75 15.90 -10.29
N LEU K 163 -29.44 15.10 -9.25
CA LEU K 163 -29.74 15.46 -7.87
C LEU K 163 -28.49 15.70 -7.03
N VAL K 164 -28.55 16.66 -6.09
CA VAL K 164 -27.43 17.05 -5.24
C VAL K 164 -27.81 16.94 -3.77
N PRO K 165 -27.13 16.06 -2.98
CA PRO K 165 -27.43 16.01 -1.53
C PRO K 165 -26.91 17.32 -0.89
N ILE K 166 -27.78 18.03 -0.17
CA ILE K 166 -27.44 19.31 0.47
C ILE K 166 -27.15 19.10 1.96
N ILE K 167 -28.08 18.39 2.63
CA ILE K 167 -28.04 17.98 4.03
C ILE K 167 -28.33 16.48 4.07
N ALA K 168 -27.51 15.70 4.83
CA ALA K 168 -27.70 14.27 5.08
C ALA K 168 -27.92 14.09 6.60
N ILE K 169 -29.01 13.41 7.00
CA ILE K 169 -29.38 13.07 8.40
C ILE K 169 -29.48 11.53 8.53
N ASP K 170 -28.63 10.94 9.36
CA ASP K 170 -28.64 9.51 9.63
C ASP K 170 -29.77 9.15 10.59
N ALA K 171 -30.64 8.19 10.19
CA ALA K 171 -31.72 7.75 11.08
C ALA K 171 -31.56 6.29 11.54
N TRP K 172 -30.41 5.63 11.24
CA TRP K 172 -30.09 4.27 11.73
C TRP K 172 -30.07 4.32 13.25
N GLU K 173 -30.56 3.26 13.91
CA GLU K 173 -30.62 3.22 15.39
C GLU K 173 -29.25 3.44 16.04
N HIS K 174 -28.14 2.94 15.44
CA HIS K 174 -26.78 3.17 15.96
C HIS K 174 -26.40 4.67 16.04
N ALA K 175 -27.12 5.56 15.31
CA ALA K 175 -26.80 7.00 15.31
C ALA K 175 -27.27 7.73 16.58
N TYR K 176 -28.15 7.11 17.36
CA TYR K 176 -28.72 7.79 18.53
C TYR K 176 -28.94 6.91 19.75
N TYR K 177 -29.06 5.59 19.56
CA TYR K 177 -29.45 4.66 20.63
C TYR K 177 -28.80 4.76 21.99
N LEU K 178 -27.46 4.85 22.03
CA LEU K 178 -26.74 4.92 23.31
C LEU K 178 -27.14 6.14 24.15
N GLN K 179 -27.47 7.28 23.51
CA GLN K 179 -27.91 8.48 24.22
C GLN K 179 -29.43 8.55 24.40
N TYR K 180 -30.20 8.42 23.30
CA TYR K 180 -31.65 8.60 23.26
C TYR K 180 -32.51 7.38 23.44
N GLN K 181 -31.91 6.18 23.39
CA GLN K 181 -32.62 4.89 23.47
C GLN K 181 -33.69 4.84 22.36
N ASN K 182 -34.95 4.51 22.66
CA ASN K 182 -36.03 4.40 21.66
C ASN K 182 -36.58 5.77 21.25
N VAL K 183 -36.24 6.83 22.02
CA VAL K 183 -36.78 8.18 21.81
C VAL K 183 -36.14 8.91 20.62
N ARG K 184 -36.34 8.30 19.42
CA ARG K 184 -35.89 8.79 18.12
C ARG K 184 -36.32 10.24 17.81
N PRO K 185 -37.57 10.72 18.13
CA PRO K 185 -37.91 12.14 17.85
C PRO K 185 -37.02 13.16 18.57
N ASP K 186 -36.49 12.80 19.77
CA ASP K 186 -35.61 13.68 20.55
C ASP K 186 -34.29 13.91 19.85
N TYR K 187 -33.75 12.86 19.20
CA TYR K 187 -32.52 12.96 18.42
C TYR K 187 -32.79 13.84 17.18
N PHE K 188 -33.87 13.57 16.43
CA PHE K 188 -34.23 14.40 15.27
C PHE K 188 -34.31 15.91 15.62
N LYS K 189 -35.02 16.23 16.71
CA LYS K 189 -35.13 17.60 17.23
C LYS K 189 -33.75 18.19 17.60
N ALA K 190 -32.94 17.40 18.34
CA ALA K 190 -31.61 17.77 18.83
C ALA K 190 -30.51 18.07 17.80
N ILE K 191 -30.45 17.28 16.71
CA ILE K 191 -29.42 17.37 15.66
C ILE K 191 -29.32 18.74 14.98
N TRP K 192 -30.43 19.44 14.80
CA TRP K 192 -30.42 20.75 14.14
C TRP K 192 -29.52 21.78 14.82
N ASN K 193 -29.29 21.62 16.14
CA ASN K 193 -28.39 22.47 16.92
C ASN K 193 -26.91 22.31 16.50
N VAL K 194 -26.58 21.21 15.78
CA VAL K 194 -25.20 20.96 15.29
C VAL K 194 -25.08 20.80 13.78
N ILE K 195 -26.14 21.17 13.05
CA ILE K 195 -26.12 21.11 11.59
C ILE K 195 -25.28 22.24 11.00
N ASN K 196 -24.34 21.88 10.13
CA ASN K 196 -23.47 22.84 9.45
C ASN K 196 -24.10 23.32 8.12
N TRP K 197 -24.87 24.42 8.17
CA TRP K 197 -25.51 25.04 7.02
C TRP K 197 -24.51 25.71 6.06
N ALA K 198 -23.28 26.02 6.50
CA ALA K 198 -22.27 26.65 5.64
C ALA K 198 -21.84 25.62 4.58
N GLU K 199 -21.78 24.34 4.98
CA GLU K 199 -21.51 23.21 4.08
C GLU K 199 -22.70 23.05 3.12
N ALA K 200 -23.94 23.18 3.60
CA ALA K 200 -25.15 23.07 2.81
C ALA K 200 -25.16 24.12 1.68
N GLU K 201 -24.74 25.35 2.01
CA GLU K 201 -24.63 26.48 1.08
C GLU K 201 -23.60 26.17 0.00
N SER K 202 -22.41 25.71 0.41
CA SER K 202 -21.32 25.33 -0.48
C SER K 202 -21.81 24.26 -1.47
N ARG K 203 -22.49 23.20 -0.97
CA ARG K 203 -23.05 22.11 -1.79
C ARG K 203 -24.06 22.60 -2.83
N TYR K 204 -24.92 23.55 -2.44
CA TYR K 204 -25.94 24.14 -3.33
C TYR K 204 -25.30 24.92 -4.50
N SER K 205 -24.27 25.73 -4.20
CA SER K 205 -23.55 26.63 -5.11
C SER K 205 -22.53 25.94 -6.01
N ALA K 206 -22.06 24.73 -5.63
CA ALA K 206 -21.04 23.97 -6.35
C ALA K 206 -21.34 23.68 -7.82
N ILE L 2 -12.62 -2.42 -21.47
CA ILE L 2 -13.29 -3.72 -21.37
C ILE L 2 -12.75 -4.75 -22.38
N THR L 3 -12.14 -5.82 -21.85
CA THR L 3 -11.54 -6.93 -22.60
C THR L 3 -12.60 -7.96 -23.01
N GLU L 4 -12.28 -8.79 -24.03
CA GLU L 4 -13.21 -9.81 -24.55
C GLU L 4 -13.71 -10.81 -23.50
N ASN L 5 -12.84 -11.19 -22.53
CA ASN L 5 -13.15 -12.12 -21.44
C ASN L 5 -14.30 -11.65 -20.55
N GLU L 6 -14.46 -10.32 -20.43
CA GLU L 6 -15.46 -9.67 -19.59
C GLU L 6 -16.77 -9.49 -20.33
N LYS L 7 -16.71 -9.37 -21.67
CA LYS L 7 -17.85 -9.18 -22.55
C LYS L 7 -18.69 -10.44 -22.71
N ILE L 8 -20.02 -10.31 -22.53
CA ILE L 8 -21.00 -11.36 -22.71
C ILE L 8 -21.58 -11.34 -24.12
N SER L 9 -22.14 -12.46 -24.58
CA SER L 9 -22.74 -12.51 -25.90
C SER L 9 -24.04 -13.30 -25.88
N LEU L 10 -24.83 -13.17 -26.93
CA LEU L 10 -26.09 -13.89 -27.07
C LEU L 10 -25.76 -15.37 -27.27
N PRO L 11 -26.39 -16.28 -26.48
CA PRO L 11 -26.08 -17.70 -26.64
C PRO L 11 -26.73 -18.28 -27.88
N LYS L 12 -26.16 -19.38 -28.39
CA LYS L 12 -26.74 -20.11 -29.51
C LYS L 12 -27.93 -20.88 -28.94
N ILE L 13 -29.03 -21.00 -29.68
CA ILE L 13 -30.22 -21.71 -29.19
C ILE L 13 -30.35 -23.01 -29.98
N ASP L 14 -30.48 -24.13 -29.26
CA ASP L 14 -30.53 -25.50 -29.82
C ASP L 14 -31.79 -25.87 -30.61
N TRP L 15 -32.81 -25.01 -30.58
CA TRP L 15 -34.07 -25.22 -31.29
C TRP L 15 -34.36 -24.05 -32.26
N ALA L 16 -35.16 -24.29 -33.32
CA ALA L 16 -35.55 -23.27 -34.30
C ALA L 16 -36.55 -22.27 -33.68
N LEU L 17 -36.70 -21.06 -34.28
CA LEU L 17 -37.65 -20.05 -33.75
C LEU L 17 -39.10 -20.57 -33.59
N ASP L 18 -39.54 -21.39 -34.55
CA ASP L 18 -40.88 -21.98 -34.60
C ASP L 18 -40.99 -23.40 -33.97
N ALA L 19 -39.91 -23.92 -33.37
CA ALA L 19 -39.91 -25.29 -32.84
C ALA L 19 -40.73 -25.54 -31.57
N LEU L 20 -41.19 -24.47 -30.89
CA LEU L 20 -41.98 -24.57 -29.66
C LEU L 20 -43.45 -24.34 -29.91
N GLU L 21 -43.83 -24.22 -31.19
CA GLU L 21 -45.21 -24.01 -31.59
C GLU L 21 -45.99 -25.32 -31.39
N PRO L 22 -47.28 -25.28 -31.01
CA PRO L 22 -48.17 -24.11 -30.87
C PRO L 22 -48.20 -23.44 -29.49
N TYR L 23 -47.35 -23.88 -28.57
CA TYR L 23 -47.28 -23.38 -27.20
C TYR L 23 -46.65 -21.99 -27.05
N ILE L 24 -45.56 -21.71 -27.77
CA ILE L 24 -44.87 -20.40 -27.85
C ILE L 24 -44.63 -20.12 -29.34
N SER L 25 -45.20 -19.03 -29.86
CA SER L 25 -45.10 -18.64 -31.26
C SER L 25 -43.67 -18.26 -31.71
N LYS L 26 -43.40 -18.40 -33.02
CA LYS L 26 -42.11 -18.01 -33.60
C LYS L 26 -41.90 -16.49 -33.49
N GLU L 27 -43.02 -15.71 -33.54
CA GLU L 27 -43.07 -14.24 -33.46
C GLU L 27 -42.55 -13.79 -32.11
N ILE L 28 -43.02 -14.45 -31.02
CA ILE L 28 -42.55 -14.21 -29.66
C ILE L 28 -41.08 -14.57 -29.53
N ASN L 29 -40.66 -15.78 -29.95
CA ASN L 29 -39.25 -16.21 -29.85
C ASN L 29 -38.28 -15.30 -30.58
N ASP L 30 -38.66 -14.84 -31.78
CA ASP L 30 -37.80 -13.93 -32.57
C ASP L 30 -37.52 -12.63 -31.78
N LEU L 31 -38.57 -11.99 -31.26
CA LEU L 31 -38.47 -10.78 -30.45
C LEU L 31 -37.76 -11.05 -29.13
N HIS L 32 -38.13 -12.16 -28.45
CA HIS L 32 -37.60 -12.53 -27.15
C HIS L 32 -36.10 -12.71 -27.16
N ILE L 33 -35.58 -13.47 -28.14
CA ILE L 33 -34.16 -13.76 -28.33
C ILE L 33 -33.40 -12.55 -28.93
N ASN L 34 -33.81 -12.13 -30.15
CA ASN L 34 -33.13 -11.12 -30.95
C ASN L 34 -33.30 -9.65 -30.59
N LYS L 35 -34.33 -9.31 -29.78
CA LYS L 35 -34.48 -7.94 -29.32
C LYS L 35 -34.30 -7.88 -27.80
N HIS L 36 -35.16 -8.58 -27.02
CA HIS L 36 -35.10 -8.58 -25.56
C HIS L 36 -33.78 -9.05 -24.96
N HIS L 37 -33.34 -10.28 -25.28
CA HIS L 37 -32.08 -10.82 -24.74
C HIS L 37 -30.90 -9.98 -25.28
N VAL L 38 -30.94 -9.57 -26.56
CA VAL L 38 -29.89 -8.69 -27.12
C VAL L 38 -29.72 -7.37 -26.30
N ALA L 39 -30.84 -6.76 -25.83
CA ALA L 39 -30.81 -5.54 -25.00
C ALA L 39 -30.07 -5.77 -23.67
N TYR L 40 -30.22 -6.95 -23.05
CA TYR L 40 -29.49 -7.31 -21.82
C TYR L 40 -28.01 -7.53 -22.09
N VAL L 41 -27.67 -8.23 -23.21
CA VAL L 41 -26.26 -8.42 -23.63
C VAL L 41 -25.60 -7.03 -23.72
N ASN L 42 -26.23 -6.10 -24.46
CA ASN L 42 -25.76 -4.72 -24.64
C ASN L 42 -25.62 -3.93 -23.37
N GLY L 43 -26.67 -3.98 -22.54
CA GLY L 43 -26.73 -3.26 -21.28
C GLY L 43 -25.66 -3.65 -20.30
N TYR L 44 -25.43 -4.96 -20.13
CA TYR L 44 -24.39 -5.48 -19.24
C TYR L 44 -23.00 -5.01 -19.70
N ASN L 45 -22.71 -5.20 -21.00
CA ASN L 45 -21.41 -4.82 -21.56
C ASN L 45 -21.14 -3.32 -21.38
N ALA L 46 -22.17 -2.48 -21.57
CA ALA L 46 -22.11 -1.04 -21.37
C ALA L 46 -21.95 -0.70 -19.87
N ALA L 47 -22.65 -1.44 -18.95
CA ALA L 47 -22.57 -1.20 -17.49
C ALA L 47 -21.19 -1.50 -16.96
N ILE L 48 -20.57 -2.61 -17.44
CA ILE L 48 -19.22 -3.01 -17.04
C ILE L 48 -18.18 -1.97 -17.43
N ASP L 49 -18.32 -1.42 -18.65
CA ASP L 49 -17.44 -0.37 -19.17
C ASP L 49 -17.60 0.91 -18.36
N ALA L 50 -18.86 1.32 -18.08
CA ALA L 50 -19.12 2.49 -17.24
C ALA L 50 -18.57 2.26 -15.81
N LEU L 51 -18.73 1.04 -15.27
CA LEU L 51 -18.22 0.68 -13.96
C LEU L 51 -16.70 0.86 -13.78
N GLU L 52 -15.87 0.24 -14.68
CA GLU L 52 -14.41 0.31 -14.62
C GLU L 52 -13.88 1.75 -14.61
N LYS L 53 -14.49 2.65 -15.41
CA LYS L 53 -14.21 4.08 -15.49
C LYS L 53 -14.49 4.76 -14.12
N ALA L 54 -15.75 4.63 -13.61
CA ALA L 54 -16.17 5.19 -12.32
C ALA L 54 -15.34 4.64 -11.15
N VAL L 55 -15.14 3.30 -11.07
CA VAL L 55 -14.31 2.65 -10.02
C VAL L 55 -12.87 3.21 -10.05
N GLY L 56 -12.30 3.36 -11.25
CA GLY L 56 -10.95 3.89 -11.44
C GLY L 56 -10.76 5.32 -10.94
N LYS L 57 -11.83 6.12 -11.02
CA LYS L 57 -11.88 7.53 -10.63
C LYS L 57 -12.36 7.73 -9.18
N ARG L 58 -12.75 6.63 -8.48
CA ARG L 58 -13.31 6.63 -7.12
C ARG L 58 -14.52 7.55 -7.11
N ASP L 59 -15.30 7.48 -8.19
CA ASP L 59 -16.49 8.27 -8.32
C ASP L 59 -17.60 7.38 -7.80
N LEU L 60 -17.72 7.31 -6.46
CA LEU L 60 -18.69 6.45 -5.78
C LEU L 60 -20.15 6.74 -6.05
N LYS L 61 -20.51 8.03 -6.31
CA LYS L 61 -21.89 8.37 -6.67
C LYS L 61 -22.25 7.60 -7.96
N SER L 62 -21.35 7.64 -8.97
CA SER L 62 -21.53 6.95 -10.25
C SER L 62 -21.55 5.42 -10.09
N VAL L 63 -20.59 4.87 -9.31
CA VAL L 63 -20.44 3.44 -9.01
C VAL L 63 -21.76 2.86 -8.48
N VAL L 64 -22.32 3.49 -7.43
CA VAL L 64 -23.55 3.08 -6.77
C VAL L 64 -24.69 3.06 -7.79
N GLU L 65 -24.81 4.11 -8.61
CA GLU L 65 -25.82 4.25 -9.65
C GLU L 65 -25.73 3.11 -10.69
N ILE L 66 -24.49 2.77 -11.14
CA ILE L 66 -24.19 1.74 -12.15
C ILE L 66 -24.55 0.35 -11.69
N GLN L 67 -24.41 0.07 -10.39
CA GLN L 67 -24.73 -1.24 -9.81
C GLN L 67 -26.12 -1.74 -10.25
N GLN L 68 -27.13 -0.86 -10.30
CA GLN L 68 -28.48 -1.25 -10.72
C GLN L 68 -28.54 -1.85 -12.13
N ASN L 69 -27.77 -1.27 -13.08
CA ASN L 69 -27.69 -1.74 -14.48
C ASN L 69 -26.93 -3.04 -14.59
N ILE L 70 -25.91 -3.22 -13.73
CA ILE L 70 -25.14 -4.47 -13.60
C ILE L 70 -26.10 -5.59 -13.18
N LYS L 71 -26.86 -5.33 -12.09
CA LYS L 71 -27.85 -6.23 -11.55
C LYS L 71 -28.91 -6.55 -12.59
N PHE L 72 -29.50 -5.51 -13.19
CA PHE L 72 -30.57 -5.69 -14.17
C PHE L 72 -30.19 -6.47 -15.43
N HIS L 73 -29.14 -6.01 -16.12
CA HIS L 73 -28.69 -6.62 -17.37
C HIS L 73 -28.01 -7.95 -17.22
N GLY L 74 -27.20 -8.10 -16.17
CA GLY L 74 -26.54 -9.35 -15.85
C GLY L 74 -27.55 -10.42 -15.50
N GLY L 75 -28.59 -10.04 -14.75
CA GLY L 75 -29.64 -10.96 -14.38
C GLY L 75 -30.51 -11.31 -15.56
N GLY L 76 -30.76 -10.32 -16.42
CA GLY L 76 -31.54 -10.50 -17.64
C GLY L 76 -30.85 -11.47 -18.57
N HIS L 77 -29.50 -11.40 -18.63
CA HIS L 77 -28.72 -12.36 -19.46
C HIS L 77 -28.75 -13.76 -18.86
N THR L 78 -28.57 -13.86 -17.52
CA THR L 78 -28.54 -15.14 -16.79
C THR L 78 -29.92 -15.86 -16.90
N ASN L 79 -31.00 -15.13 -16.63
CA ASN L 79 -32.35 -15.70 -16.67
C ASN L 79 -32.78 -16.17 -18.05
N HIS L 80 -32.54 -15.37 -19.10
CA HIS L 80 -32.93 -15.76 -20.47
C HIS L 80 -32.14 -16.98 -20.96
N SER L 81 -30.84 -17.05 -20.60
CA SER L 81 -29.93 -18.16 -20.92
C SER L 81 -30.40 -19.44 -20.25
N LEU L 82 -30.78 -19.35 -18.95
CA LEU L 82 -31.38 -20.50 -18.25
C LEU L 82 -32.67 -20.93 -18.94
N PHE L 83 -33.49 -19.96 -19.33
CA PHE L 83 -34.81 -20.18 -19.98
C PHE L 83 -34.73 -20.95 -21.30
N TRP L 84 -33.88 -20.50 -22.24
CA TRP L 84 -33.70 -21.19 -23.55
C TRP L 84 -33.23 -22.64 -23.40
N LYS L 85 -32.29 -22.89 -22.45
CA LYS L 85 -31.76 -24.24 -22.16
C LYS L 85 -32.80 -25.15 -21.51
N ASN L 86 -33.78 -24.58 -20.77
CA ASN L 86 -34.89 -25.36 -20.19
C ASN L 86 -36.16 -25.37 -21.02
N LEU L 87 -36.02 -25.07 -22.32
CA LEU L 87 -37.11 -25.16 -23.27
C LEU L 87 -36.67 -26.14 -24.34
N ALA L 88 -37.59 -26.99 -24.81
CA ALA L 88 -37.27 -27.97 -25.85
C ALA L 88 -38.46 -28.31 -26.72
N PRO L 89 -38.25 -28.54 -28.04
CA PRO L 89 -39.37 -28.96 -28.90
C PRO L 89 -39.86 -30.31 -28.38
N VAL L 90 -41.14 -30.64 -28.61
CA VAL L 90 -41.71 -31.92 -28.17
C VAL L 90 -40.89 -33.08 -28.74
N SER L 91 -40.53 -32.99 -30.02
CA SER L 91 -39.75 -34.02 -30.71
C SER L 91 -38.36 -34.24 -30.09
N LYS L 92 -37.86 -33.27 -29.29
CA LYS L 92 -36.55 -33.37 -28.63
C LYS L 92 -36.63 -33.48 -27.07
N GLY L 93 -37.76 -33.98 -26.60
CA GLY L 93 -38.00 -34.21 -25.17
C GLY L 93 -38.76 -33.15 -24.39
N GLY L 94 -39.26 -32.11 -25.06
CA GLY L 94 -40.03 -31.06 -24.39
C GLY L 94 -41.30 -31.63 -23.81
N GLY L 95 -41.59 -31.29 -22.56
CA GLY L 95 -42.77 -31.81 -21.84
C GLY L 95 -42.63 -33.20 -21.24
N LYS L 96 -41.54 -33.92 -21.54
CA LYS L 96 -41.34 -35.26 -20.99
C LYS L 96 -40.89 -35.11 -19.56
N HIS L 97 -41.67 -35.68 -18.63
CA HIS L 97 -41.42 -35.61 -17.19
C HIS L 97 -40.10 -36.23 -16.82
N PRO L 98 -39.40 -35.75 -15.76
CA PRO L 98 -38.09 -36.32 -15.45
C PRO L 98 -38.13 -37.79 -15.02
N ASP L 99 -37.04 -38.49 -15.30
CA ASP L 99 -36.84 -39.88 -14.92
C ASP L 99 -36.91 -39.93 -13.38
N THR L 100 -37.90 -40.67 -12.83
CA THR L 100 -38.09 -40.74 -11.36
C THR L 100 -36.94 -41.41 -10.64
N SER L 101 -36.03 -42.09 -11.38
CA SER L 101 -34.82 -42.72 -10.85
C SER L 101 -33.63 -41.73 -10.80
N SER L 102 -33.75 -40.55 -11.47
CA SER L 102 -32.68 -39.54 -11.43
C SER L 102 -32.65 -38.87 -10.07
N ALA L 103 -31.52 -38.22 -9.74
CA ALA L 103 -31.39 -37.48 -8.48
C ALA L 103 -32.56 -36.46 -8.34
N LEU L 104 -32.87 -35.71 -9.42
CA LEU L 104 -33.97 -34.76 -9.43
C LEU L 104 -35.32 -35.44 -9.26
N GLY L 105 -35.56 -36.46 -10.11
CA GLY L 105 -36.79 -37.24 -10.12
C GLY L 105 -37.12 -37.84 -8.77
N LYS L 106 -36.08 -38.38 -8.10
CA LYS L 106 -36.21 -38.98 -6.75
C LYS L 106 -36.61 -37.92 -5.77
N GLN L 107 -35.96 -36.73 -5.86
CA GLN L 107 -36.25 -35.59 -4.98
C GLN L 107 -37.68 -35.05 -5.14
N ILE L 108 -38.17 -34.98 -6.39
CA ILE L 108 -39.52 -34.51 -6.67
C ILE L 108 -40.54 -35.45 -5.99
N VAL L 109 -40.39 -36.78 -6.18
CA VAL L 109 -41.25 -37.82 -5.64
C VAL L 109 -41.30 -37.77 -4.10
N ALA L 110 -40.13 -37.68 -3.47
CA ALA L 110 -40.02 -37.61 -2.02
C ALA L 110 -40.68 -36.34 -1.44
N GLN L 111 -40.52 -35.20 -2.12
CA GLN L 111 -41.05 -33.93 -1.60
C GLN L 111 -42.44 -33.57 -2.02
N TYR L 112 -42.78 -33.83 -3.30
CA TYR L 112 -44.05 -33.43 -3.88
C TYR L 112 -44.96 -34.56 -4.29
N GLY L 113 -44.43 -35.79 -4.30
CA GLY L 113 -45.20 -36.97 -4.68
C GLY L 113 -45.20 -37.20 -6.17
N SER L 114 -45.41 -36.12 -6.95
CA SER L 114 -45.45 -36.15 -8.41
C SER L 114 -45.04 -34.80 -9.01
N VAL L 115 -44.58 -34.84 -10.25
CA VAL L 115 -44.19 -33.68 -11.06
C VAL L 115 -45.44 -32.76 -11.29
N SER L 116 -46.64 -33.36 -11.49
CA SER L 116 -47.88 -32.58 -11.66
C SER L 116 -48.16 -31.71 -10.45
N ASN L 117 -47.89 -32.22 -9.23
CA ASN L 117 -48.12 -31.46 -8.00
CA ASN L 117 -48.11 -31.47 -7.99
C ASN L 117 -47.15 -30.28 -7.90
N LEU L 118 -45.88 -30.47 -8.30
CA LEU L 118 -44.84 -29.42 -8.30
C LEU L 118 -45.21 -28.36 -9.34
N ILE L 119 -45.64 -28.79 -10.55
CA ILE L 119 -46.11 -27.85 -11.60
C ILE L 119 -47.28 -26.99 -11.08
N ASP L 120 -48.25 -27.60 -10.40
CA ASP L 120 -49.41 -26.91 -9.80
C ASP L 120 -48.97 -25.84 -8.83
N ILE L 121 -48.00 -26.16 -7.97
CA ILE L 121 -47.42 -25.21 -7.00
C ILE L 121 -46.74 -24.03 -7.74
N THR L 122 -45.88 -24.35 -8.73
CA THR L 122 -45.16 -23.38 -9.55
C THR L 122 -46.12 -22.46 -10.31
N ASN L 123 -47.19 -23.02 -10.87
CA ASN L 123 -48.21 -22.27 -11.62
C ASN L 123 -48.95 -21.28 -10.74
N SER L 124 -49.12 -21.65 -9.46
CA SER L 124 -49.75 -20.84 -8.42
C SER L 124 -48.78 -19.71 -8.07
N LYS L 125 -47.49 -20.03 -7.91
CA LYS L 125 -46.44 -19.02 -7.67
C LYS L 125 -46.34 -18.01 -8.85
N LEU L 126 -46.52 -18.50 -10.08
CA LEU L 126 -46.48 -17.66 -11.28
C LEU L 126 -47.68 -16.71 -11.34
N ALA L 127 -48.88 -17.20 -10.97
CA ALA L 127 -50.14 -16.45 -10.90
C ALA L 127 -50.06 -15.30 -9.94
N GLY L 128 -49.27 -15.47 -8.87
CA GLY L 128 -49.07 -14.49 -7.82
C GLY L 128 -48.10 -13.37 -8.13
N ILE L 129 -47.28 -13.52 -9.19
CA ILE L 129 -46.31 -12.48 -9.58
C ILE L 129 -47.05 -11.18 -9.94
N GLN L 130 -46.72 -10.08 -9.26
CA GLN L 130 -47.30 -8.77 -9.56
C GLN L 130 -46.27 -8.02 -10.39
N GLY L 131 -46.64 -7.63 -11.61
CA GLY L 131 -45.67 -6.95 -12.47
C GLY L 131 -44.77 -7.88 -13.21
N SER L 132 -43.53 -7.45 -13.51
CA SER L 132 -42.54 -8.27 -14.22
C SER L 132 -41.78 -9.18 -13.25
N GLY L 133 -41.50 -10.40 -13.68
CA GLY L 133 -40.75 -11.31 -12.82
C GLY L 133 -40.65 -12.73 -13.32
N TRP L 134 -40.04 -13.62 -12.50
CA TRP L 134 -39.76 -15.01 -12.83
C TRP L 134 -40.15 -15.93 -11.70
N ALA L 135 -40.40 -17.23 -12.02
CA ALA L 135 -40.51 -18.29 -11.04
C ALA L 135 -39.35 -19.24 -11.31
N PHE L 136 -38.78 -19.79 -10.25
CA PHE L 136 -37.69 -20.74 -10.31
C PHE L 136 -37.98 -21.87 -9.38
N ILE L 137 -37.66 -23.09 -9.84
CA ILE L 137 -37.62 -24.32 -9.07
C ILE L 137 -36.14 -24.36 -8.76
N VAL L 138 -35.84 -24.38 -7.46
CA VAL L 138 -34.47 -24.32 -7.03
C VAL L 138 -34.07 -25.49 -6.16
N LYS L 139 -32.79 -25.82 -6.15
CA LYS L 139 -32.18 -26.83 -5.27
C LYS L 139 -31.35 -26.07 -4.22
N ASN L 140 -31.58 -26.34 -2.92
CA ASN L 140 -30.77 -25.75 -1.86
C ASN L 140 -29.67 -26.77 -1.47
N LYS L 141 -28.39 -26.42 -1.71
CA LYS L 141 -27.25 -27.29 -1.41
C LYS L 141 -26.93 -27.51 0.07
N GLN L 142 -27.42 -26.61 0.96
CA GLN L 142 -27.08 -26.69 2.37
C GLN L 142 -28.10 -27.43 3.24
N ASN L 143 -29.31 -27.68 2.72
CA ASN L 143 -30.35 -28.32 3.54
C ASN L 143 -30.77 -29.73 3.05
N GLY L 144 -29.84 -30.43 2.40
CA GLY L 144 -30.09 -31.78 1.91
C GLY L 144 -30.53 -31.86 0.48
N GLY L 145 -30.24 -30.81 -0.30
CA GLY L 145 -30.60 -30.69 -1.71
C GLY L 145 -32.10 -30.55 -1.90
N ALA L 146 -32.77 -29.94 -0.90
CA ALA L 146 -34.21 -29.75 -0.90
C ALA L 146 -34.63 -28.81 -2.00
N LEU L 147 -35.76 -29.12 -2.63
CA LEU L 147 -36.33 -28.29 -3.70
C LEU L 147 -37.33 -27.32 -3.11
N ASP L 148 -37.49 -26.16 -3.77
CA ASP L 148 -38.50 -25.16 -3.45
C ASP L 148 -38.77 -24.30 -4.68
N VAL L 149 -39.89 -23.60 -4.67
CA VAL L 149 -40.32 -22.74 -5.77
C VAL L 149 -40.24 -21.29 -5.26
N VAL L 150 -39.46 -20.46 -5.95
CA VAL L 150 -39.34 -19.06 -5.53
C VAL L 150 -39.61 -18.14 -6.70
N THR L 151 -39.92 -16.88 -6.42
CA THR L 151 -40.11 -15.90 -7.49
C THR L 151 -39.17 -14.75 -7.31
N THR L 152 -38.83 -14.06 -8.41
CA THR L 152 -38.05 -12.82 -8.34
C THR L 152 -38.79 -11.73 -9.10
N ALA L 153 -38.50 -10.46 -8.78
CA ALA L 153 -39.09 -9.34 -9.50
C ALA L 153 -38.14 -8.95 -10.61
N ASN L 154 -38.68 -8.43 -11.73
CA ASN L 154 -37.92 -7.92 -12.87
C ASN L 154 -36.87 -8.89 -13.40
N GLN L 155 -35.58 -8.55 -13.31
CA GLN L 155 -34.48 -9.43 -13.77
C GLN L 155 -33.64 -9.91 -12.61
N ASP L 156 -34.28 -10.01 -11.42
CA ASP L 156 -33.58 -10.53 -10.25
C ASP L 156 -33.43 -12.04 -10.52
N THR L 157 -32.34 -12.63 -10.04
CA THR L 157 -32.04 -14.03 -10.32
C THR L 157 -31.70 -14.78 -9.06
N ILE L 158 -31.41 -16.09 -9.20
CA ILE L 158 -30.95 -16.95 -8.12
C ILE L 158 -29.44 -16.80 -8.14
N SER L 159 -28.93 -15.92 -7.29
CA SER L 159 -27.51 -15.58 -7.23
C SER L 159 -26.81 -16.11 -5.98
N ALA L 160 -27.59 -16.48 -4.94
CA ALA L 160 -27.04 -17.01 -3.68
C ALA L 160 -26.21 -18.28 -3.98
N PRO L 161 -24.94 -18.32 -3.52
CA PRO L 161 -24.05 -19.46 -3.87
C PRO L 161 -24.57 -20.86 -3.53
N HIS L 162 -25.36 -21.01 -2.44
CA HIS L 162 -25.89 -22.31 -2.00
C HIS L 162 -27.16 -22.75 -2.77
N LEU L 163 -27.71 -21.87 -3.59
CA LEU L 163 -28.92 -22.15 -4.35
C LEU L 163 -28.63 -22.42 -5.82
N VAL L 164 -29.29 -23.43 -6.41
CA VAL L 164 -29.13 -23.79 -7.82
C VAL L 164 -30.47 -23.67 -8.58
N PRO L 165 -30.58 -22.78 -9.59
CA PRO L 165 -31.82 -22.75 -10.41
C PRO L 165 -31.90 -24.04 -11.27
N ILE L 166 -33.03 -24.71 -11.19
CA ILE L 166 -33.30 -25.98 -11.88
C ILE L 166 -34.18 -25.75 -13.09
N ILE L 167 -35.27 -25.01 -12.91
CA ILE L 167 -36.16 -24.56 -13.99
C ILE L 167 -36.36 -23.06 -13.80
N ALA L 168 -36.27 -22.26 -14.90
CA ALA L 168 -36.58 -20.83 -14.89
C ALA L 168 -37.80 -20.61 -15.81
N ILE L 169 -38.85 -19.91 -15.30
CA ILE L 169 -40.03 -19.59 -16.11
C ILE L 169 -40.14 -18.07 -16.22
N ASP L 170 -40.20 -17.53 -17.45
CA ASP L 170 -40.36 -16.08 -17.66
C ASP L 170 -41.80 -15.63 -17.50
N ALA L 171 -42.06 -14.71 -16.56
CA ALA L 171 -43.43 -14.21 -16.39
C ALA L 171 -43.61 -12.76 -16.84
N TRP L 172 -42.58 -12.19 -17.54
CA TRP L 172 -42.68 -10.83 -18.09
C TRP L 172 -43.77 -10.85 -19.15
N GLU L 173 -44.50 -9.75 -19.36
CA GLU L 173 -45.56 -9.69 -20.40
C GLU L 173 -45.05 -9.98 -21.80
N HIS L 174 -43.81 -9.54 -22.12
CA HIS L 174 -43.22 -9.81 -23.43
C HIS L 174 -43.04 -11.29 -23.79
N ALA L 175 -43.16 -12.19 -22.78
CA ALA L 175 -42.95 -13.62 -22.95
C ALA L 175 -44.22 -14.31 -23.48
N TYR L 176 -45.37 -13.63 -23.38
CA TYR L 176 -46.66 -14.22 -23.77
C TYR L 176 -47.70 -13.32 -24.44
N TYR L 177 -47.58 -11.98 -24.26
CA TYR L 177 -48.58 -11.03 -24.74
C TYR L 177 -49.07 -11.17 -26.18
N LEU L 178 -48.16 -11.33 -27.17
CA LEU L 178 -48.56 -11.42 -28.58
C LEU L 178 -49.46 -12.62 -28.89
N GLN L 179 -49.27 -13.72 -28.16
CA GLN L 179 -50.05 -14.94 -28.35
C GLN L 179 -51.26 -15.09 -27.38
N TYR L 180 -51.04 -14.84 -26.08
CA TYR L 180 -52.04 -15.05 -25.04
C TYR L 180 -52.74 -13.81 -24.54
N GLN L 181 -52.24 -12.61 -24.90
CA GLN L 181 -52.77 -11.32 -24.47
C GLN L 181 -52.77 -11.21 -22.93
N ASN L 182 -53.82 -10.70 -22.30
CA ASN L 182 -53.91 -10.55 -20.84
C ASN L 182 -54.02 -11.90 -20.07
N VAL L 183 -54.32 -12.99 -20.79
CA VAL L 183 -54.56 -14.32 -20.21
C VAL L 183 -53.32 -15.10 -19.85
N ARG L 184 -52.58 -14.52 -18.90
CA ARG L 184 -51.37 -15.00 -18.24
C ARG L 184 -51.48 -16.46 -17.74
N PRO L 185 -52.59 -16.92 -17.06
CA PRO L 185 -52.66 -18.34 -16.66
C PRO L 185 -52.59 -19.35 -17.82
N ASP L 186 -53.09 -18.96 -19.02
CA ASP L 186 -53.06 -19.86 -20.19
C ASP L 186 -51.66 -20.12 -20.65
N TYR L 187 -50.80 -19.09 -20.60
CA TYR L 187 -49.39 -19.23 -20.96
C TYR L 187 -48.65 -20.15 -19.95
N PHE L 188 -48.88 -19.94 -18.63
CA PHE L 188 -48.27 -20.76 -17.56
C PHE L 188 -48.64 -22.24 -17.71
N LYS L 189 -49.89 -22.54 -18.09
CA LYS L 189 -50.32 -23.93 -18.29
C LYS L 189 -49.65 -24.54 -19.52
N ALA L 190 -49.62 -23.78 -20.61
CA ALA L 190 -49.08 -24.23 -21.90
C ALA L 190 -47.57 -24.48 -21.91
N ILE L 191 -46.79 -23.68 -21.16
CA ILE L 191 -45.33 -23.79 -21.21
C ILE L 191 -44.75 -25.16 -20.85
N TRP L 192 -45.35 -25.85 -19.88
CA TRP L 192 -44.88 -27.16 -19.43
C TRP L 192 -44.74 -28.22 -20.52
N ASN L 193 -45.52 -28.06 -21.60
CA ASN L 193 -45.52 -28.94 -22.76
C ASN L 193 -44.18 -28.88 -23.54
N VAL L 194 -43.39 -27.81 -23.34
CA VAL L 194 -42.09 -27.56 -23.99
C VAL L 194 -40.94 -27.39 -22.99
N ILE L 195 -41.17 -27.75 -21.73
CA ILE L 195 -40.16 -27.67 -20.69
C ILE L 195 -39.17 -28.81 -20.83
N ASN L 196 -37.88 -28.48 -20.74
CA ASN L 196 -36.83 -29.45 -20.89
C ASN L 196 -36.38 -30.00 -19.53
N TRP L 197 -36.97 -31.13 -19.13
CA TRP L 197 -36.67 -31.74 -17.82
C TRP L 197 -35.32 -32.47 -17.81
N ALA L 198 -34.79 -32.81 -19.00
CA ALA L 198 -33.47 -33.43 -19.14
C ALA L 198 -32.43 -32.41 -18.64
N GLU L 199 -32.61 -31.11 -19.00
CA GLU L 199 -31.73 -30.03 -18.55
C GLU L 199 -31.83 -29.85 -17.04
N ALA L 200 -33.04 -29.92 -16.51
CA ALA L 200 -33.33 -29.77 -15.09
C ALA L 200 -32.63 -30.88 -14.27
N GLU L 201 -32.66 -32.15 -14.75
CA GLU L 201 -31.97 -33.28 -14.08
C GLU L 201 -30.46 -33.04 -14.04
N SER L 202 -29.91 -32.56 -15.17
CA SER L 202 -28.51 -32.22 -15.35
C SER L 202 -28.07 -31.08 -14.39
N ARG L 203 -28.93 -30.07 -14.22
CA ARG L 203 -28.66 -28.95 -13.29
C ARG L 203 -28.64 -29.39 -11.82
N TYR L 204 -29.56 -30.33 -11.48
CA TYR L 204 -29.64 -30.89 -10.13
C TYR L 204 -28.39 -31.71 -9.77
N SER L 205 -27.93 -32.56 -10.69
CA SER L 205 -26.80 -33.45 -10.44
C SER L 205 -25.42 -32.80 -10.64
N ALA L 206 -25.37 -31.58 -11.25
CA ALA L 206 -24.13 -30.81 -11.53
C ALA L 206 -23.33 -30.44 -10.28
N ILE M 2 14.54 2.39 27.45
CA ILE M 2 13.87 1.14 27.82
C ILE M 2 14.19 -0.02 26.87
N THR M 3 14.79 -1.08 27.42
CA THR M 3 15.23 -2.27 26.67
C THR M 3 14.14 -3.34 26.55
N GLU M 4 14.28 -4.23 25.55
CA GLU M 4 13.36 -5.35 25.26
C GLU M 4 13.25 -6.35 26.40
N ASN M 5 14.37 -6.63 27.08
CA ASN M 5 14.44 -7.57 28.21
C ASN M 5 13.75 -7.04 29.48
N GLU M 6 13.67 -5.70 29.64
CA GLU M 6 13.03 -5.02 30.78
C GLU M 6 11.53 -4.82 30.50
N LYS M 7 11.18 -4.61 29.22
CA LYS M 7 9.82 -4.35 28.72
C LYS M 7 8.88 -5.55 28.90
N ILE M 8 7.68 -5.33 29.48
CA ILE M 8 6.67 -6.37 29.64
C ILE M 8 5.67 -6.28 28.48
N SER M 9 4.91 -7.34 28.23
CA SER M 9 3.89 -7.36 27.17
C SER M 9 2.67 -8.13 27.62
N LEU M 10 1.53 -7.88 26.97
CA LEU M 10 0.28 -8.57 27.27
C LEU M 10 0.44 -10.08 27.01
N PRO M 11 0.10 -10.97 27.97
CA PRO M 11 0.23 -12.41 27.71
C PRO M 11 -0.86 -12.94 26.79
N LYS M 12 -0.59 -14.08 26.10
CA LYS M 12 -1.59 -14.72 25.26
C LYS M 12 -2.51 -15.45 26.22
N ILE M 13 -3.81 -15.40 25.98
CA ILE M 13 -4.80 -16.03 26.88
C ILE M 13 -5.26 -17.40 26.36
N ASP M 14 -5.21 -18.43 27.24
CA ASP M 14 -5.49 -19.85 26.96
C ASP M 14 -6.97 -20.27 26.83
N TRP M 15 -7.84 -19.31 26.49
CA TRP M 15 -9.28 -19.52 26.29
C TRP M 15 -9.88 -18.36 25.49
N ALA M 16 -10.94 -18.65 24.73
CA ALA M 16 -11.67 -17.64 23.92
C ALA M 16 -12.33 -16.64 24.87
N LEU M 17 -12.49 -15.38 24.46
CA LEU M 17 -13.10 -14.35 25.31
C LEU M 17 -14.53 -14.69 25.80
N ASP M 18 -15.30 -15.45 25.00
CA ASP M 18 -16.67 -15.82 25.37
C ASP M 18 -16.73 -17.19 26.08
N ALA M 19 -15.58 -17.83 26.30
CA ALA M 19 -15.49 -19.18 26.88
C ALA M 19 -15.81 -19.32 28.36
N LEU M 20 -15.88 -18.19 29.11
CA LEU M 20 -16.21 -18.19 30.54
C LEU M 20 -17.70 -17.92 30.80
N GLU M 21 -18.48 -17.65 29.72
CA GLU M 21 -19.93 -17.42 29.82
C GLU M 21 -20.61 -18.71 30.30
N PRO M 22 -21.68 -18.65 31.12
CA PRO M 22 -22.43 -17.46 31.60
C PRO M 22 -21.86 -16.82 32.87
N TYR M 23 -20.67 -17.23 33.33
CA TYR M 23 -20.07 -16.75 34.58
C TYR M 23 -19.46 -15.37 34.50
N ILE M 24 -18.58 -15.16 33.51
CA ILE M 24 -17.93 -13.88 33.17
C ILE M 24 -18.24 -13.68 31.66
N SER M 25 -18.82 -12.52 31.28
CA SER M 25 -19.20 -12.24 29.89
C SER M 25 -17.99 -11.96 29.00
N LYS M 26 -18.17 -12.16 27.68
CA LYS M 26 -17.14 -11.83 26.69
C LYS M 26 -16.87 -10.31 26.78
N GLU M 27 -17.92 -9.53 27.05
CA GLU M 27 -17.92 -8.06 27.12
C GLU M 27 -16.99 -7.57 28.25
N ILE M 28 -17.08 -8.14 29.45
CA ILE M 28 -16.14 -7.84 30.54
C ILE M 28 -14.69 -8.23 30.13
N ASN M 29 -14.49 -9.51 29.73
CA ASN M 29 -13.20 -10.07 29.35
C ASN M 29 -12.45 -9.28 28.31
N ASP M 30 -13.15 -8.83 27.23
CA ASP M 30 -12.55 -8.05 26.14
C ASP M 30 -11.94 -6.73 26.67
N LEU M 31 -12.69 -6.01 27.51
CA LEU M 31 -12.25 -4.75 28.12
C LEU M 31 -11.19 -5.02 29.17
N HIS M 32 -11.43 -6.05 29.99
CA HIS M 32 -10.55 -6.45 31.10
C HIS M 32 -9.14 -6.73 30.63
N ILE M 33 -9.00 -7.49 29.55
CA ILE M 33 -7.73 -7.89 28.96
C ILE M 33 -7.19 -6.80 27.99
N ASN M 34 -8.01 -6.38 27.02
CA ASN M 34 -7.57 -5.44 25.99
C ASN M 34 -7.52 -3.98 26.35
N LYS M 35 -8.18 -3.59 27.45
CA LYS M 35 -8.08 -2.19 27.90
C LYS M 35 -7.38 -2.09 29.26
N HIS M 36 -7.91 -2.75 30.33
CA HIS M 36 -7.31 -2.68 31.67
C HIS M 36 -5.91 -3.27 31.77
N HIS M 37 -5.74 -4.55 31.41
CA HIS M 37 -4.42 -5.17 31.47
C HIS M 37 -3.43 -4.45 30.55
N VAL M 38 -3.88 -4.02 29.36
CA VAL M 38 -3.01 -3.25 28.44
C VAL M 38 -2.54 -1.94 29.11
N ALA M 39 -3.44 -1.27 29.88
CA ALA M 39 -3.11 -0.02 30.59
C ALA M 39 -1.96 -0.24 31.62
N TYR M 40 -1.96 -1.40 32.30
CA TYR M 40 -0.90 -1.75 33.24
C TYR M 40 0.42 -2.04 32.51
N VAL M 41 0.35 -2.72 31.35
CA VAL M 41 1.52 -3.04 30.50
C VAL M 41 2.21 -1.75 30.11
N ASN M 42 1.43 -0.78 29.60
CA ASN M 42 1.95 0.51 29.16
C ASN M 42 2.47 1.35 30.30
N GLY M 43 1.73 1.34 31.40
CA GLY M 43 2.06 2.07 32.60
C GLY M 43 3.35 1.61 33.23
N TYR M 44 3.59 0.29 33.25
CA TYR M 44 4.83 -0.26 33.82
C TYR M 44 6.00 0.14 32.93
N ASN M 45 5.83 -0.02 31.61
CA ASN M 45 6.92 0.31 30.69
C ASN M 45 7.22 1.81 30.68
N ALA M 46 6.21 2.67 30.90
CA ALA M 46 6.44 4.11 30.95
C ALA M 46 7.07 4.51 32.29
N ALA M 47 6.73 3.79 33.39
CA ALA M 47 7.29 4.06 34.74
C ALA M 47 8.75 3.66 34.81
N ILE M 48 9.12 2.51 34.19
CA ILE M 48 10.49 2.01 34.15
C ILE M 48 11.38 2.96 33.36
N ASP M 49 10.85 3.47 32.23
CA ASP M 49 11.52 4.42 31.37
C ASP M 49 11.84 5.73 32.14
N ALA M 50 10.85 6.25 32.90
CA ALA M 50 11.01 7.46 33.71
C ALA M 50 11.97 7.23 34.91
N LEU M 51 11.94 6.01 35.46
CA LEU M 51 12.74 5.58 36.61
C LEU M 51 14.24 5.64 36.32
N GLU M 52 14.74 4.93 35.29
CA GLU M 52 16.19 4.96 34.97
C GLU M 52 16.71 6.36 34.64
N LYS M 53 15.86 7.19 34.02
CA LYS M 53 16.13 8.59 33.65
C LYS M 53 16.39 9.43 34.91
N ALA M 54 15.50 9.32 35.93
CA ALA M 54 15.63 10.04 37.19
C ALA M 54 16.74 9.45 38.07
N VAL M 55 16.97 8.12 38.01
CA VAL M 55 17.99 7.39 38.79
C VAL M 55 19.40 7.83 38.40
N GLY M 56 19.59 8.08 37.10
CA GLY M 56 20.85 8.53 36.53
C GLY M 56 21.22 9.97 36.85
N LYS M 57 20.21 10.79 37.21
CA LYS M 57 20.37 12.21 37.54
C LYS M 57 20.40 12.43 39.06
N ARG M 58 20.24 11.34 39.86
CA ARG M 58 20.14 11.40 41.32
C ARG M 58 19.00 12.36 41.79
N ASP M 59 18.00 12.55 40.89
CA ASP M 59 16.81 13.37 41.14
C ASP M 59 15.93 12.48 42.00
N LEU M 60 16.28 12.35 43.29
CA LEU M 60 15.60 11.47 44.24
C LEU M 60 14.15 11.79 44.48
N LYS M 61 13.74 13.07 44.28
CA LYS M 61 12.33 13.49 44.39
C LYS M 61 11.49 12.69 43.37
N SER M 62 11.94 12.65 42.09
CA SER M 62 11.29 11.93 41.00
C SER M 62 11.38 10.43 41.22
N VAL M 63 12.58 9.91 41.59
CA VAL M 63 12.79 8.48 41.84
C VAL M 63 11.74 8.00 42.84
N VAL M 64 11.60 8.73 43.96
CA VAL M 64 10.64 8.46 45.03
C VAL M 64 9.21 8.45 44.48
N GLU M 65 8.81 9.51 43.74
CA GLU M 65 7.48 9.70 43.15
C GLU M 65 7.05 8.54 42.21
N ILE M 66 7.98 8.13 41.32
CA ILE M 66 7.77 7.08 40.30
C ILE M 66 7.55 5.69 40.91
N GLN M 67 8.11 5.43 42.11
CA GLN M 67 7.97 4.13 42.78
C GLN M 67 6.55 3.62 42.87
N GLN M 68 5.60 4.52 43.22
CA GLN M 68 4.18 4.19 43.33
C GLN M 68 3.61 3.65 42.00
N ASN M 69 4.08 4.20 40.87
CA ASN M 69 3.62 3.78 39.53
C ASN M 69 4.16 2.42 39.15
N ILE M 70 5.40 2.13 39.62
CA ILE M 70 6.04 0.85 39.35
C ILE M 70 5.30 -0.23 40.10
N LYS M 71 4.98 0.04 41.39
CA LYS M 71 4.23 -0.84 42.28
C LYS M 71 2.84 -1.09 41.69
N PHE M 72 2.13 -0.01 41.31
CA PHE M 72 0.79 -0.07 40.75
C PHE M 72 0.71 -0.80 39.43
N HIS M 73 1.46 -0.38 38.43
CA HIS M 73 1.38 -1.05 37.13
C HIS M 73 2.04 -2.43 37.10
N GLY M 74 3.16 -2.59 37.80
CA GLY M 74 3.84 -3.89 37.90
C GLY M 74 2.94 -4.92 38.59
N GLY M 75 2.25 -4.45 39.63
CA GLY M 75 1.30 -5.25 40.40
C GLY M 75 0.08 -5.63 39.56
N GLY M 76 -0.46 -4.66 38.81
CA GLY M 76 -1.60 -4.91 37.93
C GLY M 76 -1.29 -5.95 36.87
N HIS M 77 -0.08 -5.90 36.28
CA HIS M 77 0.35 -6.86 35.26
C HIS M 77 0.48 -8.28 35.86
N THR M 78 1.13 -8.38 37.05
CA THR M 78 1.33 -9.65 37.77
C THR M 78 0.01 -10.26 38.18
N ASN M 79 -0.88 -9.46 38.80
CA ASN M 79 -2.18 -9.95 39.27
C ASN M 79 -3.09 -10.43 38.14
N HIS M 80 -3.20 -9.64 37.05
CA HIS M 80 -4.03 -10.01 35.91
C HIS M 80 -3.48 -11.25 35.20
N SER M 81 -2.14 -11.35 35.05
CA SER M 81 -1.48 -12.54 34.47
C SER M 81 -1.78 -13.81 35.26
N LEU M 82 -1.79 -13.72 36.59
CA LEU M 82 -2.14 -14.83 37.47
C LEU M 82 -3.60 -15.19 37.27
N PHE M 83 -4.47 -14.16 37.23
CA PHE M 83 -5.91 -14.31 37.07
C PHE M 83 -6.32 -15.06 35.77
N TRP M 84 -5.75 -14.67 34.60
CA TRP M 84 -6.05 -15.36 33.35
C TRP M 84 -5.70 -16.84 33.40
N LYS M 85 -4.57 -17.17 34.08
CA LYS M 85 -4.03 -18.52 34.26
C LYS M 85 -4.84 -19.38 35.21
N ASN M 86 -5.51 -18.76 36.22
CA ASN M 86 -6.37 -19.54 37.12
C ASN M 86 -7.87 -19.50 36.78
N LEU M 87 -8.15 -19.14 35.53
CA LEU M 87 -9.49 -19.16 34.95
C LEU M 87 -9.46 -20.16 33.79
N ALA M 88 -10.49 -20.96 33.67
CA ALA M 88 -10.59 -21.91 32.57
C ALA M 88 -12.06 -22.19 32.19
N PRO M 89 -12.37 -22.36 30.88
CA PRO M 89 -13.75 -22.74 30.53
C PRO M 89 -14.12 -24.09 31.16
N VAL M 90 -15.44 -24.32 31.36
CA VAL M 90 -15.95 -25.55 31.98
C VAL M 90 -15.46 -26.79 31.21
N SER M 91 -15.44 -26.70 29.87
CA SER M 91 -14.96 -27.76 28.97
C SER M 91 -13.48 -28.11 29.18
N LYS M 92 -12.66 -27.14 29.64
CA LYS M 92 -11.23 -27.33 29.87
C LYS M 92 -10.82 -27.51 31.35
N GLY M 93 -11.76 -27.98 32.17
CA GLY M 93 -11.52 -28.25 33.59
C GLY M 93 -11.88 -27.16 34.59
N GLY M 94 -12.46 -26.05 34.13
CA GLY M 94 -12.85 -24.96 35.01
C GLY M 94 -13.91 -25.39 36.01
N GLY M 95 -13.68 -25.09 37.29
CA GLY M 95 -14.58 -25.47 38.38
C GLY M 95 -14.33 -26.85 38.95
N LYS M 96 -13.53 -27.67 38.26
CA LYS M 96 -13.21 -29.03 38.70
C LYS M 96 -12.23 -28.91 39.84
N HIS M 97 -12.65 -29.37 41.02
CA HIS M 97 -11.89 -29.32 42.27
C HIS M 97 -10.52 -30.00 42.20
N PRO M 98 -9.53 -29.57 43.02
CA PRO M 98 -8.21 -30.19 42.92
C PRO M 98 -8.18 -31.63 43.45
N ASP M 99 -7.36 -32.47 42.80
CA ASP M 99 -7.15 -33.87 43.17
C ASP M 99 -6.67 -33.92 44.62
N THR M 100 -7.44 -34.58 45.51
CA THR M 100 -7.12 -34.70 46.94
C THR M 100 -5.80 -35.43 47.25
N SER M 101 -5.20 -36.10 46.23
CA SER M 101 -3.90 -36.80 46.36
C SER M 101 -2.72 -35.89 45.97
N SER M 102 -2.99 -34.77 45.24
CA SER M 102 -1.97 -33.79 44.85
C SER M 102 -1.49 -33.06 46.12
N ALA M 103 -0.27 -32.50 46.10
CA ALA M 103 0.27 -31.76 47.25
C ALA M 103 -0.70 -30.68 47.76
N LEU M 104 -1.32 -29.92 46.80
CA LEU M 104 -2.30 -28.89 47.12
C LEU M 104 -3.55 -29.49 47.69
N GLY M 105 -4.11 -30.50 47.03
CA GLY M 105 -5.31 -31.22 47.45
C GLY M 105 -5.18 -31.81 48.84
N LYS M 106 -4.00 -32.38 49.15
CA LYS M 106 -3.67 -32.96 50.46
C LYS M 106 -3.69 -31.86 51.53
N GLN M 107 -3.09 -30.68 51.22
CA GLN M 107 -3.02 -29.54 52.15
C GLN M 107 -4.38 -28.94 52.47
N ILE M 108 -5.25 -28.77 51.43
CA ILE M 108 -6.60 -28.24 51.57
C ILE M 108 -7.37 -29.10 52.56
N VAL M 109 -7.33 -30.44 52.36
CA VAL M 109 -8.01 -31.41 53.23
C VAL M 109 -7.49 -31.32 54.67
N ALA M 110 -6.15 -31.39 54.84
CA ALA M 110 -5.51 -31.32 56.18
C ALA M 110 -5.90 -30.05 56.96
N GLN M 111 -5.85 -28.88 56.29
CA GLN M 111 -6.14 -27.56 56.88
C GLN M 111 -7.59 -27.08 56.95
N TYR M 112 -8.36 -27.25 55.84
CA TYR M 112 -9.75 -26.78 55.71
C TYR M 112 -10.84 -27.87 55.74
N GLY M 113 -10.44 -29.13 55.58
CA GLY M 113 -11.39 -30.25 55.54
C GLY M 113 -11.86 -30.54 54.13
N SER M 114 -12.21 -29.47 53.38
CA SER M 114 -12.69 -29.55 51.99
C SER M 114 -12.40 -28.28 51.21
N VAL M 115 -12.43 -28.37 49.87
CA VAL M 115 -12.26 -27.24 48.92
C VAL M 115 -13.46 -26.29 49.09
N SER M 116 -14.65 -26.85 49.41
CA SER M 116 -15.89 -26.13 49.66
C SER M 116 -15.75 -25.18 50.85
N ASN M 117 -15.14 -25.63 51.97
CA ASN M 117 -14.93 -24.78 53.13
C ASN M 117 -13.94 -23.68 52.81
N LEU M 118 -12.86 -24.01 52.04
CA LEU M 118 -11.87 -23.03 51.59
C LEU M 118 -12.53 -21.94 50.71
N ILE M 119 -13.42 -22.36 49.79
CA ILE M 119 -14.19 -21.47 48.91
C ILE M 119 -15.05 -20.50 49.76
N ASP M 120 -15.69 -21.01 50.84
CA ASP M 120 -16.51 -20.23 51.78
C ASP M 120 -15.69 -19.17 52.52
N ILE M 121 -14.50 -19.55 52.97
CA ILE M 121 -13.56 -18.68 53.67
C ILE M 121 -13.08 -17.56 52.73
N THR M 122 -12.72 -17.92 51.49
CA THR M 122 -12.29 -16.97 50.47
C THR M 122 -13.42 -16.00 50.11
N ASN M 123 -14.67 -16.50 49.98
CA ASN M 123 -15.81 -15.67 49.60
C ASN M 123 -16.11 -14.63 50.65
N SER M 124 -15.85 -14.96 51.91
CA SER M 124 -16.02 -14.09 53.07
C SER M 124 -14.96 -12.99 53.05
N LYS M 125 -13.69 -13.33 52.74
CA LYS M 125 -12.59 -12.38 52.62
C LYS M 125 -12.90 -11.42 51.45
N LEU M 126 -13.38 -11.96 50.31
CA LEU M 126 -13.77 -11.18 49.14
C LEU M 126 -14.88 -10.18 49.46
N ALA M 127 -15.92 -10.61 50.25
CA ALA M 127 -17.03 -9.77 50.67
C ALA M 127 -16.62 -8.57 51.52
N GLY M 128 -15.54 -8.73 52.31
CA GLY M 128 -15.02 -7.72 53.21
C GLY M 128 -14.10 -6.70 52.57
N ILE M 129 -13.74 -6.89 51.27
CA ILE M 129 -12.89 -5.94 50.55
C ILE M 129 -13.65 -4.62 50.35
N GLN M 130 -13.05 -3.53 50.81
CA GLN M 130 -13.57 -2.19 50.73
C GLN M 130 -12.82 -1.45 49.65
N GLY M 131 -13.53 -1.10 48.59
CA GLY M 131 -12.93 -0.43 47.43
C GLY M 131 -12.35 -1.43 46.46
N SER M 132 -11.23 -1.08 45.82
CA SER M 132 -10.58 -1.94 44.84
C SER M 132 -9.58 -2.88 45.52
N GLY M 133 -9.63 -4.16 45.13
CA GLY M 133 -8.74 -5.15 45.71
C GLY M 133 -8.80 -6.53 45.10
N TRP M 134 -8.09 -7.46 45.73
CA TRP M 134 -7.96 -8.85 45.30
C TRP M 134 -7.95 -9.76 46.50
N ALA M 135 -8.28 -11.04 46.30
CA ALA M 135 -8.13 -12.08 47.31
C ALA M 135 -7.22 -13.13 46.74
N PHE M 136 -6.33 -13.66 47.58
CA PHE M 136 -5.40 -14.70 47.19
C PHE M 136 -5.38 -15.85 48.16
N ILE M 137 -5.30 -17.07 47.61
CA ILE M 137 -5.10 -18.31 48.33
C ILE M 137 -3.60 -18.41 48.20
N VAL M 138 -2.87 -18.40 49.32
CA VAL M 138 -1.41 -18.37 49.28
C VAL M 138 -0.79 -19.56 49.97
N LYS M 139 0.43 -19.91 49.58
CA LYS M 139 1.24 -20.96 50.23
C LYS M 139 2.47 -20.30 50.86
N ASN M 140 2.67 -20.57 52.15
CA ASN M 140 3.80 -20.00 52.88
C ASN M 140 4.89 -21.06 52.89
N LYS M 141 6.02 -20.78 52.23
CA LYS M 141 7.15 -21.72 52.14
C LYS M 141 7.91 -21.95 53.46
N GLN M 142 7.80 -21.04 54.43
CA GLN M 142 8.59 -21.10 55.67
C GLN M 142 7.99 -21.82 56.87
N ASN M 143 6.65 -21.95 56.93
CA ASN M 143 5.92 -22.56 58.03
C ASN M 143 5.32 -23.96 57.69
N GLY M 144 5.94 -24.66 56.74
CA GLY M 144 5.51 -25.98 56.29
C GLY M 144 4.57 -26.03 55.09
N GLY M 145 4.54 -24.96 54.30
CA GLY M 145 3.70 -24.89 53.11
C GLY M 145 2.23 -24.72 53.45
N ALA M 146 1.95 -24.01 54.55
CA ALA M 146 0.58 -23.76 55.01
C ALA M 146 -0.12 -22.79 54.09
N LEU M 147 -1.41 -23.03 53.88
CA LEU M 147 -2.27 -22.19 53.09
C LEU M 147 -2.97 -21.18 54.01
N ASP M 148 -3.22 -20.00 53.43
CA ASP M 148 -3.94 -18.93 54.08
C ASP M 148 -4.68 -18.15 53.00
N VAL M 149 -5.72 -17.42 53.39
CA VAL M 149 -6.44 -16.56 52.46
C VAL M 149 -6.17 -15.12 52.89
N VAL M 150 -5.59 -14.32 51.97
CA VAL M 150 -5.21 -12.91 52.18
C VAL M 150 -5.92 -12.01 51.12
N THR M 151 -6.02 -10.72 51.40
CA THR M 151 -6.58 -9.74 50.46
C THR M 151 -5.53 -8.65 50.29
N THR M 152 -5.57 -7.92 49.16
CA THR M 152 -4.67 -6.79 48.91
C THR M 152 -5.55 -5.66 48.39
N ALA M 153 -5.10 -4.40 48.56
CA ALA M 153 -5.85 -3.25 48.08
C ALA M 153 -5.29 -2.88 46.73
N ASN M 154 -6.14 -2.37 45.82
CA ASN M 154 -5.73 -1.89 44.50
C ASN M 154 -4.93 -2.91 43.71
N GLN M 155 -3.68 -2.57 43.29
CA GLN M 155 -2.81 -3.52 42.57
C GLN M 155 -1.66 -4.07 43.39
N ASP M 156 -1.82 -4.06 44.73
CA ASP M 156 -0.85 -4.67 45.62
C ASP M 156 -0.90 -6.19 45.36
N THR M 157 0.26 -6.85 45.44
CA THR M 157 0.35 -8.27 45.11
C THR M 157 1.01 -9.09 46.21
N ILE M 158 1.10 -10.42 45.98
CA ILE M 158 1.83 -11.31 46.87
C ILE M 158 3.29 -11.18 46.42
N SER M 159 4.04 -10.27 47.05
CA SER M 159 5.43 -10.02 46.65
C SER M 159 6.47 -10.58 47.60
N ALA M 160 6.07 -10.95 48.84
CA ALA M 160 7.00 -11.53 49.83
C ALA M 160 7.66 -12.79 49.23
N PRO M 161 9.03 -12.87 49.21
CA PRO M 161 9.69 -14.05 48.58
C PRO M 161 9.29 -15.42 49.14
N HIS M 162 8.96 -15.50 50.44
CA HIS M 162 8.54 -16.74 51.09
C HIS M 162 7.06 -17.10 50.81
N LEU M 163 6.31 -16.23 50.12
CA LEU M 163 4.90 -16.47 49.82
C LEU M 163 4.67 -16.71 48.33
N VAL M 164 3.74 -17.64 48.01
CA VAL M 164 3.38 -18.04 46.63
C VAL M 164 1.87 -17.87 46.42
N PRO M 165 1.42 -17.04 45.43
CA PRO M 165 -0.02 -16.94 45.19
C PRO M 165 -0.48 -18.24 44.48
N ILE M 166 -1.52 -18.86 45.00
CA ILE M 166 -2.05 -20.12 44.46
C ILE M 166 -3.25 -19.85 43.55
N ILE M 167 -4.23 -19.07 44.06
CA ILE M 167 -5.43 -18.58 43.35
C ILE M 167 -5.48 -17.04 43.53
N ALA M 168 -5.74 -16.29 42.42
CA ALA M 168 -5.90 -14.84 42.44
C ALA M 168 -7.33 -14.53 41.96
N ILE M 169 -8.10 -13.74 42.76
CA ILE M 169 -9.47 -13.33 42.43
C ILE M 169 -9.59 -11.81 42.38
N ASP M 170 -10.00 -11.29 41.21
CA ASP M 170 -10.19 -9.87 41.03
C ASP M 170 -11.51 -9.36 41.64
N ALA M 171 -11.41 -8.42 42.59
CA ALA M 171 -12.58 -7.82 43.23
C ALA M 171 -12.83 -6.38 42.74
N TRP M 172 -12.02 -5.87 41.77
CA TRP M 172 -12.27 -4.50 41.22
C TRP M 172 -13.64 -4.44 40.59
N GLU M 173 -14.31 -3.28 40.65
CA GLU M 173 -15.62 -3.11 40.06
C GLU M 173 -15.64 -3.43 38.58
N HIS M 174 -14.56 -3.07 37.84
CA HIS M 174 -14.46 -3.38 36.41
C HIS M 174 -14.52 -4.89 36.08
N ALA M 175 -14.16 -5.78 37.05
CA ALA M 175 -14.14 -7.23 36.86
C ALA M 175 -15.55 -7.89 36.81
N TYR M 176 -16.59 -7.17 37.28
CA TYR M 176 -17.96 -7.70 37.35
C TYR M 176 -19.10 -6.73 36.98
N TYR M 177 -18.90 -5.42 37.14
CA TYR M 177 -19.94 -4.41 36.95
C TYR M 177 -20.84 -4.47 35.71
N LEU M 178 -20.27 -4.68 34.49
CA LEU M 178 -21.14 -4.72 33.31
C LEU M 178 -22.17 -5.85 33.36
N GLN M 179 -21.84 -6.97 34.02
CA GLN M 179 -22.75 -8.10 34.12
C GLN M 179 -23.54 -8.14 35.44
N TYR M 180 -22.89 -7.92 36.57
CA TYR M 180 -23.53 -8.06 37.88
C TYR M 180 -23.99 -6.77 38.52
N GLN M 181 -23.53 -5.61 38.03
CA GLN M 181 -23.84 -4.29 38.61
C GLN M 181 -23.34 -4.24 40.07
N ASN M 182 -24.09 -3.66 41.01
CA ASN M 182 -23.74 -3.56 42.44
C ASN M 182 -23.70 -4.93 43.16
N VAL M 183 -24.29 -5.97 42.54
CA VAL M 183 -24.41 -7.30 43.14
C VAL M 183 -23.09 -8.11 43.11
N ARG M 184 -22.06 -7.56 43.78
CA ARG M 184 -20.73 -8.14 43.95
C ARG M 184 -20.76 -9.59 44.52
N PRO M 185 -21.57 -9.95 45.57
CA PRO M 185 -21.60 -11.36 46.02
C PRO M 185 -22.03 -12.40 44.98
N ASP M 186 -22.82 -12.01 43.95
CA ASP M 186 -23.25 -12.94 42.88
C ASP M 186 -22.09 -13.31 41.99
N TYR M 187 -21.19 -12.37 41.77
CA TYR M 187 -19.99 -12.59 40.98
C TYR M 187 -19.04 -13.53 41.74
N PHE M 188 -18.80 -13.26 43.05
CA PHE M 188 -17.95 -14.11 43.90
C PHE M 188 -18.40 -15.58 43.89
N LYS M 189 -19.70 -15.83 44.03
CA LYS M 189 -20.27 -17.17 44.00
C LYS M 189 -20.06 -17.83 42.62
N ALA M 190 -20.33 -17.08 41.53
CA ALA M 190 -20.23 -17.58 40.17
C ALA M 190 -18.83 -17.86 39.63
N ILE M 191 -17.82 -17.11 40.06
CA ILE M 191 -16.45 -17.27 39.50
C ILE M 191 -15.82 -18.65 39.76
N TRP M 192 -16.20 -19.30 40.87
CA TRP M 192 -15.65 -20.61 41.25
C TRP M 192 -15.91 -21.71 40.23
N ASN M 193 -17.02 -21.55 39.47
CA ASN M 193 -17.44 -22.43 38.38
C ASN M 193 -16.46 -22.42 37.24
N VAL M 194 -15.59 -21.38 37.16
CA VAL M 194 -14.56 -21.24 36.12
C VAL M 194 -13.11 -21.18 36.65
N ILE M 195 -12.91 -21.49 37.93
CA ILE M 195 -11.58 -21.50 38.52
C ILE M 195 -10.77 -22.73 38.06
N ASN M 196 -9.54 -22.51 37.60
CA ASN M 196 -8.65 -23.54 37.11
C ASN M 196 -7.77 -24.06 38.26
N TRP M 197 -8.26 -25.11 38.94
CA TRP M 197 -7.55 -25.76 40.05
C TRP M 197 -6.34 -26.55 39.64
N ALA M 198 -6.20 -26.90 38.34
CA ALA M 198 -5.02 -27.62 37.83
C ALA M 198 -3.84 -26.65 37.88
N GLU M 199 -4.06 -25.36 37.49
CA GLU M 199 -3.03 -24.32 37.61
C GLU M 199 -2.66 -24.13 39.09
N ALA M 200 -3.68 -24.09 39.98
CA ALA M 200 -3.47 -23.96 41.42
C ALA M 200 -2.56 -25.09 41.99
N GLU M 201 -2.75 -26.34 41.53
CA GLU M 201 -1.96 -27.52 41.93
C GLU M 201 -0.53 -27.35 41.46
N SER M 202 -0.35 -26.89 40.21
CA SER M 202 0.97 -26.67 39.63
C SER M 202 1.75 -25.58 40.39
N ARG M 203 1.12 -24.44 40.75
CA ARG M 203 1.78 -23.34 41.48
C ARG M 203 2.24 -23.79 42.87
N TYR M 204 1.45 -24.66 43.53
CA TYR M 204 1.76 -25.20 44.84
C TYR M 204 3.02 -26.11 44.81
N SER M 205 3.13 -26.95 43.76
CA SER M 205 4.18 -27.93 43.53
C SER M 205 5.46 -27.40 42.89
N ALA M 206 5.38 -26.27 42.15
CA ALA M 206 6.51 -25.63 41.44
C ALA M 206 7.74 -25.34 42.30
N ILE N 2 24.58 -1.02 39.74
CA ILE N 2 24.63 0.40 40.13
C ILE N 2 25.93 1.09 39.66
N THR N 3 25.79 2.35 39.19
CA THR N 3 26.91 3.18 38.71
C THR N 3 27.28 4.24 39.76
N GLU N 4 28.44 4.88 39.58
CA GLU N 4 28.93 5.95 40.46
C GLU N 4 27.99 7.16 40.41
N ASN N 5 27.46 7.48 39.22
CA ASN N 5 26.52 8.57 38.98
C ASN N 5 25.15 8.31 39.64
N GLU N 6 24.86 7.03 39.94
CA GLU N 6 23.61 6.58 40.55
C GLU N 6 23.65 6.55 42.07
N LYS N 7 24.84 6.33 42.65
CA LYS N 7 24.99 6.24 44.10
C LYS N 7 25.04 7.55 44.85
N ILE N 8 24.28 7.63 45.95
CA ILE N 8 24.20 8.79 46.81
C ILE N 8 25.24 8.72 47.94
N SER N 9 25.53 9.89 48.54
CA SER N 9 26.48 10.00 49.64
C SER N 9 25.92 10.90 50.75
N LEU N 10 26.45 10.73 51.96
CA LEU N 10 26.11 11.53 53.13
C LEU N 10 26.55 12.97 52.85
N PRO N 11 25.64 13.96 52.94
CA PRO N 11 26.08 15.34 52.68
C PRO N 11 26.94 15.87 53.83
N LYS N 12 27.74 16.92 53.56
CA LYS N 12 28.52 17.57 54.60
C LYS N 12 27.55 18.47 55.33
N ILE N 13 27.76 18.70 56.63
CA ILE N 13 26.86 19.56 57.40
C ILE N 13 27.55 20.88 57.80
N ASP N 14 26.88 22.02 57.53
CA ASP N 14 27.33 23.40 57.75
C ASP N 14 27.38 23.86 59.22
N TRP N 15 27.32 22.91 60.18
CA TRP N 15 27.40 23.18 61.62
C TRP N 15 28.01 21.97 62.37
N ALA N 16 28.64 22.22 63.55
CA ALA N 16 29.26 21.16 64.37
C ALA N 16 28.21 20.36 65.13
N LEU N 17 28.56 19.15 65.63
CA LEU N 17 27.59 18.28 66.33
C LEU N 17 26.95 18.93 67.58
N ASP N 18 27.73 19.74 68.30
CA ASP N 18 27.26 20.42 69.52
C ASP N 18 26.70 21.83 69.25
N ALA N 19 26.70 22.31 67.98
CA ALA N 19 26.25 23.67 67.63
C ALA N 19 24.77 23.99 67.90
N LEU N 20 23.89 22.97 67.97
CA LEU N 20 22.44 23.18 68.21
C LEU N 20 22.01 23.09 69.68
N GLU N 21 22.96 22.82 70.56
CA GLU N 21 22.72 22.74 72.00
C GLU N 21 22.32 24.13 72.55
N PRO N 22 21.42 24.23 73.57
CA PRO N 22 20.81 23.15 74.36
C PRO N 22 19.50 22.59 73.79
N TYR N 23 19.15 22.94 72.54
CA TYR N 23 17.87 22.49 71.95
C TYR N 23 17.94 21.08 71.39
N ILE N 24 19.06 20.72 70.76
CA ILE N 24 19.33 19.38 70.21
C ILE N 24 20.74 19.05 70.64
N SER N 25 20.89 17.95 71.37
CA SER N 25 22.16 17.49 71.93
C SER N 25 23.14 16.97 70.86
N LYS N 26 24.43 17.05 71.16
CA LYS N 26 25.53 16.57 70.34
C LYS N 26 25.36 15.05 70.14
N GLU N 27 24.95 14.36 71.23
CA GLU N 27 24.68 12.92 71.26
C GLU N 27 23.62 12.54 70.22
N ILE N 28 22.52 13.32 70.14
CA ILE N 28 21.46 13.11 69.15
C ILE N 28 22.00 13.27 67.74
N ASN N 29 22.60 14.43 67.44
CA ASN N 29 23.14 14.76 66.10
C ASN N 29 24.18 13.75 65.59
N ASP N 30 25.05 13.22 66.50
CA ASP N 30 26.07 12.24 66.11
C ASP N 30 25.41 10.97 65.62
N LEU N 31 24.37 10.52 66.32
CA LEU N 31 23.65 9.31 65.96
C LEU N 31 22.74 9.55 64.78
N HIS N 32 22.10 10.71 64.75
CA HIS N 32 21.15 11.09 63.72
C HIS N 32 21.83 11.18 62.35
N ILE N 33 22.96 11.88 62.30
CA ILE N 33 23.76 12.05 61.07
C ILE N 33 24.49 10.75 60.71
N ASN N 34 25.47 10.37 61.54
CA ASN N 34 26.41 9.27 61.34
C ASN N 34 25.90 7.84 61.48
N LYS N 35 24.71 7.64 62.11
CA LYS N 35 24.14 6.31 62.21
C LYS N 35 22.84 6.22 61.38
N HIS N 36 21.79 7.02 61.73
CA HIS N 36 20.48 7.01 61.05
C HIS N 36 20.53 7.41 59.57
N HIS N 37 21.15 8.57 59.24
CA HIS N 37 21.22 9.02 57.84
C HIS N 37 22.11 8.07 57.03
N VAL N 38 23.23 7.60 57.63
CA VAL N 38 24.17 6.66 57.02
C VAL N 38 23.46 5.36 56.55
N ALA N 39 22.51 4.84 57.38
CA ALA N 39 21.69 3.67 57.08
C ALA N 39 20.80 3.92 55.82
N TYR N 40 20.23 5.14 55.66
CA TYR N 40 19.42 5.50 54.48
C TYR N 40 20.30 5.59 53.26
N VAL N 41 21.48 6.24 53.36
CA VAL N 41 22.47 6.34 52.27
C VAL N 41 22.78 4.91 51.76
N ASN N 42 23.18 3.98 52.66
CA ASN N 42 23.48 2.59 52.30
C ASN N 42 22.25 1.81 51.78
N GLY N 43 21.11 1.98 52.44
CA GLY N 43 19.86 1.32 52.04
C GLY N 43 19.45 1.66 50.62
N TYR N 44 19.53 2.96 50.24
CA TYR N 44 19.21 3.42 48.88
C TYR N 44 20.16 2.80 47.85
N ASN N 45 21.49 2.86 48.10
CA ASN N 45 22.50 2.28 47.20
C ASN N 45 22.32 0.78 46.95
N ALA N 46 21.98 0.02 47.98
CA ALA N 46 21.68 -1.42 47.89
C ALA N 46 20.32 -1.69 47.19
N ALA N 47 19.34 -0.77 47.33
CA ALA N 47 18.01 -0.95 46.72
C ALA N 47 18.07 -0.72 45.20
N ILE N 48 18.74 0.35 44.76
CA ILE N 48 18.90 0.68 43.35
C ILE N 48 19.67 -0.44 42.62
N ASP N 49 20.71 -1.01 43.27
CA ASP N 49 21.49 -2.10 42.71
C ASP N 49 20.61 -3.37 42.55
N ALA N 50 19.77 -3.68 43.56
CA ALA N 50 18.86 -4.83 43.49
C ALA N 50 17.69 -4.56 42.51
N LEU N 51 17.25 -3.31 42.35
CA LEU N 51 16.15 -2.96 41.44
C LEU N 51 16.55 -3.20 39.98
N GLU N 52 17.73 -2.70 39.58
CA GLU N 52 18.29 -2.86 38.22
C GLU N 52 18.41 -4.34 37.86
N LYS N 53 18.88 -5.19 38.79
CA LYS N 53 19.02 -6.64 38.61
C LYS N 53 17.64 -7.32 38.38
N ALA N 54 16.63 -6.95 39.20
CA ALA N 54 15.27 -7.49 39.09
C ALA N 54 14.54 -7.01 37.81
N VAL N 55 14.67 -5.69 37.47
CA VAL N 55 14.07 -5.06 36.29
C VAL N 55 14.65 -5.71 35.02
N GLY N 56 15.98 -5.88 35.01
CA GLY N 56 16.75 -6.46 33.92
C GLY N 56 16.34 -7.89 33.57
N LYS N 57 15.98 -8.69 34.57
CA LYS N 57 15.53 -10.06 34.34
C LYS N 57 14.00 -10.21 34.36
N ARG N 58 13.28 -9.06 34.28
CA ARG N 58 11.81 -8.94 34.25
C ARG N 58 11.12 -9.67 35.45
N ASP N 59 11.79 -9.70 36.63
CA ASP N 59 11.24 -10.33 37.83
C ASP N 59 10.41 -9.28 38.57
N LEU N 60 9.16 -9.14 38.14
CA LEU N 60 8.23 -8.14 38.66
C LEU N 60 7.83 -8.36 40.13
N LYS N 61 7.83 -9.63 40.61
CA LYS N 61 7.52 -9.94 42.01
C LYS N 61 8.55 -9.26 42.93
N SER N 62 9.84 -9.33 42.53
CA SER N 62 10.97 -8.74 43.22
C SER N 62 10.96 -7.22 43.04
N VAL N 63 10.73 -6.74 41.80
CA VAL N 63 10.65 -5.32 41.44
C VAL N 63 9.66 -4.61 42.37
N VAL N 64 8.45 -5.21 42.54
CA VAL N 64 7.37 -4.68 43.37
C VAL N 64 7.79 -4.66 44.85
N GLU N 65 8.53 -5.71 45.30
CA GLU N 65 9.03 -5.80 46.68
C GLU N 65 10.07 -4.69 46.97
N ILE N 66 11.05 -4.51 46.06
CA ILE N 66 12.17 -3.55 46.15
C ILE N 66 11.72 -2.09 46.14
N GLN N 67 10.62 -1.79 45.44
CA GLN N 67 10.05 -0.45 45.32
C GLN N 67 9.95 0.24 46.72
N GLN N 68 9.50 -0.52 47.75
CA GLN N 68 9.35 -0.06 49.14
C GLN N 68 10.70 0.39 49.74
N ASN N 69 11.78 -0.33 49.41
CA ASN N 69 13.11 0.02 49.91
C ASN N 69 13.65 1.27 49.24
N ILE N 70 13.25 1.54 47.98
CA ILE N 70 13.63 2.77 47.27
C ILE N 70 12.91 3.97 47.93
N LYS N 71 11.57 3.85 48.13
CA LYS N 71 10.71 4.85 48.77
C LYS N 71 11.25 5.24 50.15
N PHE N 72 11.51 4.23 51.00
CA PHE N 72 11.96 4.43 52.39
C PHE N 72 13.34 5.08 52.48
N HIS N 73 14.35 4.46 51.88
CA HIS N 73 15.72 4.97 51.92
C HIS N 73 15.93 6.24 51.12
N GLY N 74 15.34 6.35 49.93
CA GLY N 74 15.43 7.57 49.13
C GLY N 74 14.79 8.76 49.83
N GLY N 75 13.65 8.50 50.45
CA GLY N 75 12.90 9.48 51.23
C GLY N 75 13.67 9.89 52.48
N GLY N 76 14.25 8.91 53.16
CA GLY N 76 15.09 9.09 54.34
C GLY N 76 16.27 9.99 54.04
N HIS N 77 16.95 9.73 52.90
CA HIS N 77 18.06 10.59 52.49
C HIS N 77 17.60 12.03 52.19
N THR N 78 16.48 12.20 51.42
CA THR N 78 15.91 13.51 51.04
C THR N 78 15.48 14.31 52.28
N ASN N 79 14.65 13.69 53.13
CA ASN N 79 14.14 14.29 54.37
C ASN N 79 15.26 14.74 55.31
N HIS N 80 16.25 13.86 55.55
CA HIS N 80 17.38 14.23 56.43
C HIS N 80 18.24 15.36 55.84
N SER N 81 18.48 15.31 54.52
CA SER N 81 19.25 16.33 53.82
C SER N 81 18.58 17.69 53.89
N LEU N 82 17.22 17.73 53.80
CA LEU N 82 16.40 18.96 53.96
C LEU N 82 16.55 19.47 55.40
N PHE N 83 16.39 18.55 56.38
CA PHE N 83 16.49 18.80 57.83
C PHE N 83 17.80 19.50 58.25
N TRP N 84 18.98 18.94 57.91
CA TRP N 84 20.26 19.58 58.28
C TRP N 84 20.39 20.98 57.66
N LYS N 85 19.90 21.15 56.42
CA LYS N 85 19.94 22.44 55.71
C LYS N 85 19.00 23.48 56.33
N ASN N 86 17.90 23.03 56.97
CA ASN N 86 16.98 23.97 57.64
C ASN N 86 17.16 24.06 59.18
N LEU N 87 18.36 23.68 59.62
CA LEU N 87 18.85 23.78 60.99
C LEU N 87 20.11 24.65 60.97
N ALA N 88 20.24 25.54 61.95
CA ALA N 88 21.45 26.37 62.05
C ALA N 88 21.69 26.78 63.50
N PRO N 89 22.96 26.96 63.93
CA PRO N 89 23.16 27.48 65.30
C PRO N 89 22.64 28.92 65.40
N VAL N 90 22.23 29.34 66.62
CA VAL N 90 21.72 30.69 66.86
C VAL N 90 22.71 31.78 66.32
N SER N 91 24.05 31.51 66.43
CA SER N 91 25.11 32.41 65.96
C SER N 91 25.24 32.48 64.42
N LYS N 92 24.58 31.55 63.70
CA LYS N 92 24.57 31.52 62.23
C LYS N 92 23.15 31.82 61.69
N GLY N 93 22.35 32.46 62.53
CA GLY N 93 20.98 32.87 62.22
C GLY N 93 19.86 31.93 62.61
N GLY N 94 20.19 30.87 63.36
CA GLY N 94 19.17 29.91 63.79
C GLY N 94 18.14 30.57 64.68
N GLY N 95 16.87 30.29 64.41
CA GLY N 95 15.74 30.85 65.16
C GLY N 95 15.29 32.23 64.69
N LYS N 96 16.09 32.91 63.88
CA LYS N 96 15.77 34.24 63.39
C LYS N 96 14.63 34.15 62.38
N HIS N 97 13.51 34.84 62.68
CA HIS N 97 12.33 34.83 61.83
C HIS N 97 12.62 35.31 60.39
N PRO N 98 11.93 34.78 59.37
CA PRO N 98 12.26 35.22 57.99
C PRO N 98 11.96 36.71 57.75
N ASP N 99 12.71 37.32 56.82
CA ASP N 99 12.54 38.72 56.41
C ASP N 99 11.12 38.89 55.91
N THR N 100 10.31 39.74 56.57
CA THR N 100 8.90 39.93 56.17
C THR N 100 8.71 40.46 54.75
N SER N 101 9.77 41.07 54.19
CA SER N 101 9.77 41.62 52.82
C SER N 101 10.18 40.58 51.78
N SER N 102 10.65 39.37 52.21
CA SER N 102 11.00 38.30 51.29
C SER N 102 9.73 37.69 50.70
N ALA N 103 9.84 36.97 49.57
CA ALA N 103 8.72 36.27 48.93
C ALA N 103 8.05 35.35 49.96
N LEU N 104 8.86 34.60 50.76
CA LEU N 104 8.34 33.75 51.82
C LEU N 104 7.72 34.57 52.97
N GLY N 105 8.44 35.59 53.45
CA GLY N 105 7.95 36.45 54.52
C GLY N 105 6.59 37.08 54.23
N LYS N 106 6.43 37.62 53.01
CA LYS N 106 5.18 38.23 52.54
C LYS N 106 4.06 37.22 52.54
N GLN N 107 4.35 35.99 52.05
CA GLN N 107 3.38 34.90 51.99
C GLN N 107 2.92 34.47 53.37
N ILE N 108 3.86 34.41 54.34
CA ILE N 108 3.51 34.05 55.71
C ILE N 108 2.56 35.09 56.34
N VAL N 109 2.88 36.38 56.16
CA VAL N 109 2.11 37.50 56.69
C VAL N 109 0.72 37.49 56.07
N ALA N 110 0.65 37.39 54.74
CA ALA N 110 -0.64 37.37 54.03
C ALA N 110 -1.56 36.19 54.43
N GLN N 111 -1.00 34.98 54.57
CA GLN N 111 -1.80 33.80 54.90
C GLN N 111 -2.05 33.50 56.37
N TYR N 112 -1.04 33.70 57.22
CA TYR N 112 -1.11 33.35 58.65
C TYR N 112 -1.05 34.53 59.61
N GLY N 113 -0.75 35.70 59.11
CA GLY N 113 -0.64 36.89 59.94
C GLY N 113 0.74 37.05 60.55
N SER N 114 1.26 35.99 61.16
CA SER N 114 2.58 35.97 61.83
C SER N 114 3.23 34.60 61.73
N VAL N 115 4.58 34.58 61.75
CA VAL N 115 5.43 33.37 61.80
C VAL N 115 5.05 32.53 63.05
N SER N 116 4.76 33.18 64.20
CA SER N 116 4.35 32.52 65.46
C SER N 116 3.07 31.69 65.26
N ASN N 117 2.12 32.21 64.45
CA ASN N 117 0.86 31.53 64.16
C ASN N 117 1.11 30.30 63.29
N LEU N 118 2.06 30.41 62.33
CA LEU N 118 2.44 29.30 61.46
C LEU N 118 3.14 28.19 62.29
N ILE N 119 4.00 28.61 63.22
CA ILE N 119 4.69 27.71 64.15
C ILE N 119 3.67 26.92 65.02
N ASP N 120 2.65 27.62 65.58
CA ASP N 120 1.59 27.00 66.39
C ASP N 120 0.86 25.90 65.63
N ILE N 121 0.40 26.19 64.39
CA ILE N 121 -0.29 25.23 63.50
C ILE N 121 0.63 24.05 63.21
N THR N 122 1.90 24.34 62.88
CA THR N 122 2.88 23.28 62.60
C THR N 122 3.07 22.38 63.84
N ASN N 123 3.13 22.97 65.04
CA ASN N 123 3.32 22.23 66.30
C ASN N 123 2.13 21.35 66.67
N SER N 124 0.94 21.77 66.24
CA SER N 124 -0.32 21.05 66.42
C SER N 124 -0.29 19.82 65.50
N LYS N 125 0.14 20.03 64.23
CA LYS N 125 0.28 19.01 63.22
C LYS N 125 1.32 17.98 63.64
N LEU N 126 2.43 18.46 64.21
CA LEU N 126 3.52 17.61 64.71
C LEU N 126 3.05 16.71 65.82
N ALA N 127 2.24 17.26 66.75
CA ALA N 127 1.65 16.51 67.88
C ALA N 127 0.69 15.43 67.42
N GLY N 128 -0.07 15.70 66.36
CA GLY N 128 -1.04 14.74 65.81
C GLY N 128 -0.47 13.53 65.09
N ILE N 129 0.86 13.56 64.70
CA ILE N 129 1.50 12.43 64.03
C ILE N 129 1.47 11.20 64.94
N GLN N 130 1.01 10.07 64.37
CA GLN N 130 0.96 8.78 65.03
C GLN N 130 2.11 7.95 64.49
N GLY N 131 2.98 7.49 65.39
CA GLY N 131 4.15 6.73 64.95
C GLY N 131 5.24 7.62 64.39
N SER N 132 6.04 7.05 63.49
CA SER N 132 7.18 7.73 62.85
C SER N 132 6.73 8.64 61.72
N GLY N 133 7.28 9.84 61.67
CA GLY N 133 6.88 10.75 60.61
C GLY N 133 7.55 12.08 60.59
N TRP N 134 7.07 12.95 59.69
CA TRP N 134 7.62 14.28 59.44
C TRP N 134 6.52 15.29 59.29
N ALA N 135 6.80 16.56 59.60
CA ALA N 135 5.87 17.64 59.22
C ALA N 135 6.64 18.57 58.27
N PHE N 136 5.94 19.11 57.26
CA PHE N 136 6.59 20.00 56.30
C PHE N 136 5.77 21.21 56.08
N ILE N 137 6.42 22.39 55.94
CA ILE N 137 5.74 23.61 55.49
C ILE N 137 6.03 23.54 53.99
N VAL N 138 5.00 23.66 53.16
CA VAL N 138 5.18 23.48 51.72
C VAL N 138 4.62 24.63 50.92
N LYS N 139 5.19 24.85 49.72
CA LYS N 139 4.70 25.84 48.75
C LYS N 139 4.04 25.07 47.59
N ASN N 140 2.80 25.44 47.24
CA ASN N 140 2.10 24.82 46.12
C ASN N 140 2.26 25.79 44.93
N LYS N 141 3.02 25.35 43.90
CA LYS N 141 3.31 26.16 42.70
C LYS N 141 2.10 26.38 41.77
N GLN N 142 1.05 25.55 41.90
CA GLN N 142 -0.10 25.64 41.01
C GLN N 142 -1.25 26.50 41.52
N ASN N 143 -1.26 26.84 42.82
CA ASN N 143 -2.35 27.63 43.38
C ASN N 143 -1.94 29.04 43.87
N GLY N 144 -0.85 29.57 43.32
CA GLY N 144 -0.36 30.91 43.62
C GLY N 144 0.78 31.00 44.62
N GLY N 145 1.49 29.88 44.81
CA GLY N 145 2.59 29.80 45.77
C GLY N 145 2.05 29.77 47.19
N ALA N 146 0.85 29.22 47.36
CA ALA N 146 0.19 29.15 48.66
C ALA N 146 0.88 28.16 49.58
N LEU N 147 1.06 28.57 50.83
CA LEU N 147 1.69 27.72 51.84
C LEU N 147 0.67 26.83 52.50
N ASP N 148 1.14 25.65 52.93
CA ASP N 148 0.35 24.71 53.70
C ASP N 148 1.31 23.93 54.58
N VAL N 149 0.74 23.26 55.57
CA VAL N 149 1.45 22.40 56.51
C VAL N 149 0.87 20.99 56.29
N VAL N 150 1.75 20.03 55.98
CA VAL N 150 1.37 18.64 55.73
C VAL N 150 2.28 17.71 56.56
N THR N 151 1.82 16.49 56.82
CA THR N 151 2.63 15.51 57.55
C THR N 151 2.79 14.28 56.69
N THR N 152 3.90 13.56 56.85
CA THR N 152 4.12 12.32 56.13
C THR N 152 4.38 11.19 57.11
N ALA N 153 4.16 9.94 56.69
CA ALA N 153 4.43 8.75 57.49
C ALA N 153 5.84 8.26 57.16
N ASN N 154 6.55 7.74 58.20
CA ASN N 154 7.88 7.13 58.09
C ASN N 154 8.86 7.98 57.30
N GLN N 155 9.32 7.52 56.14
CA GLN N 155 10.21 8.32 55.33
C GLN N 155 9.53 8.84 54.07
N ASP N 156 8.19 8.99 54.11
CA ASP N 156 7.49 9.57 52.95
C ASP N 156 7.87 11.05 52.90
N THR N 157 8.01 11.61 51.69
CA THR N 157 8.49 12.97 51.49
C THR N 157 7.55 13.77 50.61
N ILE N 158 7.90 15.03 50.34
CA ILE N 158 7.18 15.90 49.43
C ILE N 158 7.76 15.56 48.06
N SER N 159 7.11 14.66 47.34
CA SER N 159 7.59 14.18 46.05
C SER N 159 6.76 14.67 44.84
N ALA N 160 5.56 15.24 45.08
CA ALA N 160 4.69 15.77 44.03
C ALA N 160 5.40 16.91 43.31
N PRO N 161 5.52 16.86 41.95
CA PRO N 161 6.24 17.92 41.23
C PRO N 161 5.81 19.37 41.49
N HIS N 162 4.54 19.58 41.84
CA HIS N 162 3.96 20.90 42.09
C HIS N 162 4.17 21.42 43.52
N LEU N 163 4.76 20.60 44.41
CA LEU N 163 4.98 21.00 45.80
C LEU N 163 6.45 21.14 46.14
N VAL N 164 6.80 22.22 46.86
CA VAL N 164 8.17 22.50 47.29
C VAL N 164 8.26 22.45 48.81
N PRO N 165 9.11 21.56 49.37
CA PRO N 165 9.30 21.54 50.83
C PRO N 165 10.07 22.81 51.25
N ILE N 166 9.51 23.57 52.19
CA ILE N 166 10.09 24.83 52.69
C ILE N 166 10.83 24.55 53.98
N ILE N 167 10.14 23.92 54.95
CA ILE N 167 10.70 23.49 56.23
C ILE N 167 10.37 22.02 56.39
N ALA N 168 11.34 21.21 56.83
CA ALA N 168 11.14 19.79 57.17
C ALA N 168 11.50 19.67 58.66
N ILE N 169 10.63 19.00 59.45
CA ILE N 169 10.83 18.73 60.89
C ILE N 169 10.66 17.24 61.11
N ASP N 170 11.68 16.62 61.68
CA ASP N 170 11.66 15.19 61.99
C ASP N 170 10.90 14.89 63.28
N ALA N 171 9.88 14.00 63.22
CA ALA N 171 9.09 13.60 64.40
C ALA N 171 9.32 12.13 64.81
N TRP N 172 10.35 11.47 64.21
CA TRP N 172 10.72 10.10 64.57
C TRP N 172 11.24 10.14 66.02
N GLU N 173 11.07 9.07 66.79
CA GLU N 173 11.55 9.04 68.19
C GLU N 173 13.05 9.27 68.33
N HIS N 174 13.88 8.76 67.38
CA HIS N 174 15.33 8.99 67.44
C HIS N 174 15.74 10.47 67.31
N ALA N 175 14.83 11.35 66.88
CA ALA N 175 15.12 12.78 66.72
C ALA N 175 15.18 13.50 68.08
N TYR N 176 14.54 12.92 69.12
CA TYR N 176 14.46 13.59 70.41
C TYR N 176 14.59 12.75 71.68
N TYR N 177 14.40 11.43 71.56
CA TYR N 177 14.28 10.55 72.73
C TYR N 177 15.36 10.67 73.81
N LEU N 178 16.64 10.72 73.43
CA LEU N 178 17.75 10.81 74.37
C LEU N 178 17.70 12.05 75.24
N GLN N 179 17.27 13.18 74.67
CA GLN N 179 17.14 14.42 75.42
C GLN N 179 15.75 14.65 76.07
N TYR N 180 14.67 14.48 75.30
CA TYR N 180 13.29 14.77 75.72
C TYR N 180 12.47 13.58 76.18
N GLN N 181 12.97 12.35 75.96
CA GLN N 181 12.26 11.11 76.28
C GLN N 181 10.87 11.08 75.63
N ASN N 182 9.79 10.73 76.35
CA ASN N 182 8.42 10.64 75.81
C ASN N 182 7.75 11.99 75.52
N VAL N 183 8.33 13.09 76.07
CA VAL N 183 7.75 14.43 75.95
C VAL N 183 8.02 15.11 74.59
N ARG N 184 7.43 14.53 73.52
CA ARG N 184 7.52 15.05 72.15
C ARG N 184 7.05 16.50 71.94
N PRO N 185 6.03 17.05 72.68
CA PRO N 185 5.71 18.48 72.53
C PRO N 185 6.83 19.42 72.98
N ASP N 186 7.74 18.99 73.92
CA ASP N 186 8.84 19.85 74.40
C ASP N 186 9.87 20.01 73.31
N TYR N 187 10.11 18.93 72.56
CA TYR N 187 11.01 18.89 71.40
C TYR N 187 10.41 19.75 70.28
N PHE N 188 9.11 19.61 69.99
CA PHE N 188 8.50 20.45 68.93
C PHE N 188 8.65 21.97 69.19
N LYS N 189 8.41 22.39 70.44
CA LYS N 189 8.55 23.80 70.85
C LYS N 189 10.01 24.28 70.75
N ALA N 190 10.97 23.45 71.21
CA ALA N 190 12.39 23.81 71.26
C ALA N 190 13.09 23.94 69.92
N ILE N 191 12.72 23.10 68.96
CA ILE N 191 13.35 23.08 67.64
C ILE N 191 13.34 24.42 66.89
N TRP N 192 12.26 25.18 66.98
CA TRP N 192 12.11 26.48 66.32
C TRP N 192 13.21 27.48 66.67
N ASN N 193 13.87 27.28 67.84
CA ASN N 193 14.99 28.12 68.25
C ASN N 193 16.22 27.93 67.35
N VAL N 194 16.31 26.78 66.62
CA VAL N 194 17.46 26.47 65.74
C VAL N 194 17.10 26.27 64.23
N ILE N 195 15.89 26.68 63.84
CA ILE N 195 15.39 26.60 62.46
C ILE N 195 16.06 27.66 61.62
N ASN N 196 16.62 27.24 60.46
CA ASN N 196 17.26 28.16 59.53
C ASN N 196 16.22 28.71 58.51
N TRP N 197 15.64 29.86 58.81
CA TRP N 197 14.64 30.50 57.96
C TRP N 197 15.23 31.14 56.69
N ALA N 198 16.56 31.36 56.65
CA ALA N 198 17.26 31.88 55.48
C ALA N 198 17.18 30.80 54.37
N GLU N 199 17.39 29.51 54.74
CA GLU N 199 17.26 28.37 53.83
C GLU N 199 15.81 28.26 53.33
N ALA N 200 14.84 28.48 54.23
CA ALA N 200 13.41 28.45 53.92
C ALA N 200 13.08 29.55 52.87
N GLU N 201 13.57 30.79 53.08
CA GLU N 201 13.38 31.91 52.13
C GLU N 201 13.98 31.53 50.77
N SER N 202 15.18 30.96 50.76
CA SER N 202 15.84 30.55 49.52
C SER N 202 15.06 29.44 48.77
N ARG N 203 14.52 28.47 49.53
CA ARG N 203 13.75 27.36 48.96
C ARG N 203 12.48 27.86 48.29
N TYR N 204 11.81 28.83 48.91
CA TYR N 204 10.57 29.41 48.40
C TYR N 204 10.76 30.15 47.08
N SER N 205 11.86 30.91 46.94
CA SER N 205 12.13 31.72 45.75
C SER N 205 12.87 31.01 44.61
N ALA N 206 13.39 29.79 44.85
CA ALA N 206 14.10 28.97 43.87
C ALA N 206 13.26 28.62 42.63
N ILE O 2 -18.94 9.34 79.59
CA ILE O 2 -17.94 8.29 79.72
C ILE O 2 -18.12 7.39 80.97
N THR O 3 -18.69 6.19 80.77
CA THR O 3 -19.01 5.23 81.84
C THR O 3 -17.82 4.38 82.27
N GLU O 4 -17.83 3.97 83.57
CA GLU O 4 -16.81 3.13 84.22
C GLU O 4 -16.52 1.82 83.49
N ASN O 5 -17.57 1.15 82.97
CA ASN O 5 -17.41 -0.12 82.25
C ASN O 5 -16.88 -0.01 80.81
N GLU O 6 -16.90 1.20 80.22
CA GLU O 6 -16.37 1.51 78.88
C GLU O 6 -14.90 1.95 79.02
N LYS O 7 -14.60 2.63 80.14
CA LYS O 7 -13.30 3.18 80.51
C LYS O 7 -12.25 2.07 80.73
N ILE O 8 -11.06 2.20 80.07
CA ILE O 8 -9.96 1.25 80.24
C ILE O 8 -8.99 1.75 81.32
N SER O 9 -8.19 0.83 81.88
CA SER O 9 -7.19 1.16 82.91
C SER O 9 -5.85 0.54 82.57
N LEU O 10 -4.77 1.10 83.13
CA LEU O 10 -3.42 0.55 82.96
C LEU O 10 -3.38 -0.80 83.69
N PRO O 11 -2.88 -1.90 83.08
CA PRO O 11 -2.88 -3.20 83.79
C PRO O 11 -1.79 -3.27 84.86
N LYS O 12 -1.96 -4.19 85.83
CA LYS O 12 -0.96 -4.45 86.86
C LYS O 12 0.11 -5.30 86.17
N ILE O 13 1.39 -4.98 86.41
CA ILE O 13 2.51 -5.71 85.79
C ILE O 13 3.01 -6.82 86.74
N ASP O 14 3.12 -8.08 86.24
CA ASP O 14 3.50 -9.29 86.99
C ASP O 14 5.02 -9.49 87.24
N TRP O 15 5.79 -8.40 87.19
CA TRP O 15 7.23 -8.40 87.42
C TRP O 15 7.70 -6.99 87.83
N ALA O 16 8.82 -6.91 88.57
CA ALA O 16 9.44 -5.65 89.00
C ALA O 16 9.97 -4.93 87.76
N LEU O 17 9.99 -3.58 87.78
CA LEU O 17 10.47 -2.82 86.63
C LEU O 17 11.93 -3.12 86.24
N ASP O 18 12.78 -3.48 87.21
CA ASP O 18 14.19 -3.80 86.92
C ASP O 18 14.41 -5.31 86.71
N ALA O 19 13.33 -6.11 86.68
CA ALA O 19 13.40 -7.58 86.61
C ALA O 19 13.79 -8.18 85.27
N LEU O 20 13.71 -7.39 84.18
CA LEU O 20 14.10 -7.83 82.82
C LEU O 20 15.54 -7.46 82.50
N GLU O 21 16.24 -6.78 83.45
CA GLU O 21 17.66 -6.43 83.26
C GLU O 21 18.51 -7.71 83.17
N PRO O 22 19.58 -7.79 82.33
CA PRO O 22 20.19 -6.75 81.48
C PRO O 22 19.59 -6.61 80.07
N TYR O 23 18.48 -7.30 79.79
CA TYR O 23 17.86 -7.33 78.46
C TYR O 23 17.07 -6.06 78.17
N ILE O 24 16.17 -5.68 79.09
CA ILE O 24 15.39 -4.45 78.98
C ILE O 24 15.59 -3.70 80.31
N SER O 25 16.06 -2.45 80.26
CA SER O 25 16.34 -1.66 81.46
C SER O 25 15.10 -1.21 82.23
N LYS O 26 15.29 -0.96 83.55
CA LYS O 26 14.23 -0.41 84.39
C LYS O 26 13.81 0.96 83.78
N GLU O 27 14.80 1.72 83.28
CA GLU O 27 14.65 3.06 82.71
C GLU O 27 13.67 3.07 81.54
N ILE O 28 13.87 2.18 80.56
CA ILE O 28 12.92 1.98 79.47
C ILE O 28 11.53 1.56 80.05
N ASN O 29 11.48 0.46 80.85
CA ASN O 29 10.24 -0.09 81.41
C ASN O 29 9.36 0.93 82.12
N ASP O 30 9.96 1.76 83.00
CA ASP O 30 9.26 2.78 83.77
C ASP O 30 8.54 3.77 82.82
N LEU O 31 9.27 4.26 81.79
CA LEU O 31 8.76 5.21 80.78
C LEU O 31 7.74 4.52 79.88
N HIS O 32 8.07 3.29 79.41
CA HIS O 32 7.23 2.48 78.52
C HIS O 32 5.85 2.23 79.12
N ILE O 33 5.82 1.83 80.40
CA ILE O 33 4.58 1.53 81.14
C ILE O 33 3.88 2.81 81.67
N ASN O 34 4.60 3.63 82.45
CA ASN O 34 4.04 4.80 83.13
C ASN O 34 3.89 6.07 82.34
N LYS O 35 4.48 6.14 81.15
CA LYS O 35 4.26 7.29 80.27
C LYS O 35 3.58 6.86 78.96
N HIS O 36 4.21 5.93 78.17
CA HIS O 36 3.64 5.49 76.89
C HIS O 36 2.31 4.75 76.99
N HIS O 37 2.26 3.66 77.77
CA HIS O 37 1.00 2.93 77.92
C HIS O 37 -0.07 3.81 78.59
N VAL O 38 0.31 4.63 79.58
CA VAL O 38 -0.63 5.57 80.24
C VAL O 38 -1.28 6.52 79.17
N ALA O 39 -0.48 7.00 78.19
CA ALA O 39 -0.94 7.88 77.11
C ALA O 39 -2.00 7.20 76.22
N TYR O 40 -1.87 5.88 75.99
CA TYR O 40 -2.85 5.13 75.19
C TYR O 40 -4.14 4.95 76.00
N VAL O 41 -4.01 4.70 77.32
CA VAL O 41 -5.15 4.58 78.25
C VAL O 41 -5.96 5.87 78.22
N ASN O 42 -5.29 7.02 78.38
CA ASN O 42 -5.96 8.32 78.38
C ASN O 42 -6.52 8.70 77.03
N GLY O 43 -5.76 8.42 75.99
CA GLY O 43 -6.16 8.71 74.62
C GLY O 43 -7.39 7.92 74.20
N TYR O 44 -7.48 6.64 74.58
CA TYR O 44 -8.63 5.81 74.23
C TYR O 44 -9.86 6.32 74.97
N ASN O 45 -9.72 6.59 76.28
CA ASN O 45 -10.87 7.07 77.07
C ASN O 45 -11.33 8.44 76.61
N ALA O 46 -10.40 9.29 76.15
CA ALA O 46 -10.78 10.62 75.64
C ALA O 46 -11.44 10.52 74.25
N ALA O 47 -10.99 9.56 73.42
CA ALA O 47 -11.54 9.34 72.07
C ALA O 47 -12.94 8.73 72.14
N ILE O 48 -13.20 7.84 73.12
CA ILE O 48 -14.52 7.23 73.32
C ILE O 48 -15.55 8.27 73.76
N ASP O 49 -15.12 9.17 74.65
CA ASP O 49 -15.92 10.28 75.16
C ASP O 49 -16.32 11.24 74.00
N ALA O 50 -15.36 11.58 73.13
CA ALA O 50 -15.59 12.44 71.98
C ALA O 50 -16.52 11.75 70.93
N LEU O 51 -16.35 10.43 70.77
CA LEU O 51 -17.09 9.57 69.84
C LEU O 51 -18.58 9.57 70.16
N GLU O 52 -18.95 9.30 71.43
CA GLU O 52 -20.36 9.30 71.86
C GLU O 52 -21.07 10.62 71.58
N LYS O 53 -20.40 11.77 71.88
CA LYS O 53 -20.90 13.12 71.64
C LYS O 53 -21.23 13.32 70.16
N ALA O 54 -20.22 13.11 69.28
CA ALA O 54 -20.32 13.23 67.83
C ALA O 54 -21.37 12.29 67.21
N VAL O 55 -21.51 11.05 67.75
CA VAL O 55 -22.47 10.04 67.28
C VAL O 55 -23.93 10.48 67.53
N GLY O 56 -24.21 10.97 68.74
CA GLY O 56 -25.53 11.45 69.13
C GLY O 56 -26.04 12.68 68.39
N LYS O 57 -25.11 13.44 67.78
CA LYS O 57 -25.38 14.66 67.00
C LYS O 57 -25.37 14.37 65.49
N ARG O 58 -25.11 13.11 65.10
CA ARG O 58 -24.98 12.69 63.70
C ARG O 58 -23.92 13.52 62.92
N ASP O 59 -22.96 14.10 63.67
CA ASP O 59 -21.86 14.90 63.12
C ASP O 59 -20.86 13.87 62.59
N LEU O 60 -21.15 13.29 61.41
CA LEU O 60 -20.34 12.23 60.80
C LEU O 60 -18.92 12.61 60.45
N LYS O 61 -18.67 13.91 60.21
CA LYS O 61 -17.32 14.41 59.92
C LYS O 61 -16.41 14.12 61.14
N SER O 62 -16.90 14.45 62.36
CA SER O 62 -16.19 14.20 63.62
C SER O 62 -16.12 12.71 63.89
N VAL O 63 -17.27 11.98 63.73
CA VAL O 63 -17.33 10.52 63.91
C VAL O 63 -16.19 9.86 63.13
N VAL O 64 -16.11 10.17 61.82
CA VAL O 64 -15.09 9.66 60.91
C VAL O 64 -13.68 10.02 61.40
N GLU O 65 -13.45 11.30 61.76
CA GLU O 65 -12.15 11.80 62.24
C GLU O 65 -11.67 11.06 63.50
N ILE O 66 -12.58 10.85 64.48
CA ILE O 66 -12.27 10.23 65.77
C ILE O 66 -11.91 8.73 65.68
N GLN O 67 -12.38 8.02 64.64
CA GLN O 67 -12.10 6.59 64.44
C GLN O 67 -10.61 6.25 64.50
N GLN O 68 -9.77 7.11 63.88
CA GLN O 68 -8.32 6.95 63.86
C GLN O 68 -7.73 6.95 65.26
N ASN O 69 -8.28 7.77 66.17
CA ASN O 69 -7.81 7.88 67.56
C ASN O 69 -8.23 6.67 68.37
N ILE O 70 -9.40 6.12 68.03
CA ILE O 70 -9.89 4.92 68.71
C ILE O 70 -9.04 3.75 68.32
N LYS O 71 -8.68 3.68 67.02
CA LYS O 71 -7.83 2.65 66.44
C LYS O 71 -6.42 2.71 67.07
N PHE O 72 -5.79 3.90 67.06
CA PHE O 72 -4.45 4.14 67.59
C PHE O 72 -4.33 3.93 69.10
N HIS O 73 -5.23 4.52 69.89
CA HIS O 73 -5.12 4.35 71.34
C HIS O 73 -5.64 2.99 71.80
N GLY O 74 -6.73 2.49 71.19
CA GLY O 74 -7.26 1.17 71.49
C GLY O 74 -6.24 0.07 71.20
N GLY O 75 -5.59 0.22 70.04
CA GLY O 75 -4.53 -0.66 69.58
C GLY O 75 -3.30 -0.63 70.47
N GLY O 76 -2.87 0.58 70.88
CA GLY O 76 -1.73 0.76 71.79
C GLY O 76 -1.93 0.11 73.14
N HIS O 77 -3.15 0.24 73.70
CA HIS O 77 -3.47 -0.39 74.99
C HIS O 77 -3.42 -1.92 74.87
N THR O 78 -4.09 -2.47 73.84
CA THR O 78 -4.16 -3.92 73.54
C THR O 78 -2.76 -4.50 73.34
N ASN O 79 -1.96 -3.86 72.45
CA ASN O 79 -0.60 -4.33 72.13
C ASN O 79 0.33 -4.35 73.34
N HIS O 80 0.38 -3.23 74.09
CA HIS O 80 1.22 -3.12 75.27
C HIS O 80 0.81 -4.10 76.37
N SER O 81 -0.51 -4.28 76.60
CA SER O 81 -1.06 -5.24 77.57
C SER O 81 -0.59 -6.67 77.23
N LEU O 82 -0.64 -7.04 75.95
CA LEU O 82 -0.17 -8.33 75.44
C LEU O 82 1.32 -8.47 75.68
N PHE O 83 2.09 -7.39 75.41
CA PHE O 83 3.55 -7.36 75.56
C PHE O 83 4.00 -7.63 77.02
N TRP O 84 3.40 -6.93 78.00
CA TRP O 84 3.72 -7.12 79.41
C TRP O 84 3.56 -8.59 79.84
N LYS O 85 2.46 -9.23 79.37
CA LYS O 85 2.05 -10.60 79.64
C LYS O 85 2.93 -11.65 78.99
N ASN O 86 3.59 -11.33 77.86
CA ASN O 86 4.53 -12.27 77.25
C ASN O 86 5.99 -11.93 77.53
N LEU O 87 6.21 -11.13 78.58
CA LEU O 87 7.53 -10.80 79.11
C LEU O 87 7.61 -11.38 80.53
N ALA O 88 8.75 -11.94 80.90
CA ALA O 88 8.92 -12.50 82.24
C ALA O 88 10.40 -12.53 82.63
N PRO O 89 10.73 -12.23 83.92
CA PRO O 89 12.14 -12.32 84.33
C PRO O 89 12.67 -13.76 84.22
N VAL O 90 13.97 -13.90 84.01
CA VAL O 90 14.66 -15.19 83.86
C VAL O 90 14.28 -16.15 85.01
N SER O 91 14.27 -15.64 86.26
CA SER O 91 13.88 -16.40 87.46
C SER O 91 12.44 -16.97 87.38
N LYS O 92 11.53 -16.31 86.63
CA LYS O 92 10.13 -16.72 86.49
C LYS O 92 9.76 -17.36 85.14
N GLY O 93 10.72 -18.03 84.49
CA GLY O 93 10.50 -18.71 83.22
C GLY O 93 10.80 -17.96 81.94
N GLY O 94 11.26 -16.71 82.02
CA GLY O 94 11.62 -15.92 80.83
C GLY O 94 12.71 -16.58 80.01
N GLY O 95 12.49 -16.70 78.71
CA GLY O 95 13.44 -17.35 77.81
C GLY O 95 13.32 -18.87 77.72
N LYS O 96 12.54 -19.47 78.64
CA LYS O 96 12.32 -20.92 78.69
C LYS O 96 11.39 -21.32 77.56
N HIS O 97 11.91 -22.14 76.64
CA HIS O 97 11.18 -22.59 75.46
C HIS O 97 9.89 -23.32 75.77
N PRO O 98 8.86 -23.24 74.90
CA PRO O 98 7.60 -23.91 75.23
C PRO O 98 7.74 -25.45 75.23
N ASP O 99 6.96 -26.12 76.09
CA ASP O 99 6.91 -27.57 76.22
C ASP O 99 6.47 -28.15 74.87
N THR O 100 7.34 -28.98 74.24
CA THR O 100 7.11 -29.60 72.92
C THR O 100 5.88 -30.53 72.85
N SER O 101 5.26 -30.85 74.01
CA SER O 101 4.04 -31.68 74.13
C SER O 101 2.76 -30.84 74.31
N SER O 102 2.90 -29.50 74.55
CA SER O 102 1.75 -28.60 74.65
C SER O 102 1.20 -28.38 73.22
N ALA O 103 -0.06 -27.94 73.09
CA ALA O 103 -0.68 -27.67 71.78
C ALA O 103 0.18 -26.70 70.96
N LEU O 104 0.72 -25.63 71.60
CA LEU O 104 1.61 -24.68 70.96
C LEU O 104 2.93 -25.30 70.56
N GLY O 105 3.57 -26.01 71.50
CA GLY O 105 4.85 -26.69 71.29
C GLY O 105 4.82 -27.70 70.16
N LYS O 106 3.71 -28.47 70.06
CA LYS O 106 3.49 -29.47 69.01
C LYS O 106 3.39 -28.77 67.63
N GLN O 107 2.65 -27.65 67.56
CA GLN O 107 2.48 -26.87 66.31
C GLN O 107 3.79 -26.25 65.83
N ILE O 108 4.62 -25.70 66.75
CA ILE O 108 5.92 -25.11 66.42
C ILE O 108 6.80 -26.16 65.75
N VAL O 109 6.93 -27.32 66.39
CA VAL O 109 7.69 -28.46 65.88
C VAL O 109 7.21 -28.90 64.48
N ALA O 110 5.90 -29.17 64.32
CA ALA O 110 5.34 -29.58 63.03
C ALA O 110 5.57 -28.57 61.89
N GLN O 111 5.37 -27.26 62.17
CA GLN O 111 5.50 -26.18 61.17
C GLN O 111 6.90 -25.61 60.92
N TYR O 112 7.66 -25.34 61.99
CA TYR O 112 8.99 -24.73 61.93
C TYR O 112 10.18 -25.64 62.29
N GLY O 113 9.90 -26.84 62.80
CA GLY O 113 10.94 -27.78 63.22
C GLY O 113 11.38 -27.53 64.65
N SER O 114 11.68 -26.25 64.97
CA SER O 114 12.13 -25.82 66.29
C SER O 114 11.67 -24.40 66.63
N VAL O 115 11.72 -24.05 67.94
CA VAL O 115 11.39 -22.71 68.46
C VAL O 115 12.51 -21.75 67.99
N SER O 116 13.73 -22.29 67.86
CA SER O 116 14.92 -21.60 67.38
C SER O 116 14.71 -21.03 65.97
N ASN O 117 14.10 -21.84 65.07
CA ASN O 117 13.85 -21.43 63.70
C ASN O 117 12.73 -20.41 63.62
N LEU O 118 11.69 -20.54 64.48
CA LEU O 118 10.57 -19.61 64.55
C LEU O 118 11.08 -18.21 65.00
N ILE O 119 12.00 -18.20 66.01
CA ILE O 119 12.64 -16.99 66.55
C ILE O 119 13.45 -16.29 65.43
N ASP O 120 14.16 -17.08 64.58
CA ASP O 120 14.93 -16.56 63.43
C ASP O 120 14.00 -15.90 62.41
N ILE O 121 12.87 -16.54 62.14
CA ILE O 121 11.84 -16.04 61.21
C ILE O 121 11.23 -14.73 61.74
N THR O 122 10.96 -14.69 63.05
CA THR O 122 10.40 -13.51 63.70
C THR O 122 11.40 -12.36 63.70
N ASN O 123 12.70 -12.65 63.94
CA ASN O 123 13.73 -11.62 63.98
C ASN O 123 13.92 -10.94 62.64
N SER O 124 13.74 -11.71 61.54
CA SER O 124 13.83 -11.20 60.18
C SER O 124 12.66 -10.29 59.86
N LYS O 125 11.46 -10.63 60.37
CA LYS O 125 10.25 -9.80 60.19
C LYS O 125 10.46 -8.47 60.94
N LEU O 126 10.95 -8.56 62.20
CA LEU O 126 11.26 -7.42 63.05
C LEU O 126 12.31 -6.49 62.41
N ALA O 127 13.37 -7.06 61.77
CA ALA O 127 14.42 -6.30 61.09
C ALA O 127 13.89 -5.52 59.88
N GLY O 128 12.82 -6.03 59.25
CA GLY O 128 12.20 -5.42 58.08
C GLY O 128 11.15 -4.39 58.38
N ILE O 129 10.86 -4.15 59.68
CA ILE O 129 9.89 -3.13 60.08
C ILE O 129 10.48 -1.74 59.78
N GLN O 130 9.77 -0.95 58.98
CA GLN O 130 10.15 0.40 58.58
C GLN O 130 9.28 1.39 59.36
N GLY O 131 9.92 2.16 60.24
CA GLY O 131 9.24 3.10 61.11
C GLY O 131 8.81 2.40 62.39
N SER O 132 7.67 2.77 62.94
CA SER O 132 7.12 2.21 64.19
C SER O 132 6.20 1.04 63.87
N GLY O 133 6.35 -0.04 64.65
CA GLY O 133 5.54 -1.23 64.43
C GLY O 133 5.75 -2.33 65.43
N TRP O 134 5.10 -3.47 65.16
CA TRP O 134 5.12 -4.67 66.01
C TRP O 134 5.24 -5.90 65.16
N ALA O 135 5.73 -7.00 65.74
CA ALA O 135 5.72 -8.30 65.10
C ALA O 135 4.96 -9.20 66.02
N PHE O 136 4.14 -10.09 65.44
CA PHE O 136 3.36 -11.04 66.21
C PHE O 136 3.49 -12.46 65.67
N ILE O 137 3.50 -13.42 66.60
CA ILE O 137 3.40 -14.84 66.32
C ILE O 137 1.90 -15.02 66.48
N VAL O 138 1.20 -15.44 65.42
CA VAL O 138 -0.26 -15.53 65.45
C VAL O 138 -0.79 -16.94 65.22
N LYS O 139 -1.98 -17.27 65.77
CA LYS O 139 -2.64 -18.56 65.50
C LYS O 139 -3.91 -18.29 64.68
N ASN O 140 -4.08 -19.06 63.61
CA ASN O 140 -5.21 -18.91 62.70
C ASN O 140 -6.23 -20.02 62.99
N LYS O 141 -7.38 -19.64 63.59
CA LYS O 141 -8.44 -20.58 63.97
C LYS O 141 -9.16 -21.31 62.82
N GLN O 142 -9.07 -20.80 61.57
CA GLN O 142 -9.81 -21.36 60.43
C GLN O 142 -9.09 -22.33 59.48
N ASN O 143 -7.75 -22.32 59.46
CA ASN O 143 -6.95 -23.19 58.60
C ASN O 143 -6.22 -24.29 59.42
N GLY O 144 -6.83 -24.71 60.53
CA GLY O 144 -6.33 -25.76 61.41
C GLY O 144 -5.38 -25.33 62.53
N GLY O 145 -5.49 -24.09 62.99
CA GLY O 145 -4.65 -23.57 64.07
C GLY O 145 -3.22 -23.33 63.66
N ALA O 146 -3.00 -23.02 62.36
CA ALA O 146 -1.68 -22.75 61.79
C ALA O 146 -1.08 -21.44 62.31
N LEU O 147 0.20 -21.49 62.69
CA LEU O 147 0.99 -20.35 63.13
C LEU O 147 1.57 -19.61 61.93
N ASP O 148 1.72 -18.30 62.09
CA ASP O 148 2.33 -17.45 61.10
C ASP O 148 2.98 -16.28 61.82
N VAL O 149 3.93 -15.60 61.17
CA VAL O 149 4.55 -14.41 61.73
C VAL O 149 4.13 -13.24 60.84
N VAL O 150 3.49 -12.24 61.45
CA VAL O 150 2.98 -11.05 60.77
C VAL O 150 3.54 -9.78 61.46
N THR O 151 3.53 -8.64 60.75
CA THR O 151 3.93 -7.36 61.34
C THR O 151 2.78 -6.38 61.18
N THR O 152 2.73 -5.32 62.00
CA THR O 152 1.72 -4.28 61.89
C THR O 152 2.43 -2.94 62.06
N ALA O 153 1.87 -1.85 61.47
CA ALA O 153 2.43 -0.52 61.56
C ALA O 153 1.85 0.19 62.74
N ASN O 154 2.66 1.02 63.43
CA ASN O 154 2.20 1.87 64.53
C ASN O 154 1.50 1.12 65.64
N GLN O 155 0.21 1.41 65.92
CA GLN O 155 -0.57 0.67 66.92
C GLN O 155 -1.63 -0.23 66.32
N ASP O 156 -1.44 -0.63 65.03
CA ASP O 156 -2.38 -1.59 64.44
C ASP O 156 -2.17 -2.94 65.18
N THR O 157 -3.26 -3.68 65.41
CA THR O 157 -3.23 -4.92 66.19
C THR O 157 -3.74 -6.13 65.43
N ILE O 158 -3.70 -7.31 66.08
CA ILE O 158 -4.31 -8.51 65.50
C ILE O 158 -5.78 -8.41 65.91
N SER O 159 -6.61 -7.81 65.03
CA SER O 159 -8.02 -7.59 65.34
C SER O 159 -8.95 -8.55 64.64
N ALA O 160 -8.46 -9.30 63.61
CA ALA O 160 -9.29 -10.26 62.88
C ALA O 160 -9.86 -11.31 63.87
N PRO O 161 -11.21 -11.48 63.95
CA PRO O 161 -11.79 -12.45 64.88
C PRO O 161 -11.24 -13.88 64.85
N HIS O 162 -10.87 -14.39 63.65
CA HIS O 162 -10.30 -15.74 63.45
C HIS O 162 -8.79 -15.77 63.74
N LEU O 163 -8.20 -14.65 64.19
CA LEU O 163 -6.77 -14.62 64.46
C LEU O 163 -6.47 -14.36 65.93
N VAL O 164 -5.50 -15.10 66.49
CA VAL O 164 -5.12 -14.98 67.90
C VAL O 164 -3.65 -14.56 68.01
N PRO O 165 -3.32 -13.41 68.67
CA PRO O 165 -1.91 -13.09 68.87
C PRO O 165 -1.34 -14.02 69.97
N ILE O 166 -0.23 -14.66 69.69
CA ILE O 166 0.41 -15.61 70.61
C ILE O 166 1.58 -14.91 71.31
N ILE O 167 2.44 -14.24 70.52
CA ILE O 167 3.58 -13.43 71.01
C ILE O 167 3.48 -12.05 70.33
N ALA O 168 3.66 -10.97 71.11
CA ALA O 168 3.69 -9.59 70.62
C ALA O 168 5.04 -8.99 71.01
N ILE O 169 5.73 -8.39 70.02
CA ILE O 169 7.03 -7.75 70.24
C ILE O 169 7.03 -6.30 69.73
N ASP O 170 7.32 -5.39 70.64
CA ASP O 170 7.38 -3.97 70.31
C ASP O 170 8.66 -3.57 69.54
N ALA O 171 8.48 -2.99 68.33
CA ALA O 171 9.62 -2.52 67.56
C ALA O 171 9.72 -0.97 67.54
N TRP O 172 8.84 -0.26 68.29
CA TRP O 172 8.92 1.21 68.35
C TRP O 172 10.27 1.63 68.91
N GLU O 173 10.83 2.74 68.44
CA GLU O 173 12.12 3.22 68.93
C GLU O 173 12.15 3.41 70.45
N HIS O 174 11.00 3.81 71.07
CA HIS O 174 10.93 3.97 72.53
C HIS O 174 11.12 2.66 73.33
N ALA O 175 10.92 1.49 72.69
CA ALA O 175 11.05 0.20 73.38
C ALA O 175 12.51 -0.22 73.65
N TYR O 176 13.48 0.42 72.95
CA TYR O 176 14.89 0.05 73.02
C TYR O 176 15.92 1.20 73.01
N TYR O 177 15.57 2.35 72.42
CA TYR O 177 16.51 3.46 72.21
C TYR O 177 17.38 3.91 73.38
N LEU O 178 16.83 4.05 74.60
CA LEU O 178 17.64 4.49 75.74
C LEU O 178 18.81 3.55 76.06
N GLN O 179 18.62 2.25 75.84
CA GLN O 179 19.64 1.24 76.10
C GLN O 179 20.46 0.88 74.86
N TYR O 180 19.79 0.61 73.72
CA TYR O 180 20.44 0.14 72.50
C TYR O 180 20.74 1.18 71.43
N GLN O 181 20.18 2.40 71.53
CA GLN O 181 20.37 3.47 70.54
C GLN O 181 19.91 3.01 69.14
N ASN O 182 20.68 3.26 68.07
CA ASN O 182 20.33 2.87 66.68
C ASN O 182 20.43 1.35 66.45
N VAL O 183 21.10 0.61 67.37
CA VAL O 183 21.34 -0.83 67.23
C VAL O 183 20.10 -1.69 67.57
N ARG O 184 19.03 -1.51 66.77
CA ARG O 184 17.78 -2.25 66.85
C ARG O 184 17.97 -3.80 66.77
N PRO O 185 18.82 -4.40 65.88
CA PRO O 185 18.97 -5.87 65.90
C PRO O 185 19.53 -6.45 67.22
N ASP O 186 20.21 -5.63 68.04
CA ASP O 186 20.73 -6.09 69.34
C ASP O 186 19.60 -6.28 70.34
N TYR O 187 18.60 -5.41 70.26
CA TYR O 187 17.41 -5.50 71.09
C TYR O 187 16.58 -6.74 70.70
N PHE O 188 16.32 -6.92 69.39
CA PHE O 188 15.59 -8.09 68.88
C PHE O 188 16.19 -9.41 69.38
N LYS O 189 17.51 -9.59 69.21
CA LYS O 189 18.25 -10.77 69.68
C LYS O 189 18.14 -10.93 71.22
N ALA O 190 18.24 -9.82 71.99
CA ALA O 190 18.21 -9.85 73.45
C ALA O 190 16.85 -10.12 74.10
N ILE O 191 15.75 -9.68 73.50
CA ILE O 191 14.39 -9.82 74.09
C ILE O 191 13.93 -11.27 74.30
N TRP O 192 14.42 -12.19 73.47
CA TRP O 192 14.03 -13.61 73.54
C TRP O 192 14.35 -14.27 74.87
N ASN O 193 15.40 -13.78 75.55
CA ASN O 193 15.87 -14.20 76.88
C ASN O 193 14.84 -13.91 77.97
N VAL O 194 13.86 -13.01 77.70
CA VAL O 194 12.80 -12.63 78.65
C VAL O 194 11.36 -12.87 78.13
N ILE O 195 11.21 -13.64 77.04
CA ILE O 195 9.90 -13.93 76.47
C ILE O 195 9.22 -15.03 77.31
N ASN O 196 7.95 -14.79 77.67
CA ASN O 196 7.19 -15.73 78.48
C ASN O 196 6.42 -16.69 77.57
N TRP O 197 7.02 -17.87 77.32
CA TRP O 197 6.42 -18.90 76.48
C TRP O 197 5.28 -19.64 77.15
N ALA O 198 5.16 -19.55 78.50
CA ALA O 198 4.06 -20.18 79.24
C ALA O 198 2.79 -19.42 78.90
N GLU O 199 2.86 -18.05 78.82
CA GLU O 199 1.73 -17.23 78.38
C GLU O 199 1.34 -17.58 76.96
N ALA O 200 2.34 -17.72 76.05
CA ALA O 200 2.18 -18.09 74.66
C ALA O 200 1.44 -19.45 74.49
N GLU O 201 1.75 -20.45 75.35
CA GLU O 201 1.08 -21.75 75.35
C GLU O 201 -0.37 -21.57 75.76
N SER O 202 -0.59 -20.78 76.83
CA SER O 202 -1.93 -20.51 77.35
C SER O 202 -2.83 -19.82 76.31
N ARG O 203 -2.31 -18.82 75.56
CA ARG O 203 -3.06 -18.09 74.52
C ARG O 203 -3.50 -19.00 73.36
N TYR O 204 -2.63 -19.95 72.98
CA TYR O 204 -2.89 -20.91 71.91
C TYR O 204 -4.02 -21.90 72.27
N SER O 205 -4.05 -22.34 73.53
CA SER O 205 -5.00 -23.32 74.09
C SER O 205 -6.32 -22.72 74.56
N ALA O 206 -6.36 -21.38 74.79
CA ALA O 206 -7.54 -20.66 75.28
C ALA O 206 -8.78 -20.74 74.39
N THR P 3 -29.90 4.01 68.53
CA THR P 3 -31.07 4.88 68.73
C THR P 3 -31.46 5.64 67.45
N GLU P 4 -32.64 6.25 67.46
CA GLU P 4 -33.22 7.02 66.35
C GLU P 4 -32.36 8.25 66.02
N ASN P 5 -31.84 8.92 67.07
CA ASN P 5 -31.00 10.11 66.99
C ASN P 5 -29.61 9.83 66.40
N GLU P 6 -29.18 8.57 66.42
CA GLU P 6 -27.88 8.12 65.94
C GLU P 6 -27.90 7.60 64.51
N LYS P 7 -29.04 7.03 64.09
CA LYS P 7 -29.17 6.44 62.76
C LYS P 7 -29.29 7.41 61.60
N ILE P 8 -28.55 7.13 60.52
CA ILE P 8 -28.56 7.94 59.32
C ILE P 8 -29.60 7.48 58.29
N SER P 9 -29.95 8.38 57.37
CA SER P 9 -30.96 8.14 56.34
C SER P 9 -30.49 8.61 54.97
N LEU P 10 -31.03 7.99 53.91
CA LEU P 10 -30.74 8.38 52.54
C LEU P 10 -31.31 9.78 52.34
N PRO P 11 -30.51 10.78 51.92
CA PRO P 11 -31.08 12.12 51.72
C PRO P 11 -31.99 12.14 50.50
N LYS P 12 -32.88 13.13 50.43
CA LYS P 12 -33.72 13.36 49.27
C LYS P 12 -32.81 14.06 48.27
N ILE P 13 -33.01 13.81 46.98
CA ILE P 13 -32.17 14.43 45.95
C ILE P 13 -33.00 15.44 45.15
N ASP P 14 -32.47 16.67 45.02
CA ASP P 14 -33.08 17.84 44.39
C ASP P 14 -33.11 17.82 42.84
N TRP P 15 -32.99 16.62 42.24
CA TRP P 15 -33.04 16.37 40.80
C TRP P 15 -33.49 14.93 40.48
N ALA P 16 -34.17 14.73 39.32
CA ALA P 16 -34.70 13.43 38.88
C ALA P 16 -33.58 12.53 38.36
N LEU P 17 -33.79 11.20 38.29
CA LEU P 17 -32.72 10.27 37.89
C LEU P 17 -32.09 10.55 36.52
N ASP P 18 -32.91 10.95 35.56
CA ASP P 18 -32.48 11.26 34.19
C ASP P 18 -32.05 12.74 33.98
N ALA P 19 -32.10 13.58 35.05
CA ALA P 19 -31.81 15.02 34.94
C ALA P 19 -30.39 15.41 34.53
N LEU P 20 -29.39 14.54 34.74
CA LEU P 20 -27.98 14.82 34.41
C LEU P 20 -27.55 14.29 33.04
N GLU P 21 -28.49 13.70 32.30
CA GLU P 21 -28.22 13.17 30.96
C GLU P 21 -27.94 14.32 29.98
N PRO P 22 -27.03 14.16 28.99
CA PRO P 22 -26.28 12.93 28.62
C PRO P 22 -24.94 12.72 29.34
N TYR P 23 -24.61 13.54 30.36
CA TYR P 23 -23.33 13.42 31.08
C TYR P 23 -23.22 12.26 32.06
N ILE P 24 -24.30 12.00 32.81
CA ILE P 24 -24.42 10.87 33.75
C ILE P 24 -25.77 10.25 33.45
N SER P 25 -25.78 8.96 33.06
CA SER P 25 -27.02 8.24 32.73
C SER P 25 -27.98 8.01 33.91
N LYS P 26 -29.25 7.81 33.59
CA LYS P 26 -30.32 7.50 34.54
C LYS P 26 -29.99 6.17 35.24
N GLU P 27 -29.40 5.22 34.50
CA GLU P 27 -29.01 3.89 34.96
C GLU P 27 -27.95 3.97 36.05
N ILE P 28 -26.95 4.85 35.87
CA ILE P 28 -25.91 5.10 36.87
C ILE P 28 -26.51 5.69 38.12
N ASN P 29 -27.26 6.80 38.00
CA ASN P 29 -27.88 7.49 39.15
C ASN P 29 -28.80 6.59 39.99
N ASP P 30 -29.61 5.73 39.34
CA ASP P 30 -30.52 4.80 40.03
C ASP P 30 -29.71 3.83 40.90
N LEU P 31 -28.64 3.27 40.35
CA LEU P 31 -27.77 2.34 41.10
C LEU P 31 -26.93 3.07 42.15
N HIS P 32 -26.44 4.25 41.78
CA HIS P 32 -25.56 5.05 42.63
C HIS P 32 -26.25 5.51 43.91
N ILE P 33 -27.47 6.06 43.77
CA ILE P 33 -28.29 6.53 44.91
C ILE P 33 -28.88 5.33 45.68
N ASN P 34 -29.77 4.59 45.01
CA ASN P 34 -30.60 3.51 45.53
C ASN P 34 -29.96 2.17 45.85
N LYS P 35 -28.74 1.90 45.33
CA LYS P 35 -28.03 0.67 45.68
C LYS P 35 -26.75 1.02 46.45
N HIS P 36 -25.80 1.77 45.83
CA HIS P 36 -24.51 2.13 46.44
C HIS P 36 -24.61 2.95 47.72
N HIS P 37 -25.33 4.09 47.68
CA HIS P 37 -25.49 4.97 48.84
C HIS P 37 -26.33 4.26 49.93
N VAL P 38 -27.36 3.49 49.54
CA VAL P 38 -28.21 2.71 50.46
C VAL P 38 -27.34 1.72 51.30
N ALA P 39 -26.31 1.11 50.67
CA ALA P 39 -25.37 0.18 51.35
C ALA P 39 -24.56 0.90 52.44
N TYR P 40 -24.10 2.14 52.17
CA TYR P 40 -23.35 2.92 53.17
C TYR P 40 -24.26 3.34 54.30
N VAL P 41 -25.51 3.77 53.99
CA VAL P 41 -26.54 4.12 54.99
C VAL P 41 -26.72 2.93 55.96
N ASN P 42 -26.99 1.71 55.41
CA ASN P 42 -27.19 0.51 56.21
C ASN P 42 -25.91 0.07 56.95
N GLY P 43 -24.78 0.12 56.25
CA GLY P 43 -23.48 -0.27 56.79
C GLY P 43 -23.08 0.53 58.01
N TYR P 44 -23.35 1.86 57.99
CA TYR P 44 -23.07 2.78 59.10
C TYR P 44 -23.95 2.45 60.32
N ASN P 45 -25.29 2.33 60.12
CA ASN P 45 -26.25 2.01 61.17
C ASN P 45 -25.94 0.71 61.90
N ALA P 46 -25.43 -0.29 61.15
CA ALA P 46 -25.02 -1.60 61.66
C ALA P 46 -23.67 -1.50 62.42
N ALA P 47 -22.77 -0.61 61.96
CA ALA P 47 -21.45 -0.42 62.58
C ALA P 47 -21.55 0.32 63.91
N ILE P 48 -22.41 1.37 63.98
CA ILE P 48 -22.64 2.13 65.21
C ILE P 48 -23.26 1.24 66.30
N ASP P 49 -24.20 0.37 65.90
CA ASP P 49 -24.86 -0.57 66.81
C ASP P 49 -23.85 -1.61 67.33
N ALA P 50 -23.04 -2.22 66.42
CA ALA P 50 -22.01 -3.18 66.82
C ALA P 50 -20.89 -2.50 67.66
N LEU P 51 -20.56 -1.23 67.36
CA LEU P 51 -19.54 -0.47 68.10
C LEU P 51 -19.96 -0.24 69.55
N GLU P 52 -21.22 0.21 69.76
CA GLU P 52 -21.75 0.46 71.11
C GLU P 52 -21.75 -0.81 71.99
N LYS P 53 -22.02 -1.99 71.41
CA LYS P 53 -22.00 -3.28 72.14
C LYS P 53 -20.58 -3.69 72.55
N ALA P 54 -19.60 -3.56 71.62
CA ALA P 54 -18.19 -3.89 71.88
C ALA P 54 -17.54 -2.94 72.90
N VAL P 55 -17.86 -1.62 72.82
CA VAL P 55 -17.34 -0.56 73.72
C VAL P 55 -17.81 -0.79 75.17
N GLY P 56 -19.10 -1.14 75.32
CA GLY P 56 -19.71 -1.42 76.61
C GLY P 56 -19.21 -2.67 77.33
N LYS P 57 -18.56 -3.58 76.58
CA LYS P 57 -17.98 -4.85 77.07
C LYS P 57 -16.47 -4.72 77.24
N ARG P 58 -15.89 -3.56 76.85
CA ARG P 58 -14.46 -3.27 76.79
C ARG P 58 -13.74 -4.28 75.88
N ASP P 59 -14.41 -4.69 74.76
CA ASP P 59 -13.85 -5.65 73.81
C ASP P 59 -13.11 -4.85 72.73
N LEU P 60 -11.92 -4.36 73.10
CA LEU P 60 -11.07 -3.52 72.26
C LEU P 60 -10.60 -4.18 70.95
N LYS P 61 -10.45 -5.53 70.95
CA LYS P 61 -10.08 -6.27 69.73
C LYS P 61 -11.18 -6.01 68.66
N SER P 62 -12.45 -6.10 69.08
CA SER P 62 -13.65 -5.87 68.29
C SER P 62 -13.84 -4.38 67.99
N VAL P 63 -13.63 -3.51 69.00
CA VAL P 63 -13.77 -2.06 68.86
C VAL P 63 -12.85 -1.57 67.73
N VAL P 64 -11.57 -2.05 67.74
CA VAL P 64 -10.56 -1.74 66.73
C VAL P 64 -10.95 -2.24 65.33
N GLU P 65 -11.62 -3.42 65.25
CA GLU P 65 -12.08 -4.00 63.99
C GLU P 65 -13.21 -3.15 63.38
N ILE P 66 -14.21 -2.77 64.22
CA ILE P 66 -15.41 -2.02 63.85
C ILE P 66 -15.15 -0.59 63.38
N GLN P 67 -14.15 0.11 63.95
CA GLN P 67 -13.84 1.49 63.54
C GLN P 67 -13.63 1.64 62.01
N GLN P 68 -13.12 0.57 61.35
CA GLN P 68 -12.89 0.53 59.89
C GLN P 68 -14.22 0.60 59.11
N ASN P 69 -15.26 -0.02 59.64
CA ASN P 69 -16.59 -0.01 59.04
C ASN P 69 -17.29 1.31 59.28
N ILE P 70 -16.99 2.00 60.39
CA ILE P 70 -17.54 3.34 60.66
C ILE P 70 -16.87 4.31 59.68
N LYS P 71 -15.54 4.19 59.51
CA LYS P 71 -14.73 5.02 58.61
C LYS P 71 -15.26 4.93 57.17
N PHE P 72 -15.42 3.70 56.66
CA PHE P 72 -15.87 3.44 55.30
C PHE P 72 -17.33 3.84 55.06
N HIS P 73 -18.24 3.34 55.90
CA HIS P 73 -19.66 3.64 55.73
C HIS P 73 -20.03 5.08 56.06
N GLY P 74 -19.44 5.64 57.12
CA GLY P 74 -19.66 7.04 57.48
C GLY P 74 -19.14 7.96 56.39
N GLY P 75 -17.94 7.61 55.89
CA GLY P 75 -17.30 8.31 54.78
C GLY P 75 -18.13 8.25 53.51
N GLY P 76 -18.62 7.05 53.17
CA GLY P 76 -19.46 6.79 52.01
C GLY P 76 -20.72 7.63 52.03
N HIS P 77 -21.39 7.69 53.18
CA HIS P 77 -22.58 8.53 53.32
C HIS P 77 -22.26 10.04 53.17
N THR P 78 -21.15 10.52 53.79
CA THR P 78 -20.73 11.93 53.73
C THR P 78 -20.38 12.34 52.29
N ASN P 79 -19.50 11.56 51.65
CA ASN P 79 -19.05 11.79 50.27
C ASN P 79 -20.20 11.78 49.29
N HIS P 80 -21.06 10.75 49.36
CA HIS P 80 -22.20 10.69 48.45
C HIS P 80 -23.20 11.85 48.67
N SER P 81 -23.42 12.25 49.93
CA SER P 81 -24.32 13.36 50.23
C SER P 81 -23.81 14.68 49.68
N LEU P 82 -22.47 14.93 49.75
CA LEU P 82 -21.79 16.10 49.20
C LEU P 82 -21.97 16.10 47.67
N PHE P 83 -21.76 14.91 47.03
CA PHE P 83 -21.82 14.67 45.59
C PHE P 83 -23.17 15.04 44.97
N TRP P 84 -24.29 14.50 45.49
CA TRP P 84 -25.62 14.86 44.98
C TRP P 84 -25.89 16.36 45.11
N LYS P 85 -25.42 16.98 46.20
CA LYS P 85 -25.60 18.42 46.45
C LYS P 85 -24.79 19.30 45.49
N ASN P 86 -23.60 18.82 45.03
CA ASN P 86 -22.79 19.57 44.07
C ASN P 86 -22.95 19.15 42.59
N LEU P 87 -24.07 18.50 42.31
CA LEU P 87 -24.54 18.12 40.98
C LEU P 87 -25.90 18.80 40.76
N ALA P 88 -26.13 19.32 39.54
CA ALA P 88 -27.44 19.92 39.22
C ALA P 88 -27.71 19.81 37.72
N PRO P 89 -28.98 19.67 37.28
CA PRO P 89 -29.23 19.69 35.83
C PRO P 89 -28.84 21.06 35.26
N VAL P 90 -28.48 21.10 33.96
CA VAL P 90 -28.08 22.34 33.28
C VAL P 90 -29.18 23.45 33.44
N SER P 91 -30.46 23.03 33.48
CA SER P 91 -31.63 23.91 33.64
C SER P 91 -31.82 24.43 35.09
N LYS P 92 -31.12 23.82 36.07
CA LYS P 92 -31.15 24.29 37.46
C LYS P 92 -29.80 24.93 37.84
N GLY P 93 -29.01 25.27 36.82
CA GLY P 93 -27.72 25.92 36.96
C GLY P 93 -26.47 25.07 36.90
N GLY P 94 -26.59 23.79 36.51
CA GLY P 94 -25.44 22.90 36.39
C GLY P 94 -24.50 23.35 35.29
N GLY P 95 -23.21 23.28 35.54
CA GLY P 95 -22.19 23.71 34.57
C GLY P 95 -21.91 25.20 34.58
N LYS P 96 -22.78 25.99 35.19
CA LYS P 96 -22.63 27.44 35.25
C LYS P 96 -21.51 27.81 36.23
N HIS P 97 -20.49 28.49 35.71
CA HIS P 97 -19.33 28.90 36.47
C HIS P 97 -19.68 29.78 37.67
N PRO P 98 -18.93 29.67 38.79
CA PRO P 98 -19.26 30.51 39.95
C PRO P 98 -19.10 32.01 39.67
N ASP P 99 -19.91 32.83 40.34
CA ASP P 99 -19.88 34.29 40.25
C ASP P 99 -18.50 34.75 40.76
N THR P 100 -17.73 35.40 39.89
CA THR P 100 -16.36 35.87 40.20
C THR P 100 -16.29 36.89 41.34
N SER P 101 -17.44 37.44 41.74
CA SER P 101 -17.58 38.42 42.80
C SER P 101 -17.92 37.74 44.14
N SER P 102 -18.29 36.43 44.12
CA SER P 102 -18.54 35.69 45.35
C SER P 102 -17.20 35.43 46.04
N ALA P 103 -17.24 35.08 47.33
CA ALA P 103 -16.03 34.77 48.10
C ALA P 103 -15.24 33.64 47.40
N LEU P 104 -15.93 32.57 46.97
CA LEU P 104 -15.32 31.48 46.21
C LEU P 104 -14.78 31.95 44.85
N GLY P 105 -15.59 32.69 44.09
CA GLY P 105 -15.21 33.24 42.80
C GLY P 105 -13.94 34.07 42.84
N LYS P 106 -13.84 34.99 43.82
CA LYS P 106 -12.68 35.85 44.02
C LYS P 106 -11.47 35.02 44.34
N GLN P 107 -11.64 34.01 45.23
CA GLN P 107 -10.58 33.10 45.65
C GLN P 107 -10.05 32.28 44.47
N ILE P 108 -10.96 31.78 43.60
CA ILE P 108 -10.55 31.05 42.40
C ILE P 108 -9.69 31.92 41.46
N VAL P 109 -10.14 33.16 41.20
CA VAL P 109 -9.45 34.13 40.35
C VAL P 109 -8.07 34.45 40.91
N ALA P 110 -8.01 34.82 42.19
CA ALA P 110 -6.74 35.16 42.85
C ALA P 110 -5.69 34.03 42.83
N GLN P 111 -6.12 32.79 43.09
CA GLN P 111 -5.23 31.62 43.15
C GLN P 111 -4.95 30.90 41.83
N TYR P 112 -5.99 30.67 41.03
CA TYR P 112 -5.89 29.90 39.79
C TYR P 112 -6.00 30.70 38.49
N GLY P 113 -6.46 31.94 38.59
CA GLY P 113 -6.62 32.79 37.41
C GLY P 113 -7.96 32.57 36.75
N SER P 114 -8.36 31.30 36.55
CA SER P 114 -9.65 30.93 35.96
C SER P 114 -10.19 29.63 36.52
N VAL P 115 -11.53 29.47 36.46
CA VAL P 115 -12.26 28.25 36.83
C VAL P 115 -11.75 27.11 35.91
N SER P 116 -11.51 27.40 34.61
CA SER P 116 -10.99 26.43 33.63
C SER P 116 -9.67 25.82 34.12
N ASN P 117 -8.76 26.66 34.65
CA ASN P 117 -7.47 26.26 35.19
C ASN P 117 -7.62 25.34 36.41
N LEU P 118 -8.59 25.64 37.31
CA LEU P 118 -8.87 24.84 38.51
C LEU P 118 -9.41 23.44 38.10
N ILE P 119 -10.29 23.44 37.09
CA ILE P 119 -10.86 22.21 36.51
C ILE P 119 -9.75 21.34 35.90
N ASP P 120 -8.76 21.94 35.21
CA ASP P 120 -7.62 21.22 34.61
C ASP P 120 -6.78 20.52 35.67
N ILE P 121 -6.50 21.22 36.77
CA ILE P 121 -5.71 20.69 37.90
C ILE P 121 -6.49 19.56 38.55
N THR P 122 -7.80 19.76 38.73
CA THR P 122 -8.66 18.75 39.34
C THR P 122 -8.70 17.48 38.48
N ASN P 123 -8.82 17.63 37.14
CA ASN P 123 -8.88 16.52 36.19
C ASN P 123 -7.61 15.68 36.15
N SER P 124 -6.46 16.34 36.34
CA SER P 124 -5.14 15.71 36.42
C SER P 124 -5.06 14.91 37.72
N LYS P 125 -5.49 15.52 38.84
CA LYS P 125 -5.54 14.86 40.16
C LYS P 125 -6.46 13.63 40.09
N LEU P 126 -7.64 13.77 39.45
CA LEU P 126 -8.63 12.69 39.26
C LEU P 126 -8.04 11.51 38.47
N ALA P 127 -7.37 11.79 37.33
CA ALA P 127 -6.70 10.79 36.48
C ALA P 127 -5.66 10.01 37.26
N GLY P 128 -4.93 10.69 38.15
CA GLY P 128 -3.89 10.11 38.99
C GLY P 128 -4.35 9.19 40.10
N ILE P 129 -5.70 9.17 40.44
CA ILE P 129 -6.22 8.25 41.46
C ILE P 129 -6.01 6.80 41.01
N GLN P 130 -5.41 5.98 41.90
CA GLN P 130 -5.18 4.54 41.71
C GLN P 130 -6.23 3.80 42.51
N GLY P 131 -7.05 3.00 41.84
CA GLY P 131 -8.12 2.29 42.51
C GLY P 131 -9.32 3.17 42.79
N SER P 132 -10.07 2.86 43.85
CA SER P 132 -11.29 3.60 44.24
C SER P 132 -10.95 4.86 45.04
N GLY P 133 -11.62 5.96 44.72
CA GLY P 133 -11.37 7.20 45.46
C GLY P 133 -12.10 8.42 45.02
N TRP P 134 -11.76 9.55 45.65
CA TRP P 134 -12.42 10.83 45.42
C TRP P 134 -11.43 11.95 45.21
N ALA P 135 -11.85 13.01 44.51
CA ALA P 135 -11.06 14.26 44.47
C ALA P 135 -11.95 15.35 45.09
N PHE P 136 -11.33 16.28 45.82
CA PHE P 136 -12.11 17.34 46.43
C PHE P 136 -11.41 18.63 46.24
N ILE P 137 -12.17 19.71 46.01
CA ILE P 137 -11.67 21.08 46.02
C ILE P 137 -12.01 21.50 47.46
N VAL P 138 -11.00 21.94 48.22
CA VAL P 138 -11.16 22.26 49.63
C VAL P 138 -10.69 23.63 49.99
N LYS P 139 -11.33 24.22 51.01
CA LYS P 139 -10.99 25.53 51.58
C LYS P 139 -10.27 25.25 52.92
N ASN P 140 -9.11 25.88 53.13
CA ASN P 140 -8.38 25.72 54.39
C ASN P 140 -8.61 26.99 55.23
N LYS P 141 -9.34 26.83 56.35
CA LYS P 141 -9.70 27.94 57.25
C LYS P 141 -8.54 28.52 58.08
N GLN P 142 -7.37 27.86 58.09
CA GLN P 142 -6.24 28.32 58.90
C GLN P 142 -5.17 29.10 58.14
N ASN P 143 -5.19 29.01 56.80
CA ASN P 143 -4.22 29.69 55.97
C ASN P 143 -4.84 30.77 55.05
N GLY P 144 -5.95 31.35 55.47
CA GLY P 144 -6.64 32.44 54.78
C GLY P 144 -7.76 32.07 53.82
N GLY P 145 -8.33 30.87 54.02
CA GLY P 145 -9.39 30.36 53.16
C GLY P 145 -8.82 29.94 51.81
N ALA P 146 -7.54 29.50 51.79
CA ALA P 146 -6.86 29.10 50.57
C ALA P 146 -7.42 27.78 50.06
N LEU P 147 -7.64 27.73 48.76
CA LEU P 147 -8.15 26.54 48.10
C LEU P 147 -7.02 25.62 47.70
N ASP P 148 -7.34 24.32 47.67
CA ASP P 148 -6.47 23.28 47.21
C ASP P 148 -7.31 22.13 46.70
N VAL P 149 -6.66 21.25 45.95
CA VAL P 149 -7.26 20.05 45.38
C VAL P 149 -6.54 18.87 46.05
N VAL P 150 -7.32 17.98 46.68
CA VAL P 150 -6.79 16.79 47.37
C VAL P 150 -7.59 15.57 46.92
N THR P 151 -7.00 14.37 47.08
CA THR P 151 -7.68 13.13 46.72
C THR P 151 -7.71 12.24 47.94
N THR P 152 -8.75 11.39 48.04
CA THR P 152 -8.86 10.42 49.12
C THR P 152 -9.03 9.03 48.52
N ALA P 153 -8.64 8.01 49.27
CA ALA P 153 -8.78 6.61 48.90
C ALA P 153 -10.14 6.11 49.40
N ASN P 154 -10.75 5.18 48.63
CA ASN P 154 -12.01 4.50 48.92
C ASN P 154 -13.10 5.46 49.43
N GLN P 155 -13.51 5.38 50.70
CA GLN P 155 -14.52 6.30 51.22
C GLN P 155 -13.94 7.26 52.25
N ASP P 156 -12.63 7.51 52.19
CA ASP P 156 -12.01 8.50 53.08
C ASP P 156 -12.52 9.88 52.67
N THR P 157 -12.75 10.76 53.64
CA THR P 157 -13.36 12.06 53.39
C THR P 157 -12.51 13.20 53.93
N ILE P 158 -12.98 14.43 53.74
CA ILE P 158 -12.34 15.63 54.29
C ILE P 158 -12.92 15.70 55.69
N SER P 159 -12.17 15.16 56.65
CA SER P 159 -12.64 15.08 58.03
C SER P 159 -11.89 16.00 59.01
N ALA P 160 -10.74 16.58 58.58
CA ALA P 160 -9.96 17.50 59.41
C ALA P 160 -10.84 18.73 59.73
N PRO P 161 -10.98 19.13 61.02
CA PRO P 161 -11.87 20.27 61.34
C PRO P 161 -11.55 21.59 60.62
N HIS P 162 -10.27 21.81 60.27
CA HIS P 162 -9.80 23.03 59.59
C HIS P 162 -10.05 23.05 58.06
N LEU P 163 -10.58 21.94 57.49
CA LEU P 163 -10.81 21.85 56.05
C LEU P 163 -12.29 21.71 55.71
N VAL P 164 -12.73 22.45 54.69
CA VAL P 164 -14.12 22.43 54.24
C VAL P 164 -14.20 21.90 52.81
N PRO P 165 -14.94 20.78 52.58
CA PRO P 165 -15.10 20.31 51.20
C PRO P 165 -15.99 21.29 50.42
N ILE P 166 -15.49 21.75 49.26
CA ILE P 166 -16.20 22.71 48.38
C ILE P 166 -16.90 21.95 47.26
N ILE P 167 -16.14 21.11 46.53
CA ILE P 167 -16.60 20.22 45.46
C ILE P 167 -16.06 18.82 45.76
N ALA P 168 -16.92 17.80 45.62
CA ALA P 168 -16.56 16.39 45.76
C ALA P 168 -16.87 15.72 44.39
N ILE P 169 -15.90 14.99 43.82
CA ILE P 169 -16.05 14.24 42.56
C ILE P 169 -15.73 12.76 42.86
N ASP P 170 -16.67 11.88 42.52
CA ASP P 170 -16.51 10.44 42.73
C ASP P 170 -15.70 9.80 41.61
N ALA P 171 -14.58 9.12 41.95
CA ALA P 171 -13.78 8.42 40.95
C ALA P 171 -13.84 6.90 41.04
N TRP P 172 -14.81 6.36 41.82
CA TRP P 172 -15.06 4.90 41.92
C TRP P 172 -15.60 4.46 40.58
N GLU P 173 -15.26 3.22 40.14
CA GLU P 173 -15.71 2.70 38.85
C GLU P 173 -17.22 2.68 38.67
N HIS P 174 -18.01 2.42 39.74
CA HIS P 174 -19.48 2.45 39.64
C HIS P 174 -20.04 3.86 39.30
N ALA P 175 -19.20 4.91 39.37
CA ALA P 175 -19.66 6.27 39.08
C ALA P 175 -19.77 6.51 37.57
N TYR P 176 -19.08 5.67 36.77
CA TYR P 176 -19.02 5.88 35.32
C TYR P 176 -19.04 4.66 34.39
N TYR P 177 -18.63 3.47 34.88
CA TYR P 177 -18.43 2.27 34.05
C TYR P 177 -19.51 1.92 33.02
N LEU P 178 -20.78 1.99 33.41
CA LEU P 178 -21.90 1.64 32.54
C LEU P 178 -21.95 2.53 31.32
N GLN P 179 -21.62 3.81 31.48
CA GLN P 179 -21.62 4.78 30.38
C GLN P 179 -20.24 4.93 29.70
N TYR P 180 -19.17 5.14 30.50
CA TYR P 180 -17.82 5.41 30.00
C TYR P 180 -16.87 4.22 29.94
N GLN P 181 -17.27 3.08 30.51
CA GLN P 181 -16.45 1.87 30.53
C GLN P 181 -15.07 2.20 31.14
N ASN P 182 -13.94 1.77 30.55
CA ASN P 182 -12.59 2.00 31.06
C ASN P 182 -12.08 3.44 30.86
N VAL P 183 -12.76 4.23 30.01
CA VAL P 183 -12.34 5.60 29.67
C VAL P 183 -12.71 6.64 30.74
N ARG P 184 -12.11 6.51 31.94
CA ARG P 184 -12.30 7.42 33.07
C ARG P 184 -11.97 8.91 32.80
N PRO P 185 -11.00 9.30 31.90
CA PRO P 185 -10.82 10.74 31.59
C PRO P 185 -12.02 11.36 30.88
N ASP P 186 -12.82 10.56 30.12
CA ASP P 186 -14.00 11.07 29.43
C ASP P 186 -15.07 11.45 30.43
N TYR P 187 -15.18 10.67 31.53
CA TYR P 187 -16.11 10.91 32.64
C TYR P 187 -15.66 12.15 33.40
N PHE P 188 -14.36 12.26 33.75
CA PHE P 188 -13.88 13.47 34.46
C PHE P 188 -14.16 14.78 33.68
N LYS P 189 -13.92 14.79 32.36
CA LYS P 189 -14.19 15.97 31.53
C LYS P 189 -15.70 16.32 31.50
N ALA P 190 -16.56 15.30 31.33
CA ALA P 190 -18.02 15.45 31.18
C ALA P 190 -18.76 15.89 32.41
N ILE P 191 -18.30 15.45 33.58
CA ILE P 191 -18.96 15.78 34.84
C ILE P 191 -19.10 17.29 35.13
N TRP P 192 -18.11 18.08 34.74
CA TRP P 192 -18.12 19.54 34.96
C TRP P 192 -19.31 20.25 34.34
N ASN P 193 -19.93 19.64 33.30
CA ASN P 193 -21.11 20.20 32.64
C ASN P 193 -22.35 20.18 33.56
N VAL P 194 -22.33 19.37 34.63
CA VAL P 194 -23.47 19.24 35.56
C VAL P 194 -23.10 19.56 37.05
N ILE P 195 -21.94 20.23 37.26
CA ILE P 195 -21.46 20.64 38.59
C ILE P 195 -22.25 21.85 39.05
N ASN P 196 -22.71 21.80 40.33
CA ASN P 196 -23.47 22.87 40.95
C ASN P 196 -22.52 23.82 41.70
N TRP P 197 -22.03 24.86 41.01
CA TRP P 197 -21.13 25.84 41.59
C TRP P 197 -21.83 26.79 42.60
N ALA P 198 -23.18 26.83 42.58
CA ALA P 198 -23.97 27.62 43.53
C ALA P 198 -23.81 26.97 44.92
N GLU P 199 -23.86 25.62 45.00
CA GLU P 199 -23.63 24.88 46.23
C GLU P 199 -22.20 25.10 46.75
N ALA P 200 -21.22 25.08 45.83
CA ALA P 200 -19.81 25.33 46.12
C ALA P 200 -19.61 26.73 46.75
N GLU P 201 -20.27 27.77 46.18
CA GLU P 201 -20.22 29.14 46.72
C GLU P 201 -20.79 29.18 48.12
N SER P 202 -21.92 28.51 48.34
CA SER P 202 -22.56 28.47 49.66
C SER P 202 -21.66 27.75 50.69
N ARG P 203 -21.02 26.65 50.26
CA ARG P 203 -20.13 25.86 51.12
C ARG P 203 -18.97 26.69 51.62
N TYR P 204 -18.34 27.46 50.73
CA TYR P 204 -17.20 28.33 51.00
C TYR P 204 -17.54 29.46 51.97
N SER P 205 -18.74 30.05 51.83
CA SER P 205 -19.22 31.19 52.61
C SER P 205 -19.80 30.85 53.99
N ALA P 206 -20.25 29.59 54.19
CA ALA P 206 -20.85 29.06 55.42
C ALA P 206 -20.01 29.30 56.69
#